data_2K4I
#
_entry.id   2K4I
#
loop_
_entity.id
_entity.type
_entity.pdbx_description
1 polymer 'HIV-2 myristoylated matrix protein'
2 non-polymer 'MYRISTIC ACID'
3 non-polymer '(2R)-3-{[(R)-HYDROXY{[(1R,2R,3S,4R,5R,6S)-2,3,6-TRIHYDROXY-4,5-BIS(PHOSPHONOOXY)CYCLOHEXYL]OXY}PHOSPHORYL]OXY}PROPANE-1 ,2-DIYL DIBUTANOATE'
#
_entity_poly.entity_id   1
_entity_poly.type   'polypeptide(L)'
_entity_poly.pdbx_seq_one_letter_code
;GARNSVLRGKKADELERIRLRPGGKKKYRLKHIVWAANKLDRFGLAESLLESKEGCQKILTVLDPMVPTGSENLKSLFNT
VCVIWCIHAEEKVKDTEGAKQIVRRHLVAETGTAEKMPSTSRPTAPSSEKGGNY
;
_entity_poly.pdbx_strand_id   A
#
loop_
_chem_comp.id
_chem_comp.type
_chem_comp.name
_chem_comp.formula
MYR non-polymer 'MYRISTIC ACID' 'C14 H28 O2'
PBU non-polymer '(2R)-3-{[(R)-HYDROXY{[(1R,2R,3S,4R,5R,6S)-2,3,6-TRIHYDROXY-4,5-BIS(PHOSPHONOOXY)CYCLOHEXYL]OXY}PHOSPHORYL]OXY}PROPANE-1 ,2-DIYL DIBUTANOATE' 'C17 H33 O19 P3'
#
# COMPACT_ATOMS: atom_id res chain seq x y z
N GLY A 1 -8.15 -5.77 -16.51
CA GLY A 1 -9.31 -5.16 -17.13
C GLY A 1 -9.05 -4.74 -18.57
N ALA A 2 -9.69 -3.66 -18.99
CA ALA A 2 -9.52 -3.15 -20.34
C ALA A 2 -10.23 -1.82 -20.53
N ARG A 3 -11.46 -1.73 -20.02
CA ARG A 3 -12.25 -0.51 -20.14
C ARG A 3 -11.51 0.67 -19.51
N ASN A 4 -10.93 1.51 -20.36
CA ASN A 4 -10.20 2.68 -19.89
C ASN A 4 -9.14 2.28 -18.87
N SER A 5 -8.64 1.06 -18.99
CA SER A 5 -7.63 0.56 -18.06
C SER A 5 -8.13 0.64 -16.62
N VAL A 6 -7.25 0.31 -15.68
CA VAL A 6 -7.60 0.34 -14.27
C VAL A 6 -7.27 1.70 -13.66
N LEU A 7 -6.12 2.25 -14.03
CA LEU A 7 -5.69 3.55 -13.51
C LEU A 7 -6.55 4.67 -14.08
N ARG A 8 -6.82 5.68 -13.26
CA ARG A 8 -7.63 6.81 -13.67
C ARG A 8 -6.76 7.92 -14.27
N GLY A 9 -7.39 9.02 -14.65
CA GLY A 9 -6.66 10.14 -15.23
C GLY A 9 -6.05 11.04 -14.18
N LYS A 10 -6.91 11.64 -13.37
CA LYS A 10 -6.45 12.55 -12.32
C LYS A 10 -5.59 11.80 -11.30
N LYS A 11 -5.95 10.55 -11.03
CA LYS A 11 -5.21 9.74 -10.08
C LYS A 11 -3.84 9.35 -10.64
N ALA A 12 -3.80 9.08 -11.94
CA ALA A 12 -2.56 8.69 -12.60
C ALA A 12 -1.45 9.70 -12.31
N ASP A 13 -1.83 10.96 -12.13
CA ASP A 13 -0.86 12.01 -11.85
C ASP A 13 -0.13 11.74 -10.53
N GLU A 14 -0.88 11.73 -9.43
CA GLU A 14 -0.30 11.49 -8.12
C GLU A 14 0.50 10.18 -8.11
N LEU A 15 -0.03 9.17 -8.80
CA LEU A 15 0.63 7.87 -8.87
C LEU A 15 1.98 7.98 -9.56
N GLU A 16 1.99 8.67 -10.71
CA GLU A 16 3.22 8.85 -11.47
C GLU A 16 4.16 9.83 -10.77
N ARG A 17 3.63 10.54 -9.79
CA ARG A 17 4.41 11.52 -9.04
C ARG A 17 5.22 10.84 -7.93
N ILE A 18 4.59 9.89 -7.25
CA ILE A 18 5.24 9.16 -6.18
C ILE A 18 6.55 8.55 -6.64
N ARG A 19 7.57 8.63 -5.80
CA ARG A 19 8.88 8.08 -6.12
C ARG A 19 9.16 6.82 -5.30
N LEU A 20 9.83 5.86 -5.92
CA LEU A 20 10.16 4.61 -5.25
C LEU A 20 11.02 4.86 -4.02
N ARG A 21 11.81 5.93 -4.06
CA ARG A 21 12.68 6.29 -2.95
C ARG A 21 12.61 7.79 -2.67
N PRO A 22 12.96 8.17 -1.44
CA PRO A 22 12.95 9.57 -1.01
C PRO A 22 14.05 10.39 -1.67
N GLY A 23 15.18 9.75 -1.93
CA GLY A 23 16.30 10.42 -2.56
C GLY A 23 16.56 9.92 -3.96
N GLY A 24 15.60 9.21 -4.53
CA GLY A 24 15.75 8.67 -5.87
C GLY A 24 15.03 9.50 -6.91
N LYS A 25 15.01 9.02 -8.15
CA LYS A 25 14.34 9.72 -9.24
C LYS A 25 13.39 8.80 -9.98
N LYS A 26 13.20 7.60 -9.44
CA LYS A 26 12.30 6.62 -10.03
C LYS A 26 10.87 6.81 -9.54
N LYS A 27 9.92 6.85 -10.47
CA LYS A 27 8.52 7.03 -10.11
C LYS A 27 7.72 5.75 -10.43
N TYR A 28 6.67 5.53 -9.65
CA TYR A 28 5.82 4.35 -9.84
C TYR A 28 5.21 4.35 -11.23
N ARG A 29 5.11 3.16 -11.83
CA ARG A 29 4.53 3.02 -13.17
C ARG A 29 3.88 1.65 -13.33
N LEU A 30 3.13 1.49 -14.42
CA LEU A 30 2.44 0.24 -14.70
C LEU A 30 3.40 -0.94 -14.57
N LYS A 31 4.67 -0.71 -14.90
CA LYS A 31 5.69 -1.75 -14.81
C LYS A 31 5.72 -2.37 -13.42
N HIS A 32 5.71 -1.52 -12.39
CA HIS A 32 5.74 -1.97 -11.01
C HIS A 32 4.44 -2.70 -10.66
N ILE A 33 3.29 -2.30 -11.20
CA ILE A 33 2.03 -2.97 -10.89
C ILE A 33 2.03 -4.40 -11.40
N VAL A 34 2.63 -4.61 -12.56
CA VAL A 34 2.71 -5.94 -13.17
C VAL A 34 3.59 -6.87 -12.33
N TRP A 35 4.71 -6.35 -11.85
CA TRP A 35 5.63 -7.13 -11.04
C TRP A 35 5.01 -7.49 -9.69
N ALA A 36 4.10 -6.64 -9.23
CA ALA A 36 3.43 -6.86 -7.95
C ALA A 36 2.27 -7.86 -8.10
N ALA A 37 1.36 -7.53 -9.01
CA ALA A 37 0.20 -8.39 -9.25
C ALA A 37 0.63 -9.80 -9.64
N ASN A 38 1.74 -9.88 -10.37
CA ASN A 38 2.27 -11.17 -10.82
C ASN A 38 2.77 -11.99 -9.64
N LYS A 39 3.23 -11.30 -8.60
CA LYS A 39 3.75 -11.97 -7.41
C LYS A 39 2.61 -12.59 -6.60
N LEU A 40 1.50 -11.85 -6.49
CA LEU A 40 0.34 -12.33 -5.74
C LEU A 40 -0.18 -13.63 -6.34
N ASP A 41 -0.44 -13.62 -7.64
CA ASP A 41 -0.94 -14.80 -8.33
C ASP A 41 -0.07 -16.02 -8.03
N ARG A 42 1.23 -15.85 -8.16
CA ARG A 42 2.18 -16.93 -7.91
C ARG A 42 2.15 -17.35 -6.44
N PHE A 43 2.34 -16.39 -5.55
CA PHE A 43 2.33 -16.65 -4.12
C PHE A 43 1.07 -17.41 -3.72
N GLY A 44 -0.07 -16.95 -4.20
CA GLY A 44 -1.33 -17.60 -3.87
C GLY A 44 -2.47 -16.61 -3.70
N LEU A 45 -2.12 -15.33 -3.65
CA LEU A 45 -3.12 -14.28 -3.49
C LEU A 45 -3.74 -13.90 -4.84
N ALA A 46 -4.91 -13.26 -4.79
CA ALA A 46 -5.59 -12.84 -6.01
C ALA A 46 -5.05 -11.51 -6.50
N GLU A 47 -5.48 -11.11 -7.70
CA GLU A 47 -5.04 -9.85 -8.29
C GLU A 47 -6.08 -8.75 -8.07
N SER A 48 -7.35 -9.14 -8.08
CA SER A 48 -8.44 -8.19 -7.89
C SER A 48 -8.36 -7.54 -6.51
N LEU A 49 -7.62 -8.17 -5.61
CA LEU A 49 -7.46 -7.65 -4.26
C LEU A 49 -6.70 -6.32 -4.26
N LEU A 50 -6.07 -6.02 -5.38
CA LEU A 50 -5.31 -4.78 -5.53
C LEU A 50 -6.23 -3.63 -5.96
N GLU A 51 -7.45 -3.97 -6.34
CA GLU A 51 -8.42 -2.97 -6.77
C GLU A 51 -9.13 -2.35 -5.58
N SER A 52 -9.49 -3.17 -4.62
CA SER A 52 -10.19 -2.70 -3.41
C SER A 52 -9.19 -2.46 -2.28
N LYS A 53 -9.32 -1.32 -1.62
CA LYS A 53 -8.45 -0.95 -0.52
C LYS A 53 -8.58 -1.95 0.63
N GLU A 54 -9.79 -2.48 0.80
CA GLU A 54 -10.05 -3.45 1.86
C GLU A 54 -9.21 -4.71 1.67
N GLY A 55 -9.15 -5.18 0.43
CA GLY A 55 -8.38 -6.38 0.14
C GLY A 55 -6.90 -6.19 0.37
N CYS A 56 -6.41 -4.99 0.07
CA CYS A 56 -4.99 -4.68 0.25
C CYS A 56 -4.59 -4.77 1.72
N GLN A 57 -5.56 -4.52 2.61
CA GLN A 57 -5.31 -4.56 4.05
C GLN A 57 -5.02 -5.99 4.50
N LYS A 58 -5.64 -6.95 3.81
CA LYS A 58 -5.44 -8.36 4.15
C LYS A 58 -4.11 -8.87 3.62
N ILE A 59 -3.51 -8.11 2.72
CA ILE A 59 -2.22 -8.49 2.15
C ILE A 59 -1.06 -7.91 2.96
N LEU A 60 -1.17 -6.64 3.30
CA LEU A 60 -0.13 -5.97 4.09
C LEU A 60 -0.02 -6.59 5.47
N THR A 61 -1.11 -7.18 5.95
CA THR A 61 -1.12 -7.81 7.26
C THR A 61 -0.26 -9.07 7.28
N VAL A 62 -0.14 -9.71 6.11
CA VAL A 62 0.65 -10.94 5.99
C VAL A 62 2.10 -10.61 5.64
N LEU A 63 2.29 -9.62 4.78
CA LEU A 63 3.64 -9.21 4.37
C LEU A 63 4.31 -8.39 5.46
N ASP A 64 3.50 -7.80 6.33
CA ASP A 64 4.02 -6.98 7.43
C ASP A 64 5.08 -7.74 8.22
N PRO A 65 4.68 -8.88 8.82
CA PRO A 65 5.57 -9.72 9.61
C PRO A 65 6.61 -10.43 8.75
N MET A 66 6.41 -10.38 7.43
CA MET A 66 7.33 -11.03 6.50
C MET A 66 8.53 -10.12 6.21
N VAL A 67 8.37 -8.83 6.49
CA VAL A 67 9.44 -7.87 6.25
C VAL A 67 10.63 -8.13 7.17
N PRO A 68 10.38 -8.09 8.48
CA PRO A 68 11.42 -8.33 9.50
C PRO A 68 11.88 -9.78 9.52
N THR A 69 11.28 -10.61 8.69
CA THR A 69 11.62 -12.03 8.61
C THR A 69 11.40 -12.57 7.20
N GLY A 70 11.95 -11.89 6.21
CA GLY A 70 11.80 -12.33 4.83
C GLY A 70 12.90 -11.80 3.93
N SER A 71 12.86 -12.20 2.67
CA SER A 71 13.86 -11.77 1.70
C SER A 71 13.46 -10.45 1.05
N GLU A 72 14.32 -9.94 0.17
CA GLU A 72 14.06 -8.67 -0.51
C GLU A 72 12.95 -8.84 -1.54
N ASN A 73 12.90 -10.01 -2.18
CA ASN A 73 11.89 -10.29 -3.19
C ASN A 73 10.48 -10.09 -2.62
N LEU A 74 10.36 -10.23 -1.30
CA LEU A 74 9.08 -10.07 -0.63
C LEU A 74 8.88 -8.62 -0.19
N LYS A 75 9.88 -8.08 0.52
CA LYS A 75 9.81 -6.71 1.00
C LYS A 75 9.46 -5.75 -0.13
N SER A 76 9.90 -6.08 -1.34
CA SER A 76 9.64 -5.25 -2.51
C SER A 76 8.14 -5.12 -2.76
N LEU A 77 7.45 -6.25 -2.74
CA LEU A 77 6.01 -6.27 -2.96
C LEU A 77 5.27 -5.58 -1.82
N PHE A 78 5.80 -5.71 -0.61
CA PHE A 78 5.20 -5.10 0.57
C PHE A 78 5.22 -3.58 0.46
N ASN A 79 6.24 -3.06 -0.22
CA ASN A 79 6.37 -1.61 -0.39
C ASN A 79 5.35 -1.09 -1.40
N THR A 80 5.05 -1.91 -2.40
CA THR A 80 4.09 -1.53 -3.44
C THR A 80 2.66 -1.59 -2.91
N VAL A 81 2.32 -2.69 -2.26
CA VAL A 81 0.99 -2.88 -1.70
C VAL A 81 0.62 -1.72 -0.78
N CYS A 82 1.61 -1.16 -0.11
CA CYS A 82 1.39 -0.04 0.81
C CYS A 82 0.99 1.22 0.04
N VAL A 83 1.47 1.34 -1.19
CA VAL A 83 1.16 2.49 -2.03
C VAL A 83 -0.20 2.34 -2.69
N ILE A 84 -0.52 1.12 -3.12
CA ILE A 84 -1.79 0.85 -3.77
C ILE A 84 -2.96 1.22 -2.86
N TRP A 85 -2.79 0.98 -1.57
CA TRP A 85 -3.82 1.28 -0.59
C TRP A 85 -3.97 2.79 -0.41
N CYS A 86 -2.86 3.50 -0.45
CA CYS A 86 -2.86 4.95 -0.29
C CYS A 86 -3.53 5.62 -1.48
N ILE A 87 -3.66 4.89 -2.58
CA ILE A 87 -4.29 5.41 -3.79
C ILE A 87 -5.81 5.31 -3.71
N HIS A 88 -6.29 4.21 -3.14
CA HIS A 88 -7.72 3.98 -3.00
C HIS A 88 -8.27 4.68 -1.75
N ALA A 89 -7.45 4.94 -0.74
CA ALA A 89 -7.92 5.61 0.47
C ALA A 89 -7.83 7.12 0.33
N GLU A 90 -7.55 7.59 -0.89
CA GLU A 90 -7.44 9.02 -1.15
C GLU A 90 -6.25 9.61 -0.40
N GLU A 91 -5.35 8.74 0.05
CA GLU A 91 -4.17 9.19 0.78
C GLU A 91 -3.10 9.72 -0.17
N LYS A 92 -2.47 10.83 0.22
CA LYS A 92 -1.43 11.44 -0.60
C LYS A 92 -0.06 11.21 0.02
N VAL A 93 0.89 10.73 -0.80
CA VAL A 93 2.24 10.47 -0.33
C VAL A 93 3.27 10.97 -1.35
N LYS A 94 4.40 11.45 -0.84
CA LYS A 94 5.46 11.96 -1.69
C LYS A 94 6.32 10.82 -2.24
N ASP A 95 6.75 9.93 -1.36
CA ASP A 95 7.57 8.79 -1.76
C ASP A 95 7.00 7.50 -1.19
N THR A 96 7.71 6.39 -1.41
CA THR A 96 7.28 5.08 -0.93
C THR A 96 7.30 5.03 0.60
N GLU A 97 8.33 5.62 1.19
CA GLU A 97 8.47 5.64 2.64
C GLU A 97 7.24 6.26 3.30
N GLY A 98 6.83 7.42 2.80
CA GLY A 98 5.67 8.09 3.34
C GLY A 98 4.42 7.23 3.33
N ALA A 99 4.26 6.45 2.27
CA ALA A 99 3.11 5.57 2.13
C ALA A 99 3.15 4.45 3.17
N LYS A 100 4.35 3.96 3.46
CA LYS A 100 4.52 2.90 4.44
C LYS A 100 4.12 3.37 5.83
N GLN A 101 4.32 4.66 6.10
CA GLN A 101 3.98 5.23 7.39
C GLN A 101 2.46 5.40 7.54
N ILE A 102 1.86 6.12 6.59
CA ILE A 102 0.43 6.36 6.60
C ILE A 102 -0.34 5.05 6.75
N VAL A 103 -0.01 4.08 5.91
CA VAL A 103 -0.67 2.78 5.95
C VAL A 103 -0.52 2.13 7.31
N ARG A 104 0.71 2.06 7.80
CA ARG A 104 0.98 1.46 9.11
C ARG A 104 0.11 2.09 10.19
N ARG A 105 0.17 3.41 10.29
CA ARG A 105 -0.61 4.13 11.29
C ARG A 105 -2.09 3.74 11.21
N HIS A 106 -2.54 3.39 10.01
CA HIS A 106 -3.93 3.00 9.80
C HIS A 106 -4.15 1.54 10.22
N LEU A 107 -3.14 0.68 10.15
CA LEU A 107 -3.30 -0.72 10.54
C LEU A 107 -3.20 -0.87 12.06
N VAL A 108 -2.13 -0.33 12.63
CA VAL A 108 -1.91 -0.40 14.07
C VAL A 108 -3.11 0.14 14.84
N ALA A 109 -3.83 1.07 14.21
CA ALA A 109 -5.00 1.68 14.84
C ALA A 109 -6.11 0.65 15.02
N GLU A 110 -6.18 -0.31 14.10
CA GLU A 110 -7.19 -1.36 14.16
C GLU A 110 -6.72 -2.53 15.01
N THR A 111 -5.43 -2.80 14.96
CA THR A 111 -4.85 -3.91 15.72
C THR A 111 -4.27 -3.41 17.04
N GLY A 112 -4.82 -2.31 17.55
CA GLY A 112 -4.34 -1.75 18.81
C GLY A 112 -5.47 -1.25 19.68
N THR A 113 -6.66 -1.81 19.50
CA THR A 113 -7.83 -1.41 20.27
C THR A 113 -8.58 -2.62 20.82
N ALA A 114 -7.84 -3.72 21.02
CA ALA A 114 -8.44 -4.94 21.54
C ALA A 114 -7.69 -5.43 22.77
N GLU A 115 -6.41 -5.74 22.59
CA GLU A 115 -5.58 -6.23 23.69
C GLU A 115 -4.11 -6.30 23.27
N LYS A 116 -3.64 -5.27 22.58
CA LYS A 116 -2.26 -5.21 22.13
C LYS A 116 -1.62 -3.88 22.51
N MET A 117 -1.90 -3.42 23.71
CA MET A 117 -1.34 -2.16 24.20
C MET A 117 0.17 -2.24 24.31
N PRO A 118 0.84 -1.08 24.19
CA PRO A 118 2.30 -0.99 24.27
C PRO A 118 2.82 -1.25 25.68
N SER A 119 4.11 -1.57 25.78
CA SER A 119 4.72 -1.85 27.06
C SER A 119 5.59 -0.68 27.52
N THR A 120 6.16 -0.80 28.72
CA THR A 120 7.01 0.24 29.27
C THR A 120 8.20 0.53 28.36
N SER A 121 8.56 1.80 28.24
CA SER A 121 9.68 2.21 27.40
C SER A 121 10.90 2.54 28.25
N ARG A 122 12.03 2.77 27.58
CA ARG A 122 13.27 3.10 28.28
C ARG A 122 13.86 4.40 27.76
N PRO A 123 14.46 5.19 28.66
CA PRO A 123 15.07 6.47 28.31
C PRO A 123 16.33 6.32 27.47
N THR A 124 16.69 7.37 26.74
CA THR A 124 17.87 7.34 25.90
C THR A 124 19.14 7.13 26.72
N ALA A 125 20.21 6.72 26.05
CA ALA A 125 21.48 6.47 26.72
C ALA A 125 22.24 7.78 26.92
N PRO A 126 23.13 7.81 27.92
CA PRO A 126 23.94 8.98 28.24
C PRO A 126 25.01 9.26 27.17
N SER A 127 25.48 8.20 26.53
CA SER A 127 26.49 8.33 25.49
C SER A 127 26.01 9.25 24.37
N SER A 128 26.83 9.38 23.33
CA SER A 128 26.48 10.23 22.20
C SER A 128 25.60 9.48 21.20
N GLU A 129 24.33 9.85 21.16
CA GLU A 129 23.38 9.22 20.26
C GLU A 129 22.52 10.26 19.55
N LYS A 130 23.18 11.19 18.87
CA LYS A 130 22.50 12.25 18.14
C LYS A 130 22.91 12.26 16.67
N GLY A 131 22.27 11.41 15.87
CA GLY A 131 22.59 11.34 14.45
C GLY A 131 21.40 10.91 13.61
N GLY A 132 20.81 11.88 12.90
CA GLY A 132 19.67 11.58 12.07
C GLY A 132 19.03 12.83 11.50
N ASN A 133 18.73 12.80 10.20
CA ASN A 133 18.12 13.94 9.53
C ASN A 133 16.60 13.79 9.48
N TYR A 134 15.90 14.91 9.33
CA TYR A 134 14.44 14.90 9.27
C TYR A 134 13.95 14.12 8.06
C1 MYR B . -8.30 -6.63 -15.49
O2 MYR B . -9.40 -6.93 -15.02
C2 MYR B . -7.04 -7.24 -14.87
C3 MYR B . -6.20 -6.26 -14.03
C4 MYR B . -4.72 -6.28 -14.43
C5 MYR B . -3.83 -5.50 -13.43
C6 MYR B . -3.84 -6.12 -12.03
C7 MYR B . -4.58 -5.23 -11.01
C8 MYR B . -3.70 -4.08 -10.50
C9 MYR B . -4.49 -3.06 -9.66
C10 MYR B . -3.59 -1.95 -9.09
C11 MYR B . -3.72 -0.59 -9.83
C12 MYR B . -3.46 0.64 -8.95
C13 MYR B . -2.66 1.73 -9.68
C14 MYR B . -1.31 2.01 -9.01
H21 MYR B . -6.43 -7.64 -15.70
H22 MYR B . -7.33 -8.13 -14.27
H31 MYR B . -6.30 -6.50 -12.95
H32 MYR B . -6.60 -5.23 -14.14
H41 MYR B . -4.60 -5.86 -15.44
H42 MYR B . -4.36 -7.33 -14.50
H51 MYR B . -4.17 -4.45 -13.38
H52 MYR B . -2.79 -5.46 -13.81
H61 MYR B . -2.80 -6.31 -11.68
H62 MYR B . -4.32 -7.12 -12.06
H71 MYR B . -4.90 -5.85 -10.14
H72 MYR B . -5.50 -4.83 -11.46
H81 MYR B . -3.23 -3.56 -11.36
H82 MYR B . -2.85 -4.47 -9.92
H91 MYR B . -5.00 -3.60 -8.82
H92 MYR B . -5.30 -2.62 -10.26
H101 MYR B . -2.53 -2.27 -9.14
H102 MYR B . -3.79 -1.80 -8.01
H111 MYR B . -4.72 -0.52 -10.30
H112 MYR B . -3.01 -0.59 -10.67
H121 MYR B . -2.92 0.33 -8.03
H122 MYR B . -4.42 1.07 -8.59
H131 MYR B . -3.25 2.66 -9.73
H132 MYR B . -2.49 1.42 -10.74
H141 MYR B . -0.48 1.52 -9.54
H142 MYR B . -1.09 3.09 -8.97
H143 MYR B . -1.30 1.63 -7.97
P1 PBU C . 14.39 -1.48 -9.16
P4 PBU C . 13.13 1.12 -1.49
P5 PBU C . 12.97 -3.07 -2.02
C3' PBU C . 12.19 -2.35 -10.00
C2' PBU C . 11.73 -3.48 -9.04
O2' PBU C . 11.44 -2.93 -7.78
C1' PBU C . 12.82 -4.57 -8.88
O1' PBU C . 13.26 -5.00 -10.15
C1 PBU C . 13.63 -0.85 -6.39
O1 PBU C . 13.74 -1.74 -7.64
C2 PBU C . 14.63 0.36 -6.35
O2 PBU C . 16.00 -0.03 -6.49
C3 PBU C . 14.47 1.15 -5.03
O3 PBU C . 15.41 2.24 -5.05
C4 PBU C . 14.67 0.22 -3.77
O4 PBU C . 14.44 1.03 -2.51
C5 PBU C . 13.64 -0.98 -3.86
O5 PBU C . 13.87 -1.88 -2.73
C6 PBU C . 13.78 -1.78 -5.18
O6 PBU C . 12.77 -2.80 -5.30
C7 PBU C . 10.24 -2.18 -7.66
O7 PBU C . 10.27 -0.98 -7.48
C8 PBU C . 8.89 -2.90 -7.78
C9 PBU C . 7.86 -2.25 -6.84
C10 PBU C . 8.42 -2.20 -5.41
C11 PBU C . 13.45 -6.36 -10.46
O11 PBU C . 12.63 -7.24 -10.26
C12 PBU C . 14.84 -6.72 -11.04
C13 PBU C . 15.06 -8.24 -11.21
C14 PBU C . 14.84 -8.67 -12.67
O41 PBU C . 13.63 2.25 -0.58
O42 PBU C . 11.96 1.47 -2.36
O43 PBU C . 12.91 -0.22 -0.79
O51 PBU C . 13.77 -3.30 -0.75
O52 PBU C . 11.60 -2.43 -1.87
O53 PBU C . 13.05 -4.20 -3.02
OP1 PBU C . 13.60 -2.31 -10.13
OP2 PBU C . 14.21 0.03 -9.36
OP3 PBU C . 15.79 -2.00 -9.05
H3'1 PBU C . 11.85 -1.43 -9.61
H3'2 PBU C . 11.75 -2.53 -10.94
H2' PBU C . 10.89 -3.97 -9.47
H1'1 PBU C . 13.66 -4.17 -8.38
H1'2 PBU C . 12.47 -5.36 -8.30
H1 PBU C . 12.67 -0.35 -6.39
H2 PBU C . 14.38 1.00 -7.18
H02 PBU C . 16.30 -0.68 -5.90
H3 PBU C . 13.46 1.55 -4.96
H03 PBU C . 16.31 1.91 -5.01
H4 PBU C . 15.66 -0.21 -3.71
H5 PBU C . 12.65 -0.53 -3.81
H6 PBU C . 14.74 -2.27 -5.18
H06 PBU C . 12.96 -3.56 -4.79
H81 PBU C . 9.01 -3.91 -7.52
H82 PBU C . 8.54 -2.83 -8.77
H91 PBU C . 6.97 -2.82 -6.84
H92 PBU C . 7.65 -1.27 -7.15
H11 PBU C . 9.32 -1.65 -5.40
H12 PBU C . 8.62 -3.18 -5.08
H13 PBU C . 7.73 -1.75 -4.77
H121 PBU C . 14.94 -6.26 -11.98
H122 PBU C . 15.57 -6.35 -10.38
H131 PBU C . 16.05 -8.48 -10.92
H132 PBU C . 14.39 -8.76 -10.59
H141 PBU C . 15.06 -9.70 -12.76
H142 PBU C . 15.49 -8.13 -13.29
H143 PBU C . 13.86 -8.51 -12.97
N GLY A 1 -7.19 -7.67 -17.84
CA GLY A 1 -8.32 -7.67 -18.77
C GLY A 1 -7.99 -7.02 -20.09
N ALA A 2 -8.72 -5.95 -20.42
CA ALA A 2 -8.50 -5.23 -21.66
C ALA A 2 -9.44 -4.03 -21.77
N ARG A 3 -10.65 -4.19 -21.27
CA ARG A 3 -11.64 -3.12 -21.32
C ARG A 3 -11.33 -2.04 -20.28
N ASN A 4 -11.06 -0.83 -20.76
CA ASN A 4 -10.75 0.29 -19.89
C ASN A 4 -9.50 -0.01 -19.06
N SER A 5 -9.03 1.01 -18.33
CA SER A 5 -7.84 0.86 -17.50
C SER A 5 -8.18 1.03 -16.02
N VAL A 6 -7.48 0.31 -15.16
CA VAL A 6 -7.71 0.38 -13.73
C VAL A 6 -7.36 1.78 -13.20
N LEU A 7 -6.28 2.35 -13.72
CA LEU A 7 -5.84 3.68 -13.31
C LEU A 7 -6.93 4.71 -13.54
N ARG A 8 -6.71 5.92 -13.03
CA ARG A 8 -7.67 7.01 -13.19
C ARG A 8 -7.04 8.20 -13.90
N GLY A 9 -7.76 9.32 -13.91
CA GLY A 9 -7.25 10.52 -14.56
C GLY A 9 -6.36 11.34 -13.65
N LYS A 10 -6.98 11.99 -12.66
CA LYS A 10 -6.25 12.82 -11.71
C LYS A 10 -5.38 11.96 -10.80
N LYS A 11 -5.85 10.75 -10.51
CA LYS A 11 -5.12 9.83 -9.64
C LYS A 11 -3.84 9.36 -10.32
N ALA A 12 -3.91 9.16 -11.64
CA ALA A 12 -2.77 8.72 -12.42
C ALA A 12 -1.58 9.66 -12.25
N ASP A 13 -1.86 10.96 -12.29
CA ASP A 13 -0.82 11.97 -12.15
C ASP A 13 -0.07 11.79 -10.83
N GLU A 14 -0.79 11.91 -9.72
CA GLU A 14 -0.19 11.76 -8.40
C GLU A 14 0.53 10.42 -8.28
N LEU A 15 -0.04 9.39 -8.90
CA LEU A 15 0.55 8.05 -8.86
C LEU A 15 1.89 8.02 -9.59
N GLU A 16 1.92 8.61 -10.79
CA GLU A 16 3.15 8.65 -11.58
C GLU A 16 4.15 9.64 -10.99
N ARG A 17 3.70 10.41 -10.00
CA ARG A 17 4.56 11.39 -9.34
C ARG A 17 5.32 10.76 -8.19
N ILE A 18 4.63 9.94 -7.40
CA ILE A 18 5.25 9.27 -6.26
C ILE A 18 6.53 8.55 -6.68
N ARG A 19 7.57 8.69 -5.86
CA ARG A 19 8.85 8.05 -6.14
C ARG A 19 9.07 6.85 -5.23
N LEU A 20 9.81 5.87 -5.72
CA LEU A 20 10.08 4.66 -4.95
C LEU A 20 10.93 4.98 -3.73
N ARG A 21 11.67 6.08 -3.79
CA ARG A 21 12.51 6.51 -2.68
C ARG A 21 12.35 8.00 -2.42
N PRO A 22 12.73 8.42 -1.19
CA PRO A 22 12.64 9.83 -0.79
C PRO A 22 13.66 10.70 -1.52
N GLY A 23 14.81 10.14 -1.82
CA GLY A 23 15.85 10.88 -2.51
C GLY A 23 16.15 10.32 -3.88
N GLY A 24 15.28 9.43 -4.36
CA GLY A 24 15.47 8.83 -5.67
C GLY A 24 14.76 9.59 -6.77
N LYS A 25 14.89 9.11 -8.00
CA LYS A 25 14.25 9.75 -9.14
C LYS A 25 13.30 8.79 -9.85
N LYS A 26 13.23 7.55 -9.34
CA LYS A 26 12.36 6.54 -9.92
C LYS A 26 10.91 6.74 -9.47
N LYS A 27 10.02 6.89 -10.43
CA LYS A 27 8.60 7.08 -10.15
C LYS A 27 7.81 5.81 -10.43
N TYR A 28 6.74 5.61 -9.66
CA TYR A 28 5.89 4.43 -9.83
C TYR A 28 5.29 4.39 -11.23
N ARG A 29 5.23 3.19 -11.81
CA ARG A 29 4.68 3.01 -13.15
C ARG A 29 4.10 1.62 -13.31
N LEU A 30 3.41 1.39 -14.41
CA LEU A 30 2.80 0.10 -14.70
C LEU A 30 3.80 -1.03 -14.50
N LYS A 31 5.06 -0.74 -14.82
CA LYS A 31 6.12 -1.73 -14.68
C LYS A 31 6.12 -2.35 -13.28
N HIS A 32 5.90 -1.51 -12.28
CA HIS A 32 5.86 -1.97 -10.89
C HIS A 32 4.56 -2.70 -10.60
N ILE A 33 3.45 -2.36 -11.25
CA ILE A 33 2.18 -3.04 -10.99
C ILE A 33 2.21 -4.46 -11.55
N VAL A 34 2.82 -4.63 -12.71
CA VAL A 34 2.90 -5.94 -13.35
C VAL A 34 3.76 -6.90 -12.53
N TRP A 35 4.83 -6.36 -11.94
CA TRP A 35 5.72 -7.17 -11.12
C TRP A 35 5.09 -7.51 -9.77
N ALA A 36 4.18 -6.65 -9.33
CA ALA A 36 3.48 -6.86 -8.05
C ALA A 36 2.43 -7.95 -8.19
N ALA A 37 1.52 -7.79 -9.15
CA ALA A 37 0.47 -8.76 -9.37
C ALA A 37 1.03 -10.17 -9.51
N ASN A 38 2.15 -10.28 -10.22
CA ASN A 38 2.79 -11.57 -10.44
C ASN A 38 3.22 -12.20 -9.11
N LYS A 39 3.49 -11.35 -8.12
CA LYS A 39 3.90 -11.82 -6.81
C LYS A 39 2.73 -12.43 -6.05
N LEU A 40 1.57 -11.79 -6.15
CA LEU A 40 0.36 -12.28 -5.47
C LEU A 40 -0.01 -13.66 -5.97
N ASP A 41 -0.21 -13.78 -7.29
CA ASP A 41 -0.57 -15.06 -7.90
C ASP A 41 0.38 -16.16 -7.46
N ARG A 42 1.68 -15.90 -7.59
CA ARG A 42 2.70 -16.88 -7.21
C ARG A 42 2.61 -17.20 -5.72
N PHE A 43 2.74 -16.16 -4.89
CA PHE A 43 2.66 -16.34 -3.44
C PHE A 43 1.45 -17.17 -3.04
N GLY A 44 0.30 -16.81 -3.59
CA GLY A 44 -0.93 -17.53 -3.29
C GLY A 44 -2.13 -16.62 -3.18
N LEU A 45 -1.88 -15.31 -3.24
CA LEU A 45 -2.96 -14.33 -3.14
C LEU A 45 -3.48 -13.97 -4.53
N ALA A 46 -4.65 -13.32 -4.56
CA ALA A 46 -5.26 -12.92 -5.83
C ALA A 46 -4.73 -11.57 -6.29
N GLU A 47 -5.18 -11.13 -7.46
CA GLU A 47 -4.75 -9.85 -8.02
C GLU A 47 -5.82 -8.79 -7.83
N SER A 48 -7.07 -9.23 -7.74
CA SER A 48 -8.20 -8.32 -7.56
C SER A 48 -8.10 -7.60 -6.22
N LEU A 49 -7.25 -8.10 -5.34
CA LEU A 49 -7.07 -7.51 -4.02
C LEU A 49 -6.28 -6.20 -4.12
N LEU A 50 -5.75 -5.93 -5.30
CA LEU A 50 -4.97 -4.71 -5.53
C LEU A 50 -5.88 -3.55 -5.92
N GLU A 51 -7.15 -3.86 -6.19
CA GLU A 51 -8.12 -2.84 -6.57
C GLU A 51 -9.18 -2.68 -5.49
N SER A 52 -8.83 -3.05 -4.26
CA SER A 52 -9.77 -2.95 -3.15
C SER A 52 -9.04 -2.51 -1.88
N LYS A 53 -9.45 -1.35 -1.34
CA LYS A 53 -8.84 -0.81 -0.13
C LYS A 53 -8.84 -1.86 0.98
N GLU A 54 -9.96 -2.56 1.12
CA GLU A 54 -10.09 -3.59 2.15
C GLU A 54 -9.19 -4.79 1.85
N GLY A 55 -9.10 -5.14 0.56
CA GLY A 55 -8.28 -6.26 0.16
C GLY A 55 -6.80 -6.00 0.36
N CYS A 56 -6.33 -4.86 -0.12
CA CYS A 56 -4.92 -4.49 0.01
C CYS A 56 -4.49 -4.51 1.47
N GLN A 57 -5.45 -4.32 2.37
CA GLN A 57 -5.18 -4.31 3.80
C GLN A 57 -4.88 -5.72 4.31
N LYS A 58 -5.52 -6.70 3.69
CA LYS A 58 -5.33 -8.10 4.08
C LYS A 58 -4.00 -8.63 3.54
N ILE A 59 -3.41 -7.90 2.59
CA ILE A 59 -2.14 -8.30 2.01
C ILE A 59 -0.96 -7.71 2.77
N LEU A 60 -1.07 -6.43 3.12
CA LEU A 60 -0.01 -5.76 3.87
C LEU A 60 0.11 -6.33 5.28
N THR A 61 -0.97 -6.92 5.77
CA THR A 61 -0.98 -7.50 7.11
C THR A 61 -0.17 -8.79 7.15
N VAL A 62 -0.14 -9.50 6.02
CA VAL A 62 0.60 -10.75 5.94
C VAL A 62 2.06 -10.50 5.53
N LEU A 63 2.28 -9.40 4.83
CA LEU A 63 3.62 -9.04 4.38
C LEU A 63 4.35 -8.20 5.42
N ASP A 64 3.57 -7.52 6.26
CA ASP A 64 4.14 -6.68 7.31
C ASP A 64 5.04 -7.49 8.23
N PRO A 65 4.46 -8.50 8.89
CA PRO A 65 5.19 -9.38 9.82
C PRO A 65 6.17 -10.29 9.10
N MET A 66 6.02 -10.39 7.77
CA MET A 66 6.90 -11.23 6.97
C MET A 66 7.98 -10.39 6.29
N VAL A 67 7.94 -9.08 6.52
CA VAL A 67 8.92 -8.17 5.94
C VAL A 67 10.34 -8.65 6.21
N PRO A 68 10.68 -8.77 7.51
CA PRO A 68 12.01 -9.22 7.94
C PRO A 68 12.25 -10.70 7.63
N THR A 69 11.27 -11.52 7.94
CA THR A 69 11.37 -12.96 7.70
C THR A 69 10.94 -13.31 6.29
N GLY A 70 11.13 -12.37 5.37
CA GLY A 70 10.75 -12.61 3.98
C GLY A 70 11.82 -12.15 3.01
N SER A 71 12.05 -12.94 1.97
CA SER A 71 13.05 -12.60 0.96
C SER A 71 12.81 -11.21 0.38
N GLU A 72 13.78 -10.72 -0.38
CA GLU A 72 13.67 -9.39 -0.98
C GLU A 72 12.48 -9.32 -1.93
N ASN A 73 12.14 -10.46 -2.53
CA ASN A 73 11.02 -10.53 -3.46
C ASN A 73 9.71 -10.18 -2.76
N LEU A 74 9.67 -10.38 -1.44
CA LEU A 74 8.49 -10.09 -0.65
C LEU A 74 8.51 -8.65 -0.15
N LYS A 75 9.62 -8.26 0.48
CA LYS A 75 9.77 -6.91 1.01
C LYS A 75 9.47 -5.87 -0.06
N SER A 76 9.82 -6.19 -1.31
CA SER A 76 9.59 -5.28 -2.42
C SER A 76 8.10 -5.03 -2.63
N LEU A 77 7.35 -6.11 -2.81
CA LEU A 77 5.91 -6.01 -3.01
C LEU A 77 5.24 -5.28 -1.85
N PHE A 78 5.75 -5.49 -0.65
CA PHE A 78 5.21 -4.85 0.54
C PHE A 78 5.24 -3.33 0.40
N ASN A 79 6.23 -2.83 -0.34
CA ASN A 79 6.38 -1.40 -0.55
C ASN A 79 5.38 -0.89 -1.59
N THR A 80 5.14 -1.70 -2.61
CA THR A 80 4.19 -1.34 -3.66
C THR A 80 2.76 -1.36 -3.15
N VAL A 81 2.38 -2.46 -2.50
CA VAL A 81 1.03 -2.59 -1.96
C VAL A 81 0.68 -1.43 -1.05
N CYS A 82 1.69 -0.88 -0.39
CA CYS A 82 1.50 0.24 0.52
C CYS A 82 1.02 1.48 -0.23
N VAL A 83 1.53 1.65 -1.45
CA VAL A 83 1.15 2.79 -2.28
C VAL A 83 -0.23 2.59 -2.91
N ILE A 84 -0.51 1.35 -3.30
CA ILE A 84 -1.79 1.02 -3.91
C ILE A 84 -2.95 1.33 -2.97
N TRP A 85 -2.86 0.81 -1.74
CA TRP A 85 -3.90 1.03 -0.74
C TRP A 85 -4.14 2.52 -0.53
N CYS A 86 -3.06 3.29 -0.47
CA CYS A 86 -3.16 4.73 -0.27
C CYS A 86 -4.04 5.37 -1.33
N ILE A 87 -3.68 5.17 -2.59
CA ILE A 87 -4.43 5.73 -3.70
C ILE A 87 -5.93 5.43 -3.56
N HIS A 88 -6.24 4.25 -3.05
CA HIS A 88 -7.63 3.84 -2.85
C HIS A 88 -8.24 4.55 -1.64
N ALA A 89 -7.47 4.86 -0.60
CA ALA A 89 -8.00 5.53 0.58
C ALA A 89 -7.90 7.05 0.43
N GLU A 90 -7.69 7.50 -0.81
CA GLU A 90 -7.58 8.94 -1.08
C GLU A 90 -6.34 9.51 -0.41
N GLU A 91 -5.44 8.64 0.02
CA GLU A 91 -4.21 9.07 0.68
C GLU A 91 -3.17 9.51 -0.35
N LYS A 92 -2.48 10.61 -0.04
CA LYS A 92 -1.46 11.13 -0.94
C LYS A 92 -0.10 11.16 -0.25
N VAL A 93 0.93 10.67 -0.94
CA VAL A 93 2.28 10.65 -0.40
C VAL A 93 3.30 11.08 -1.44
N LYS A 94 4.43 11.59 -0.97
CA LYS A 94 5.49 12.05 -1.87
C LYS A 94 6.39 10.88 -2.28
N ASP A 95 6.67 10.00 -1.34
CA ASP A 95 7.52 8.84 -1.61
C ASP A 95 6.89 7.56 -1.05
N THR A 96 7.58 6.44 -1.23
CA THR A 96 7.09 5.16 -0.74
C THR A 96 7.12 5.11 0.78
N GLU A 97 8.24 5.51 1.36
CA GLU A 97 8.39 5.51 2.82
C GLU A 97 7.24 6.23 3.49
N GLY A 98 6.73 7.27 2.82
CA GLY A 98 5.62 8.03 3.37
C GLY A 98 4.34 7.22 3.45
N ALA A 99 4.08 6.43 2.42
CA ALA A 99 2.88 5.59 2.38
C ALA A 99 2.94 4.51 3.44
N LYS A 100 4.12 3.96 3.66
CA LYS A 100 4.31 2.91 4.66
C LYS A 100 3.97 3.41 6.05
N GLN A 101 4.16 4.71 6.27
CA GLN A 101 3.88 5.31 7.56
C GLN A 101 2.38 5.50 7.75
N ILE A 102 1.71 6.02 6.73
CA ILE A 102 0.28 6.26 6.79
C ILE A 102 -0.48 4.95 6.93
N VAL A 103 -0.14 3.97 6.09
CA VAL A 103 -0.80 2.67 6.13
C VAL A 103 -0.56 1.98 7.47
N ARG A 104 0.70 1.91 7.88
CA ARG A 104 1.06 1.28 9.14
C ARG A 104 0.22 1.82 10.28
N ARG A 105 0.20 3.15 10.41
CA ARG A 105 -0.58 3.80 11.47
C ARG A 105 -2.04 3.40 11.40
N HIS A 106 -2.59 3.38 10.19
CA HIS A 106 -3.99 3.01 9.98
C HIS A 106 -4.25 1.58 10.45
N LEU A 107 -3.38 0.61 10.14
CA LEU A 107 -3.59 -0.77 10.56
C LEU A 107 -3.59 -0.87 12.08
N VAL A 108 -2.57 -0.30 12.71
CA VAL A 108 -2.46 -0.33 14.16
C VAL A 108 -3.67 0.30 14.83
N ALA A 109 -4.19 1.36 14.22
CA ALA A 109 -5.36 2.05 14.75
C ALA A 109 -6.56 1.12 14.80
N GLU A 110 -6.57 0.12 13.93
CA GLU A 110 -7.66 -0.84 13.87
C GLU A 110 -7.30 -2.13 14.59
N THR A 111 -6.40 -2.03 15.56
CA THR A 111 -5.96 -3.19 16.33
C THR A 111 -6.55 -3.17 17.73
N GLY A 112 -6.83 -1.97 18.24
CA GLY A 112 -7.40 -1.84 19.57
C GLY A 112 -8.89 -1.56 19.54
N THR A 113 -9.57 -2.04 18.51
CA THR A 113 -11.00 -1.84 18.37
C THR A 113 -11.64 -2.95 17.55
N ALA A 114 -11.09 -4.16 17.66
CA ALA A 114 -11.61 -5.32 16.95
C ALA A 114 -12.70 -6.01 17.74
N GLU A 115 -12.56 -6.02 19.06
CA GLU A 115 -13.53 -6.65 19.93
C GLU A 115 -14.16 -5.64 20.88
N LYS A 116 -14.23 -4.38 20.43
CA LYS A 116 -14.81 -3.32 21.24
C LYS A 116 -16.14 -2.84 20.65
N MET A 117 -16.84 -3.76 19.98
CA MET A 117 -18.13 -3.43 19.37
C MET A 117 -18.00 -2.25 18.42
N PRO A 118 -17.49 -2.52 17.21
CA PRO A 118 -17.30 -1.48 16.18
C PRO A 118 -18.62 -0.97 15.62
N SER A 119 -18.92 0.30 15.88
CA SER A 119 -20.15 0.91 15.41
C SER A 119 -19.85 2.14 14.55
N THR A 120 -20.29 2.08 13.30
CA THR A 120 -20.07 3.19 12.37
C THR A 120 -21.39 3.74 11.85
N SER A 121 -21.34 4.94 11.27
CA SER A 121 -22.54 5.57 10.73
C SER A 121 -22.48 5.66 9.21
N ARG A 122 -23.56 6.15 8.61
CA ARG A 122 -23.62 6.29 7.16
C ARG A 122 -23.89 7.74 6.75
N PRO A 123 -22.84 8.57 6.80
CA PRO A 123 -22.95 9.99 6.44
C PRO A 123 -23.18 10.20 4.95
N THR A 124 -23.97 11.21 4.61
CA THR A 124 -24.27 11.51 3.21
C THR A 124 -24.46 13.01 3.01
N ALA A 125 -23.42 13.67 2.49
CA ALA A 125 -23.49 15.10 2.24
C ALA A 125 -22.35 15.54 1.31
N PRO A 126 -22.51 15.27 0.02
CA PRO A 126 -21.51 15.62 -0.99
C PRO A 126 -21.43 17.13 -1.23
N SER A 127 -20.21 17.64 -1.33
CA SER A 127 -20.00 19.07 -1.55
C SER A 127 -19.83 19.37 -3.04
N SER A 128 -20.26 20.56 -3.45
CA SER A 128 -20.15 20.98 -4.84
C SER A 128 -18.70 21.01 -5.30
N GLU A 129 -18.47 20.71 -6.57
CA GLU A 129 -17.13 20.70 -7.13
C GLU A 129 -17.15 20.98 -8.63
N LYS A 130 -16.22 21.80 -9.09
CA LYS A 130 -16.13 22.15 -10.50
C LYS A 130 -14.82 22.87 -10.81
N GLY A 131 -14.06 22.32 -11.75
CA GLY A 131 -12.79 22.94 -12.11
C GLY A 131 -11.60 22.13 -11.65
N GLY A 132 -10.50 22.82 -11.34
CA GLY A 132 -9.30 22.13 -10.90
C GLY A 132 -8.04 22.84 -11.34
N ASN A 133 -7.10 22.08 -11.91
CA ASN A 133 -5.84 22.64 -12.38
C ASN A 133 -5.13 23.39 -11.27
N TYR A 134 -4.88 22.69 -10.15
CA TYR A 134 -4.20 23.30 -9.01
C TYR A 134 -2.78 23.71 -9.37
C1 MYR B . -6.61 -6.53 -17.48
O2 MYR B . -6.98 -5.43 -17.90
C2 MYR B . -5.43 -6.58 -16.52
C3 MYR B . -5.65 -7.49 -15.28
C4 MYR B . -4.46 -7.42 -14.31
C5 MYR B . -4.80 -6.64 -13.03
C6 MYR B . -4.18 -5.22 -13.02
C7 MYR B . -3.54 -4.87 -11.66
C8 MYR B . -3.77 -3.39 -11.29
C9 MYR B . -3.51 -3.13 -9.79
C10 MYR B . -4.17 -1.83 -9.30
C11 MYR B . -3.23 -0.61 -9.27
C12 MYR B . -3.49 0.44 -10.37
C13 MYR B . -3.22 1.87 -9.91
C14 MYR B . -1.80 2.03 -9.34
H21 MYR B . -5.22 -5.55 -16.20
H22 MYR B . -4.52 -6.89 -17.07
H31 MYR B . -5.81 -8.53 -15.60
H32 MYR B . -6.57 -7.18 -14.76
H41 MYR B . -3.58 -6.95 -14.81
H42 MYR B . -4.13 -8.44 -14.04
H51 MYR B . -4.45 -7.20 -12.14
H52 MYR B . -5.90 -6.56 -12.92
H61 MYR B . -4.96 -4.48 -13.27
H62 MYR B . -3.42 -5.15 -13.83
H71 MYR B . -2.46 -5.09 -11.69
H72 MYR B . -3.96 -5.52 -10.88
H81 MYR B . -4.81 -3.09 -11.55
H82 MYR B . -3.11 -2.75 -11.90
H91 MYR B . -2.42 -3.09 -9.61
H92 MYR B . -3.88 -3.98 -9.19
H101 MYR B . -4.56 -1.98 -8.28
H102 MYR B . -5.06 -1.60 -9.92
H111 MYR B . -2.17 -0.95 -9.31
H112 MYR B . -3.33 -0.11 -8.28
H121 MYR B . -4.54 0.35 -10.72
H122 MYR B . -2.87 0.21 -11.27
H131 MYR B . -3.96 2.17 -9.13
H132 MYR B . -3.36 2.58 -10.74
H141 MYR B . -1.05 1.46 -9.93
H142 MYR B . -1.47 3.08 -9.33
H143 MYR B . -1.74 1.66 -8.30
P1 PBU C . 14.41 -1.67 -9.56
P4 PBU C . 15.85 1.38 -1.98
P5 PBU C . 14.44 -2.66 -1.57
C3' PBU C . 12.14 -2.40 -10.36
C2' PBU C . 11.72 -3.59 -9.45
O2' PBU C . 11.46 -3.09 -8.15
C1' PBU C . 12.82 -4.67 -9.36
O1' PBU C . 13.28 -4.99 -10.66
C1 PBU C . 13.81 -1.32 -6.72
O1 PBU C . 13.85 -2.08 -8.05
C2 PBU C . 14.68 -0.02 -6.66
O2 PBU C . 16.05 -0.25 -6.98
C3 PBU C . 14.59 0.64 -5.26
O3 PBU C . 15.42 1.80 -5.28
C4 PBU C . 15.02 -0.37 -4.14
O4 PBU C . 14.87 0.30 -2.78
C5 PBU C . 14.10 -1.66 -4.23
O5 PBU C . 14.55 -2.62 -3.21
C6 PBU C . 14.17 -2.33 -5.62
O6 PBU C . 13.25 -3.43 -5.74
C7 PBU C . 10.43 -3.72 -7.41
O7 PBU C . 10.69 -4.34 -6.40
C8 PBU C . 8.97 -3.58 -7.87
C9 PBU C . 8.04 -3.32 -6.66
C10 PBU C . 8.53 -2.06 -5.92
C11 PBU C . 13.77 -6.26 -11.00
O11 PBU C . 13.99 -7.14 -10.18
C12 PBU C . 14.08 -6.48 -12.50
C13 PBU C . 12.88 -6.25 -13.42
C14 PBU C . 11.70 -7.18 -13.05
O41 PBU C . 14.76 2.22 -1.31
O42 PBU C . 16.67 0.56 -1.03
O43 PBU C . 16.73 2.12 -2.97
O51 PBU C . 14.45 -4.16 -1.33
O52 PBU C . 15.64 -1.87 -1.11
O53 PBU C . 13.11 -2.00 -1.29
OP1 PBU C . 13.53 -2.38 -10.57
OP2 PBU C . 14.26 -0.15 -9.59
OP3 PBU C . 15.80 -2.23 -9.61
H3'1 PBU C . 11.84 -1.51 -9.89
H3'2 PBU C . 11.64 -2.51 -11.28
H2' PBU C . 10.87 -4.06 -9.87
H1'1 PBU C . 13.65 -4.29 -8.83
H1'2 PBU C . 12.47 -5.51 -8.85
H1 PBU C . 12.79 -0.93 -6.56
H2 PBU C . 14.26 0.66 -7.40
H02 PBU C . 16.47 -0.92 -6.50
H3 PBU C . 13.56 0.92 -5.06
H03 PBU C . 16.34 1.58 -5.37
H4 PBU C . 16.05 -0.70 -4.22
H5 PBU C . 13.09 -1.31 -4.03
H6 PBU C . 15.17 -2.71 -5.76
H06 PBU C . 13.58 -4.20 -5.32
H81 PBU C . 8.67 -4.47 -8.35
H82 PBU C . 8.89 -2.79 -8.55
H91 PBU C . 8.08 -4.15 -6.02
H92 PBU C . 7.06 -3.16 -6.99
H11 PBU C . 8.50 -1.24 -6.58
H12 PBU C . 9.51 -2.21 -5.57
H13 PBU C . 7.89 -1.88 -5.11
H121 PBU C . 14.85 -5.82 -12.78
H122 PBU C . 14.41 -7.48 -12.62
H131 PBU C . 12.56 -5.25 -13.32
H132 PBU C . 13.16 -6.43 -14.41
H141 PBU C . 10.87 -6.95 -13.66
H142 PBU C . 11.45 -7.04 -12.05
H143 PBU C . 11.97 -8.19 -13.21
N GLY A 1 -11.30 -7.81 -15.78
CA GLY A 1 -12.33 -7.33 -16.67
C GLY A 1 -11.76 -6.51 -17.83
N ALA A 2 -11.40 -5.27 -17.54
CA ALA A 2 -10.84 -4.39 -18.57
C ALA A 2 -9.52 -4.93 -19.09
N ARG A 3 -8.82 -4.12 -19.89
CA ARG A 3 -7.54 -4.52 -20.45
C ARG A 3 -6.43 -3.57 -20.00
N ASN A 4 -6.42 -2.37 -20.56
CA ASN A 4 -5.42 -1.36 -20.22
C ASN A 4 -6.07 -0.02 -19.91
N SER A 5 -6.68 0.08 -18.73
CA SER A 5 -7.34 1.31 -18.32
C SER A 5 -7.92 1.17 -16.91
N VAL A 6 -7.03 1.18 -15.92
CA VAL A 6 -7.45 1.05 -14.52
C VAL A 6 -7.20 2.35 -13.76
N LEU A 7 -6.03 2.95 -13.99
CA LEU A 7 -5.66 4.19 -13.32
C LEU A 7 -6.54 5.34 -13.79
N ARG A 8 -6.88 6.25 -12.88
CA ARG A 8 -7.72 7.39 -13.21
C ARG A 8 -6.93 8.45 -13.96
N GLY A 9 -7.53 9.61 -14.16
CA GLY A 9 -6.86 10.68 -14.87
C GLY A 9 -6.05 11.57 -13.95
N LYS A 10 -6.72 12.23 -13.02
CA LYS A 10 -6.05 13.12 -12.07
C LYS A 10 -5.20 12.32 -11.10
N LYS A 11 -5.62 11.09 -10.82
CA LYS A 11 -4.89 10.22 -9.90
C LYS A 11 -3.62 9.69 -10.54
N ALA A 12 -3.68 9.45 -11.86
CA ALA A 12 -2.52 8.95 -12.58
C ALA A 12 -1.31 9.85 -12.39
N ASP A 13 -1.54 11.16 -12.42
CA ASP A 13 -0.46 12.12 -12.24
C ASP A 13 0.28 11.88 -10.93
N GLU A 14 -0.46 11.92 -9.83
CA GLU A 14 0.13 11.70 -8.51
C GLU A 14 0.85 10.36 -8.44
N LEU A 15 0.23 9.34 -9.03
CA LEU A 15 0.83 8.01 -9.04
C LEU A 15 2.16 8.00 -9.78
N GLU A 16 2.18 8.61 -10.96
CA GLU A 16 3.40 8.68 -11.76
C GLU A 16 4.40 9.66 -11.15
N ARG A 17 3.94 10.43 -10.17
CA ARG A 17 4.80 11.40 -9.50
C ARG A 17 5.52 10.77 -8.32
N ILE A 18 4.81 9.95 -7.55
CA ILE A 18 5.39 9.29 -6.40
C ILE A 18 6.68 8.57 -6.77
N ARG A 19 7.68 8.68 -5.90
CA ARG A 19 8.97 8.04 -6.13
C ARG A 19 9.14 6.83 -5.22
N LEU A 20 9.80 5.79 -5.74
CA LEU A 20 10.03 4.57 -4.98
C LEU A 20 10.83 4.87 -3.72
N ARG A 21 11.59 5.95 -3.74
CA ARG A 21 12.40 6.35 -2.60
C ARG A 21 12.26 7.85 -2.31
N PRO A 22 12.61 8.26 -1.08
CA PRO A 22 12.53 9.65 -0.67
C PRO A 22 13.57 10.52 -1.36
N GLY A 23 14.74 9.95 -1.65
CA GLY A 23 15.80 10.68 -2.30
C GLY A 23 16.12 10.12 -3.67
N GLY A 24 15.23 9.31 -4.22
CA GLY A 24 15.45 8.71 -5.52
C GLY A 24 14.80 9.50 -6.64
N LYS A 25 14.95 9.03 -7.87
CA LYS A 25 14.36 9.69 -9.02
C LYS A 25 13.39 8.77 -9.75
N LYS A 26 13.37 7.51 -9.35
CA LYS A 26 12.47 6.53 -9.96
C LYS A 26 11.03 6.74 -9.48
N LYS A 27 10.12 6.85 -10.44
CA LYS A 27 8.71 7.05 -10.12
C LYS A 27 7.91 5.79 -10.42
N TYR A 28 6.80 5.61 -9.69
CA TYR A 28 5.94 4.45 -9.87
C TYR A 28 5.32 4.45 -11.27
N ARG A 29 5.18 3.26 -11.84
CA ARG A 29 4.59 3.12 -13.17
C ARG A 29 3.92 1.76 -13.33
N LEU A 30 3.19 1.59 -14.42
CA LEU A 30 2.50 0.34 -14.69
C LEU A 30 3.44 -0.85 -14.55
N LYS A 31 4.70 -0.64 -14.86
CA LYS A 31 5.71 -1.69 -14.77
C LYS A 31 5.72 -2.30 -13.37
N HIS A 32 5.59 -1.45 -12.36
CA HIS A 32 5.58 -1.90 -10.97
C HIS A 32 4.28 -2.60 -10.63
N ILE A 33 3.15 -2.18 -11.19
CA ILE A 33 1.87 -2.82 -10.91
C ILE A 33 1.83 -4.25 -11.43
N VAL A 34 2.44 -4.46 -12.60
CA VAL A 34 2.48 -5.78 -13.21
C VAL A 34 3.34 -6.73 -12.39
N TRP A 35 4.48 -6.24 -11.92
CA TRP A 35 5.40 -7.05 -11.13
C TRP A 35 4.81 -7.35 -9.75
N ALA A 36 3.92 -6.48 -9.29
CA ALA A 36 3.28 -6.64 -7.99
C ALA A 36 2.17 -7.71 -8.05
N ALA A 37 1.28 -7.56 -9.03
CA ALA A 37 0.18 -8.50 -9.19
C ALA A 37 0.70 -9.90 -9.47
N ASN A 38 1.78 -9.99 -10.25
CA ASN A 38 2.37 -11.28 -10.59
C ASN A 38 2.85 -12.01 -9.34
N LYS A 39 3.27 -11.24 -8.34
CA LYS A 39 3.75 -11.81 -7.09
C LYS A 39 2.61 -12.42 -6.29
N LEU A 40 1.47 -11.74 -6.28
CA LEU A 40 0.30 -12.22 -5.55
C LEU A 40 -0.17 -13.57 -6.11
N ASP A 41 -0.33 -13.63 -7.42
CA ASP A 41 -0.77 -14.87 -8.07
C ASP A 41 0.10 -16.04 -7.65
N ARG A 42 1.42 -15.87 -7.78
CA ARG A 42 2.36 -16.92 -7.41
C ARG A 42 2.31 -17.21 -5.92
N PHE A 43 2.43 -16.15 -5.11
CA PHE A 43 2.39 -16.28 -3.66
C PHE A 43 1.18 -17.10 -3.22
N GLY A 44 0.02 -16.75 -3.76
CA GLY A 44 -1.21 -17.45 -3.40
C GLY A 44 -2.40 -16.53 -3.34
N LEU A 45 -2.16 -15.22 -3.42
CA LEU A 45 -3.23 -14.24 -3.37
C LEU A 45 -3.76 -13.92 -4.77
N ALA A 46 -4.92 -13.30 -4.83
CA ALA A 46 -5.53 -12.94 -6.10
C ALA A 46 -5.21 -11.50 -6.48
N GLU A 47 -5.38 -11.17 -7.75
CA GLU A 47 -5.09 -9.82 -8.25
C GLU A 47 -6.30 -8.91 -8.04
N SER A 48 -7.47 -9.51 -7.84
CA SER A 48 -8.69 -8.76 -7.64
C SER A 48 -8.66 -8.01 -6.31
N LEU A 49 -7.69 -8.35 -5.47
CA LEU A 49 -7.54 -7.70 -4.17
C LEU A 49 -6.75 -6.41 -4.29
N LEU A 50 -6.18 -6.18 -5.46
CA LEU A 50 -5.39 -4.98 -5.71
C LEU A 50 -6.30 -3.81 -6.09
N GLU A 51 -7.56 -4.11 -6.35
CA GLU A 51 -8.53 -3.08 -6.73
C GLU A 51 -9.52 -2.82 -5.60
N SER A 52 -9.11 -3.16 -4.38
CA SER A 52 -9.96 -2.97 -3.21
C SER A 52 -9.13 -2.58 -1.99
N LYS A 53 -9.40 -1.40 -1.45
CA LYS A 53 -8.67 -0.91 -0.28
C LYS A 53 -8.72 -1.95 0.85
N GLU A 54 -9.87 -2.60 1.01
CA GLU A 54 -10.04 -3.60 2.05
C GLU A 54 -9.18 -4.84 1.75
N GLY A 55 -9.11 -5.20 0.47
CA GLY A 55 -8.32 -6.37 0.09
C GLY A 55 -6.84 -6.14 0.25
N CYS A 56 -6.38 -4.95 -0.12
CA CYS A 56 -4.96 -4.61 -0.02
C CYS A 56 -4.50 -4.61 1.44
N GLN A 57 -5.45 -4.36 2.35
CA GLN A 57 -5.14 -4.33 3.78
C GLN A 57 -4.86 -5.73 4.31
N LYS A 58 -5.46 -6.73 3.66
CA LYS A 58 -5.28 -8.12 4.07
C LYS A 58 -3.95 -8.66 3.57
N ILE A 59 -3.33 -7.93 2.64
CA ILE A 59 -2.05 -8.34 2.08
C ILE A 59 -0.89 -7.76 2.88
N LEU A 60 -1.00 -6.48 3.23
CA LEU A 60 0.03 -5.81 4.01
C LEU A 60 0.17 -6.43 5.39
N THR A 61 -0.92 -7.00 5.90
CA THR A 61 -0.92 -7.64 7.21
C THR A 61 -0.06 -8.89 7.21
N VAL A 62 0.03 -9.54 6.06
CA VAL A 62 0.84 -10.76 5.92
C VAL A 62 2.29 -10.43 5.56
N LEU A 63 2.46 -9.41 4.73
CA LEU A 63 3.79 -8.98 4.31
C LEU A 63 4.49 -8.21 5.43
N ASP A 64 3.71 -7.65 6.34
CA ASP A 64 4.26 -6.89 7.45
C ASP A 64 5.26 -7.72 8.23
N PRO A 65 4.80 -8.86 8.79
CA PRO A 65 5.65 -9.76 9.57
C PRO A 65 6.66 -10.49 8.71
N MET A 66 6.47 -10.44 7.40
CA MET A 66 7.38 -11.09 6.46
C MET A 66 8.57 -10.20 6.14
N VAL A 67 8.42 -8.91 6.40
CA VAL A 67 9.48 -7.95 6.14
C VAL A 67 10.70 -8.22 7.01
N PRO A 68 10.50 -8.20 8.33
CA PRO A 68 11.57 -8.44 9.30
C PRO A 68 12.03 -9.90 9.30
N THR A 69 11.40 -10.71 8.47
CA THR A 69 11.74 -12.12 8.35
C THR A 69 11.37 -12.68 6.99
N GLY A 70 11.93 -12.08 5.95
CA GLY A 70 11.64 -12.54 4.59
C GLY A 70 12.71 -12.12 3.61
N SER A 71 12.54 -12.52 2.35
CA SER A 71 13.51 -12.19 1.30
C SER A 71 13.19 -10.83 0.69
N GLU A 72 14.10 -10.34 -0.15
CA GLU A 72 13.92 -9.05 -0.80
C GLU A 72 12.76 -9.10 -1.79
N ASN A 73 12.63 -10.22 -2.48
CA ASN A 73 11.55 -10.40 -3.46
C ASN A 73 10.19 -10.18 -2.81
N LEU A 74 10.13 -10.36 -1.49
CA LEU A 74 8.88 -10.17 -0.75
C LEU A 74 8.73 -8.73 -0.30
N LYS A 75 9.76 -8.20 0.35
CA LYS A 75 9.75 -6.82 0.83
C LYS A 75 9.40 -5.85 -0.28
N SER A 76 9.83 -6.19 -1.50
CA SER A 76 9.56 -5.35 -2.66
C SER A 76 8.06 -5.18 -2.88
N LEU A 77 7.33 -6.29 -2.84
CA LEU A 77 5.88 -6.26 -3.02
C LEU A 77 5.20 -5.53 -1.87
N PHE A 78 5.79 -5.62 -0.69
CA PHE A 78 5.24 -4.97 0.50
C PHE A 78 5.25 -3.45 0.34
N ASN A 79 6.28 -2.95 -0.32
CA ASN A 79 6.42 -1.51 -0.54
C ASN A 79 5.41 -1.01 -1.57
N THR A 80 5.10 -1.85 -2.54
CA THR A 80 4.14 -1.50 -3.58
C THR A 80 2.71 -1.53 -3.04
N VAL A 81 2.35 -2.61 -2.38
CA VAL A 81 1.01 -2.76 -1.82
C VAL A 81 0.68 -1.59 -0.90
N CYS A 82 1.70 -1.05 -0.23
CA CYS A 82 1.51 0.07 0.68
C CYS A 82 1.05 1.31 -0.08
N VAL A 83 1.47 1.42 -1.34
CA VAL A 83 1.10 2.56 -2.16
C VAL A 83 -0.26 2.36 -2.81
N ILE A 84 -0.54 1.11 -3.21
CA ILE A 84 -1.81 0.78 -3.83
C ILE A 84 -2.98 1.06 -2.89
N TRP A 85 -2.80 0.72 -1.62
CA TRP A 85 -3.84 0.93 -0.62
C TRP A 85 -4.09 2.42 -0.41
N CYS A 86 -3.01 3.20 -0.37
CA CYS A 86 -3.12 4.64 -0.17
C CYS A 86 -3.96 5.29 -1.27
N ILE A 87 -3.53 5.12 -2.52
CA ILE A 87 -4.24 5.68 -3.65
C ILE A 87 -5.73 5.33 -3.60
N HIS A 88 -6.03 4.13 -3.13
CA HIS A 88 -7.41 3.66 -3.03
C HIS A 88 -8.09 4.27 -1.80
N ALA A 89 -7.38 4.52 -0.71
CA ALA A 89 -7.98 5.10 0.48
C ALA A 89 -7.97 6.62 0.41
N GLU A 90 -7.67 7.16 -0.77
CA GLU A 90 -7.63 8.60 -0.95
C GLU A 90 -6.51 9.23 -0.11
N GLU A 91 -5.30 8.74 -0.29
CA GLU A 91 -4.15 9.25 0.45
C GLU A 91 -3.02 9.66 -0.50
N LYS A 92 -2.47 10.84 -0.29
CA LYS A 92 -1.37 11.34 -1.12
C LYS A 92 -0.05 11.26 -0.38
N VAL A 93 0.97 10.75 -1.07
CA VAL A 93 2.30 10.62 -0.47
C VAL A 93 3.39 11.02 -1.47
N LYS A 94 4.47 11.60 -0.95
CA LYS A 94 5.58 12.02 -1.79
C LYS A 94 6.42 10.82 -2.24
N ASP A 95 6.66 9.90 -1.31
CA ASP A 95 7.44 8.70 -1.61
C ASP A 95 6.78 7.47 -1.03
N THR A 96 7.44 6.32 -1.16
CA THR A 96 6.92 5.06 -0.66
C THR A 96 7.00 5.00 0.87
N GLU A 97 8.10 5.49 1.41
CA GLU A 97 8.30 5.50 2.86
C GLU A 97 7.12 6.16 3.57
N GLY A 98 6.71 7.32 3.06
CA GLY A 98 5.59 8.02 3.66
C GLY A 98 4.32 7.20 3.69
N ALA A 99 4.09 6.45 2.63
CA ALA A 99 2.89 5.60 2.53
C ALA A 99 2.99 4.41 3.48
N LYS A 100 4.21 3.92 3.68
CA LYS A 100 4.44 2.78 4.56
C LYS A 100 4.11 3.15 6.01
N GLN A 101 4.26 4.42 6.34
CA GLN A 101 3.99 4.90 7.69
C GLN A 101 2.49 5.10 7.89
N ILE A 102 1.87 5.86 6.99
CA ILE A 102 0.44 6.13 7.07
C ILE A 102 -0.36 4.84 7.19
N VAL A 103 -0.04 3.86 6.34
CA VAL A 103 -0.72 2.58 6.35
C VAL A 103 -0.52 1.87 7.69
N ARG A 104 0.74 1.74 8.09
CA ARG A 104 1.07 1.07 9.34
C ARG A 104 0.26 1.67 10.51
N ARG A 105 0.30 2.99 10.63
CA ARG A 105 -0.42 3.67 11.69
C ARG A 105 -1.89 3.29 11.69
N HIS A 106 -2.52 3.35 10.51
CA HIS A 106 -3.93 3.01 10.38
C HIS A 106 -4.19 1.59 10.86
N LEU A 107 -3.26 0.65 10.68
CA LEU A 107 -3.47 -0.72 11.14
C LEU A 107 -3.37 -0.82 12.65
N VAL A 108 -2.25 -0.35 13.20
CA VAL A 108 -2.03 -0.38 14.64
C VAL A 108 -3.15 0.34 15.38
N ALA A 109 -3.70 1.38 14.76
CA ALA A 109 -4.78 2.14 15.35
C ALA A 109 -6.02 1.28 15.58
N GLU A 110 -6.46 0.60 14.51
CA GLU A 110 -7.63 -0.26 14.59
C GLU A 110 -7.38 -1.43 15.53
N THR A 111 -6.14 -1.92 15.55
CA THR A 111 -5.78 -3.04 16.40
C THR A 111 -5.00 -2.57 17.62
N GLY A 112 -5.31 -1.37 18.10
CA GLY A 112 -4.62 -0.83 19.25
C GLY A 112 -5.56 -0.13 20.21
N THR A 113 -6.83 -0.51 20.17
CA THR A 113 -7.84 0.10 21.04
C THR A 113 -8.66 -0.97 21.76
N ALA A 114 -8.06 -2.15 21.95
CA ALA A 114 -8.73 -3.24 22.62
C ALA A 114 -7.81 -4.46 22.75
N GLU A 115 -6.53 -4.19 23.00
CA GLU A 115 -5.55 -5.26 23.14
C GLU A 115 -4.56 -4.95 24.25
N LYS A 116 -4.03 -3.73 24.24
CA LYS A 116 -3.07 -3.30 25.26
C LYS A 116 -2.90 -1.78 25.23
N MET A 117 -4.00 -1.06 25.45
CA MET A 117 -3.96 0.39 25.45
C MET A 117 -3.10 0.92 26.60
N PRO A 118 -2.63 2.16 26.48
CA PRO A 118 -1.80 2.80 27.50
C PRO A 118 -2.57 3.12 28.77
N SER A 119 -1.85 3.46 29.84
CA SER A 119 -2.47 3.79 31.11
C SER A 119 -2.73 5.28 31.22
N THR A 120 -3.56 5.66 32.19
CA THR A 120 -3.90 7.06 32.41
C THR A 120 -3.06 7.66 33.54
N SER A 121 -2.59 8.88 33.32
CA SER A 121 -1.78 9.57 34.32
C SER A 121 -1.69 11.07 34.01
N ARG A 122 -2.80 11.63 33.55
CA ARG A 122 -2.85 13.05 33.22
C ARG A 122 -4.25 13.61 33.45
N PRO A 123 -4.58 13.88 34.72
CA PRO A 123 -5.89 14.41 35.10
C PRO A 123 -6.07 15.86 34.65
N THR A 124 -4.97 16.59 34.54
CA THR A 124 -5.00 17.98 34.11
C THR A 124 -3.61 18.48 33.73
N ALA A 125 -3.56 19.38 32.77
CA ALA A 125 -2.29 19.94 32.31
C ALA A 125 -2.42 21.42 31.99
N PRO A 126 -1.32 22.16 32.11
CA PRO A 126 -1.28 23.60 31.84
C PRO A 126 -1.45 23.91 30.35
N SER A 127 -1.52 25.21 30.03
CA SER A 127 -1.67 25.63 28.65
C SER A 127 -0.36 26.16 28.09
N SER A 128 -0.37 26.51 26.80
CA SER A 128 0.82 27.02 26.13
C SER A 128 0.46 27.70 24.82
N GLU A 129 1.32 28.62 24.38
CA GLU A 129 1.09 29.34 23.15
C GLU A 129 2.38 30.03 22.67
N LYS A 130 2.39 30.44 21.40
CA LYS A 130 3.55 31.11 20.83
C LYS A 130 4.77 30.21 20.88
N GLY A 131 4.95 29.39 19.85
CA GLY A 131 6.09 28.48 19.81
C GLY A 131 5.90 27.37 18.80
N GLY A 132 6.57 27.49 17.65
CA GLY A 132 6.47 26.48 16.62
C GLY A 132 7.45 26.71 15.49
N ASN A 133 8.46 25.85 15.41
CA ASN A 133 9.48 25.96 14.36
C ASN A 133 10.05 24.59 14.02
N TYR A 134 10.84 24.54 12.96
CA TYR A 134 11.46 23.29 12.53
C TYR A 134 12.37 23.52 11.31
C1 MYR B . -10.95 -7.12 -14.69
O2 MYR B . -11.47 -6.05 -14.39
C2 MYR B . -9.85 -7.68 -13.79
C3 MYR B . -8.41 -7.25 -14.19
C4 MYR B . -7.70 -6.50 -13.05
C5 MYR B . -6.30 -6.02 -13.46
C6 MYR B . -5.35 -5.90 -12.25
C7 MYR B . -5.68 -4.68 -11.37
C8 MYR B . -4.49 -3.70 -11.28
C9 MYR B . -4.66 -2.68 -10.13
C10 MYR B . -3.58 -1.58 -10.15
C11 MYR B . -4.12 -0.16 -9.94
C12 MYR B . -3.34 0.66 -8.88
C13 MYR B . -2.67 1.91 -9.49
C14 MYR B . -1.27 2.13 -8.89
H21 MYR B . -9.93 -8.78 -13.83
H22 MYR B . -10.06 -7.41 -12.74
H31 MYR B . -8.44 -6.61 -15.10
H32 MYR B . -7.82 -8.14 -14.48
H41 MYR B . -7.63 -7.15 -12.15
H42 MYR B . -8.31 -5.63 -12.73
H51 MYR B . -6.37 -5.05 -13.98
H52 MYR B . -5.87 -6.72 -14.21
H61 MYR B . -4.30 -5.84 -12.60
H62 MYR B . -5.40 -6.82 -11.64
H71 MYR B . -5.96 -5.01 -10.36
H72 MYR B . -6.56 -4.15 -11.78
H81 MYR B . -4.36 -3.16 -12.23
H82 MYR B . -3.55 -4.27 -11.13
H91 MYR B . -4.64 -3.21 -9.16
H92 MYR B . -5.66 -2.22 -10.20
H101 MYR B . -3.05 -1.62 -11.12
H102 MYR B . -2.79 -1.81 -9.40
H111 MYR B . -5.19 -0.19 -9.68
H112 MYR B . -4.06 0.38 -10.91
H121 MYR B . -2.58 0.02 -8.39
H122 MYR B . -4.03 0.97 -8.07
H131 MYR B . -3.29 2.80 -9.31
H132 MYR B . -2.59 1.79 -10.58
H141 MYR B . -0.49 1.57 -9.45
H142 MYR B . -0.98 3.20 -8.91
H143 MYR B . -1.22 1.80 -7.83
P1 PBU C . 14.36 -1.70 -9.50
P4 PBU C . 15.45 1.05 -1.58
P5 PBU C . 13.58 -2.73 -1.63
C3' PBU C . 12.11 -2.42 -10.35
C2' PBU C . 11.64 -3.61 -9.47
O2' PBU C . 11.39 -3.13 -8.17
C1' PBU C . 12.70 -4.74 -9.40
O1' PBU C . 13.40 -4.64 -8.18
C1 PBU C . 13.60 -1.25 -6.70
O1 PBU C . 13.74 -2.07 -8.00
C2 PBU C . 14.43 0.09 -6.67
O2 PBU C . 15.82 -0.11 -6.91
C3 PBU C . 14.24 0.80 -5.32
O3 PBU C . 15.02 2.01 -5.34
C4 PBU C . 14.65 -0.13 -4.11
O4 PBU C . 14.41 0.60 -2.80
C5 PBU C . 13.79 -1.45 -4.19
O5 PBU C . 14.21 -2.34 -3.11
C6 PBU C . 13.95 -2.19 -5.54
O6 PBU C . 13.08 -3.32 -5.65
C7 PBU C . 10.35 -3.76 -7.43
O7 PBU C . 10.61 -4.40 -6.43
C8 PBU C . 8.89 -3.61 -7.88
C9 PBU C . 7.97 -3.38 -6.66
C10 PBU C . 8.45 -2.12 -5.91
C11 PBU C . 14.67 -5.22 -7.99
O11 PBU C . 15.62 -5.07 -8.73
C12 PBU C . 14.79 -6.17 -6.76
C13 PBU C . 15.28 -7.59 -7.12
C14 PBU C . 14.30 -8.29 -8.08
O41 PBU C . 16.44 1.85 -2.41
O42 PBU C . 14.63 1.86 -0.62
O43 PBU C . 16.01 -0.19 -0.91
O51 PBU C . 14.46 -3.90 -1.25
O52 PBU C . 13.74 -1.43 -0.84
O53 PBU C . 12.14 -3.10 -1.96
OP1 PBU C . 13.51 -2.42 -10.51
OP2 PBU C . 14.23 -0.18 -9.57
OP3 PBU C . 15.75 -2.28 -9.47
H3'1 PBU C . 11.81 -1.53 -9.89
H3'2 PBU C . 11.64 -2.52 -11.30
H2' PBU C . 10.78 -4.04 -9.91
H1'1 PBU C . 12.23 -5.68 -9.41
H1'2 PBU C . 13.35 -4.70 -10.23
H1 PBU C . 12.58 -0.88 -6.62
H2 PBU C . 14.03 0.72 -7.47
H02 PBU C . 16.24 -0.73 -6.37
H3 PBU C . 13.19 1.07 -5.17
H03 PBU C . 15.96 1.80 -5.38
H4 PBU C . 15.69 -0.42 -4.13
H5 PBU C . 12.75 -1.13 -4.06
H6 PBU C . 14.97 -2.53 -5.62
H06 PBU C . 13.41 -4.07 -5.18
H81 PBU C . 8.59 -4.48 -8.38
H82 PBU C . 8.82 -2.80 -8.53
H91 PBU C . 8.01 -4.21 -6.03
H92 PBU C . 6.98 -3.24 -6.99
H11 PBU C . 8.41 -1.29 -6.55
H12 PBU C . 9.42 -2.26 -5.57
H13 PBU C . 7.81 -1.95 -5.08
H121 PBU C . 15.46 -5.75 -6.08
H122 PBU C . 13.83 -6.25 -6.32
H131 PBU C . 16.21 -7.51 -7.60
H132 PBU C . 15.37 -8.16 -6.25
H141 PBU C . 14.69 -9.22 -8.36
H142 PBU C . 14.16 -7.70 -8.94
H143 PBU C . 13.37 -8.45 -7.62
N GLY A 1 -2.52 -3.82 -21.57
CA GLY A 1 -2.78 -3.62 -22.99
C GLY A 1 -2.01 -2.44 -23.55
N ALA A 2 -2.60 -1.77 -24.53
CA ALA A 2 -1.96 -0.62 -25.15
C ALA A 2 -2.69 0.68 -24.79
N ARG A 3 -3.09 0.80 -23.53
CA ARG A 3 -3.80 1.98 -23.05
C ARG A 3 -2.90 2.83 -22.17
N ASN A 4 -2.97 4.14 -22.36
CA ASN A 4 -2.16 5.07 -21.57
C ASN A 4 -2.50 4.96 -20.08
N SER A 5 -1.60 4.36 -19.32
CA SER A 5 -1.80 4.20 -17.88
C SER A 5 -3.02 3.32 -17.61
N VAL A 6 -3.31 3.11 -16.33
CA VAL A 6 -4.44 2.29 -15.92
C VAL A 6 -5.47 3.12 -15.16
N LEU A 7 -4.99 4.00 -14.30
CA LEU A 7 -5.87 4.85 -13.51
C LEU A 7 -6.31 6.07 -14.30
N ARG A 8 -7.16 6.89 -13.70
CA ARG A 8 -7.66 8.10 -14.36
C ARG A 8 -6.54 9.12 -14.52
N GLY A 9 -6.85 10.22 -15.21
CA GLY A 9 -5.86 11.26 -15.42
C GLY A 9 -5.53 12.03 -14.16
N LYS A 10 -6.56 12.59 -13.53
CA LYS A 10 -6.38 13.35 -12.30
C LYS A 10 -5.59 12.55 -11.28
N LYS A 11 -5.84 11.25 -11.22
CA LYS A 11 -5.16 10.37 -10.28
C LYS A 11 -3.73 10.09 -10.75
N ALA A 12 -3.57 9.87 -12.05
CA ALA A 12 -2.25 9.60 -12.61
C ALA A 12 -1.25 10.68 -12.23
N ASP A 13 -1.72 11.92 -12.19
CA ASP A 13 -0.86 13.05 -11.83
C ASP A 13 -0.22 12.83 -10.47
N GLU A 14 -0.86 12.00 -9.65
CA GLU A 14 -0.35 11.72 -8.31
C GLU A 14 0.54 10.47 -8.32
N LEU A 15 0.05 9.42 -8.98
CA LEU A 15 0.80 8.16 -9.06
C LEU A 15 2.12 8.37 -9.79
N GLU A 16 2.08 9.04 -10.93
CA GLU A 16 3.28 9.30 -11.72
C GLU A 16 4.24 10.20 -10.94
N ARG A 17 3.74 10.84 -9.90
CA ARG A 17 4.56 11.72 -9.08
C ARG A 17 5.29 10.93 -7.99
N ILE A 18 4.57 10.04 -7.34
CA ILE A 18 5.15 9.23 -6.27
C ILE A 18 6.40 8.50 -6.75
N ARG A 19 7.47 8.58 -5.96
CA ARG A 19 8.72 7.94 -6.30
C ARG A 19 9.01 6.76 -5.37
N LEU A 20 9.70 5.75 -5.90
CA LEU A 20 10.03 4.57 -5.11
C LEU A 20 10.80 4.94 -3.86
N ARG A 21 11.47 6.10 -3.89
CA ARG A 21 12.24 6.58 -2.76
C ARG A 21 12.00 8.07 -2.52
N PRO A 22 12.31 8.52 -1.31
CA PRO A 22 12.13 9.93 -0.91
C PRO A 22 13.12 10.85 -1.62
N GLY A 23 14.33 10.35 -1.87
CA GLY A 23 15.35 11.13 -2.53
C GLY A 23 15.76 10.54 -3.86
N GLY A 24 14.93 9.65 -4.39
CA GLY A 24 15.23 9.02 -5.67
C GLY A 24 14.56 9.73 -6.83
N LYS A 25 14.73 9.18 -8.03
CA LYS A 25 14.14 9.77 -9.23
C LYS A 25 13.19 8.78 -9.90
N LYS A 26 13.18 7.55 -9.42
CA LYS A 26 12.32 6.51 -9.97
C LYS A 26 10.87 6.76 -9.59
N LYS A 27 9.99 6.83 -10.58
CA LYS A 27 8.57 7.06 -10.35
C LYS A 27 7.77 5.78 -10.60
N TYR A 28 6.69 5.61 -9.86
CA TYR A 28 5.84 4.44 -10.00
C TYR A 28 5.20 4.39 -11.39
N ARG A 29 5.06 3.19 -11.92
CA ARG A 29 4.47 3.00 -13.24
C ARG A 29 3.80 1.64 -13.36
N LEU A 30 3.07 1.42 -14.45
CA LEU A 30 2.38 0.16 -14.68
C LEU A 30 3.33 -1.02 -14.49
N LYS A 31 4.58 -0.84 -14.88
CA LYS A 31 5.58 -1.88 -14.75
C LYS A 31 5.63 -2.42 -13.33
N HIS A 32 5.52 -1.53 -12.35
CA HIS A 32 5.53 -1.91 -10.95
C HIS A 32 4.25 -2.65 -10.57
N ILE A 33 3.12 -2.38 -11.22
CA ILE A 33 1.87 -3.06 -10.89
C ILE A 33 1.90 -4.50 -11.35
N VAL A 34 2.50 -4.75 -12.52
CA VAL A 34 2.60 -6.10 -13.06
C VAL A 34 3.49 -6.97 -12.21
N TRP A 35 4.61 -6.41 -11.75
CA TRP A 35 5.55 -7.16 -10.92
C TRP A 35 4.96 -7.42 -9.54
N ALA A 36 4.02 -6.57 -9.13
CA ALA A 36 3.39 -6.72 -7.83
C ALA A 36 2.36 -7.84 -7.85
N ALA A 37 1.41 -7.76 -8.78
CA ALA A 37 0.37 -8.77 -8.91
C ALA A 37 0.97 -10.14 -9.19
N ASN A 38 1.97 -10.19 -10.07
CA ASN A 38 2.62 -11.44 -10.41
C ASN A 38 3.09 -12.18 -9.17
N LYS A 39 3.54 -11.43 -8.18
CA LYS A 39 4.01 -12.01 -6.93
C LYS A 39 2.85 -12.57 -6.11
N LEU A 40 1.71 -11.89 -6.17
CA LEU A 40 0.52 -12.33 -5.44
C LEU A 40 0.07 -13.70 -5.91
N ASP A 41 -0.19 -13.83 -7.21
CA ASP A 41 -0.64 -15.09 -7.79
C ASP A 41 0.29 -16.23 -7.36
N ARG A 42 1.59 -16.01 -7.50
CA ARG A 42 2.57 -17.02 -7.13
C ARG A 42 2.54 -17.30 -5.64
N PHE A 43 2.73 -16.26 -4.84
CA PHE A 43 2.72 -16.40 -3.39
C PHE A 43 1.49 -17.17 -2.92
N GLY A 44 0.33 -16.80 -3.45
CA GLY A 44 -0.91 -17.47 -3.09
C GLY A 44 -2.09 -16.52 -3.04
N LEU A 45 -1.80 -15.22 -3.15
CA LEU A 45 -2.86 -14.20 -3.11
C LEU A 45 -3.35 -13.89 -4.52
N ALA A 46 -4.50 -13.21 -4.60
CA ALA A 46 -5.07 -12.85 -5.89
C ALA A 46 -4.74 -11.40 -6.24
N GLU A 47 -4.72 -11.11 -7.54
CA GLU A 47 -4.42 -9.76 -8.01
C GLU A 47 -5.64 -8.87 -7.92
N SER A 48 -6.82 -9.47 -7.94
CA SER A 48 -8.07 -8.73 -7.86
C SER A 48 -8.16 -7.96 -6.55
N LEU A 49 -7.35 -8.35 -5.58
CA LEU A 49 -7.33 -7.70 -4.29
C LEU A 49 -6.73 -6.29 -4.38
N LEU A 50 -6.06 -6.02 -5.49
CA LEU A 50 -5.44 -4.72 -5.72
C LEU A 50 -6.47 -3.70 -6.17
N GLU A 51 -7.70 -4.17 -6.41
CA GLU A 51 -8.77 -3.28 -6.85
C GLU A 51 -9.73 -2.98 -5.70
N SER A 52 -9.23 -3.05 -4.47
CA SER A 52 -10.04 -2.79 -3.29
C SER A 52 -9.15 -2.42 -2.10
N LYS A 53 -9.42 -1.25 -1.52
CA LYS A 53 -8.65 -0.79 -0.37
C LYS A 53 -8.71 -1.79 0.78
N GLU A 54 -9.86 -2.43 0.94
CA GLU A 54 -10.05 -3.41 2.01
C GLU A 54 -9.19 -4.65 1.75
N GLY A 55 -9.10 -5.06 0.49
CA GLY A 55 -8.30 -6.22 0.15
C GLY A 55 -6.82 -5.96 0.26
N CYS A 56 -6.40 -4.77 -0.18
CA CYS A 56 -4.98 -4.40 -0.12
C CYS A 56 -4.46 -4.45 1.31
N GLN A 57 -5.35 -4.18 2.26
CA GLN A 57 -4.97 -4.19 3.67
C GLN A 57 -4.74 -5.62 4.16
N LYS A 58 -5.42 -6.57 3.54
CA LYS A 58 -5.29 -7.97 3.92
C LYS A 58 -3.95 -8.54 3.45
N ILE A 59 -3.28 -7.80 2.57
CA ILE A 59 -1.98 -8.23 2.05
C ILE A 59 -0.85 -7.73 2.94
N LEU A 60 -0.97 -6.50 3.41
CA LEU A 60 0.05 -5.90 4.26
C LEU A 60 0.15 -6.63 5.59
N THR A 61 -0.96 -7.24 6.00
CA THR A 61 -1.01 -7.98 7.26
C THR A 61 -0.16 -9.24 7.18
N VAL A 62 -0.07 -9.82 5.98
CA VAL A 62 0.71 -11.02 5.77
C VAL A 62 2.15 -10.70 5.39
N LEU A 63 2.33 -9.59 4.68
CA LEU A 63 3.66 -9.16 4.26
C LEU A 63 4.39 -8.46 5.39
N ASP A 64 3.63 -7.89 6.33
CA ASP A 64 4.21 -7.20 7.47
C ASP A 64 5.17 -8.10 8.23
N PRO A 65 4.64 -9.21 8.76
CA PRO A 65 5.44 -10.18 9.52
C PRO A 65 6.42 -10.95 8.63
N MET A 66 6.23 -10.86 7.32
CA MET A 66 7.10 -11.54 6.38
C MET A 66 8.34 -10.70 6.08
N VAL A 67 8.28 -9.42 6.42
CA VAL A 67 9.40 -8.52 6.19
C VAL A 67 10.60 -8.92 7.02
N PRO A 68 10.43 -8.97 8.35
CA PRO A 68 11.49 -9.34 9.28
C PRO A 68 11.85 -10.82 9.19
N THR A 69 11.17 -11.53 8.30
CA THR A 69 11.41 -12.96 8.12
C THR A 69 10.92 -13.43 6.76
N GLY A 70 11.50 -12.87 5.70
CA GLY A 70 11.11 -13.24 4.35
C GLY A 70 12.18 -12.93 3.32
N SER A 71 11.91 -13.26 2.07
CA SER A 71 12.86 -13.01 0.98
C SER A 71 12.87 -11.54 0.60
N GLU A 72 13.87 -11.15 -0.20
CA GLU A 72 13.98 -9.76 -0.64
C GLU A 72 12.87 -9.41 -1.63
N ASN A 73 12.60 -10.32 -2.55
CA ASN A 73 11.56 -10.11 -3.55
C ASN A 73 10.22 -9.84 -2.88
N LEU A 74 10.07 -10.29 -1.64
CA LEU A 74 8.84 -10.11 -0.89
C LEU A 74 8.76 -8.70 -0.31
N LYS A 75 9.85 -8.25 0.31
CA LYS A 75 9.90 -6.92 0.90
C LYS A 75 9.53 -5.85 -0.11
N SER A 76 9.96 -6.06 -1.36
CA SER A 76 9.67 -5.11 -2.43
C SER A 76 8.16 -4.94 -2.63
N LEU A 77 7.45 -6.07 -2.65
CA LEU A 77 6.00 -6.05 -2.82
C LEU A 77 5.31 -5.37 -1.64
N PHE A 78 5.82 -5.63 -0.44
CA PHE A 78 5.25 -5.04 0.77
C PHE A 78 5.22 -3.52 0.66
N ASN A 79 6.31 -2.94 0.20
CA ASN A 79 6.41 -1.49 0.06
C ASN A 79 5.51 -0.99 -1.07
N THR A 80 5.32 -1.84 -2.09
CA THR A 80 4.48 -1.49 -3.22
C THR A 80 3.01 -1.53 -2.86
N VAL A 81 2.64 -2.49 -2.01
CA VAL A 81 1.26 -2.62 -1.57
C VAL A 81 0.74 -1.34 -0.94
N CYS A 82 1.44 -0.89 0.11
CA CYS A 82 1.05 0.33 0.81
C CYS A 82 0.75 1.46 -0.18
N VAL A 83 1.55 1.51 -1.25
CA VAL A 83 1.37 2.55 -2.28
C VAL A 83 0.00 2.43 -2.94
N ILE A 84 -0.40 1.20 -3.27
CA ILE A 84 -1.68 0.97 -3.91
C ILE A 84 -2.84 1.29 -2.97
N TRP A 85 -2.76 0.77 -1.74
CA TRP A 85 -3.79 1.01 -0.74
C TRP A 85 -4.03 2.50 -0.54
N CYS A 86 -2.94 3.26 -0.49
CA CYS A 86 -3.02 4.70 -0.30
C CYS A 86 -3.85 5.35 -1.41
N ILE A 87 -3.48 5.09 -2.65
CA ILE A 87 -4.19 5.64 -3.79
C ILE A 87 -5.69 5.40 -3.67
N HIS A 88 -6.06 4.22 -3.19
CA HIS A 88 -7.47 3.86 -3.03
C HIS A 88 -8.05 4.50 -1.79
N ALA A 89 -7.28 4.66 -0.71
CA ALA A 89 -7.80 5.28 0.51
C ALA A 89 -7.77 6.80 0.41
N GLU A 90 -7.37 7.30 -0.76
CA GLU A 90 -7.30 8.74 -0.98
C GLU A 90 -6.19 9.36 -0.13
N GLU A 91 -4.97 8.86 -0.29
CA GLU A 91 -3.82 9.36 0.45
C GLU A 91 -2.73 9.85 -0.48
N LYS A 92 -2.30 11.09 -0.29
CA LYS A 92 -1.26 11.69 -1.12
C LYS A 92 0.09 11.57 -0.45
N VAL A 93 1.07 11.04 -1.17
CA VAL A 93 2.42 10.87 -0.65
C VAL A 93 3.47 11.22 -1.70
N LYS A 94 4.63 11.69 -1.24
CA LYS A 94 5.71 12.06 -2.13
C LYS A 94 6.52 10.83 -2.56
N ASP A 95 6.71 9.91 -1.62
CA ASP A 95 7.47 8.69 -1.89
C ASP A 95 6.79 7.48 -1.25
N THR A 96 7.40 6.32 -1.41
CA THR A 96 6.86 5.08 -0.85
C THR A 96 6.91 5.11 0.67
N GLU A 97 8.04 5.53 1.22
CA GLU A 97 8.21 5.60 2.67
C GLU A 97 7.07 6.39 3.31
N GLY A 98 6.70 7.51 2.69
CA GLY A 98 5.63 8.33 3.21
C GLY A 98 4.32 7.57 3.32
N ALA A 99 3.99 6.80 2.29
CA ALA A 99 2.77 6.02 2.28
C ALA A 99 2.77 4.96 3.38
N LYS A 100 3.93 4.38 3.62
CA LYS A 100 4.07 3.35 4.65
C LYS A 100 3.71 3.90 6.03
N GLN A 101 4.14 5.13 6.30
CA GLN A 101 3.87 5.78 7.58
C GLN A 101 2.37 6.02 7.75
N ILE A 102 1.73 6.49 6.68
CA ILE A 102 0.29 6.77 6.72
C ILE A 102 -0.50 5.50 7.02
N VAL A 103 -0.22 4.44 6.27
CA VAL A 103 -0.92 3.16 6.46
C VAL A 103 -0.76 2.67 7.90
N ARG A 104 0.47 2.70 8.39
CA ARG A 104 0.76 2.25 9.75
C ARG A 104 -0.09 3.02 10.76
N ARG A 105 0.00 4.34 10.73
CA ARG A 105 -0.76 5.18 11.64
C ARG A 105 -2.25 4.85 11.59
N HIS A 106 -2.75 4.58 10.38
CA HIS A 106 -4.16 4.24 10.21
C HIS A 106 -4.48 2.90 10.86
N LEU A 107 -3.52 2.01 11.04
CA LEU A 107 -3.78 0.72 11.67
C LEU A 107 -3.83 0.85 13.18
N VAL A 108 -2.99 1.73 13.73
CA VAL A 108 -2.94 1.95 15.17
C VAL A 108 -4.20 2.65 15.66
N ALA A 109 -4.81 3.44 14.78
CA ALA A 109 -6.02 4.17 15.13
C ALA A 109 -7.21 3.22 15.28
N GLU A 110 -7.28 2.23 14.39
CA GLU A 110 -8.36 1.25 14.43
C GLU A 110 -8.27 0.38 15.67
N THR A 111 -7.04 0.04 16.06
CA THR A 111 -6.80 -0.79 17.23
C THR A 111 -7.24 -0.09 18.51
N GLY A 112 -7.19 1.24 18.50
CA GLY A 112 -7.58 2.01 19.66
C GLY A 112 -9.03 2.45 19.60
N THR A 113 -9.86 1.66 18.93
CA THR A 113 -11.28 1.97 18.80
C THR A 113 -12.04 0.80 18.17
N ALA A 114 -11.61 -0.42 18.47
CA ALA A 114 -12.24 -1.62 17.94
C ALA A 114 -11.65 -2.87 18.56
N GLU A 115 -11.67 -2.95 19.89
CA GLU A 115 -11.14 -4.10 20.59
C GLU A 115 -12.06 -5.31 20.46
N LYS A 116 -13.36 -5.06 20.60
CA LYS A 116 -14.35 -6.13 20.49
C LYS A 116 -15.71 -5.57 20.09
N MET A 117 -15.76 -4.95 18.90
CA MET A 117 -17.01 -4.37 18.41
C MET A 117 -18.13 -5.40 18.43
N PRO A 118 -19.37 -4.91 18.60
CA PRO A 118 -20.56 -5.78 18.64
C PRO A 118 -20.88 -6.39 17.29
N SER A 119 -21.78 -7.36 17.28
CA SER A 119 -22.19 -8.02 16.04
C SER A 119 -23.30 -7.26 15.35
N THR A 120 -22.97 -6.66 14.19
CA THR A 120 -23.95 -5.90 13.43
C THR A 120 -23.76 -6.11 11.93
N SER A 121 -24.86 -6.15 11.20
CA SER A 121 -24.82 -6.35 9.76
C SER A 121 -24.40 -5.07 9.04
N ARG A 122 -23.54 -5.22 8.04
CA ARG A 122 -23.05 -4.08 7.27
C ARG A 122 -23.94 -3.81 6.06
N PRO A 123 -24.25 -2.53 5.83
CA PRO A 123 -25.10 -2.11 4.71
C PRO A 123 -24.42 -2.30 3.36
N THR A 124 -25.14 -2.86 2.40
CA THR A 124 -24.60 -3.10 1.07
C THR A 124 -25.30 -2.22 0.03
N ALA A 125 -24.51 -1.38 -0.64
CA ALA A 125 -25.06 -0.49 -1.66
C ALA A 125 -23.94 0.05 -2.56
N PRO A 126 -24.31 0.40 -3.80
CA PRO A 126 -23.36 0.93 -4.79
C PRO A 126 -22.87 2.33 -4.42
N SER A 127 -21.79 2.77 -5.08
CA SER A 127 -21.23 4.08 -4.83
C SER A 127 -20.09 4.38 -5.80
N SER A 128 -19.49 5.56 -5.66
CA SER A 128 -18.40 5.97 -6.52
C SER A 128 -18.85 6.03 -7.98
N GLU A 129 -17.96 6.47 -8.86
CA GLU A 129 -18.27 6.58 -10.28
C GLU A 129 -17.12 6.05 -11.13
N LYS A 130 -17.33 6.01 -12.45
CA LYS A 130 -16.32 5.53 -13.37
C LYS A 130 -16.18 6.45 -14.57
N GLY A 131 -15.06 6.34 -15.28
CA GLY A 131 -14.84 7.18 -16.44
C GLY A 131 -13.50 6.92 -17.10
N GLY A 132 -12.56 7.86 -16.95
CA GLY A 132 -11.25 7.70 -17.53
C GLY A 132 -11.25 7.89 -19.03
N ASN A 133 -10.78 9.05 -19.49
CA ASN A 133 -10.74 9.34 -20.92
C ASN A 133 -9.91 10.59 -21.18
N TYR A 134 -9.06 10.53 -22.21
CA TYR A 134 -8.22 11.66 -22.57
C TYR A 134 -7.30 12.05 -21.41
C1 MYR B . -2.77 -2.86 -20.68
O2 MYR B . -3.20 -1.76 -21.00
C2 MYR B . -2.46 -3.12 -19.21
C3 MYR B . -3.68 -3.05 -18.27
C4 MYR B . -3.32 -3.28 -16.80
C5 MYR B . -4.56 -3.35 -15.89
C6 MYR B . -4.20 -3.79 -14.46
C7 MYR B . -5.31 -3.42 -13.45
C8 MYR B . -4.77 -3.31 -12.01
C9 MYR B . -5.09 -1.95 -11.37
C10 MYR B . -3.84 -1.29 -10.74
C11 MYR B . -3.94 0.24 -10.60
C12 MYR B . -3.15 0.81 -9.40
C13 MYR B . -2.43 2.12 -9.77
C14 MYR B . -0.99 2.15 -9.24
H21 MYR B . -1.71 -2.38 -18.89
H22 MYR B . -1.95 -4.10 -19.10
H31 MYR B . -4.45 -3.79 -18.60
H32 MYR B . -4.17 -2.05 -18.39
H41 MYR B . -2.64 -2.47 -16.45
H42 MYR B . -2.74 -4.22 -16.71
H51 MYR B . -5.30 -4.03 -16.32
H52 MYR B . -5.04 -2.35 -15.87
H61 MYR B . -3.24 -3.34 -14.15
H62 MYR B . -4.03 -4.89 -14.44
H71 MYR B . -6.12 -4.18 -13.49
H72 MYR B . -5.78 -2.47 -13.74
H81 MYR B . -3.67 -3.48 -12.01
H82 MYR B . -5.18 -4.13 -11.39
H91 MYR B . -5.87 -2.09 -10.59
H92 MYR B . -5.54 -1.28 -12.13
H101 MYR B . -2.96 -1.51 -11.38
H102 MYR B . -3.61 -1.75 -9.77
H111 MYR B . -5.01 0.53 -10.51
H112 MYR B . -3.59 0.71 -11.53
H121 MYR B . -2.42 0.07 -9.04
H122 MYR B . -3.82 1.00 -8.55
H131 MYR B . -2.98 2.99 -9.37
H132 MYR B . -2.42 2.26 -10.87
H141 MYR B . -0.32 1.51 -9.83
H142 MYR B . -0.56 3.17 -9.24
H143 MYR B . -0.94 1.78 -8.19
P1 PBU C . 13.70 -2.27 -9.21
P4 PBU C . 14.67 1.40 -1.43
P5 PBU C . 13.60 -2.61 -1.09
C3' PBU C . 13.11 -4.71 -9.17
C2' PBU C . 11.62 -4.84 -9.56
O2' PBU C . 10.89 -5.30 -8.42
C1' PBU C . 11.41 -5.86 -10.73
O1' PBU C . 12.46 -5.71 -11.66
C1 PBU C . 13.66 -1.65 -6.35
O1 PBU C . 14.03 -2.48 -7.59
C2 PBU C . 14.31 -0.22 -6.29
O2 PBU C . 15.72 -0.24 -6.39
C3 PBU C . 13.90 0.51 -4.98
O3 PBU C . 14.53 1.80 -4.99
C4 PBU C . 14.31 -0.34 -3.72
O4 PBU C . 13.85 0.38 -2.46
C5 PBU C . 13.63 -1.76 -3.81
O5 PBU C . 14.06 -2.58 -2.67
C6 PBU C . 14.01 -2.51 -5.13
O6 PBU C . 13.30 -3.75 -5.27
C7 PBU C . 10.49 -4.32 -7.49
O7 PBU C . 10.97 -4.28 -6.38
C8 PBU C . 9.42 -3.29 -7.88
C9 PBU C . 8.47 -3.02 -6.70
C10 PBU C . 8.62 -1.56 -6.23
C11 PBU C . 12.32 -4.93 -12.82
O11 PBU C . 11.40 -4.14 -13.02
C12 PBU C . 13.39 -5.18 -13.93
C13 PBU C . 12.89 -6.08 -15.07
C14 PBU C . 14.00 -7.04 -15.55
O41 PBU C . 15.38 2.27 -2.46
O42 PBU C . 13.60 2.12 -0.65
O43 PBU C . 15.58 0.60 -0.51
O51 PBU C . 13.54 -4.11 -0.87
O52 PBU C . 14.71 -1.85 -0.38
O53 PBU C . 12.25 -1.93 -1.10
OP1 PBU C . 13.73 -3.64 -9.85
OP2 PBU C . 12.31 -1.63 -9.22
OP3 PBU C . 14.85 -1.44 -9.72
H3'1 PBU C . 13.61 -5.61 -9.43
H3'2 PBU C . 13.16 -4.56 -8.13
H2' PBU C . 11.26 -3.92 -9.90
H1'1 PBU C . 11.45 -6.84 -10.35
H1'2 PBU C . 10.46 -5.73 -11.16
H1 PBU C . 12.59 -1.42 -6.37
H2 PBU C . 13.91 0.34 -7.14
H02 PBU C . 16.18 -0.79 -5.79
H3 PBU C . 12.82 0.63 -4.95
H03 PBU C . 15.49 1.71 -4.93
H4 PBU C . 15.38 -0.50 -3.63
H5 PBU C . 12.56 -1.58 -3.80
H6 PBU C . 15.07 -2.72 -5.09
H06 PBU C . 13.67 -4.44 -4.74
H81 PBU C . 8.86 -3.65 -8.70
H82 PBU C . 9.88 -2.38 -8.15
H91 PBU C . 8.70 -3.67 -5.91
H92 PBU C . 7.47 -3.18 -7.00
H11 PBU C . 8.40 -0.92 -7.02
H12 PBU C . 9.61 -1.40 -5.91
H13 PBU C . 7.96 -1.38 -5.43
H121 PBU C . 13.67 -4.25 -14.32
H122 PBU C . 14.21 -5.64 -13.47
H131 PBU C . 12.08 -6.66 -14.72
H132 PBU C . 12.57 -5.48 -15.87
H141 PBU C . 13.60 -7.67 -16.28
H142 PBU C . 14.34 -7.60 -14.74
H143 PBU C . 14.80 -6.49 -15.97
N GLY A 1 -6.58 -8.74 -18.14
CA GLY A 1 -6.35 -8.81 -19.57
C GLY A 1 -7.30 -7.92 -20.35
N ALA A 2 -8.59 -7.97 -20.01
CA ALA A 2 -9.59 -7.17 -20.69
C ALA A 2 -9.45 -5.70 -20.32
N ARG A 3 -9.42 -4.84 -21.33
CA ARG A 3 -9.30 -3.39 -21.11
C ARG A 3 -7.95 -3.07 -20.45
N ASN A 4 -7.02 -2.56 -21.23
CA ASN A 4 -5.70 -2.20 -20.72
C ASN A 4 -5.67 -0.73 -20.30
N SER A 5 -6.67 -0.31 -19.54
CA SER A 5 -6.75 1.06 -19.05
C SER A 5 -7.42 1.12 -17.68
N VAL A 6 -6.69 0.71 -16.66
CA VAL A 6 -7.20 0.73 -15.30
C VAL A 6 -6.95 2.08 -14.62
N LEU A 7 -5.72 2.59 -14.79
CA LEU A 7 -5.35 3.86 -14.19
C LEU A 7 -6.30 4.98 -14.64
N ARG A 8 -6.44 6.00 -13.81
CA ARG A 8 -7.31 7.13 -14.13
C ARG A 8 -6.50 8.32 -14.65
N GLY A 9 -7.16 9.45 -14.82
CA GLY A 9 -6.49 10.64 -15.31
C GLY A 9 -5.72 11.36 -14.22
N LYS A 10 -6.46 11.86 -13.22
CA LYS A 10 -5.83 12.57 -12.11
C LYS A 10 -5.13 11.61 -11.16
N LYS A 11 -5.60 10.37 -11.12
CA LYS A 11 -5.01 9.36 -10.26
C LYS A 11 -3.64 8.94 -10.78
N ALA A 12 -3.56 8.66 -12.08
CA ALA A 12 -2.31 8.25 -12.71
C ALA A 12 -1.19 9.26 -12.40
N ASP A 13 -1.55 10.54 -12.39
CA ASP A 13 -0.58 11.59 -12.12
C ASP A 13 0.06 11.41 -10.74
N GLU A 14 -0.78 11.37 -9.71
CA GLU A 14 -0.30 11.21 -8.34
C GLU A 14 0.41 9.87 -8.18
N LEU A 15 -0.07 8.86 -8.89
CA LEU A 15 0.52 7.52 -8.83
C LEU A 15 1.93 7.52 -9.41
N GLU A 16 2.07 8.09 -10.62
CA GLU A 16 3.37 8.15 -11.28
C GLU A 16 4.24 9.24 -10.67
N ARG A 17 3.66 10.00 -9.74
CA ARG A 17 4.39 11.07 -9.07
C ARG A 17 5.14 10.55 -7.85
N ILE A 18 4.64 9.46 -7.28
CA ILE A 18 5.26 8.85 -6.10
C ILE A 18 6.62 8.27 -6.44
N ARG A 19 7.59 8.47 -5.55
CA ARG A 19 8.94 7.96 -5.76
C ARG A 19 9.19 6.74 -4.88
N LEU A 20 10.03 5.83 -5.38
CA LEU A 20 10.36 4.61 -4.64
C LEU A 20 11.22 4.93 -3.42
N ARG A 21 11.96 6.04 -3.49
CA ARG A 21 12.82 6.46 -2.40
C ARG A 21 12.61 7.93 -2.07
N PRO A 22 13.03 8.34 -0.86
CA PRO A 22 12.91 9.72 -0.40
C PRO A 22 13.81 10.68 -1.16
N GLY A 23 14.98 10.18 -1.56
CA GLY A 23 15.92 11.01 -2.30
C GLY A 23 16.34 10.38 -3.62
N GLY A 24 15.46 9.56 -4.18
CA GLY A 24 15.75 8.91 -5.45
C GLY A 24 15.07 9.59 -6.62
N LYS A 25 15.22 9.01 -7.81
CA LYS A 25 14.61 9.56 -9.00
C LYS A 25 13.72 8.52 -9.70
N LYS A 26 13.37 7.47 -8.97
CA LYS A 26 12.52 6.41 -9.50
C LYS A 26 11.07 6.61 -9.08
N LYS A 27 10.18 6.70 -10.06
CA LYS A 27 8.77 6.89 -9.79
C LYS A 27 7.97 5.64 -10.15
N TYR A 28 6.91 5.38 -9.40
CA TYR A 28 6.07 4.21 -9.64
C TYR A 28 5.44 4.27 -11.04
N ARG A 29 5.27 3.09 -11.64
CA ARG A 29 4.69 3.00 -12.98
C ARG A 29 3.97 1.67 -13.16
N LEU A 30 3.21 1.56 -14.25
CA LEU A 30 2.47 0.34 -14.55
C LEU A 30 3.36 -0.89 -14.39
N LYS A 31 4.63 -0.73 -14.72
CA LYS A 31 5.59 -1.83 -14.63
C LYS A 31 5.55 -2.45 -13.23
N HIS A 32 5.63 -1.61 -12.21
CA HIS A 32 5.62 -2.07 -10.83
C HIS A 32 4.27 -2.73 -10.50
N ILE A 33 3.15 -2.17 -10.93
CA ILE A 33 1.84 -2.76 -10.64
C ILE A 33 1.69 -4.12 -11.30
N VAL A 34 2.16 -4.21 -12.54
CA VAL A 34 2.07 -5.46 -13.30
C VAL A 34 2.85 -6.57 -12.60
N TRP A 35 3.98 -6.22 -12.01
CA TRP A 35 4.81 -7.20 -11.31
C TRP A 35 4.18 -7.59 -9.98
N ALA A 36 3.58 -6.62 -9.31
CA ALA A 36 2.94 -6.88 -8.02
C ALA A 36 1.80 -7.89 -8.17
N ALA A 37 0.88 -7.61 -9.10
CA ALA A 37 -0.25 -8.49 -9.34
C ALA A 37 0.21 -9.84 -9.87
N ASN A 38 1.34 -9.84 -10.57
CA ASN A 38 1.89 -11.07 -11.14
C ASN A 38 2.56 -11.92 -10.07
N LYS A 39 3.20 -11.26 -9.11
CA LYS A 39 3.87 -11.95 -8.02
C LYS A 39 2.85 -12.56 -7.05
N LEU A 40 1.73 -11.88 -6.87
CA LEU A 40 0.68 -12.35 -5.98
C LEU A 40 0.15 -13.71 -6.43
N ASP A 41 -0.42 -13.73 -7.64
CA ASP A 41 -0.97 -14.96 -8.20
C ASP A 41 0.05 -16.10 -8.10
N ARG A 42 1.30 -15.80 -8.39
CA ARG A 42 2.37 -16.79 -8.34
C ARG A 42 2.55 -17.31 -6.92
N PHE A 43 2.95 -16.42 -6.02
CA PHE A 43 3.17 -16.80 -4.61
C PHE A 43 1.97 -17.55 -4.06
N GLY A 44 0.78 -17.05 -4.35
CA GLY A 44 -0.44 -17.69 -3.88
C GLY A 44 -1.56 -16.70 -3.66
N LEU A 45 -1.21 -15.43 -3.46
CA LEU A 45 -2.19 -14.39 -3.24
C LEU A 45 -2.94 -14.04 -4.53
N ALA A 46 -4.14 -13.49 -4.39
CA ALA A 46 -4.96 -13.12 -5.54
C ALA A 46 -4.95 -11.60 -5.74
N GLU A 47 -5.31 -11.17 -6.95
CA GLU A 47 -5.35 -9.75 -7.26
C GLU A 47 -6.59 -9.10 -6.66
N SER A 48 -7.44 -9.91 -6.05
CA SER A 48 -8.66 -9.41 -5.43
C SER A 48 -8.36 -8.32 -4.40
N LEU A 49 -7.11 -8.30 -3.94
CA LEU A 49 -6.69 -7.31 -2.95
C LEU A 49 -5.97 -6.15 -3.62
N LEU A 50 -6.31 -5.89 -4.88
CA LEU A 50 -5.70 -4.80 -5.63
C LEU A 50 -6.76 -3.83 -6.14
N GLU A 51 -7.94 -4.35 -6.45
CA GLU A 51 -9.03 -3.54 -6.95
C GLU A 51 -9.95 -3.10 -5.82
N SER A 52 -9.41 -3.12 -4.59
CA SER A 52 -10.18 -2.73 -3.41
C SER A 52 -9.26 -2.35 -2.27
N LYS A 53 -9.41 -1.12 -1.77
CA LYS A 53 -8.60 -0.63 -0.68
C LYS A 53 -8.70 -1.55 0.54
N GLU A 54 -9.93 -1.97 0.86
CA GLU A 54 -10.17 -2.84 2.00
C GLU A 54 -9.43 -4.17 1.82
N GLY A 55 -9.23 -4.57 0.57
CA GLY A 55 -8.55 -5.81 0.29
C GLY A 55 -7.04 -5.68 0.40
N CYS A 56 -6.51 -4.56 -0.09
CA CYS A 56 -5.07 -4.32 -0.04
C CYS A 56 -4.55 -4.42 1.38
N GLN A 57 -5.41 -4.10 2.34
CA GLN A 57 -5.02 -4.15 3.75
C GLN A 57 -4.82 -5.59 4.21
N LYS A 58 -5.36 -6.53 3.45
CA LYS A 58 -5.24 -7.95 3.77
C LYS A 58 -3.88 -8.48 3.36
N ILE A 59 -3.16 -7.71 2.55
CA ILE A 59 -1.84 -8.10 2.07
C ILE A 59 -0.76 -7.63 3.03
N LEU A 60 -0.78 -6.34 3.35
CA LEU A 60 0.21 -5.76 4.25
C LEU A 60 0.18 -6.45 5.61
N THR A 61 -0.99 -6.96 5.99
CA THR A 61 -1.15 -7.65 7.26
C THR A 61 -0.34 -8.94 7.29
N VAL A 62 -0.16 -9.54 6.12
CA VAL A 62 0.59 -10.79 6.01
C VAL A 62 2.06 -10.51 5.70
N LEU A 63 2.30 -9.53 4.86
CA LEU A 63 3.67 -9.16 4.47
C LEU A 63 4.37 -8.43 5.61
N ASP A 64 3.58 -7.86 6.52
CA ASP A 64 4.14 -7.13 7.66
C ASP A 64 5.08 -8.01 8.46
N PRO A 65 4.55 -9.11 9.00
CA PRO A 65 5.32 -10.06 9.81
C PRO A 65 6.32 -10.85 8.96
N MET A 66 6.24 -10.69 7.65
CA MET A 66 7.13 -11.39 6.73
C MET A 66 8.22 -10.46 6.22
N VAL A 67 8.07 -9.17 6.50
CA VAL A 67 9.05 -8.17 6.08
C VAL A 67 10.46 -8.57 6.52
N PRO A 68 10.65 -8.73 7.83
CA PRO A 68 11.95 -9.10 8.40
C PRO A 68 12.33 -10.55 8.07
N THR A 69 11.38 -11.46 8.26
CA THR A 69 11.61 -12.87 7.99
C THR A 69 11.42 -13.18 6.50
N GLY A 70 11.61 -12.17 5.66
CA GLY A 70 11.46 -12.35 4.23
C GLY A 70 12.62 -11.77 3.44
N SER A 71 12.64 -12.03 2.14
CA SER A 71 13.69 -11.53 1.27
C SER A 71 13.25 -10.26 0.53
N GLU A 72 14.11 -9.77 -0.34
CA GLU A 72 13.81 -8.56 -1.11
C GLU A 72 12.62 -8.80 -2.04
N ASN A 73 12.56 -10.00 -2.61
CA ASN A 73 11.47 -10.35 -3.52
C ASN A 73 10.12 -10.16 -2.86
N LEU A 74 10.09 -10.24 -1.54
CA LEU A 74 8.85 -10.08 -0.77
C LEU A 74 8.71 -8.64 -0.28
N LYS A 75 9.69 -8.19 0.50
CA LYS A 75 9.67 -6.83 1.04
C LYS A 75 9.39 -5.82 -0.05
N SER A 76 9.85 -6.11 -1.27
CA SER A 76 9.65 -5.22 -2.40
C SER A 76 8.16 -4.97 -2.64
N LEU A 77 7.42 -6.05 -2.83
CA LEU A 77 5.98 -5.94 -3.07
C LEU A 77 5.28 -5.26 -1.90
N PHE A 78 5.76 -5.53 -0.69
CA PHE A 78 5.18 -4.94 0.51
C PHE A 78 5.20 -3.41 0.43
N ASN A 79 6.27 -2.87 -0.13
CA ASN A 79 6.42 -1.42 -0.27
C ASN A 79 5.42 -0.88 -1.30
N THR A 80 5.16 -1.66 -2.34
CA THR A 80 4.24 -1.26 -3.39
C THR A 80 2.79 -1.40 -2.92
N VAL A 81 2.52 -2.44 -2.14
CA VAL A 81 1.18 -2.68 -1.64
C VAL A 81 0.67 -1.48 -0.82
N CYS A 82 1.60 -0.78 -0.17
CA CYS A 82 1.25 0.38 0.64
C CYS A 82 0.81 1.55 -0.24
N VAL A 83 1.51 1.73 -1.36
CA VAL A 83 1.19 2.81 -2.29
C VAL A 83 -0.12 2.55 -3.00
N ILE A 84 -0.37 1.29 -3.34
CA ILE A 84 -1.61 0.91 -4.03
C ILE A 84 -2.83 1.26 -3.19
N TRP A 85 -2.68 1.21 -1.88
CA TRP A 85 -3.77 1.53 -0.97
C TRP A 85 -3.99 3.04 -0.89
N CYS A 86 -2.90 3.80 -0.94
CA CYS A 86 -2.97 5.25 -0.86
C CYS A 86 -3.68 5.81 -2.10
N ILE A 87 -3.73 5.02 -3.16
CA ILE A 87 -4.38 5.44 -4.40
C ILE A 87 -5.90 5.33 -4.29
N HIS A 88 -6.36 4.26 -3.66
CA HIS A 88 -7.78 4.03 -3.49
C HIS A 88 -8.29 4.70 -2.22
N ALA A 89 -7.46 4.90 -1.20
CA ALA A 89 -7.90 5.54 0.03
C ALA A 89 -7.89 7.06 -0.10
N GLU A 90 -7.65 7.55 -1.32
CA GLU A 90 -7.61 8.97 -1.58
C GLU A 90 -6.47 9.64 -0.81
N GLU A 91 -5.49 8.84 -0.40
CA GLU A 91 -4.35 9.35 0.34
C GLU A 91 -3.27 9.87 -0.60
N LYS A 92 -2.59 10.93 -0.19
CA LYS A 92 -1.53 11.52 -1.00
C LYS A 92 -0.17 11.37 -0.31
N VAL A 93 0.82 10.91 -1.06
CA VAL A 93 2.16 10.72 -0.52
C VAL A 93 3.22 11.22 -1.50
N LYS A 94 4.41 11.50 -0.98
CA LYS A 94 5.51 11.99 -1.81
C LYS A 94 6.42 10.84 -2.21
N ASP A 95 6.66 9.92 -1.29
CA ASP A 95 7.53 8.77 -1.55
C ASP A 95 6.90 7.49 -0.99
N THR A 96 7.66 6.39 -1.07
CA THR A 96 7.18 5.11 -0.57
C THR A 96 7.15 5.08 0.94
N GLU A 97 8.25 5.50 1.57
CA GLU A 97 8.35 5.52 3.02
C GLU A 97 7.16 6.25 3.63
N GLY A 98 6.83 7.41 3.07
CA GLY A 98 5.71 8.20 3.57
C GLY A 98 4.41 7.43 3.52
N ALA A 99 4.16 6.75 2.41
CA ALA A 99 2.93 5.98 2.25
C ALA A 99 2.80 4.92 3.35
N LYS A 100 3.86 4.15 3.55
CA LYS A 100 3.86 3.11 4.56
C LYS A 100 3.50 3.67 5.93
N GLN A 101 4.10 4.82 6.27
CA GLN A 101 3.83 5.46 7.55
C GLN A 101 2.34 5.75 7.72
N ILE A 102 1.75 6.40 6.73
CA ILE A 102 0.33 6.73 6.77
C ILE A 102 -0.51 5.49 7.03
N VAL A 103 -0.29 4.46 6.23
CA VAL A 103 -1.03 3.21 6.37
C VAL A 103 -0.95 2.68 7.80
N ARG A 104 0.27 2.56 8.31
CA ARG A 104 0.48 2.06 9.67
C ARG A 104 -0.21 2.96 10.68
N ARG A 105 0.13 4.24 10.67
CA ARG A 105 -0.46 5.20 11.59
C ARG A 105 -1.99 5.10 11.58
N HIS A 106 -2.55 4.73 10.42
CA HIS A 106 -3.99 4.60 10.29
C HIS A 106 -4.47 3.27 10.88
N LEU A 107 -3.69 2.19 10.78
CA LEU A 107 -4.12 0.91 11.33
C LEU A 107 -3.99 0.90 12.85
N VAL A 108 -2.91 1.49 13.36
CA VAL A 108 -2.68 1.55 14.79
C VAL A 108 -3.86 2.18 15.52
N ALA A 109 -4.51 3.13 14.86
CA ALA A 109 -5.65 3.81 15.44
C ALA A 109 -6.84 2.87 15.58
N GLU A 110 -6.95 1.92 14.65
CA GLU A 110 -8.04 0.96 14.67
C GLU A 110 -7.79 -0.14 15.70
N THR A 111 -6.52 -0.47 15.91
CA THR A 111 -6.14 -1.50 16.88
C THR A 111 -6.65 -1.16 18.26
N GLY A 112 -6.74 0.13 18.56
CA GLY A 112 -7.21 0.57 19.86
C GLY A 112 -8.71 0.84 19.87
N THR A 113 -9.43 0.20 18.97
CA THR A 113 -10.88 0.37 18.88
C THR A 113 -11.51 -0.72 18.03
N ALA A 114 -10.90 -1.90 18.04
CA ALA A 114 -11.42 -3.04 17.27
C ALA A 114 -11.61 -4.25 18.16
N GLU A 115 -12.15 -4.03 19.36
CA GLU A 115 -12.39 -5.12 20.30
C GLU A 115 -13.82 -5.05 20.83
N LYS A 116 -14.29 -3.85 21.14
CA LYS A 116 -15.63 -3.65 21.66
C LYS A 116 -16.24 -2.36 21.13
N MET A 117 -16.18 -2.18 19.81
CA MET A 117 -16.73 -0.98 19.19
C MET A 117 -18.18 -0.77 19.60
N PRO A 118 -18.57 0.51 19.75
CA PRO A 118 -19.93 0.88 20.14
C PRO A 118 -20.95 0.59 19.04
N SER A 119 -22.20 0.97 19.28
CA SER A 119 -23.27 0.75 18.32
C SER A 119 -23.14 1.72 17.14
N THR A 120 -24.08 1.62 16.21
CA THR A 120 -24.08 2.49 15.03
C THR A 120 -24.13 3.96 15.42
N SER A 121 -23.82 4.83 14.47
CA SER A 121 -23.83 6.26 14.71
C SER A 121 -24.09 7.04 13.42
N ARG A 122 -24.20 8.35 13.54
CA ARG A 122 -24.45 9.22 12.38
C ARG A 122 -23.22 9.29 11.49
N PRO A 123 -23.46 9.37 10.17
CA PRO A 123 -22.39 9.45 9.17
C PRO A 123 -21.63 10.78 9.23
N THR A 124 -20.31 10.70 9.26
CA THR A 124 -19.47 11.89 9.32
C THR A 124 -19.47 12.62 7.98
N ALA A 125 -20.10 13.79 7.96
CA ALA A 125 -20.17 14.59 6.73
C ALA A 125 -18.77 14.84 6.17
N PRO A 126 -18.70 15.02 4.84
CA PRO A 126 -17.43 15.27 4.14
C PRO A 126 -16.86 16.64 4.46
N SER A 127 -17.71 17.55 4.91
CA SER A 127 -17.29 18.90 5.25
C SER A 127 -16.16 18.88 6.27
N SER A 128 -14.94 19.13 5.81
CA SER A 128 -13.78 19.14 6.67
C SER A 128 -13.47 20.55 7.17
N GLU A 129 -12.63 20.64 8.20
CA GLU A 129 -12.25 21.94 8.75
C GLU A 129 -10.87 22.35 8.29
N LYS A 130 -10.80 23.01 7.14
CA LYS A 130 -9.54 23.46 6.58
C LYS A 130 -8.57 22.29 6.40
N GLY A 131 -8.77 21.53 5.33
CA GLY A 131 -7.92 20.39 5.07
C GLY A 131 -7.08 20.58 3.82
N GLY A 132 -6.14 21.51 3.89
CA GLY A 132 -5.27 21.77 2.74
C GLY A 132 -3.98 22.47 3.14
N ASN A 133 -2.97 21.69 3.50
CA ASN A 133 -1.68 22.25 3.90
C ASN A 133 -0.88 22.69 2.68
N TYR A 134 -0.73 24.00 2.52
CA TYR A 134 0.02 24.55 1.40
C TYR A 134 1.51 24.28 1.55
C1 MYR B . -6.35 -7.61 -17.47
O2 MYR B . -5.93 -6.59 -18.00
C2 MYR B . -6.60 -7.60 -15.96
C3 MYR B . -5.51 -6.86 -15.13
C4 MYR B . -5.82 -6.87 -13.62
C5 MYR B . -6.24 -5.47 -13.12
C6 MYR B . -5.02 -4.55 -12.89
C7 MYR B . -4.64 -4.44 -11.41
C8 MYR B . -4.54 -2.97 -10.94
C9 MYR B . -4.82 -2.82 -9.43
C10 MYR B . -5.30 -1.40 -9.06
C11 MYR B . -4.18 -0.34 -9.03
C12 MYR B . -3.62 0.05 -10.41
C13 MYR B . -3.41 1.56 -10.55
C14 MYR B . -2.25 2.07 -9.67
H21 MYR B . -6.67 -8.65 -15.63
H22 MYR B . -7.60 -7.17 -15.74
H31 MYR B . -5.40 -5.83 -15.49
H32 MYR B . -4.53 -7.35 -15.32
H41 MYR B . -4.94 -7.22 -13.06
H42 MYR B . -6.63 -7.60 -13.41
H51 MYR B . -6.81 -5.58 -12.18
H52 MYR B . -6.94 -5.01 -13.83
H61 MYR B . -5.24 -3.54 -13.30
H62 MYR B . -4.15 -4.93 -13.47
H71 MYR B . -3.68 -4.95 -11.22
H72 MYR B . -5.39 -4.97 -10.79
H81 MYR B . -5.26 -2.35 -11.51
H82 MYR B . -3.54 -2.57 -11.19
H91 MYR B . -3.89 -3.05 -8.86
H92 MYR B . -5.56 -3.57 -9.10
H101 MYR B . -5.78 -1.44 -8.07
H102 MYR B . -6.10 -1.09 -9.76
H111 MYR B . -3.36 -0.67 -8.36
H112 MYR B . -4.59 0.57 -8.54
H121 MYR B . -4.31 -0.30 -11.21
H122 MYR B . -2.66 -0.48 -10.59
H131 MYR B . -4.34 2.11 -10.28
H132 MYR B . -3.22 1.82 -11.61
H141 MYR B . -1.27 1.70 -10.04
H142 MYR B . -2.21 3.17 -9.64
H143 MYR B . -2.36 1.72 -8.63
P1 PBU C . 13.87 -2.40 -9.76
P4 PBU C . 15.63 0.21 -1.98
P5 PBU C . 14.17 -3.29 -1.76
C3' PBU C . 11.65 -3.27 -10.54
C2' PBU C . 11.26 -4.55 -9.78
O2' PBU C . 11.18 -4.25 -8.40
C1' PBU C . 12.30 -5.68 -9.99
O1' PBU C . 12.57 -5.82 -11.37
C1 PBU C . 13.32 -2.03 -6.91
O1 PBU C . 13.32 -2.80 -8.24
C2 PBU C . 14.24 -0.77 -6.86
O2 PBU C . 15.60 -1.07 -7.17
C3 PBU C . 14.19 -0.11 -5.47
O3 PBU C . 15.06 1.03 -5.48
C4 PBU C . 14.58 -1.13 -4.32
O4 PBU C . 14.46 -0.45 -2.97
C5 PBU C . 13.62 -2.38 -4.42
O5 PBU C . 14.02 -3.35 -3.40
C6 PBU C . 13.64 -3.06 -5.81
O6 PBU C . 12.68 -4.12 -5.92
C7 PBU C . 10.01 -4.64 -7.71
O7 PBU C . 10.07 -5.45 -6.80
C8 PBU C . 8.65 -4.04 -8.10
C9 PBU C . 7.88 -3.61 -6.85
C10 PBU C . 8.64 -2.48 -6.13
C11 PBU C . 13.01 -7.03 -11.93
O11 PBU C . 14.16 -7.28 -12.22
C12 PBU C . 11.90 -8.07 -12.23
C13 PBU C . 11.92 -8.60 -13.67
C14 PBU C . 11.52 -10.09 -13.72
O41 PBU C . 16.83 0.05 -2.89
O42 PBU C . 15.19 1.63 -1.76
O43 PBU C . 15.68 -0.56 -0.66
O51 PBU C . 13.68 -4.66 -1.37
O52 PBU C . 15.66 -3.00 -1.56
O53 PBU C . 13.25 -2.16 -1.37
OP1 PBU C . 13.04 -3.18 -10.74
OP2 PBU C . 13.64 -0.89 -9.83
OP3 PBU C . 15.29 -2.89 -9.77
H3'1 PBU C . 11.32 -2.44 -9.98
H3'2 PBU C . 11.14 -3.28 -11.47
H2' PBU C . 10.35 -4.92 -10.15
H1'1 PBU C . 13.21 -5.43 -9.52
H1'2 PBU C . 11.97 -6.59 -9.57
H1 PBU C . 12.33 -1.60 -6.75
H2 PBU C . 13.86 -0.07 -7.60
H02 PBU C . 16.00 -1.75 -6.70
H3 PBU C . 13.17 0.23 -5.25
H03 PBU C . 15.98 0.75 -5.58
H4 PBU C . 15.59 -1.50 -4.41
H5 PBU C . 12.62 -1.99 -4.22
H6 PBU C . 14.63 -3.48 -5.95
H06 PBU C . 12.97 -4.90 -5.51
H81 PBU C . 8.09 -4.76 -8.63
H82 PBU C . 8.82 -3.21 -8.71
H91 PBU C . 7.77 -4.44 -6.20
H92 PBU C . 6.93 -3.26 -7.11
H11 PBU C . 8.75 -1.66 -6.78
H12 PBU C . 9.59 -2.83 -5.84
H13 PBU C . 8.10 -2.18 -5.28
H121 PBU C . 12.02 -8.89 -11.57
H122 PBU C . 10.97 -7.60 -12.06
H131 PBU C . 11.25 -8.05 -14.25
H132 PBU C . 12.89 -8.49 -14.06
H141 PBU C . 11.49 -10.40 -14.73
H142 PBU C . 10.57 -10.21 -13.29
H143 PBU C . 12.21 -10.69 -13.22
N GLY A 1 -6.33 -3.23 -18.42
CA GLY A 1 -5.85 -2.93 -19.76
C GLY A 1 -5.73 -1.44 -20.02
N ALA A 2 -4.52 -0.98 -20.28
CA ALA A 2 -4.28 0.44 -20.54
C ALA A 2 -2.87 0.66 -21.09
N ARG A 3 -2.61 1.88 -21.54
CA ARG A 3 -1.29 2.22 -22.09
C ARG A 3 -0.59 3.26 -21.21
N ASN A 4 -1.39 4.07 -20.53
CA ASN A 4 -0.84 5.10 -19.65
C ASN A 4 -0.95 4.69 -18.18
N SER A 5 -2.18 4.58 -17.70
CA SER A 5 -2.43 4.19 -16.32
C SER A 5 -3.72 3.39 -16.19
N VAL A 6 -3.79 2.55 -15.17
CA VAL A 6 -4.97 1.72 -14.94
C VAL A 6 -6.03 2.50 -14.15
N LEU A 7 -5.59 3.17 -13.10
CA LEU A 7 -6.50 3.94 -12.25
C LEU A 7 -7.05 5.14 -13.02
N ARG A 8 -7.90 5.92 -12.36
CA ARG A 8 -8.51 7.10 -12.97
C ARG A 8 -7.44 8.07 -13.46
N GLY A 9 -7.87 9.17 -14.05
CA GLY A 9 -6.94 10.17 -14.55
C GLY A 9 -6.25 10.92 -13.43
N LYS A 10 -7.04 11.49 -12.53
CA LYS A 10 -6.50 12.25 -11.41
C LYS A 10 -5.62 11.36 -10.53
N LYS A 11 -6.11 10.15 -10.23
CA LYS A 11 -5.38 9.21 -9.40
C LYS A 11 -4.08 8.78 -10.09
N ALA A 12 -4.17 8.50 -11.38
CA ALA A 12 -3.01 8.07 -12.16
C ALA A 12 -1.85 9.05 -11.98
N ASP A 13 -2.17 10.34 -11.89
CA ASP A 13 -1.16 11.37 -11.73
C ASP A 13 -0.36 11.14 -10.45
N GLU A 14 -1.05 11.05 -9.32
CA GLU A 14 -0.40 10.83 -8.04
C GLU A 14 0.53 9.62 -8.09
N LEU A 15 0.08 8.56 -8.75
CA LEU A 15 0.87 7.34 -8.88
C LEU A 15 2.14 7.61 -9.68
N GLU A 16 1.98 8.27 -10.82
CA GLU A 16 3.13 8.59 -11.68
C GLU A 16 4.03 9.63 -11.02
N ARG A 17 3.54 10.25 -9.95
CA ARG A 17 4.29 11.27 -9.24
C ARG A 17 5.11 10.64 -8.12
N ILE A 18 4.49 9.75 -7.35
CA ILE A 18 5.16 9.09 -6.25
C ILE A 18 6.48 8.46 -6.70
N ARG A 19 7.54 8.69 -5.94
CA ARG A 19 8.85 8.16 -6.27
C ARG A 19 9.24 7.03 -5.31
N LEU A 20 10.00 6.06 -5.81
CA LEU A 20 10.43 4.93 -4.99
C LEU A 20 11.22 5.41 -3.78
N ARG A 21 11.79 6.60 -3.89
CA ARG A 21 12.57 7.17 -2.80
C ARG A 21 12.30 8.66 -2.65
N PRO A 22 12.62 9.20 -1.46
CA PRO A 22 12.42 10.63 -1.17
C PRO A 22 13.36 11.52 -1.95
N GLY A 23 14.57 11.03 -2.20
CA GLY A 23 15.56 11.80 -2.94
C GLY A 23 15.92 11.16 -4.26
N GLY A 24 15.13 10.17 -4.68
CA GLY A 24 15.39 9.50 -5.93
C GLY A 24 14.59 10.09 -7.08
N LYS A 25 14.74 9.49 -8.26
CA LYS A 25 14.03 9.95 -9.45
C LYS A 25 13.11 8.87 -9.99
N LYS A 26 13.25 7.66 -9.48
CA LYS A 26 12.43 6.53 -9.91
C LYS A 26 10.97 6.74 -9.51
N LYS A 27 10.08 6.71 -10.49
CA LYS A 27 8.66 6.88 -10.25
C LYS A 27 7.90 5.58 -10.48
N TYR A 28 6.84 5.38 -9.70
CA TYR A 28 6.03 4.18 -9.82
C TYR A 28 5.33 4.11 -11.18
N ARG A 29 5.25 2.91 -11.74
CA ARG A 29 4.62 2.71 -13.04
C ARG A 29 4.00 1.32 -13.13
N LEU A 30 3.21 1.10 -14.18
CA LEU A 30 2.55 -0.18 -14.38
C LEU A 30 3.54 -1.32 -14.22
N LYS A 31 4.79 -1.09 -14.62
CA LYS A 31 5.83 -2.10 -14.53
C LYS A 31 5.91 -2.66 -13.11
N HIS A 32 5.84 -1.77 -12.13
CA HIS A 32 5.90 -2.18 -10.72
C HIS A 32 4.65 -2.94 -10.32
N ILE A 33 3.48 -2.62 -10.87
CA ILE A 33 2.25 -3.32 -10.50
C ILE A 33 2.30 -4.78 -10.96
N VAL A 34 2.89 -5.01 -12.13
CA VAL A 34 3.01 -6.35 -12.67
C VAL A 34 3.94 -7.21 -11.82
N TRP A 35 5.02 -6.62 -11.35
CA TRP A 35 5.98 -7.33 -10.51
C TRP A 35 5.38 -7.68 -9.16
N ALA A 36 4.38 -6.90 -8.75
CA ALA A 36 3.72 -7.13 -7.47
C ALA A 36 2.66 -8.23 -7.58
N ALA A 37 1.79 -8.09 -8.57
CA ALA A 37 0.73 -9.07 -8.80
C ALA A 37 1.29 -10.49 -8.89
N ASN A 38 2.46 -10.61 -9.52
CA ASN A 38 3.11 -11.90 -9.67
C ASN A 38 3.29 -12.59 -8.31
N LYS A 39 3.56 -11.80 -7.28
CA LYS A 39 3.75 -12.33 -5.94
C LYS A 39 2.42 -12.82 -5.36
N LEU A 40 1.38 -12.02 -5.53
CA LEU A 40 0.05 -12.38 -5.01
C LEU A 40 -0.35 -13.77 -5.48
N ASP A 41 0.17 -14.18 -6.64
CA ASP A 41 -0.14 -15.49 -7.19
C ASP A 41 0.60 -16.59 -6.44
N ARG A 42 1.92 -16.42 -6.30
CA ARG A 42 2.74 -17.38 -5.60
C ARG A 42 2.15 -17.71 -4.22
N PHE A 43 1.38 -16.78 -3.68
CA PHE A 43 0.77 -16.96 -2.37
C PHE A 43 -0.67 -17.43 -2.51
N GLY A 44 -1.41 -16.81 -3.43
CA GLY A 44 -2.80 -17.18 -3.65
C GLY A 44 -3.70 -15.98 -3.82
N LEU A 45 -3.48 -14.96 -3.00
CA LEU A 45 -4.29 -13.74 -3.07
C LEU A 45 -4.49 -13.30 -4.51
N ALA A 46 -5.71 -12.90 -4.85
CA ALA A 46 -6.03 -12.45 -6.19
C ALA A 46 -5.40 -11.09 -6.48
N GLU A 47 -4.96 -10.90 -7.72
CA GLU A 47 -4.33 -9.64 -8.13
C GLU A 47 -5.38 -8.56 -8.35
N SER A 48 -6.62 -8.99 -8.57
CA SER A 48 -7.72 -8.06 -8.81
C SER A 48 -8.02 -7.23 -7.57
N LEU A 49 -7.43 -7.63 -6.44
CA LEU A 49 -7.62 -6.93 -5.18
C LEU A 49 -6.73 -5.70 -5.09
N LEU A 50 -5.96 -5.45 -6.16
CA LEU A 50 -5.06 -4.30 -6.20
C LEU A 50 -5.82 -3.03 -6.55
N GLU A 51 -7.12 -3.16 -6.74
CA GLU A 51 -7.97 -2.02 -7.08
C GLU A 51 -9.00 -1.76 -5.99
N SER A 52 -8.61 -1.99 -4.74
CA SER A 52 -9.51 -1.78 -3.61
C SER A 52 -8.73 -1.76 -2.30
N LYS A 53 -8.95 -0.71 -1.51
CA LYS A 53 -8.27 -0.56 -0.22
C LYS A 53 -8.40 -1.84 0.61
N GLU A 54 -9.63 -2.31 0.76
CA GLU A 54 -9.89 -3.53 1.53
C GLU A 54 -9.02 -4.68 1.05
N GLY A 55 -9.00 -4.89 -0.26
CA GLY A 55 -8.19 -5.95 -0.83
C GLY A 55 -6.72 -5.81 -0.51
N CYS A 56 -6.22 -4.58 -0.59
CA CYS A 56 -4.82 -4.31 -0.31
C CYS A 56 -4.52 -4.45 1.18
N GLN A 57 -5.53 -4.23 2.00
CA GLN A 57 -5.39 -4.33 3.44
C GLN A 57 -5.05 -5.76 3.86
N LYS A 58 -5.74 -6.72 3.27
CA LYS A 58 -5.51 -8.13 3.58
C LYS A 58 -4.15 -8.58 3.09
N ILE A 59 -3.53 -7.77 2.23
CA ILE A 59 -2.22 -8.09 1.69
C ILE A 59 -1.11 -7.67 2.65
N LEU A 60 -1.29 -6.52 3.28
CA LEU A 60 -0.30 -6.01 4.24
C LEU A 60 -0.13 -6.98 5.41
N THR A 61 -1.24 -7.55 5.87
CA THR A 61 -1.22 -8.49 6.98
C THR A 61 -0.40 -9.72 6.63
N VAL A 62 -0.42 -10.09 5.35
CA VAL A 62 0.32 -11.26 4.89
C VAL A 62 1.80 -10.95 4.70
N LEU A 63 2.08 -9.78 4.13
CA LEU A 63 3.46 -9.35 3.90
C LEU A 63 4.12 -8.92 5.21
N ASP A 64 3.30 -8.56 6.19
CA ASP A 64 3.81 -8.14 7.48
C ASP A 64 4.77 -9.17 8.07
N PRO A 65 4.26 -10.39 8.29
CA PRO A 65 5.05 -11.49 8.85
C PRO A 65 6.09 -12.00 7.86
N MET A 66 5.93 -11.65 6.59
CA MET A 66 6.85 -12.07 5.55
C MET A 66 8.10 -11.21 5.54
N VAL A 67 8.01 -10.03 6.14
CA VAL A 67 9.13 -9.10 6.21
C VAL A 67 10.32 -9.75 6.90
N PRO A 68 10.11 -10.17 8.16
CA PRO A 68 11.17 -10.81 8.97
C PRO A 68 11.51 -12.20 8.45
N THR A 69 10.85 -12.62 7.38
CA THR A 69 11.10 -13.93 6.79
C THR A 69 11.07 -13.86 5.27
N GLY A 70 11.65 -12.81 4.71
CA GLY A 70 11.68 -12.64 3.28
C GLY A 70 12.90 -11.87 2.81
N SER A 71 13.01 -11.68 1.50
CA SER A 71 14.14 -10.96 0.92
C SER A 71 13.68 -9.72 0.19
N GLU A 72 14.59 -9.09 -0.55
CA GLU A 72 14.28 -7.88 -1.30
C GLU A 72 13.10 -8.12 -2.25
N ASN A 73 13.10 -9.29 -2.88
CA ASN A 73 12.04 -9.64 -3.82
C ASN A 73 10.68 -9.67 -3.12
N LEU A 74 10.70 -9.75 -1.79
CA LEU A 74 9.47 -9.78 -1.01
C LEU A 74 9.20 -8.43 -0.37
N LYS A 75 10.15 -7.95 0.43
CA LYS A 75 10.01 -6.66 1.10
C LYS A 75 9.63 -5.57 0.10
N SER A 76 10.14 -5.68 -1.12
CA SER A 76 9.85 -4.70 -2.16
C SER A 76 8.35 -4.54 -2.35
N LEU A 77 7.63 -5.66 -2.31
CA LEU A 77 6.18 -5.65 -2.48
C LEU A 77 5.50 -5.04 -1.26
N PHE A 78 6.04 -5.32 -0.08
CA PHE A 78 5.47 -4.80 1.16
C PHE A 78 5.42 -3.27 1.14
N ASN A 79 6.44 -2.66 0.55
CA ASN A 79 6.51 -1.21 0.46
C ASN A 79 5.61 -0.69 -0.66
N THR A 80 5.57 -1.42 -1.76
CA THR A 80 4.74 -1.04 -2.90
C THR A 80 3.26 -1.06 -2.55
N VAL A 81 2.83 -2.11 -1.85
CA VAL A 81 1.45 -2.24 -1.45
C VAL A 81 0.95 -0.98 -0.76
N CYS A 82 1.71 -0.51 0.23
CA CYS A 82 1.34 0.68 0.96
C CYS A 82 0.93 1.80 0.02
N VAL A 83 1.68 1.96 -1.07
CA VAL A 83 1.40 2.99 -2.06
C VAL A 83 0.03 2.79 -2.67
N ILE A 84 -0.27 1.57 -3.09
CA ILE A 84 -1.56 1.25 -3.70
C ILE A 84 -2.70 1.47 -2.71
N TRP A 85 -2.60 0.85 -1.55
CA TRP A 85 -3.63 0.98 -0.51
C TRP A 85 -3.94 2.44 -0.24
N CYS A 86 -2.88 3.25 -0.13
CA CYS A 86 -3.05 4.68 0.15
C CYS A 86 -3.98 5.32 -0.88
N ILE A 87 -3.66 5.16 -2.15
CA ILE A 87 -4.47 5.73 -3.23
C ILE A 87 -5.94 5.36 -3.05
N HIS A 88 -6.18 4.13 -2.60
CA HIS A 88 -7.54 3.65 -2.38
C HIS A 88 -8.15 4.27 -1.13
N ALA A 89 -7.36 4.61 -0.11
CA ALA A 89 -7.89 5.20 1.10
C ALA A 89 -7.89 6.73 1.02
N GLU A 90 -7.85 7.24 -0.21
CA GLU A 90 -7.85 8.68 -0.42
C GLU A 90 -6.64 9.34 0.25
N GLU A 91 -5.45 8.84 -0.08
CA GLU A 91 -4.22 9.37 0.49
C GLU A 91 -3.20 9.68 -0.60
N LYS A 92 -2.53 10.82 -0.47
CA LYS A 92 -1.53 11.24 -1.44
C LYS A 92 -0.15 11.30 -0.80
N VAL A 93 0.85 10.84 -1.54
CA VAL A 93 2.23 10.85 -1.05
C VAL A 93 3.21 11.22 -2.16
N LYS A 94 4.33 11.82 -1.77
CA LYS A 94 5.35 12.22 -2.73
C LYS A 94 6.31 11.08 -3.02
N ASP A 95 6.54 10.24 -2.01
CA ASP A 95 7.44 9.11 -2.15
C ASP A 95 6.88 7.88 -1.45
N THR A 96 7.66 6.81 -1.42
CA THR A 96 7.23 5.56 -0.78
C THR A 96 7.34 5.65 0.74
N GLU A 97 8.45 6.25 1.20
CA GLU A 97 8.67 6.39 2.63
C GLU A 97 7.49 7.10 3.30
N GLY A 98 6.88 8.04 2.59
CA GLY A 98 5.75 8.76 3.12
C GLY A 98 4.52 7.89 3.28
N ALA A 99 4.24 7.08 2.27
CA ALA A 99 3.09 6.19 2.29
C ALA A 99 3.21 5.16 3.41
N LYS A 100 4.41 4.61 3.56
CA LYS A 100 4.67 3.61 4.58
C LYS A 100 4.43 4.18 5.97
N GLN A 101 4.67 5.48 6.13
CA GLN A 101 4.48 6.15 7.41
C GLN A 101 3.00 6.32 7.72
N ILE A 102 2.24 6.71 6.72
CA ILE A 102 0.80 6.92 6.88
C ILE A 102 0.11 5.61 7.26
N VAL A 103 0.37 4.56 6.49
CA VAL A 103 -0.24 3.25 6.75
C VAL A 103 0.12 2.75 8.15
N ARG A 104 1.41 2.82 8.49
CA ARG A 104 1.87 2.38 9.80
C ARG A 104 1.07 3.04 10.92
N ARG A 105 1.02 4.37 10.89
CA ARG A 105 0.29 5.12 11.90
C ARG A 105 -1.18 4.69 11.95
N HIS A 106 -1.72 4.31 10.80
CA HIS A 106 -3.11 3.87 10.71
C HIS A 106 -3.28 2.50 11.35
N LEU A 107 -2.27 1.64 11.36
CA LEU A 107 -2.40 0.32 11.97
C LEU A 107 -2.26 0.40 13.48
N VAL A 108 -1.26 1.15 13.94
CA VAL A 108 -1.01 1.31 15.37
C VAL A 108 -2.25 1.84 16.08
N ALA A 109 -3.02 2.68 15.39
CA ALA A 109 -4.23 3.25 15.96
C ALA A 109 -5.29 2.17 16.19
N GLU A 110 -5.22 1.11 15.40
CA GLU A 110 -6.18 0.01 15.53
C GLU A 110 -5.62 -1.09 16.42
N THR A 111 -4.30 -1.22 16.44
CA THR A 111 -3.65 -2.24 17.25
C THR A 111 -3.20 -1.68 18.59
N GLY A 112 -3.92 -0.65 19.06
CA GLY A 112 -3.58 -0.04 20.33
C GLY A 112 -4.79 0.14 21.23
N THR A 113 -5.78 -0.74 21.06
CA THR A 113 -6.99 -0.68 21.86
C THR A 113 -7.44 -2.07 22.27
N ALA A 114 -6.49 -2.99 22.36
CA ALA A 114 -6.80 -4.37 22.75
C ALA A 114 -5.57 -5.07 23.30
N GLU A 115 -5.01 -4.51 24.38
CA GLU A 115 -3.83 -5.09 25.01
C GLU A 115 -4.15 -5.57 26.43
N LYS A 116 -5.39 -5.98 26.64
CA LYS A 116 -5.82 -6.47 27.95
C LYS A 116 -5.80 -7.99 28.00
N MET A 117 -4.93 -8.58 27.18
CA MET A 117 -4.82 -10.04 27.13
C MET A 117 -6.13 -10.68 26.69
N PRO A 118 -6.39 -10.64 25.38
CA PRO A 118 -7.61 -11.22 24.80
C PRO A 118 -7.62 -12.74 24.86
N SER A 119 -6.44 -13.34 24.82
CA SER A 119 -6.31 -14.79 24.87
C SER A 119 -7.06 -15.44 23.72
N THR A 120 -6.53 -15.27 22.50
CA THR A 120 -7.16 -15.83 21.31
C THR A 120 -6.12 -16.09 20.22
N SER A 121 -5.21 -15.15 20.04
CA SER A 121 -4.16 -15.28 19.04
C SER A 121 -2.87 -15.82 19.66
N ARG A 122 -2.08 -16.52 18.85
CA ARG A 122 -0.83 -17.09 19.32
C ARG A 122 0.36 -16.25 18.86
N PRO A 123 1.46 -16.31 19.61
CA PRO A 123 2.68 -15.56 19.31
C PRO A 123 3.38 -16.07 18.07
N THR A 124 3.55 -15.20 17.07
CA THR A 124 4.20 -15.57 15.82
C THR A 124 5.69 -15.29 15.89
N ALA A 125 6.26 -15.37 17.10
CA ALA A 125 7.69 -15.13 17.29
C ALA A 125 8.52 -16.05 16.41
N PRO A 126 9.72 -15.60 16.04
CA PRO A 126 10.65 -16.37 15.20
C PRO A 126 11.22 -17.57 15.93
N SER A 127 12.10 -18.31 15.25
CA SER A 127 12.71 -19.50 15.83
C SER A 127 14.19 -19.24 16.15
N SER A 128 14.93 -18.76 15.17
CA SER A 128 16.35 -18.47 15.33
C SER A 128 16.57 -16.98 15.55
N GLU A 129 17.65 -16.64 16.26
CA GLU A 129 17.98 -15.25 16.54
C GLU A 129 19.47 -15.10 16.83
N LYS A 130 20.27 -14.92 15.78
CA LYS A 130 21.71 -14.76 15.93
C LYS A 130 22.12 -13.33 15.62
N GLY A 131 22.75 -12.67 16.60
CA GLY A 131 23.19 -11.30 16.41
C GLY A 131 24.62 -11.09 16.86
N GLY A 132 25.10 -9.86 16.71
CA GLY A 132 26.47 -9.55 17.11
C GLY A 132 26.94 -8.22 16.57
N ASN A 133 28.26 -8.05 16.48
CA ASN A 133 28.84 -6.80 15.99
C ASN A 133 29.41 -7.00 14.58
N TYR A 134 28.53 -7.15 13.60
CA TYR A 134 28.95 -7.34 12.22
C TYR A 134 28.06 -6.55 11.27
C1 MYR B . -6.66 -4.47 -18.09
O2 MYR B . -6.59 -5.42 -18.86
C2 MYR B . -7.16 -4.73 -16.66
C3 MYR B . -6.14 -5.43 -15.74
C4 MYR B . -4.94 -4.53 -15.41
C5 MYR B . -3.68 -5.34 -15.04
C6 MYR B . -2.79 -4.60 -14.03
C7 MYR B . -3.30 -4.72 -12.59
C8 MYR B . -4.10 -3.48 -12.14
C9 MYR B . -3.41 -2.73 -10.99
C10 MYR B . -4.42 -1.96 -10.11
C11 MYR B . -4.27 -0.42 -10.19
C12 MYR B . -3.23 0.17 -9.22
C13 MYR B . -2.71 1.55 -9.69
C14 MYR B . -1.25 1.78 -9.26
H21 MYR B . -8.07 -5.35 -16.74
H22 MYR B . -7.51 -3.78 -16.21
H31 MYR B . -5.78 -6.37 -16.21
H32 MYR B . -6.64 -5.75 -14.80
H41 MYR B . -5.20 -3.86 -14.57
H42 MYR B . -4.72 -3.87 -16.27
H51 MYR B . -3.11 -5.57 -15.95
H52 MYR B . -3.97 -6.32 -14.62
H61 MYR B . -2.71 -3.53 -14.31
H62 MYR B . -1.74 -4.99 -14.09
H71 MYR B . -2.44 -4.89 -11.90
H72 MYR B . -3.93 -5.62 -12.49
H81 MYR B . -5.11 -3.78 -11.84
H82 MYR B . -4.23 -2.79 -13.00
H91 MYR B . -2.65 -2.04 -11.39
H92 MYR B . -2.84 -3.45 -10.35
H101 MYR B . -4.28 -2.26 -9.05
H102 MYR B . -5.45 -2.25 -10.37
H111 MYR B . -5.25 0.06 -10.03
H112 MYR B . -3.99 -0.16 -11.23
H121 MYR B . -2.38 -0.52 -9.11
H122 MYR B . -3.67 0.26 -8.21
H131 MYR B . -3.35 2.35 -9.28
H132 MYR B . -2.79 1.63 -10.79
H141 MYR B . -1.19 2.48 -8.41
H142 MYR B . -0.76 0.85 -8.97
H143 MYR B . -0.66 2.22 -10.09
P1 PBU C . 14.38 -2.30 -8.66
P4 PBU C . 13.48 1.65 -1.75
P5 PBU C . 14.20 -2.14 -0.53
C3' PBU C . 13.75 -4.74 -8.53
C2' PBU C . 12.26 -4.84 -8.94
O2' PBU C . 11.49 -5.12 -7.78
C1' PBU C . 12.02 -5.97 -9.98
O1' PBU C . 13.08 -5.95 -10.92
C1 PBU C . 14.40 -1.50 -5.84
O1 PBU C . 14.65 -2.45 -7.02
C2 PBU C . 15.21 -0.16 -5.86
O2 PBU C . 16.62 -0.36 -5.95
C3 PBU C . 14.90 0.69 -4.61
O3 PBU C . 15.67 1.89 -4.70
C4 PBU C . 15.21 -0.11 -3.29
O4 PBU C . 14.84 0.75 -2.09
C5 PBU C . 14.37 -1.45 -3.31
O5 PBU C . 14.69 -2.22 -2.11
C6 PBU C . 14.64 -2.32 -4.55
O6 PBU C . 13.79 -3.47 -4.62
C7 PBU C . 11.07 -4.02 -7.00
O7 PBU C . 11.53 -3.84 -5.90
C8 PBU C . 10.03 -3.04 -7.58
C9 PBU C . 9.03 -2.62 -6.47
C10 PBU C . 9.19 -1.11 -6.19
C11 PBU C . 12.88 -5.53 -12.25
O11 PBU C . 12.55 -6.27 -13.17
C12 PBU C . 13.18 -4.03 -12.52
C13 PBU C . 14.65 -3.76 -12.88
C14 PBU C . 14.85 -2.29 -13.33
O41 PBU C . 13.60 2.67 -2.89
O42 PBU C . 12.32 0.69 -1.88
O43 PBU C . 13.57 2.21 -0.35
O51 PBU C . 14.39 -3.58 -0.11
O52 PBU C . 15.13 -1.11 0.08
O53 PBU C . 12.75 -1.71 -0.64
OP1 PBU C . 14.41 -3.69 -9.23
OP2 PBU C . 13.00 -1.64 -8.72
OP3 PBU C . 15.56 -1.50 -9.16
H3'1 PBU C . 14.23 -5.65 -8.76
H3'2 PBU C . 13.78 -4.55 -7.50
H2' PBU C . 11.96 -3.95 -9.40
H1'1 PBU C . 12.05 -6.91 -9.50
H1'2 PBU C . 11.08 -5.87 -10.43
H1 PBU C . 13.37 -1.15 -5.88
H2 PBU C . 14.88 0.38 -6.75
H02 PBU C . 17.00 -0.92 -5.33
H3 PBU C . 13.84 0.95 -4.59
H03 PBU C . 16.61 1.70 -4.63
H4 PBU C . 16.24 -0.38 -3.18
H5 PBU C . 13.32 -1.13 -3.30
H6 PBU C . 15.68 -2.66 -4.50
H06 PBU C . 14.09 -4.16 -4.05
H81 PBU C . 9.50 -3.50 -8.35
H82 PBU C . 10.53 -2.18 -7.93
H91 PBU C . 9.24 -3.16 -5.60
H92 PBU C . 8.06 -2.80 -6.79
H11 PBU C . 9.01 -0.57 -7.08
H12 PBU C . 10.17 -0.90 -5.87
H13 PBU C . 8.50 -0.82 -5.46
H121 PBU C . 12.58 -3.72 -13.32
H122 PBU C . 12.95 -3.49 -11.65
H131 PBU C . 15.25 -3.94 -12.03
H132 PBU C . 14.94 -4.40 -13.67
H141 PBU C . 15.88 -2.13 -13.50
H142 PBU C . 14.52 -1.66 -12.56
H143 PBU C . 14.32 -2.10 -14.20
N GLY A 1 -5.11 -9.24 -17.47
CA GLY A 1 -6.36 -9.94 -17.27
C GLY A 1 -7.18 -10.01 -18.55
N ALA A 2 -8.38 -9.42 -18.52
CA ALA A 2 -9.25 -9.42 -19.69
C ALA A 2 -9.18 -8.10 -20.43
N ARG A 3 -9.29 -6.99 -19.70
CA ARG A 3 -9.24 -5.67 -20.29
C ARG A 3 -7.80 -5.29 -20.64
N ASN A 4 -7.65 -4.34 -21.57
CA ASN A 4 -6.34 -3.89 -21.99
C ASN A 4 -5.70 -3.00 -20.93
N SER A 5 -6.44 -1.99 -20.49
CA SER A 5 -5.94 -1.07 -19.47
C SER A 5 -6.68 -1.27 -18.15
N VAL A 6 -5.94 -1.21 -17.05
CA VAL A 6 -6.52 -1.38 -15.72
C VAL A 6 -6.51 -0.08 -14.94
N LEU A 7 -5.36 0.59 -14.92
CA LEU A 7 -5.22 1.85 -14.22
C LEU A 7 -6.25 2.87 -14.69
N ARG A 8 -6.67 3.75 -13.79
CA ARG A 8 -7.65 4.77 -14.13
C ARG A 8 -7.01 5.89 -14.95
N GLY A 9 -7.76 6.98 -15.15
CA GLY A 9 -7.25 8.10 -15.91
C GLY A 9 -6.72 9.21 -15.02
N LYS A 10 -7.54 9.66 -14.09
CA LYS A 10 -7.15 10.73 -13.17
C LYS A 10 -6.39 10.17 -11.98
N LYS A 11 -6.75 8.96 -11.57
CA LYS A 11 -6.09 8.30 -10.45
C LYS A 11 -4.68 7.85 -10.82
N ALA A 12 -4.56 7.21 -11.98
CA ALA A 12 -3.27 6.73 -12.46
C ALA A 12 -2.22 7.85 -12.42
N ASP A 13 -2.65 9.07 -12.75
CA ASP A 13 -1.75 10.21 -12.76
C ASP A 13 -1.02 10.33 -11.42
N GLU A 14 -1.79 10.34 -10.34
CA GLU A 14 -1.22 10.45 -9.00
C GLU A 14 -0.30 9.27 -8.70
N LEU A 15 -0.74 8.08 -9.07
CA LEU A 15 0.03 6.86 -8.83
C LEU A 15 1.40 6.95 -9.52
N GLU A 16 1.41 7.43 -10.75
CA GLU A 16 2.64 7.58 -11.51
C GLU A 16 3.44 8.79 -11.02
N ARG A 17 2.84 9.57 -10.13
CA ARG A 17 3.50 10.76 -9.59
C ARG A 17 4.30 10.41 -8.34
N ILE A 18 3.79 9.47 -7.55
CA ILE A 18 4.47 9.06 -6.32
C ILE A 18 5.92 8.67 -6.60
N ARG A 19 6.80 9.05 -5.69
CA ARG A 19 8.22 8.74 -5.83
C ARG A 19 8.58 7.47 -5.08
N LEU A 20 9.53 6.70 -5.61
CA LEU A 20 9.96 5.46 -4.99
C LEU A 20 10.91 5.74 -3.82
N ARG A 21 11.67 6.82 -3.94
CA ARG A 21 12.61 7.19 -2.89
C ARG A 21 12.49 8.68 -2.54
N PRO A 22 13.03 9.06 -1.38
CA PRO A 22 12.99 10.45 -0.91
C PRO A 22 13.88 11.37 -1.74
N GLY A 23 14.98 10.82 -2.24
CA GLY A 23 15.90 11.60 -3.04
C GLY A 23 16.43 10.83 -4.24
N GLY A 24 15.79 9.71 -4.56
CA GLY A 24 16.21 8.90 -5.68
C GLY A 24 15.70 9.43 -7.01
N LYS A 25 15.64 8.56 -8.00
CA LYS A 25 15.15 8.94 -9.33
C LYS A 25 14.32 7.82 -9.95
N LYS A 26 13.31 7.37 -9.21
CA LYS A 26 12.44 6.30 -9.69
C LYS A 26 11.00 6.54 -9.26
N LYS A 27 10.08 6.55 -10.22
CA LYS A 27 8.67 6.77 -9.92
C LYS A 27 7.86 5.50 -10.21
N TYR A 28 6.78 5.32 -9.46
CA TYR A 28 5.93 4.15 -9.63
C TYR A 28 5.34 4.10 -11.04
N ARG A 29 5.37 2.92 -11.64
CA ARG A 29 4.85 2.73 -12.99
C ARG A 29 4.29 1.33 -13.17
N LEU A 30 3.58 1.11 -14.26
CA LEU A 30 2.99 -0.19 -14.55
C LEU A 30 3.98 -1.32 -14.27
N LYS A 31 5.25 -1.06 -14.58
CA LYS A 31 6.30 -2.05 -14.36
C LYS A 31 6.26 -2.58 -12.93
N HIS A 32 6.12 -1.67 -11.97
CA HIS A 32 6.06 -2.04 -10.56
C HIS A 32 4.75 -2.76 -10.24
N ILE A 33 3.61 -2.30 -10.73
CA ILE A 33 2.34 -2.95 -10.46
C ILE A 33 2.34 -4.39 -10.96
N VAL A 34 2.86 -4.59 -12.17
CA VAL A 34 2.93 -5.92 -12.76
C VAL A 34 3.85 -6.84 -11.96
N TRP A 35 5.00 -6.31 -11.56
CA TRP A 35 5.97 -7.08 -10.78
C TRP A 35 5.38 -7.48 -9.42
N ALA A 36 4.39 -6.72 -8.97
CA ALA A 36 3.75 -6.99 -7.69
C ALA A 36 2.66 -8.05 -7.84
N ALA A 37 1.80 -7.88 -8.84
CA ALA A 37 0.71 -8.82 -9.09
C ALA A 37 1.25 -10.23 -9.31
N ASN A 38 2.34 -10.33 -10.08
CA ASN A 38 2.95 -11.62 -10.36
C ASN A 38 3.20 -12.41 -9.08
N LYS A 39 3.53 -11.70 -8.02
CA LYS A 39 3.80 -12.33 -6.73
C LYS A 39 2.51 -12.81 -6.09
N LEU A 40 1.52 -11.93 -6.02
CA LEU A 40 0.23 -12.27 -5.42
C LEU A 40 -0.35 -13.52 -6.07
N ASP A 41 -0.30 -13.57 -7.40
CA ASP A 41 -0.82 -14.71 -8.14
C ASP A 41 -0.23 -16.02 -7.62
N ARG A 42 1.10 -16.08 -7.57
CA ARG A 42 1.80 -17.28 -7.11
C ARG A 42 1.61 -17.44 -5.59
N PHE A 43 1.13 -16.39 -4.94
CA PHE A 43 0.90 -16.42 -3.50
C PHE A 43 -0.54 -16.78 -3.18
N GLY A 44 -1.22 -17.41 -4.14
CA GLY A 44 -2.60 -17.79 -3.94
C GLY A 44 -3.51 -16.59 -3.72
N LEU A 45 -3.01 -15.41 -4.07
CA LEU A 45 -3.79 -14.18 -3.90
C LEU A 45 -4.25 -13.65 -5.26
N ALA A 46 -5.33 -12.88 -5.24
CA ALA A 46 -5.88 -12.31 -6.46
C ALA A 46 -5.23 -10.97 -6.78
N GLU A 47 -5.35 -10.55 -8.04
CA GLU A 47 -4.76 -9.28 -8.47
C GLU A 47 -5.77 -8.14 -8.31
N SER A 48 -7.05 -8.48 -8.33
CA SER A 48 -8.11 -7.49 -8.20
C SER A 48 -8.09 -6.84 -6.83
N LEU A 49 -7.33 -7.43 -5.92
CA LEU A 49 -7.22 -6.91 -4.56
C LEU A 49 -6.30 -5.70 -4.52
N LEU A 50 -5.59 -5.46 -5.63
CA LEU A 50 -4.68 -4.33 -5.72
C LEU A 50 -5.42 -3.05 -6.10
N GLU A 51 -6.70 -3.19 -6.43
CA GLU A 51 -7.53 -2.05 -6.81
C GLU A 51 -8.66 -1.84 -5.81
N SER A 52 -8.42 -2.23 -4.57
CA SER A 52 -9.43 -2.09 -3.51
C SER A 52 -8.76 -1.84 -2.16
N LYS A 53 -9.30 -0.87 -1.43
CA LYS A 53 -8.76 -0.53 -0.11
C LYS A 53 -8.93 -1.69 0.86
N GLU A 54 -10.18 -2.12 1.06
CA GLU A 54 -10.48 -3.21 1.98
C GLU A 54 -9.64 -4.44 1.63
N GLY A 55 -9.49 -4.71 0.34
CA GLY A 55 -8.72 -5.86 -0.11
C GLY A 55 -7.24 -5.69 0.16
N CYS A 56 -6.71 -4.52 -0.20
CA CYS A 56 -5.29 -4.23 -0.01
C CYS A 56 -4.90 -4.42 1.45
N GLN A 57 -5.80 -4.04 2.35
CA GLN A 57 -5.54 -4.16 3.78
C GLN A 57 -5.33 -5.62 4.18
N LYS A 58 -6.13 -6.50 3.59
CA LYS A 58 -6.05 -7.93 3.88
C LYS A 58 -4.77 -8.53 3.30
N ILE A 59 -4.13 -7.78 2.40
CA ILE A 59 -2.90 -8.23 1.77
C ILE A 59 -1.68 -7.86 2.61
N LEU A 60 -1.63 -6.61 3.05
CA LEU A 60 -0.52 -6.13 3.86
C LEU A 60 -0.34 -6.99 5.11
N THR A 61 -1.45 -7.56 5.58
CA THR A 61 -1.41 -8.41 6.77
C THR A 61 -0.71 -9.74 6.47
N VAL A 62 -0.78 -10.18 5.23
CA VAL A 62 -0.15 -11.43 4.82
C VAL A 62 1.34 -11.24 4.58
N LEU A 63 1.70 -10.11 3.96
CA LEU A 63 3.09 -9.82 3.68
C LEU A 63 3.73 -9.03 4.83
N ASP A 64 2.94 -8.78 5.86
CA ASP A 64 3.42 -8.04 7.03
C ASP A 64 4.54 -8.81 7.74
N PRO A 65 4.21 -10.03 8.20
CA PRO A 65 5.16 -10.89 8.90
C PRO A 65 6.24 -11.42 7.98
N MET A 66 6.09 -11.17 6.69
CA MET A 66 7.06 -11.64 5.69
C MET A 66 8.28 -10.72 5.65
N VAL A 67 8.14 -9.52 6.24
CA VAL A 67 9.22 -8.56 6.28
C VAL A 67 10.42 -9.10 7.05
N PRO A 68 10.19 -9.46 8.33
CA PRO A 68 11.23 -10.00 9.20
C PRO A 68 11.66 -11.41 8.78
N THR A 69 11.05 -11.92 7.73
CA THR A 69 11.36 -13.26 7.24
C THR A 69 11.46 -13.27 5.72
N GLY A 70 11.97 -12.18 5.14
CA GLY A 70 12.11 -12.09 3.71
C GLY A 70 13.31 -11.26 3.29
N SER A 71 13.55 -11.20 1.98
CA SER A 71 14.69 -10.45 1.45
C SER A 71 14.21 -9.21 0.70
N GLU A 72 15.14 -8.54 0.02
CA GLU A 72 14.81 -7.35 -0.74
C GLU A 72 13.74 -7.65 -1.80
N ASN A 73 13.80 -8.85 -2.37
CA ASN A 73 12.83 -9.25 -3.38
C ASN A 73 11.44 -9.38 -2.79
N LEU A 74 11.37 -9.76 -1.51
CA LEU A 74 10.10 -9.93 -0.82
C LEU A 74 9.60 -8.59 -0.28
N LYS A 75 10.44 -7.92 0.50
CA LYS A 75 10.08 -6.63 1.08
C LYS A 75 9.55 -5.68 0.00
N SER A 76 10.10 -5.79 -1.20
CA SER A 76 9.70 -4.95 -2.31
C SER A 76 8.20 -5.08 -2.58
N LEU A 77 7.69 -6.30 -2.44
CA LEU A 77 6.27 -6.57 -2.66
C LEU A 77 5.43 -6.03 -1.51
N PHE A 78 6.04 -5.94 -0.32
CA PHE A 78 5.34 -5.44 0.85
C PHE A 78 5.26 -3.91 0.82
N ASN A 79 6.37 -3.28 0.45
CA ASN A 79 6.43 -1.82 0.38
C ASN A 79 5.51 -1.29 -0.71
N THR A 80 5.34 -2.08 -1.76
CA THR A 80 4.49 -1.68 -2.89
C THR A 80 3.03 -1.72 -2.50
N VAL A 81 2.61 -2.81 -1.87
CA VAL A 81 1.22 -2.96 -1.43
C VAL A 81 0.81 -1.85 -0.47
N CYS A 82 1.82 -1.21 0.13
CA CYS A 82 1.56 -0.12 1.08
C CYS A 82 1.15 1.16 0.34
N VAL A 83 1.88 1.48 -0.73
CA VAL A 83 1.60 2.67 -1.51
C VAL A 83 0.24 2.57 -2.19
N ILE A 84 -0.09 1.38 -2.66
CA ILE A 84 -1.37 1.14 -3.33
C ILE A 84 -2.54 1.48 -2.42
N TRP A 85 -2.34 1.27 -1.12
CA TRP A 85 -3.39 1.54 -0.13
C TRP A 85 -3.61 3.05 0.01
N CYS A 86 -2.53 3.81 -0.06
CA CYS A 86 -2.61 5.26 0.06
C CYS A 86 -3.37 5.87 -1.11
N ILE A 87 -3.53 5.08 -2.17
CA ILE A 87 -4.24 5.55 -3.36
C ILE A 87 -5.75 5.42 -3.19
N HIS A 88 -6.18 4.36 -2.52
CA HIS A 88 -7.60 4.12 -2.28
C HIS A 88 -8.06 4.82 -1.00
N ALA A 89 -7.15 5.18 -0.09
CA ALA A 89 -7.54 5.84 1.15
C ALA A 89 -7.54 7.37 0.98
N GLU A 90 -7.44 7.81 -0.27
CA GLU A 90 -7.43 9.24 -0.56
C GLU A 90 -6.22 9.92 0.06
N GLU A 91 -5.23 9.11 0.46
CA GLU A 91 -4.02 9.64 1.07
C GLU A 91 -3.02 10.10 0.02
N LYS A 92 -2.40 11.24 0.26
CA LYS A 92 -1.42 11.79 -0.67
C LYS A 92 0.00 11.63 -0.13
N VAL A 93 0.86 10.99 -0.94
CA VAL A 93 2.25 10.78 -0.54
C VAL A 93 3.20 11.19 -1.64
N LYS A 94 4.23 11.96 -1.27
CA LYS A 94 5.22 12.43 -2.23
C LYS A 94 6.16 11.30 -2.64
N ASP A 95 6.58 10.51 -1.66
CA ASP A 95 7.49 9.40 -1.92
C ASP A 95 6.98 8.13 -1.23
N THR A 96 7.79 7.07 -1.29
CA THR A 96 7.44 5.80 -0.67
C THR A 96 7.72 5.81 0.83
N GLU A 97 8.85 6.40 1.19
CA GLU A 97 9.24 6.48 2.60
C GLU A 97 8.12 7.05 3.44
N GLY A 98 7.33 7.95 2.86
CA GLY A 98 6.23 8.56 3.57
C GLY A 98 5.01 7.66 3.63
N ALA A 99 4.76 6.93 2.54
CA ALA A 99 3.62 6.03 2.47
C ALA A 99 3.74 4.91 3.49
N LYS A 100 4.95 4.34 3.59
CA LYS A 100 5.19 3.24 4.53
C LYS A 100 4.93 3.69 5.96
N GLN A 101 5.04 4.99 6.21
CA GLN A 101 4.81 5.54 7.53
C GLN A 101 3.32 5.68 7.81
N ILE A 102 2.58 6.15 6.83
CA ILE A 102 1.14 6.33 6.96
C ILE A 102 0.42 4.99 7.11
N VAL A 103 0.77 4.04 6.24
CA VAL A 103 0.17 2.72 6.28
C VAL A 103 0.51 2.00 7.58
N ARG A 104 1.80 1.92 7.89
CA ARG A 104 2.26 1.26 9.11
C ARG A 104 1.55 1.82 10.33
N ARG A 105 1.59 3.15 10.47
CA ARG A 105 0.95 3.81 11.60
C ARG A 105 -0.51 3.41 11.71
N HIS A 106 -1.23 3.49 10.59
CA HIS A 106 -2.64 3.15 10.56
C HIS A 106 -2.86 1.70 11.03
N LEU A 107 -1.92 0.79 10.80
CA LEU A 107 -2.08 -0.59 11.22
C LEU A 107 -1.65 -0.77 12.67
N VAL A 108 -0.61 -0.04 13.07
CA VAL A 108 -0.11 -0.12 14.44
C VAL A 108 -1.10 0.48 15.43
N ALA A 109 -1.87 1.47 14.96
CA ALA A 109 -2.86 2.12 15.80
C ALA A 109 -3.99 1.18 16.16
N GLU A 110 -4.33 0.28 15.25
CA GLU A 110 -5.40 -0.69 15.47
C GLU A 110 -4.99 -1.70 16.54
N THR A 111 -3.69 -1.99 16.61
CA THR A 111 -3.19 -2.95 17.59
C THR A 111 -2.87 -2.26 18.91
N GLY A 112 -2.59 -0.97 18.85
CA GLY A 112 -2.28 -0.21 20.05
C GLY A 112 -3.45 -0.15 21.02
N THR A 113 -4.66 -0.05 20.46
CA THR A 113 -5.86 0.03 21.27
C THR A 113 -5.92 -1.11 22.28
N ALA A 114 -5.33 -2.24 21.92
CA ALA A 114 -5.31 -3.41 22.80
C ALA A 114 -3.89 -3.77 23.21
N GLU A 115 -3.08 -2.75 23.47
CA GLU A 115 -1.70 -2.95 23.87
C GLU A 115 -1.28 -1.93 24.93
N LYS A 116 -1.33 -0.66 24.57
CA LYS A 116 -0.95 0.41 25.49
C LYS A 116 -2.12 1.38 25.69
N MET A 117 -3.33 0.84 25.71
CA MET A 117 -4.53 1.65 25.91
C MET A 117 -4.72 2.61 24.74
N PRO A 118 -5.99 2.99 24.48
CA PRO A 118 -6.33 3.91 23.40
C PRO A 118 -5.86 5.34 23.68
N SER A 119 -4.74 5.71 23.08
CA SER A 119 -4.18 7.04 23.26
C SER A 119 -3.96 7.73 21.92
N THR A 120 -3.57 9.01 21.96
CA THR A 120 -3.33 9.77 20.75
C THR A 120 -1.84 9.85 20.44
N SER A 121 -1.52 10.23 19.20
CA SER A 121 -0.13 10.34 18.79
C SER A 121 0.46 11.70 19.17
N ARG A 122 1.70 11.95 18.75
CA ARG A 122 2.37 13.20 19.06
C ARG A 122 1.52 14.39 18.62
N PRO A 123 1.64 15.50 19.36
CA PRO A 123 0.89 16.74 19.07
C PRO A 123 1.36 17.41 17.79
N THR A 124 0.42 17.79 16.94
CA THR A 124 0.74 18.45 15.68
C THR A 124 -0.06 19.74 15.51
N ALA A 125 0.50 20.69 14.78
CA ALA A 125 -0.16 21.97 14.53
C ALA A 125 -0.35 22.20 13.04
N PRO A 126 -1.32 23.08 12.69
CA PRO A 126 -1.63 23.40 11.30
C PRO A 126 -0.53 24.24 10.65
N SER A 127 0.26 23.59 9.79
CA SER A 127 1.35 24.28 9.11
C SER A 127 1.20 24.16 7.59
N SER A 128 1.20 25.31 6.92
CA SER A 128 1.06 25.34 5.47
C SER A 128 2.16 24.53 4.80
N GLU A 129 1.94 24.17 3.54
CA GLU A 129 2.92 23.39 2.78
C GLU A 129 4.04 24.29 2.27
N LYS A 130 5.05 23.67 1.67
CA LYS A 130 6.19 24.41 1.13
C LYS A 130 6.87 25.23 2.23
N GLY A 131 7.17 24.58 3.35
CA GLY A 131 7.81 25.27 4.45
C GLY A 131 8.30 24.31 5.52
N GLY A 132 7.37 23.68 6.23
CA GLY A 132 7.74 22.75 7.28
C GLY A 132 8.16 21.40 6.73
N ASN A 133 9.44 21.29 6.37
CA ASN A 133 9.97 20.04 5.82
C ASN A 133 10.99 19.43 6.77
N TYR A 134 10.52 18.56 7.66
CA TYR A 134 11.40 17.90 8.63
C TYR A 134 11.88 16.56 8.09
C1 MYR B . -4.00 -9.66 -16.86
O2 MYR B . -3.97 -10.64 -16.11
C2 MYR B . -2.69 -8.89 -17.09
C3 MYR B . -1.89 -8.59 -15.80
C4 MYR B . -2.77 -7.98 -14.70
C5 MYR B . -2.05 -7.94 -13.34
C6 MYR B . -2.87 -7.20 -12.26
C7 MYR B . -2.90 -5.68 -12.49
C8 MYR B . -3.95 -4.98 -11.61
C9 MYR B . -3.71 -3.46 -11.52
C10 MYR B . -4.12 -2.89 -10.15
C11 MYR B . -4.54 -1.41 -10.18
C12 MYR B . -3.37 -0.40 -10.24
C13 MYR B . -3.68 0.91 -9.52
C14 MYR B . -2.42 1.54 -8.92
H21 MYR B . -2.97 -7.93 -17.58
H22 MYR B . -2.08 -9.42 -17.83
H31 MYR B . -1.05 -7.92 -16.03
H32 MYR B . -1.43 -9.53 -15.44
H41 MYR B . -3.71 -8.55 -14.60
H42 MYR B . -3.07 -6.95 -14.98
H51 MYR B . -1.06 -7.46 -13.44
H52 MYR B . -1.83 -8.97 -13.00
H61 MYR B . -2.46 -7.42 -11.26
H62 MYR B . -3.90 -7.60 -12.25
H71 MYR B . -3.10 -5.47 -13.56
H72 MYR B . -1.90 -5.25 -12.29
H81 MYR B . -3.94 -5.42 -10.60
H82 MYR B . -4.97 -5.17 -12.02
H91 MYR B . -4.27 -2.95 -12.32
H92 MYR B . -2.64 -3.23 -11.71
H101 MYR B . -3.27 -2.99 -9.45
H102 MYR B . -4.93 -3.50 -9.70
H111 MYR B . -5.19 -1.18 -9.31
H112 MYR B . -5.20 -1.24 -11.06
H121 MYR B . -3.11 -0.20 -11.30
H122 MYR B . -2.46 -0.87 -9.80
H131 MYR B . -4.42 0.73 -8.71
H132 MYR B . -4.17 1.62 -10.21
H141 MYR B . -1.50 1.19 -9.42
H142 MYR B . -2.43 2.65 -9.01
H143 MYR B . -2.32 1.31 -7.85
P1 PBU C . 14.34 -1.56 -8.29
P4 PBU C . 13.59 0.78 -0.44
P5 PBU C . 14.21 -2.72 -2.01
C3' PBU C . 12.81 -2.72 -9.90
C2' PBU C . 11.93 -3.88 -9.38
O2' PBU C . 11.99 -3.89 -7.95
C1' PBU C . 12.42 -5.25 -9.91
O1' PBU C . 13.83 -5.22 -10.07
C1 PBU C . 12.72 -0.58 -6.05
O1 PBU C . 12.97 -1.36 -7.35
C2 PBU C . 13.56 0.72 -5.86
O2 PBU C . 14.97 0.48 -5.95
C3 PBU C . 13.25 1.38 -4.51
O3 PBU C . 14.06 2.56 -4.40
C4 PBU C . 13.48 0.38 -3.31
O4 PBU C . 13.11 1.06 -2.00
C5 PBU C . 12.60 -0.91 -3.54
O5 PBU C . 12.87 -1.85 -2.46
C6 PBU C . 12.89 -1.60 -4.90
O6 PBU C . 12.01 -2.69 -5.15
C7 PBU C . 10.78 -4.16 -7.26
O7 PBU C . 10.67 -5.16 -6.60
C8 PBU C . 9.62 -3.15 -7.33
C9 PBU C . 9.01 -2.94 -5.94
C10 PBU C . 8.45 -1.50 -5.84
C11 PBU C . 14.56 -6.33 -10.52
O11 PBU C . 14.16 -7.48 -10.49
C12 PBU C . 16.00 -6.02 -11.02
C13 PBU C . 16.08 -5.85 -12.55
C14 PBU C . 16.58 -7.14 -13.23
O41 PBU C . 13.19 2.11 0.18
O42 PBU C . 12.79 -0.41 0.02
O43 PBU C . 15.09 0.46 -0.41
O51 PBU C . 13.74 -3.25 -0.67
O52 PBU C . 14.39 -3.70 -3.15
O53 PBU C . 15.28 -1.66 -1.91
OP1 PBU C . 14.05 -2.67 -9.26
OP2 PBU C . 14.51 -0.19 -8.95
OP3 PBU C . 15.40 -1.98 -7.30
H3'1 PBU C . 12.29 -1.81 -9.72
H3'2 PBU C . 12.94 -2.85 -10.94
H2' PBU C . 10.95 -3.76 -9.73
H1'1 PBU C . 12.22 -6.00 -9.20
H1'2 PBU C . 11.93 -5.50 -10.80
H1 PBU C . 11.69 -0.20 -6.07
H2 PBU C . 13.28 1.40 -6.67
H02 PBU C . 15.31 -0.18 -5.40
H3 PBU C . 12.19 1.67 -4.47
H03 PBU C . 14.98 2.33 -4.34
H4 PBU C . 14.51 0.07 -3.22
H5 PBU C . 11.58 -0.56 -3.52
H6 PBU C . 13.91 -1.97 -4.87
H06 PBU C . 12.28 -3.47 -4.69
H81 PBU C . 8.88 -3.52 -7.98
H82 PBU C . 9.99 -2.23 -7.70
H91 PBU C . 9.75 -3.08 -5.21
H92 PBU C . 8.22 -3.62 -5.78
H11 PBU C . 7.72 -1.37 -6.57
H12 PBU C . 9.23 -0.81 -5.98
H13 PBU C . 8.02 -1.37 -4.88
H121 PBU C . 16.33 -5.14 -10.56
H122 PBU C . 16.61 -6.82 -10.74
H131 PBU C . 15.13 -5.62 -12.92
H132 PBU C . 16.75 -5.06 -12.77
H141 PBU C . 16.57 -6.99 -14.27
H142 PBU C . 15.95 -7.93 -12.97
H143 PBU C . 17.57 -7.36 -12.93
N GLY A 1 -7.55 -3.60 -17.53
CA GLY A 1 -7.61 -2.28 -18.14
C GLY A 1 -7.07 -2.27 -19.56
N ALA A 2 -7.85 -1.77 -20.49
CA ALA A 2 -7.44 -1.71 -21.89
C ALA A 2 -7.85 -0.38 -22.52
N ARG A 3 -7.06 0.66 -22.27
CA ARG A 3 -7.35 1.99 -22.82
C ARG A 3 -6.24 2.97 -22.45
N ASN A 4 -6.00 3.13 -21.15
CA ASN A 4 -4.97 4.04 -20.68
C ASN A 4 -4.82 3.96 -19.16
N SER A 5 -3.71 3.38 -18.72
CA SER A 5 -3.46 3.22 -17.29
C SER A 5 -4.54 2.37 -16.63
N VAL A 6 -4.51 2.33 -15.30
CA VAL A 6 -5.49 1.55 -14.54
C VAL A 6 -6.52 2.48 -13.88
N LEU A 7 -6.05 3.63 -13.41
CA LEU A 7 -6.93 4.60 -12.77
C LEU A 7 -7.22 5.77 -13.68
N ARG A 8 -8.05 6.70 -13.21
CA ARG A 8 -8.42 7.87 -14.00
C ARG A 8 -7.22 8.78 -14.20
N GLY A 9 -7.44 9.91 -14.87
CA GLY A 9 -6.36 10.86 -15.12
C GLY A 9 -5.82 11.46 -13.85
N LYS A 10 -6.70 12.03 -13.04
CA LYS A 10 -6.30 12.65 -11.77
C LYS A 10 -5.50 11.68 -10.92
N LYS A 11 -6.06 10.49 -10.70
CA LYS A 11 -5.39 9.47 -9.90
C LYS A 11 -4.02 9.13 -10.48
N ALA A 12 -3.97 8.95 -11.80
CA ALA A 12 -2.73 8.62 -12.48
C ALA A 12 -1.62 9.60 -12.09
N ASP A 13 -1.99 10.87 -11.93
CA ASP A 13 -1.03 11.90 -11.56
C ASP A 13 -0.27 11.52 -10.30
N GLU A 14 -1.02 11.21 -9.24
CA GLU A 14 -0.41 10.83 -7.96
C GLU A 14 0.45 9.58 -8.13
N LEU A 15 -0.04 8.62 -8.90
CA LEU A 15 0.69 7.38 -9.14
C LEU A 15 2.02 7.65 -9.83
N GLU A 16 1.98 8.44 -10.89
CA GLU A 16 3.18 8.79 -11.64
C GLU A 16 4.02 9.81 -10.87
N ARG A 17 3.44 10.38 -9.83
CA ARG A 17 4.14 11.38 -9.03
C ARG A 17 4.95 10.72 -7.92
N ILE A 18 4.31 9.84 -7.15
CA ILE A 18 4.97 9.13 -6.07
C ILE A 18 6.28 8.49 -6.55
N ARG A 19 7.34 8.67 -5.77
CA ARG A 19 8.65 8.10 -6.12
C ARG A 19 8.95 6.89 -5.25
N LEU A 20 9.84 6.03 -5.74
CA LEU A 20 10.24 4.83 -5.01
C LEU A 20 11.17 5.17 -3.85
N ARG A 21 11.89 6.28 -3.99
CA ARG A 21 12.83 6.72 -2.96
C ARG A 21 12.59 8.18 -2.60
N PRO A 22 13.07 8.58 -1.42
CA PRO A 22 12.92 9.96 -0.92
C PRO A 22 13.76 10.95 -1.72
N GLY A 23 14.92 10.51 -2.18
CA GLY A 23 15.80 11.37 -2.95
C GLY A 23 16.08 10.83 -4.34
N GLY A 24 15.17 9.99 -4.83
CA GLY A 24 15.33 9.42 -6.15
C GLY A 24 14.46 10.08 -7.19
N LYS A 25 14.52 9.59 -8.42
CA LYS A 25 13.72 10.14 -9.51
C LYS A 25 12.87 9.06 -10.16
N LYS A 26 12.80 7.90 -9.52
CA LYS A 26 12.01 6.79 -10.03
C LYS A 26 10.58 6.86 -9.51
N LYS A 27 9.61 6.88 -10.42
CA LYS A 27 8.21 6.94 -10.05
C LYS A 27 7.51 5.61 -10.36
N TYR A 28 6.50 5.28 -9.56
CA TYR A 28 5.76 4.05 -9.73
C TYR A 28 5.13 3.99 -11.12
N ARG A 29 5.15 2.81 -11.73
CA ARG A 29 4.58 2.62 -13.06
C ARG A 29 4.05 1.20 -13.23
N LEU A 30 3.29 0.98 -14.29
CA LEU A 30 2.72 -0.33 -14.57
C LEU A 30 3.74 -1.43 -14.30
N LYS A 31 5.00 -1.17 -14.62
CA LYS A 31 6.08 -2.13 -14.41
C LYS A 31 6.05 -2.66 -12.99
N HIS A 32 5.99 -1.76 -12.01
CA HIS A 32 5.97 -2.15 -10.61
C HIS A 32 4.61 -2.76 -10.25
N ILE A 33 3.49 -2.20 -10.72
CA ILE A 33 2.18 -2.75 -10.40
C ILE A 33 2.06 -4.20 -10.85
N VAL A 34 2.70 -4.52 -11.97
CA VAL A 34 2.67 -5.88 -12.50
C VAL A 34 3.63 -6.80 -11.74
N TRP A 35 4.76 -6.25 -11.34
CA TRP A 35 5.76 -7.02 -10.60
C TRP A 35 5.21 -7.46 -9.26
N ALA A 36 4.24 -6.72 -8.75
CA ALA A 36 3.63 -7.03 -7.46
C ALA A 36 2.61 -8.16 -7.60
N ALA A 37 1.69 -8.01 -8.55
CA ALA A 37 0.66 -9.01 -8.78
C ALA A 37 1.29 -10.40 -8.98
N ASN A 38 2.45 -10.44 -9.61
CA ASN A 38 3.14 -11.69 -9.87
C ASN A 38 3.42 -12.43 -8.57
N LYS A 39 3.51 -11.68 -7.47
CA LYS A 39 3.79 -12.26 -6.16
C LYS A 39 2.51 -12.86 -5.57
N LEU A 40 1.42 -12.10 -5.62
CA LEU A 40 0.14 -12.56 -5.09
C LEU A 40 -0.23 -13.92 -5.68
N ASP A 41 0.32 -14.23 -6.84
CA ASP A 41 0.04 -15.49 -7.52
C ASP A 41 0.77 -16.64 -6.82
N ARG A 42 2.07 -16.46 -6.60
CA ARG A 42 2.88 -17.48 -5.95
C ARG A 42 2.22 -17.97 -4.66
N PHE A 43 1.42 -17.09 -4.06
CA PHE A 43 0.73 -17.42 -2.81
C PHE A 43 -0.70 -17.87 -3.09
N GLY A 44 -1.40 -17.13 -3.95
CA GLY A 44 -2.77 -17.48 -4.29
C GLY A 44 -3.66 -16.25 -4.39
N LEU A 45 -3.52 -15.33 -3.45
CA LEU A 45 -4.32 -14.12 -3.44
C LEU A 45 -4.52 -13.59 -4.87
N ALA A 46 -5.74 -13.14 -5.15
CA ALA A 46 -6.05 -12.61 -6.48
C ALA A 46 -5.40 -11.24 -6.68
N GLU A 47 -4.87 -11.02 -7.88
CA GLU A 47 -4.22 -9.74 -8.20
C GLU A 47 -5.26 -8.64 -8.35
N SER A 48 -6.48 -9.01 -8.72
CA SER A 48 -7.56 -8.04 -8.91
C SER A 48 -7.89 -7.34 -7.59
N LEU A 49 -7.36 -7.88 -6.49
CA LEU A 49 -7.60 -7.30 -5.17
C LEU A 49 -6.69 -6.11 -4.93
N LEU A 50 -5.87 -5.79 -5.92
CA LEU A 50 -4.95 -4.65 -5.82
C LEU A 50 -5.68 -3.35 -6.10
N GLU A 51 -6.95 -3.44 -6.45
CA GLU A 51 -7.76 -2.26 -6.75
C GLU A 51 -8.89 -2.10 -5.74
N SER A 52 -8.68 -2.64 -4.53
CA SER A 52 -9.69 -2.56 -3.49
C SER A 52 -9.03 -2.31 -2.14
N LYS A 53 -9.52 -1.28 -1.44
CA LYS A 53 -8.98 -0.91 -0.14
C LYS A 53 -8.92 -2.13 0.78
N GLU A 54 -10.00 -2.90 0.81
CA GLU A 54 -10.06 -4.11 1.64
C GLU A 54 -9.13 -5.19 1.10
N GLY A 55 -9.00 -5.24 -0.22
CA GLY A 55 -8.14 -6.24 -0.84
C GLY A 55 -6.67 -6.02 -0.52
N CYS A 56 -6.23 -4.76 -0.61
CA CYS A 56 -4.84 -4.43 -0.33
C CYS A 56 -4.54 -4.57 1.15
N GLN A 57 -5.54 -4.34 1.99
CA GLN A 57 -5.38 -4.44 3.43
C GLN A 57 -5.07 -5.88 3.85
N LYS A 58 -5.69 -6.83 3.17
CA LYS A 58 -5.48 -8.25 3.46
C LYS A 58 -4.15 -8.73 2.90
N ILE A 59 -3.53 -7.89 2.08
CA ILE A 59 -2.23 -8.22 1.48
C ILE A 59 -1.08 -7.72 2.34
N LEU A 60 -1.19 -6.47 2.79
CA LEU A 60 -0.16 -5.86 3.62
C LEU A 60 -0.05 -6.58 4.97
N THR A 61 -1.13 -7.26 5.37
CA THR A 61 -1.15 -7.99 6.63
C THR A 61 -0.32 -9.26 6.54
N VAL A 62 -0.32 -9.88 5.37
CA VAL A 62 0.43 -11.11 5.16
C VAL A 62 1.90 -10.81 4.88
N LEU A 63 2.17 -9.63 4.36
CA LEU A 63 3.54 -9.22 4.06
C LEU A 63 4.14 -8.41 5.22
N ASP A 64 3.28 -7.94 6.10
CA ASP A 64 3.71 -7.15 7.25
C ASP A 64 4.70 -7.94 8.11
N PRO A 65 4.23 -9.07 8.66
CA PRO A 65 5.06 -9.94 9.50
C PRO A 65 6.14 -10.66 8.71
N MET A 66 6.02 -10.64 7.39
CA MET A 66 6.99 -11.29 6.53
C MET A 66 8.00 -10.28 5.99
N VAL A 67 7.80 -9.01 6.34
CA VAL A 67 8.69 -7.96 5.89
C VAL A 67 10.15 -8.28 6.23
N PRO A 68 10.42 -8.45 7.54
CA PRO A 68 11.77 -8.76 8.02
C PRO A 68 12.21 -10.17 7.65
N THR A 69 11.33 -11.15 7.90
CA THR A 69 11.63 -12.54 7.59
C THR A 69 11.31 -12.86 6.13
N GLY A 70 11.42 -11.85 5.27
CA GLY A 70 11.14 -12.04 3.86
C GLY A 70 12.25 -11.51 2.97
N SER A 71 12.68 -12.33 2.02
CA SER A 71 13.74 -11.96 1.10
C SER A 71 13.43 -10.61 0.45
N GLU A 72 14.42 -10.05 -0.24
CA GLU A 72 14.27 -8.78 -0.92
C GLU A 72 13.08 -8.81 -1.89
N ASN A 73 12.81 -10.00 -2.43
CA ASN A 73 11.71 -10.17 -3.37
C ASN A 73 10.37 -10.01 -2.66
N LEU A 74 10.36 -10.19 -1.35
CA LEU A 74 9.14 -10.06 -0.56
C LEU A 74 8.97 -8.63 -0.05
N LYS A 75 9.97 -8.13 0.66
CA LYS A 75 9.93 -6.78 1.19
C LYS A 75 9.59 -5.78 0.11
N SER A 76 10.06 -6.03 -1.11
CA SER A 76 9.80 -5.14 -2.23
C SER A 76 8.30 -4.98 -2.46
N LEU A 77 7.59 -6.11 -2.55
CA LEU A 77 6.15 -6.10 -2.77
C LEU A 77 5.45 -5.33 -1.65
N PHE A 78 5.97 -5.44 -0.44
CA PHE A 78 5.39 -4.76 0.71
C PHE A 78 5.39 -3.24 0.50
N ASN A 79 6.41 -2.75 -0.19
CA ASN A 79 6.52 -1.33 -0.46
C ASN A 79 5.48 -0.87 -1.48
N THR A 80 5.29 -1.67 -2.52
CA THR A 80 4.33 -1.34 -3.56
C THR A 80 2.90 -1.40 -3.03
N VAL A 81 2.54 -2.53 -2.43
CA VAL A 81 1.20 -2.71 -1.88
C VAL A 81 0.87 -1.61 -0.89
N CYS A 82 1.89 -1.01 -0.30
CA CYS A 82 1.71 0.06 0.67
C CYS A 82 1.22 1.33 -0.03
N VAL A 83 1.74 1.59 -1.23
CA VAL A 83 1.37 2.77 -1.98
C VAL A 83 -0.01 2.60 -2.61
N ILE A 84 -0.30 1.39 -3.09
CA ILE A 84 -1.58 1.10 -3.70
C ILE A 84 -2.74 1.39 -2.74
N TRP A 85 -2.51 1.15 -1.46
CA TRP A 85 -3.53 1.40 -0.45
C TRP A 85 -3.76 2.88 -0.25
N CYS A 86 -2.67 3.65 -0.25
CA CYS A 86 -2.77 5.10 -0.08
C CYS A 86 -3.57 5.74 -1.21
N ILE A 87 -3.73 5.00 -2.31
CA ILE A 87 -4.47 5.49 -3.46
C ILE A 87 -5.97 5.35 -3.23
N HIS A 88 -6.38 4.27 -2.59
CA HIS A 88 -7.79 4.02 -2.31
C HIS A 88 -8.20 4.67 -0.99
N ALA A 89 -7.28 4.92 -0.07
CA ALA A 89 -7.63 5.54 1.20
C ALA A 89 -7.61 7.06 1.11
N GLU A 90 -7.49 7.57 -0.12
CA GLU A 90 -7.44 9.00 -0.34
C GLU A 90 -6.20 9.62 0.28
N GLU A 91 -5.21 8.78 0.57
CA GLU A 91 -3.97 9.25 1.17
C GLU A 91 -3.00 9.78 0.11
N LYS A 92 -2.30 10.85 0.44
CA LYS A 92 -1.35 11.45 -0.48
C LYS A 92 0.08 11.36 0.07
N VAL A 93 1.02 11.01 -0.79
CA VAL A 93 2.42 10.89 -0.40
C VAL A 93 3.35 11.36 -1.51
N LYS A 94 4.58 11.70 -1.14
CA LYS A 94 5.57 12.15 -2.11
C LYS A 94 6.49 11.01 -2.53
N ASP A 95 6.69 10.06 -1.63
CA ASP A 95 7.55 8.91 -1.91
C ASP A 95 6.95 7.63 -1.33
N THR A 96 7.70 6.54 -1.42
CA THR A 96 7.24 5.25 -0.90
C THR A 96 7.39 5.17 0.61
N GLU A 97 8.54 5.61 1.11
CA GLU A 97 8.81 5.58 2.54
C GLU A 97 7.68 6.26 3.32
N GLY A 98 7.14 7.34 2.76
CA GLY A 98 6.06 8.05 3.41
C GLY A 98 4.80 7.23 3.50
N ALA A 99 4.44 6.58 2.40
CA ALA A 99 3.23 5.75 2.36
C ALA A 99 3.33 4.58 3.35
N LYS A 100 4.52 4.00 3.45
CA LYS A 100 4.75 2.88 4.36
C LYS A 100 4.52 3.30 5.80
N GLN A 101 4.81 4.55 6.11
CA GLN A 101 4.63 5.08 7.45
C GLN A 101 3.15 5.25 7.78
N ILE A 102 2.40 5.76 6.81
CA ILE A 102 0.97 5.98 6.98
C ILE A 102 0.24 4.68 7.30
N VAL A 103 0.59 3.63 6.56
CA VAL A 103 -0.02 2.32 6.76
C VAL A 103 0.34 1.74 8.12
N ARG A 104 1.63 1.71 8.42
CA ARG A 104 2.11 1.18 9.69
C ARG A 104 1.63 2.04 10.85
N ARG A 105 1.18 3.25 10.54
CA ARG A 105 0.69 4.17 11.56
C ARG A 105 -0.78 3.90 11.88
N HIS A 106 -1.58 3.72 10.83
CA HIS A 106 -3.01 3.46 11.00
C HIS A 106 -3.24 2.09 11.64
N LEU A 107 -2.38 1.11 11.40
CA LEU A 107 -2.56 -0.21 11.99
C LEU A 107 -2.37 -0.16 13.50
N VAL A 108 -1.43 0.67 13.96
CA VAL A 108 -1.16 0.81 15.38
C VAL A 108 -2.25 1.61 16.07
N ALA A 109 -2.86 2.54 15.33
CA ALA A 109 -3.92 3.37 15.87
C ALA A 109 -5.24 2.61 15.94
N GLU A 110 -5.39 1.62 15.07
CA GLU A 110 -6.61 0.81 15.04
C GLU A 110 -6.55 -0.30 16.08
N THR A 111 -5.34 -0.76 16.38
CA THR A 111 -5.15 -1.81 17.37
C THR A 111 -5.03 -1.25 18.78
N GLY A 112 -4.62 0.01 18.87
CA GLY A 112 -4.47 0.65 20.18
C GLY A 112 -5.72 1.40 20.58
N THR A 113 -6.85 1.04 19.99
CA THR A 113 -8.12 1.69 20.30
C THR A 113 -9.03 0.77 21.11
N ALA A 114 -8.43 -0.13 21.87
CA ALA A 114 -9.20 -1.08 22.68
C ALA A 114 -8.32 -1.69 23.77
N GLU A 115 -7.49 -0.86 24.39
CA GLU A 115 -6.59 -1.33 25.45
C GLU A 115 -6.42 -0.27 26.52
N LYS A 116 -6.01 0.94 26.09
CA LYS A 116 -5.82 2.05 27.02
C LYS A 116 -7.14 2.66 27.43
N MET A 117 -8.10 2.65 26.52
CA MET A 117 -9.43 3.21 26.80
C MET A 117 -9.33 4.66 27.22
N PRO A 118 -8.88 5.51 26.28
CA PRO A 118 -8.73 6.96 26.53
C PRO A 118 -10.07 7.66 26.68
N SER A 119 -10.07 8.75 27.43
CA SER A 119 -11.30 9.52 27.66
C SER A 119 -11.35 10.74 26.74
N THR A 120 -12.51 10.96 26.12
CA THR A 120 -12.70 12.08 25.22
C THR A 120 -12.70 13.40 25.98
N SER A 121 -12.02 14.40 25.43
CA SER A 121 -11.95 15.71 26.06
C SER A 121 -12.41 16.81 25.09
N ARG A 122 -12.56 18.02 25.62
CA ARG A 122 -13.00 19.14 24.80
C ARG A 122 -11.85 19.67 23.94
N PRO A 123 -12.20 20.17 22.74
CA PRO A 123 -11.22 20.71 21.79
C PRO A 123 -10.61 22.02 22.28
N THR A 124 -9.77 22.62 21.44
CA THR A 124 -9.13 23.88 21.78
C THR A 124 -9.47 24.96 20.76
N ALA A 125 -9.72 26.17 21.25
CA ALA A 125 -10.05 27.29 20.38
C ALA A 125 -8.98 27.51 19.32
N PRO A 126 -9.35 28.17 18.22
CA PRO A 126 -8.44 28.45 17.11
C PRO A 126 -7.38 29.49 17.48
N SER A 127 -6.15 29.27 17.03
CA SER A 127 -5.06 30.17 17.32
C SER A 127 -4.80 31.12 16.15
N SER A 128 -4.60 32.40 16.45
CA SER A 128 -4.35 33.40 15.43
C SER A 128 -2.92 33.32 14.92
N GLU A 129 -2.68 33.89 13.74
CA GLU A 129 -1.34 33.89 13.15
C GLU A 129 -0.79 32.47 13.07
N LYS A 130 -1.48 31.62 12.31
CA LYS A 130 -1.06 30.23 12.15
C LYS A 130 -1.21 29.79 10.69
N GLY A 131 -0.12 29.32 10.11
CA GLY A 131 -0.15 28.86 8.73
C GLY A 131 1.22 28.86 8.08
N GLY A 132 1.55 27.77 7.40
CA GLY A 132 2.84 27.66 6.74
C GLY A 132 2.99 26.38 5.95
N ASN A 133 1.89 25.94 5.35
CA ASN A 133 1.90 24.71 4.55
C ASN A 133 1.01 24.86 3.32
N TYR A 134 1.27 24.03 2.30
CA TYR A 134 0.50 24.06 1.08
C TYR A 134 0.64 22.75 0.30
C1 MYR B . -8.08 -3.82 -16.33
O2 MYR B . -8.64 -2.93 -15.68
C2 MYR B . -7.99 -5.21 -15.73
C3 MYR B . -6.62 -5.54 -15.09
C4 MYR B . -6.61 -5.32 -13.57
C5 MYR B . -5.26 -5.71 -12.92
C6 MYR B . -5.09 -5.11 -11.52
C7 MYR B . -4.89 -3.58 -11.56
C8 MYR B . -3.82 -3.10 -10.57
C9 MYR B . -4.43 -2.49 -9.30
C10 MYR B . -3.42 -1.60 -8.52
C11 MYR B . -3.71 -0.09 -8.63
C12 MYR B . -3.53 0.50 -10.04
C13 MYR B . -3.37 2.03 -10.02
C14 MYR B . -2.04 2.46 -9.38
H21 MYR B . -8.20 -5.93 -16.53
H22 MYR B . -8.79 -5.37 -14.99
H31 MYR B . -5.82 -4.93 -15.56
H32 MYR B . -6.35 -6.59 -15.31
H41 MYR B . -7.42 -5.89 -13.10
H42 MYR B . -6.83 -4.25 -13.34
H51 MYR B . -4.43 -5.38 -13.58
H52 MYR B . -5.18 -6.81 -12.87
H61 MYR B . -4.23 -5.58 -11.01
H62 MYR B . -5.98 -5.34 -10.89
H71 MYR B . -5.84 -3.07 -11.35
H72 MYR B . -4.61 -3.26 -12.59
H81 MYR B . -3.15 -2.37 -11.06
H82 MYR B . -3.16 -3.96 -10.29
H91 MYR B . -4.79 -3.30 -8.63
H92 MYR B . -5.33 -1.89 -9.56
H101 MYR B . -2.41 -1.79 -8.92
H102 MYR B . -3.38 -1.90 -7.47
H111 MYR B . -3.09 0.46 -7.90
H112 MYR B . -4.76 0.09 -8.30
H121 MYR B . -4.39 0.23 -10.67
H122 MYR B . -2.64 0.05 -10.52
H131 MYR B . -4.21 2.50 -9.46
H132 MYR B . -3.43 2.44 -11.05
H141 MYR B . -1.17 2.06 -9.93
H142 MYR B . -1.94 3.55 -9.34
H143 MYR B . -1.95 2.08 -8.34
P1 PBU C . 14.08 -2.09 -9.15
P4 PBU C . 14.00 1.65 -1.21
P5 PBU C . 14.71 -2.65 -2.07
C3' PBU C . 13.44 -4.50 -8.83
C2' PBU C . 12.00 -4.69 -9.34
O2' PBU C . 11.21 -5.21 -8.28
C1' PBU C . 11.93 -5.66 -10.55
O1' PBU C . 12.42 -6.92 -10.16
C1 PBU C . 13.75 -1.09 -6.41
O1 PBU C . 14.24 -2.07 -7.49
C2 PBU C . 14.47 0.30 -6.40
O2 PBU C . 15.88 0.22 -6.27
C3 PBU C . 13.91 1.18 -5.24
O3 PBU C . 14.60 2.44 -5.27
C4 PBU C . 14.08 0.46 -3.85
O4 PBU C . 13.48 1.33 -2.76
C5 PBU C . 13.34 -0.94 -3.92
O5 PBU C . 13.54 -1.63 -2.64
C6 PBU C . 13.86 -1.84 -5.07
O6 PBU C . 13.11 -3.06 -5.20
C7 PBU C . 10.66 -4.31 -7.35
O7 PBU C . 11.06 -4.28 -6.21
C8 PBU C . 9.57 -3.33 -7.81
C9 PBU C . 8.50 -3.16 -6.70
C10 PBU C . 8.74 -1.85 -5.95
C11 PBU C . 13.36 -7.62 -10.93
O11 PBU C . 13.19 -8.73 -11.40
C12 PBU C . 14.73 -6.91 -11.13
C13 PBU C . 15.91 -7.63 -10.45
C14 PBU C . 17.09 -6.67 -10.24
O41 PBU C . 15.37 2.24 -1.55
O42 PBU C . 13.02 2.65 -0.65
O43 PBU C . 14.01 0.38 -0.38
O51 PBU C . 14.16 -2.96 -0.69
O52 PBU C . 14.72 -3.78 -3.09
O53 PBU C . 15.95 -1.78 -2.07
OP1 PBU C . 14.14 -3.52 -9.58
OP2 PBU C . 12.70 -1.44 -9.36
OP3 PBU C . 15.28 -1.33 -9.66
H3'1 PBU C . 13.95 -5.42 -8.90
H3'2 PBU C . 13.39 -4.20 -7.82
H2' PBU C . 11.62 -3.76 -9.68
H1'1 PBU C . 10.92 -5.79 -10.85
H1'2 PBU C . 12.46 -5.26 -11.36
H1 PBU C . 12.71 -0.83 -6.63
H2 PBU C . 14.23 0.79 -7.34
H02 PBU C . 16.20 -0.29 -5.56
H3 PBU C . 12.84 1.35 -5.39
H03 PBU C . 15.53 2.31 -5.06
H4 PBU C . 15.11 0.28 -3.58
H5 PBU C . 12.29 -0.71 -4.07
H6 PBU C . 14.89 -2.08 -4.85
H06 PBU C . 13.37 -3.69 -4.56
H81 PBU C . 9.11 -3.69 -8.68
H82 PBU C . 10.00 -2.38 -8.00
H91 PBU C . 8.56 -3.97 -6.04
H92 PBU C . 7.54 -3.14 -7.13
H11 PBU C . 8.69 -1.05 -6.62
H12 PBU C . 9.69 -1.86 -5.50
H13 PBU C . 8.00 -1.73 -5.20
H121 PBU C . 14.93 -6.86 -12.16
H122 PBU C . 14.65 -5.94 -10.73
H131 PBU C . 15.58 -7.98 -9.51
H132 PBU C . 16.21 -8.44 -11.04
H141 PBU C . 17.86 -7.18 -9.72
H142 PBU C . 16.78 -5.84 -9.69
H143 PBU C . 17.49 -6.36 -11.17
N GLY A 1 -8.76 -4.11 -17.18
CA GLY A 1 -9.29 -4.10 -18.53
C GLY A 1 -9.24 -2.72 -19.15
N ALA A 2 -10.37 -2.28 -19.70
CA ALA A 2 -10.45 -0.96 -20.34
C ALA A 2 -9.48 -0.86 -21.51
N ARG A 3 -9.48 0.29 -22.17
CA ARG A 3 -8.61 0.52 -23.31
C ARG A 3 -7.75 1.75 -23.10
N ASN A 4 -7.51 2.09 -21.83
CA ASN A 4 -6.70 3.25 -21.49
C ASN A 4 -6.46 3.33 -19.99
N SER A 5 -5.35 2.76 -19.54
CA SER A 5 -5.00 2.76 -18.12
C SER A 5 -6.11 2.09 -17.30
N VAL A 6 -6.00 2.21 -15.98
CA VAL A 6 -6.98 1.62 -15.08
C VAL A 6 -7.78 2.69 -14.35
N LEU A 7 -7.07 3.55 -13.61
CA LEU A 7 -7.71 4.62 -12.86
C LEU A 7 -7.82 5.88 -13.71
N ARG A 8 -8.42 6.92 -13.14
CA ARG A 8 -8.60 8.18 -13.85
C ARG A 8 -7.24 8.85 -14.11
N GLY A 9 -7.29 10.04 -14.70
CA GLY A 9 -6.05 10.76 -14.99
C GLY A 9 -5.47 11.43 -13.76
N LYS A 10 -6.30 12.18 -13.05
CA LYS A 10 -5.86 12.89 -11.84
C LYS A 10 -5.21 11.92 -10.87
N LYS A 11 -5.79 10.73 -10.73
CA LYS A 11 -5.27 9.72 -9.83
C LYS A 11 -4.03 9.05 -10.41
N ALA A 12 -4.09 8.74 -11.70
CA ALA A 12 -2.96 8.10 -12.39
C ALA A 12 -1.74 9.00 -12.37
N ASP A 13 -1.96 10.31 -12.34
CA ASP A 13 -0.88 11.28 -12.33
C ASP A 13 -0.10 11.20 -11.03
N GLU A 14 -0.80 11.32 -9.91
CA GLU A 14 -0.18 11.27 -8.60
C GLU A 14 0.54 9.94 -8.39
N LEU A 15 -0.01 8.88 -8.97
CA LEU A 15 0.57 7.55 -8.86
C LEU A 15 1.93 7.49 -9.54
N GLU A 16 2.01 8.08 -10.73
CA GLU A 16 3.26 8.09 -11.49
C GLU A 16 4.24 9.10 -10.91
N ARG A 17 3.76 9.92 -9.97
CA ARG A 17 4.60 10.93 -9.34
C ARG A 17 5.34 10.34 -8.14
N ILE A 18 4.66 9.48 -7.39
CA ILE A 18 5.26 8.85 -6.22
C ILE A 18 6.60 8.22 -6.56
N ARG A 19 7.58 8.39 -5.68
CA ARG A 19 8.91 7.84 -5.89
C ARG A 19 9.12 6.60 -5.02
N LEU A 20 10.00 5.71 -5.47
CA LEU A 20 10.29 4.49 -4.73
C LEU A 20 11.11 4.78 -3.47
N ARG A 21 11.81 5.91 -3.48
CA ARG A 21 12.62 6.32 -2.35
C ARG A 21 12.51 7.82 -2.10
N PRO A 22 12.87 8.25 -0.88
CA PRO A 22 12.81 9.66 -0.50
C PRO A 22 13.87 10.50 -1.20
N GLY A 23 15.02 9.89 -1.47
CA GLY A 23 16.10 10.59 -2.14
C GLY A 23 16.41 10.01 -3.50
N GLY A 24 15.52 9.15 -4.00
CA GLY A 24 15.72 8.54 -5.30
C GLY A 24 15.04 9.30 -6.42
N LYS A 25 15.13 8.76 -7.63
CA LYS A 25 14.52 9.41 -8.80
C LYS A 25 13.58 8.44 -9.51
N LYS A 26 13.44 7.24 -8.96
CA LYS A 26 12.57 6.22 -9.54
C LYS A 26 11.12 6.47 -9.15
N LYS A 27 10.25 6.61 -10.15
CA LYS A 27 8.83 6.85 -9.91
C LYS A 27 8.00 5.61 -10.27
N TYR A 28 6.95 5.37 -9.51
CA TYR A 28 6.08 4.22 -9.74
C TYR A 28 5.47 4.28 -11.14
N ARG A 29 5.29 3.12 -11.75
CA ARG A 29 4.72 3.04 -13.09
C ARG A 29 4.01 1.70 -13.30
N LEU A 30 3.24 1.61 -14.38
CA LEU A 30 2.51 0.39 -14.69
C LEU A 30 3.40 -0.84 -14.52
N LYS A 31 4.68 -0.68 -14.82
CA LYS A 31 5.65 -1.77 -14.69
C LYS A 31 5.54 -2.43 -13.32
N HIS A 32 5.46 -1.61 -12.28
CA HIS A 32 5.35 -2.12 -10.92
C HIS A 32 3.97 -2.68 -10.66
N ILE A 33 2.89 -2.01 -11.05
CA ILE A 33 1.54 -2.51 -10.82
C ILE A 33 1.38 -3.92 -11.38
N VAL A 34 2.04 -4.18 -12.50
CA VAL A 34 1.98 -5.49 -13.15
C VAL A 34 2.81 -6.52 -12.39
N TRP A 35 3.95 -6.09 -11.87
CA TRP A 35 4.84 -6.96 -11.12
C TRP A 35 4.21 -7.38 -9.80
N ALA A 36 3.32 -6.53 -9.29
CA ALA A 36 2.65 -6.81 -8.02
C ALA A 36 1.58 -7.87 -8.20
N ALA A 37 0.66 -7.64 -9.13
CA ALA A 37 -0.42 -8.59 -9.40
C ALA A 37 0.13 -9.91 -9.92
N ASN A 38 1.24 -9.84 -10.66
CA ASN A 38 1.85 -11.04 -11.22
C ASN A 38 2.42 -11.91 -10.11
N LYS A 39 3.01 -11.29 -9.10
CA LYS A 39 3.59 -12.02 -7.98
C LYS A 39 2.50 -12.64 -7.12
N LEU A 40 1.36 -11.97 -7.02
CA LEU A 40 0.24 -12.47 -6.23
C LEU A 40 -0.28 -13.78 -6.78
N ASP A 41 -0.80 -13.74 -8.00
CA ASP A 41 -1.32 -14.94 -8.65
C ASP A 41 -0.33 -16.09 -8.57
N ARG A 42 0.94 -15.79 -8.85
CA ARG A 42 1.99 -16.79 -8.80
C ARG A 42 2.16 -17.35 -7.39
N PHE A 43 2.57 -16.49 -6.47
CA PHE A 43 2.77 -16.88 -5.09
C PHE A 43 1.58 -17.69 -4.57
N GLY A 44 0.37 -17.23 -4.89
CA GLY A 44 -0.83 -17.91 -4.45
C GLY A 44 -1.98 -16.97 -4.17
N LEU A 45 -1.65 -15.69 -3.98
CA LEU A 45 -2.65 -14.68 -3.70
C LEU A 45 -3.38 -14.26 -4.97
N ALA A 46 -4.55 -13.65 -4.80
CA ALA A 46 -5.34 -13.18 -5.94
C ALA A 46 -5.30 -11.67 -6.07
N GLU A 47 -5.67 -11.17 -7.24
CA GLU A 47 -5.68 -9.73 -7.48
C GLU A 47 -6.89 -9.07 -6.83
N SER A 48 -7.74 -9.89 -6.22
CA SER A 48 -8.94 -9.39 -5.55
C SER A 48 -8.58 -8.31 -4.53
N LEU A 49 -7.32 -8.29 -4.11
CA LEU A 49 -6.84 -7.32 -3.14
C LEU A 49 -6.12 -6.16 -3.82
N LEU A 50 -6.55 -5.84 -5.04
CA LEU A 50 -5.94 -4.76 -5.81
C LEU A 50 -6.99 -3.73 -6.20
N GLU A 51 -8.21 -4.19 -6.45
CA GLU A 51 -9.30 -3.30 -6.84
C GLU A 51 -10.18 -2.97 -5.65
N SER A 52 -9.60 -3.04 -4.46
CA SER A 52 -10.34 -2.75 -3.22
C SER A 52 -9.40 -2.25 -2.13
N LYS A 53 -9.64 -1.02 -1.68
CA LYS A 53 -8.82 -0.43 -0.63
C LYS A 53 -8.74 -1.34 0.58
N GLU A 54 -9.87 -1.94 0.94
CA GLU A 54 -9.93 -2.84 2.09
C GLU A 54 -9.21 -4.16 1.78
N GLY A 55 -9.08 -4.46 0.50
CA GLY A 55 -8.41 -5.69 0.10
C GLY A 55 -6.91 -5.62 0.25
N CYS A 56 -6.32 -4.53 -0.24
CA CYS A 56 -4.88 -4.34 -0.15
C CYS A 56 -4.39 -4.50 1.29
N GLN A 57 -5.17 -3.98 2.23
CA GLN A 57 -4.81 -4.06 3.63
C GLN A 57 -4.65 -5.51 4.08
N LYS A 58 -5.30 -6.42 3.35
CA LYS A 58 -5.24 -7.84 3.66
C LYS A 58 -3.94 -8.45 3.12
N ILE A 59 -3.21 -7.67 2.35
CA ILE A 59 -1.95 -8.13 1.78
C ILE A 59 -0.78 -7.79 2.69
N LEU A 60 -0.64 -6.51 3.03
CA LEU A 60 0.44 -6.06 3.90
C LEU A 60 0.46 -6.85 5.20
N THR A 61 -0.68 -7.44 5.55
CA THR A 61 -0.80 -8.22 6.78
C THR A 61 -0.14 -9.59 6.61
N VAL A 62 -0.15 -10.11 5.39
CA VAL A 62 0.45 -11.40 5.11
C VAL A 62 1.96 -11.30 5.00
N LEU A 63 2.44 -10.13 4.59
CA LEU A 63 3.88 -9.90 4.45
C LEU A 63 4.41 -9.06 5.61
N ASP A 64 3.51 -8.61 6.48
CA ASP A 64 3.89 -7.81 7.63
C ASP A 64 4.95 -8.50 8.45
N PRO A 65 4.61 -9.68 8.99
CA PRO A 65 5.53 -10.48 9.81
C PRO A 65 6.68 -11.07 9.00
N MET A 66 6.59 -10.93 7.67
CA MET A 66 7.62 -11.45 6.78
C MET A 66 8.73 -10.41 6.57
N VAL A 67 8.44 -9.16 6.89
CA VAL A 67 9.41 -8.09 6.74
C VAL A 67 10.60 -8.28 7.68
N PRO A 68 10.32 -8.36 8.99
CA PRO A 68 11.34 -8.55 10.00
C PRO A 68 11.96 -9.95 9.96
N THR A 69 11.53 -10.75 8.99
CA THR A 69 12.04 -12.10 8.83
C THR A 69 11.88 -12.59 7.40
N GLY A 70 12.32 -11.78 6.44
CA GLY A 70 12.21 -12.14 5.05
C GLY A 70 13.32 -11.55 4.21
N SER A 71 13.24 -11.74 2.89
CA SER A 71 14.25 -11.23 1.98
C SER A 71 13.76 -9.97 1.28
N GLU A 72 14.50 -9.51 0.28
CA GLU A 72 14.14 -8.31 -0.46
C GLU A 72 12.96 -8.59 -1.41
N ASN A 73 12.90 -9.81 -1.91
CA ASN A 73 11.83 -10.21 -2.82
C ASN A 73 10.47 -9.88 -2.24
N LEU A 74 10.38 -9.87 -0.91
CA LEU A 74 9.13 -9.56 -0.22
C LEU A 74 9.02 -8.07 0.07
N LYS A 75 10.09 -7.51 0.64
CA LYS A 75 10.12 -6.09 0.97
C LYS A 75 9.73 -5.24 -0.24
N SER A 76 10.11 -5.70 -1.43
CA SER A 76 9.81 -4.98 -2.66
C SER A 76 8.30 -4.82 -2.83
N LEU A 77 7.58 -5.93 -2.75
CA LEU A 77 6.13 -5.93 -2.90
C LEU A 77 5.47 -5.29 -1.69
N PHE A 78 6.07 -5.47 -0.53
CA PHE A 78 5.53 -4.91 0.71
C PHE A 78 5.46 -3.39 0.63
N ASN A 79 6.40 -2.79 -0.10
CA ASN A 79 6.43 -1.35 -0.25
C ASN A 79 5.45 -0.88 -1.32
N THR A 80 5.30 -1.69 -2.37
CA THR A 80 4.40 -1.38 -3.46
C THR A 80 2.94 -1.46 -3.02
N VAL A 81 2.62 -2.52 -2.28
CA VAL A 81 1.26 -2.73 -1.79
C VAL A 81 0.80 -1.54 -0.96
N CYS A 82 1.75 -0.84 -0.35
CA CYS A 82 1.43 0.32 0.47
C CYS A 82 0.95 1.49 -0.39
N VAL A 83 1.66 1.72 -1.49
CA VAL A 83 1.31 2.82 -2.40
C VAL A 83 -0.05 2.59 -3.03
N ILE A 84 -0.34 1.34 -3.38
CA ILE A 84 -1.61 0.98 -3.99
C ILE A 84 -2.78 1.36 -3.09
N TRP A 85 -2.60 1.18 -1.79
CA TRP A 85 -3.64 1.50 -0.82
C TRP A 85 -3.83 3.01 -0.71
N CYS A 86 -2.72 3.75 -0.76
CA CYS A 86 -2.77 5.21 -0.66
C CYS A 86 -3.51 5.80 -1.86
N ILE A 87 -3.60 5.04 -2.93
CA ILE A 87 -4.29 5.49 -4.14
C ILE A 87 -5.80 5.37 -3.98
N HIS A 88 -6.24 4.29 -3.34
CA HIS A 88 -7.66 4.05 -3.13
C HIS A 88 -8.13 4.71 -1.84
N ALA A 89 -7.26 4.94 -0.86
CA ALA A 89 -7.67 5.57 0.39
C ALA A 89 -7.72 7.09 0.25
N GLU A 90 -7.48 7.57 -0.96
CA GLU A 90 -7.50 9.01 -1.23
C GLU A 90 -6.35 9.70 -0.51
N GLU A 91 -5.34 8.93 -0.14
CA GLU A 91 -4.18 9.48 0.57
C GLU A 91 -3.12 9.98 -0.43
N LYS A 92 -2.57 11.14 -0.15
CA LYS A 92 -1.54 11.73 -1.01
C LYS A 92 -0.15 11.56 -0.41
N VAL A 93 0.79 11.07 -1.21
CA VAL A 93 2.15 10.86 -0.75
C VAL A 93 3.15 11.33 -1.80
N LYS A 94 4.39 11.55 -1.37
CA LYS A 94 5.45 12.00 -2.27
C LYS A 94 6.41 10.86 -2.59
N ASP A 95 6.50 9.90 -1.68
CA ASP A 95 7.39 8.75 -1.87
C ASP A 95 6.78 7.49 -1.25
N THR A 96 7.57 6.42 -1.20
CA THR A 96 7.11 5.16 -0.63
C THR A 96 7.16 5.21 0.90
N GLU A 97 8.30 5.62 1.43
CA GLU A 97 8.47 5.70 2.89
C GLU A 97 7.31 6.46 3.52
N GLY A 98 6.87 7.53 2.86
CA GLY A 98 5.78 8.33 3.37
C GLY A 98 4.46 7.57 3.41
N ALA A 99 4.16 6.89 2.31
CA ALA A 99 2.92 6.11 2.22
C ALA A 99 2.96 4.91 3.15
N LYS A 100 4.15 4.39 3.39
CA LYS A 100 4.32 3.23 4.27
C LYS A 100 3.97 3.59 5.71
N GLN A 101 4.22 4.84 6.09
CA GLN A 101 3.93 5.31 7.44
C GLN A 101 2.43 5.56 7.62
N ILE A 102 1.80 6.08 6.57
CA ILE A 102 0.37 6.38 6.61
C ILE A 102 -0.44 5.10 6.84
N VAL A 103 -0.10 4.04 6.10
CA VAL A 103 -0.80 2.77 6.22
C VAL A 103 -0.62 2.18 7.61
N ARG A 104 0.62 2.20 8.10
CA ARG A 104 0.93 1.67 9.42
C ARG A 104 0.11 2.38 10.50
N ARG A 105 0.30 3.69 10.60
CA ARG A 105 -0.42 4.49 11.58
C ARG A 105 -1.92 4.21 11.53
N HIS A 106 -2.48 4.25 10.32
CA HIS A 106 -3.91 4.01 10.14
C HIS A 106 -4.31 2.67 10.75
N LEU A 107 -3.40 1.70 10.85
CA LEU A 107 -3.75 0.40 11.43
C LEU A 107 -3.47 0.38 12.93
N VAL A 108 -2.28 0.85 13.31
CA VAL A 108 -1.90 0.89 14.72
C VAL A 108 -2.91 1.67 15.55
N ALA A 109 -3.55 2.65 14.92
CA ALA A 109 -4.55 3.47 15.60
C ALA A 109 -5.75 2.64 16.01
N GLU A 110 -6.19 1.75 15.12
CA GLU A 110 -7.33 0.90 15.40
C GLU A 110 -6.95 -0.24 16.34
N THR A 111 -5.72 -0.73 16.20
CA THR A 111 -5.24 -1.82 17.04
C THR A 111 -4.35 -1.30 18.16
N GLY A 112 -4.68 -0.10 18.65
CA GLY A 112 -3.90 0.50 19.73
C GLY A 112 -4.77 1.01 20.85
N THR A 113 -5.97 0.45 20.98
CA THR A 113 -6.90 0.85 22.02
C THR A 113 -7.11 -0.26 23.04
N ALA A 114 -6.98 -1.51 22.58
CA ALA A 114 -7.16 -2.67 23.45
C ALA A 114 -6.20 -2.60 24.64
N GLU A 115 -5.08 -1.92 24.47
CA GLU A 115 -4.10 -1.78 25.53
C GLU A 115 -3.81 -0.31 25.83
N LYS A 116 -4.87 0.48 25.94
CA LYS A 116 -4.75 1.90 26.22
C LYS A 116 -6.11 2.53 26.54
N MET A 117 -6.91 1.80 27.31
CA MET A 117 -8.23 2.27 27.70
C MET A 117 -8.12 3.58 28.50
N PRO A 118 -9.18 4.40 28.44
CA PRO A 118 -9.23 5.67 29.14
C PRO A 118 -9.35 5.51 30.65
N SER A 119 -10.20 4.57 31.07
CA SER A 119 -10.41 4.30 32.49
C SER A 119 -10.85 5.58 33.22
N THR A 120 -10.99 5.47 34.53
CA THR A 120 -11.40 6.60 35.35
C THR A 120 -10.21 7.21 36.08
N SER A 121 -10.09 8.53 36.01
CA SER A 121 -8.99 9.24 36.67
C SER A 121 -9.45 10.60 37.20
N ARG A 122 -9.42 10.75 38.51
CA ARG A 122 -9.83 12.01 39.14
C ARG A 122 -8.94 13.16 38.69
N PRO A 123 -9.46 14.39 38.84
CA PRO A 123 -8.72 15.60 38.46
C PRO A 123 -7.55 15.89 39.39
N THR A 124 -6.37 15.39 39.01
CA THR A 124 -5.17 15.60 39.82
C THR A 124 -3.94 15.75 38.93
N ALA A 125 -4.09 16.46 37.83
CA ALA A 125 -2.99 16.69 36.89
C ALA A 125 -3.40 17.64 35.77
N PRO A 126 -3.46 18.94 36.08
CA PRO A 126 -3.83 19.97 35.11
C PRO A 126 -2.78 20.16 34.03
N SER A 127 -1.52 20.28 34.45
CA SER A 127 -0.42 20.47 33.52
C SER A 127 0.92 20.42 34.24
N SER A 128 2.01 20.41 33.47
CA SER A 128 3.35 20.35 34.04
C SER A 128 4.30 21.27 33.28
N GLU A 129 3.75 22.35 32.73
CA GLU A 129 4.55 23.31 31.97
C GLU A 129 5.32 22.63 30.86
N LYS A 130 4.70 22.56 29.68
CA LYS A 130 5.34 21.93 28.52
C LYS A 130 5.32 22.86 27.32
N GLY A 131 6.32 22.72 26.46
CA GLY A 131 6.41 23.56 25.28
C GLY A 131 7.59 23.20 24.39
N GLY A 132 7.51 23.57 23.12
CA GLY A 132 8.59 23.27 22.19
C GLY A 132 8.51 21.86 21.65
N ASN A 133 8.59 21.73 20.33
CA ASN A 133 8.53 20.42 19.68
C ASN A 133 9.73 20.21 18.76
N TYR A 134 10.84 20.87 19.07
CA TYR A 134 12.05 20.77 18.27
C TYR A 134 11.76 21.09 16.81
C1 MYR B . -8.75 -5.23 -16.46
O2 MYR B . -9.17 -6.30 -16.89
C2 MYR B . -8.20 -5.19 -15.03
C3 MYR B . -6.77 -5.78 -14.88
C4 MYR B . -6.35 -5.88 -13.41
C5 MYR B . -5.94 -4.51 -12.83
C6 MYR B . -4.60 -4.57 -12.07
C7 MYR B . -4.73 -4.09 -10.62
C8 MYR B . -4.27 -2.63 -10.44
C9 MYR B . -3.73 -2.35 -9.03
C10 MYR B . -4.61 -1.35 -8.26
C11 MYR B . -4.20 0.14 -8.47
C12 MYR B . -3.97 0.53 -9.94
C13 MYR B . -3.76 2.05 -10.10
C14 MYR B . -2.56 2.55 -9.30
H21 MYR B . -8.90 -5.75 -14.40
H22 MYR B . -8.23 -4.15 -14.65
H31 MYR B . -6.05 -5.17 -15.44
H32 MYR B . -6.74 -6.79 -15.35
H41 MYR B . -5.51 -6.60 -13.30
H42 MYR B . -7.18 -6.31 -12.80
H51 MYR B . -6.73 -4.14 -12.16
H52 MYR B . -5.87 -3.76 -13.65
H61 MYR B . -3.84 -3.96 -12.60
H62 MYR B . -4.21 -5.61 -12.09
H71 MYR B . -4.13 -4.74 -9.95
H72 MYR B . -5.78 -4.21 -10.28
H81 MYR B . -5.12 -1.95 -10.67
H82 MYR B . -3.50 -2.38 -11.19
H91 MYR B . -2.70 -1.97 -9.10
H92 MYR B . -3.67 -3.30 -8.46
H101 MYR B . -4.56 -1.57 -7.18
H102 MYR B . -5.67 -1.48 -8.52
H111 MYR B . -3.31 0.37 -7.85
H112 MYR B . -5.01 0.77 -8.05
H121 MYR B . -4.82 0.20 -10.55
H122 MYR B . -3.09 -0.01 -10.34
H131 MYR B . -4.67 2.59 -9.80
H132 MYR B . -3.62 2.29 -11.18
H141 MYR B . -1.60 2.20 -9.72
H142 MYR B . -2.52 3.66 -9.26
H143 MYR B . -2.60 2.19 -8.25
P1 PBU C . 13.25 -2.37 -9.12
P4 PBU C . 14.22 0.24 -0.81
P5 PBU C . 13.58 -3.50 -1.40
C3' PBU C . 12.94 -4.84 -8.88
C2' PBU C . 11.44 -5.20 -9.11
O2' PBU C . 10.82 -5.39 -7.85
C1' PBU C . 11.28 -6.49 -9.96
O1' PBU C . 11.61 -7.61 -9.16
C1 PBU C . 13.42 -1.69 -6.27
O1 PBU C . 13.83 -2.44 -7.55
C2 PBU C . 13.86 -0.18 -6.21
O2 PBU C . 15.26 0.00 -6.41
C3 PBU C . 13.44 0.45 -4.86
O3 PBU C . 13.86 1.82 -4.87
C4 PBU C . 14.05 -0.35 -3.65
O4 PBU C . 13.57 0.28 -2.35
C5 PBU C . 13.58 -1.85 -3.75
O5 PBU C . 14.19 -2.60 -2.64
C6 PBU C . 13.97 -2.51 -5.09
O6 PBU C . 13.46 -3.84 -5.22
C7 PBU C . 10.43 -4.24 -7.14
O7 PBU C . 11.00 -3.93 -6.11
C8 PBU C . 9.29 -3.35 -7.68
C9 PBU C . 8.44 -2.81 -6.52
C10 PBU C . 9.03 -1.49 -6.00
C11 PBU C . 12.84 -8.27 -9.28
O11 PBU C . 13.67 -8.35 -8.40
C12 PBU C . 13.13 -8.88 -10.67
C13 PBU C . 11.90 -9.51 -11.34
C14 PBU C . 12.23 -10.90 -11.93
O41 PBU C . 14.82 1.64 -0.78
O42 PBU C . 13.05 0.03 0.12
O43 PBU C . 15.22 -0.90 -0.70
O51 PBU C . 14.74 -3.44 -0.43
O52 PBU C . 12.31 -2.76 -1.03
O53 PBU C . 13.36 -4.85 -2.03
OP1 PBU C . 13.34 -3.76 -9.68
OP2 PBU C . 11.82 -1.85 -8.95
OP3 PBU C . 14.24 -1.45 -9.82
H3'1 PBU C . 13.52 -5.69 -9.12
H3'2 PBU C . 13.05 -4.60 -7.85
H2' PBU C . 10.98 -4.42 -9.66
H1'1 PBU C . 10.27 -6.60 -10.25
H1'2 PBU C . 11.86 -6.44 -10.83
H1 PBU C . 12.34 -1.62 -6.22
H2 PBU C . 13.33 0.32 -7.02
H02 PBU C . 15.82 -0.48 -5.85
H3 PBU C . 12.36 0.41 -4.75
H03 PBU C . 14.83 1.87 -4.88
H4 PBU C . 15.13 -0.34 -3.63
H5 PBU C . 12.49 -1.83 -3.65
H6 PBU C . 15.05 -2.57 -5.13
H06 PBU C . 13.96 -4.47 -4.74
H81 PBU C . 8.68 -3.91 -8.32
H82 PBU C . 9.71 -2.54 -8.20
H91 PBU C . 8.42 -3.51 -5.74
H92 PBU C . 7.45 -2.64 -6.85
H11 PBU C . 9.05 -0.79 -6.79
H12 PBU C . 10.01 -1.66 -5.65
H13 PBU C . 8.44 -1.12 -5.22
H121 PBU C . 13.50 -8.12 -11.30
H122 PBU C . 13.86 -9.63 -10.56
H131 PBU C . 11.15 -9.63 -10.61
H132 PBU C . 11.56 -8.89 -12.11
H141 PBU C . 11.35 -11.33 -12.32
H142 PBU C . 12.62 -11.52 -11.17
H143 PBU C . 12.94 -10.82 -12.70
N GLY A 1 -5.29 -3.61 -19.61
CA GLY A 1 -4.84 -2.49 -20.42
C GLY A 1 -3.44 -2.68 -20.95
N ALA A 2 -3.20 -2.22 -22.17
CA ALA A 2 -1.89 -2.33 -22.80
C ALA A 2 -1.02 -1.11 -22.50
N ARG A 3 -1.52 0.05 -22.91
CA ARG A 3 -0.79 1.30 -22.69
C ARG A 3 -1.76 2.48 -22.60
N ASN A 4 -2.58 2.47 -21.55
CA ASN A 4 -3.55 3.54 -21.35
C ASN A 4 -3.91 3.67 -19.86
N SER A 5 -2.97 3.31 -19.00
CA SER A 5 -3.19 3.38 -17.56
C SER A 5 -4.32 2.46 -17.14
N VAL A 6 -4.51 2.32 -15.83
CA VAL A 6 -5.57 1.46 -15.30
C VAL A 6 -6.60 2.29 -14.53
N LEU A 7 -6.13 3.27 -13.77
CA LEU A 7 -7.00 4.13 -12.99
C LEU A 7 -7.25 5.46 -13.70
N ARG A 8 -8.06 6.32 -13.09
CA ARG A 8 -8.37 7.62 -13.66
C ARG A 8 -7.10 8.41 -13.93
N GLY A 9 -7.25 9.56 -14.58
CA GLY A 9 -6.10 10.39 -14.89
C GLY A 9 -5.64 11.21 -13.70
N LYS A 10 -6.57 11.88 -13.04
CA LYS A 10 -6.25 12.70 -11.87
C LYS A 10 -5.44 11.90 -10.86
N LYS A 11 -5.76 10.62 -10.73
CA LYS A 11 -5.06 9.74 -9.80
C LYS A 11 -3.78 9.19 -10.42
N ALA A 12 -3.88 8.74 -11.66
CA ALA A 12 -2.74 8.19 -12.38
C ALA A 12 -1.55 9.17 -12.36
N ASP A 13 -1.87 10.46 -12.34
CA ASP A 13 -0.82 11.49 -12.32
C ASP A 13 0.05 11.34 -11.09
N GLU A 14 -0.57 11.44 -9.91
CA GLU A 14 0.17 11.32 -8.65
C GLU A 14 0.86 9.96 -8.55
N LEU A 15 0.14 8.91 -8.95
CA LEU A 15 0.69 7.55 -8.90
C LEU A 15 1.98 7.45 -9.70
N GLU A 16 2.10 8.30 -10.74
CA GLU A 16 3.28 8.30 -11.58
C GLU A 16 4.27 9.39 -11.14
N ARG A 17 3.82 10.22 -10.20
CA ARG A 17 4.66 11.31 -9.69
C ARG A 17 5.36 10.90 -8.40
N ILE A 18 4.78 9.94 -7.69
CA ILE A 18 5.36 9.46 -6.44
C ILE A 18 6.70 8.79 -6.68
N ARG A 19 7.64 9.00 -5.77
CA ARG A 19 8.97 8.42 -5.88
C ARG A 19 9.07 7.12 -5.10
N LEU A 20 9.78 6.15 -5.65
CA LEU A 20 9.95 4.85 -5.00
C LEU A 20 10.58 5.01 -3.62
N ARG A 21 11.28 6.13 -3.43
CA ARG A 21 11.93 6.40 -2.15
C ARG A 21 11.76 7.86 -1.75
N PRO A 22 12.12 8.18 -0.51
CA PRO A 22 12.01 9.54 0.03
C PRO A 22 13.02 10.49 -0.60
N GLY A 23 14.17 9.96 -0.98
CA GLY A 23 15.21 10.77 -1.60
C GLY A 23 15.16 10.72 -3.11
N GLY A 24 14.14 10.06 -3.66
CA GLY A 24 14.01 9.94 -5.09
C GLY A 24 14.94 8.90 -5.68
N LYS A 25 14.55 8.34 -6.83
CA LYS A 25 15.35 7.34 -7.50
C LYS A 25 14.61 6.74 -8.68
N LYS A 26 13.29 6.71 -8.59
CA LYS A 26 12.45 6.17 -9.67
C LYS A 26 10.98 6.43 -9.39
N LYS A 27 10.19 6.49 -10.45
CA LYS A 27 8.75 6.74 -10.33
C LYS A 27 7.96 5.46 -10.59
N TYR A 28 6.89 5.27 -9.83
CA TYR A 28 6.06 4.08 -9.98
C TYR A 28 5.48 4.00 -11.38
N ARG A 29 5.57 2.82 -11.98
CA ARG A 29 5.05 2.61 -13.33
C ARG A 29 4.33 1.27 -13.44
N LEU A 30 3.47 1.15 -14.44
CA LEU A 30 2.71 -0.09 -14.65
C LEU A 30 3.60 -1.31 -14.47
N LYS A 31 4.86 -1.20 -14.90
CA LYS A 31 5.82 -2.29 -14.78
C LYS A 31 5.84 -2.84 -13.35
N HIS A 32 5.94 -1.93 -12.38
CA HIS A 32 5.98 -2.31 -10.97
C HIS A 32 4.68 -3.00 -10.56
N ILE A 33 3.53 -2.59 -11.08
CA ILE A 33 2.26 -3.22 -10.74
C ILE A 33 2.23 -4.68 -11.17
N VAL A 34 2.59 -4.92 -12.42
CA VAL A 34 2.61 -6.27 -12.97
C VAL A 34 3.54 -7.17 -12.17
N TRP A 35 4.68 -6.63 -11.77
CA TRP A 35 5.66 -7.38 -10.99
C TRP A 35 5.12 -7.69 -9.59
N ALA A 36 4.16 -6.90 -9.15
CA ALA A 36 3.56 -7.08 -7.83
C ALA A 36 2.54 -8.22 -7.84
N ALA A 37 1.60 -8.16 -8.77
CA ALA A 37 0.58 -9.19 -8.88
C ALA A 37 1.19 -10.58 -9.00
N ASN A 38 2.35 -10.65 -9.67
CA ASN A 38 3.04 -11.92 -9.85
C ASN A 38 3.33 -12.58 -8.51
N LYS A 39 3.54 -11.75 -7.48
CA LYS A 39 3.83 -12.24 -6.15
C LYS A 39 2.58 -12.81 -5.48
N LEU A 40 1.47 -12.07 -5.61
CA LEU A 40 0.20 -12.48 -5.02
C LEU A 40 -0.15 -13.90 -5.46
N ASP A 41 0.33 -14.29 -6.63
CA ASP A 41 0.05 -15.62 -7.16
C ASP A 41 0.84 -16.68 -6.41
N ARG A 42 2.13 -16.43 -6.22
CA ARG A 42 3.00 -17.36 -5.51
C ARG A 42 2.40 -17.74 -4.16
N PHE A 43 1.55 -16.87 -3.63
CA PHE A 43 0.90 -17.12 -2.35
C PHE A 43 -0.53 -17.61 -2.54
N GLY A 44 -1.24 -16.99 -3.47
CA GLY A 44 -2.61 -17.38 -3.73
C GLY A 44 -3.54 -16.20 -3.88
N LEU A 45 -3.37 -15.20 -3.01
CA LEU A 45 -4.21 -14.00 -3.04
C LEU A 45 -4.46 -13.55 -4.48
N ALA A 46 -5.66 -13.07 -4.74
CA ALA A 46 -6.02 -12.60 -6.06
C ALA A 46 -5.28 -11.32 -6.42
N GLU A 47 -4.99 -11.14 -7.71
CA GLU A 47 -4.29 -9.96 -8.18
C GLU A 47 -5.23 -8.78 -8.34
N SER A 48 -6.52 -9.08 -8.56
CA SER A 48 -7.53 -8.04 -8.73
C SER A 48 -7.76 -7.30 -7.42
N LEU A 49 -7.19 -7.82 -6.34
CA LEU A 49 -7.34 -7.19 -5.02
C LEU A 49 -6.46 -5.95 -4.90
N LEU A 50 -5.69 -5.68 -5.95
CA LEU A 50 -4.81 -4.51 -5.97
C LEU A 50 -5.59 -3.24 -6.30
N GLU A 51 -6.90 -3.40 -6.51
CA GLU A 51 -7.76 -2.26 -6.83
C GLU A 51 -8.83 -2.08 -5.77
N SER A 52 -8.60 -2.64 -4.59
CA SER A 52 -9.56 -2.54 -3.50
C SER A 52 -8.85 -2.26 -2.18
N LYS A 53 -9.31 -1.24 -1.47
CA LYS A 53 -8.72 -0.86 -0.19
C LYS A 53 -8.66 -2.07 0.75
N GLU A 54 -9.78 -2.76 0.91
CA GLU A 54 -9.84 -3.92 1.77
C GLU A 54 -8.89 -5.01 1.30
N GLY A 55 -8.82 -5.19 -0.02
CA GLY A 55 -7.94 -6.19 -0.59
C GLY A 55 -6.48 -5.93 -0.29
N CYS A 56 -6.04 -4.70 -0.50
CA CYS A 56 -4.65 -4.32 -0.25
C CYS A 56 -4.36 -4.33 1.24
N GLN A 57 -5.38 -4.10 2.05
CA GLN A 57 -5.23 -4.07 3.51
C GLN A 57 -4.82 -5.45 4.03
N LYS A 58 -5.46 -6.49 3.50
CA LYS A 58 -5.17 -7.86 3.92
C LYS A 58 -3.84 -8.32 3.35
N ILE A 59 -3.29 -7.54 2.44
CA ILE A 59 -2.01 -7.88 1.81
C ILE A 59 -0.85 -7.30 2.60
N LEU A 60 -1.01 -6.06 3.07
CA LEU A 60 0.03 -5.40 3.84
C LEU A 60 0.25 -6.10 5.18
N THR A 61 -0.81 -6.72 5.69
CA THR A 61 -0.73 -7.43 6.97
C THR A 61 0.10 -8.71 6.83
N VAL A 62 0.03 -9.33 5.66
CA VAL A 62 0.78 -10.56 5.42
C VAL A 62 2.20 -10.26 4.98
N LEU A 63 2.40 -9.11 4.35
CA LEU A 63 3.71 -8.70 3.88
C LEU A 63 4.45 -7.90 4.95
N ASP A 64 3.70 -7.42 5.94
CA ASP A 64 4.29 -6.65 7.03
C ASP A 64 5.29 -7.49 7.81
N PRO A 65 4.80 -8.57 8.44
CA PRO A 65 5.65 -9.47 9.23
C PRO A 65 6.60 -10.28 8.36
N MET A 66 6.32 -10.34 7.06
CA MET A 66 7.15 -11.08 6.12
C MET A 66 8.23 -10.18 5.53
N VAL A 67 8.17 -8.90 5.86
CA VAL A 67 9.14 -7.93 5.36
C VAL A 67 10.57 -8.42 5.61
N PRO A 68 10.92 -8.62 6.89
CA PRO A 68 12.25 -9.08 7.29
C PRO A 68 12.50 -10.53 6.89
N THR A 69 11.54 -11.40 7.19
CA THR A 69 11.65 -12.81 6.87
C THR A 69 11.11 -13.10 5.47
N GLY A 70 11.33 -12.18 4.55
CA GLY A 70 10.86 -12.36 3.19
C GLY A 70 11.92 -12.00 2.15
N SER A 71 12.01 -12.81 1.11
CA SER A 71 12.98 -12.58 0.05
C SER A 71 12.90 -11.15 -0.47
N GLU A 72 13.92 -10.74 -1.21
CA GLU A 72 13.97 -9.38 -1.76
C GLU A 72 12.74 -9.10 -2.61
N ASN A 73 12.21 -10.14 -3.24
CA ASN A 73 11.03 -10.00 -4.09
C ASN A 73 9.79 -9.69 -3.25
N LEU A 74 9.90 -9.94 -1.95
CA LEU A 74 8.78 -9.70 -1.03
C LEU A 74 8.85 -8.28 -0.47
N LYS A 75 10.02 -7.91 0.04
CA LYS A 75 10.22 -6.58 0.61
C LYS A 75 9.84 -5.49 -0.40
N SER A 76 10.18 -5.71 -1.66
CA SER A 76 9.87 -4.75 -2.71
C SER A 76 8.37 -4.57 -2.85
N LEU A 77 7.66 -5.68 -3.00
CA LEU A 77 6.21 -5.63 -3.15
C LEU A 77 5.55 -4.93 -1.96
N PHE A 78 6.13 -5.12 -0.78
CA PHE A 78 5.62 -4.49 0.44
C PHE A 78 5.59 -2.98 0.30
N ASN A 79 6.64 -2.42 -0.29
CA ASN A 79 6.73 -0.98 -0.48
C ASN A 79 5.74 -0.51 -1.54
N THR A 80 5.32 -1.42 -2.41
CA THR A 80 4.38 -1.10 -3.47
C THR A 80 2.94 -1.20 -2.98
N VAL A 81 2.67 -2.24 -2.19
CA VAL A 81 1.33 -2.46 -1.65
C VAL A 81 0.92 -1.32 -0.71
N CYS A 82 1.91 -0.72 -0.07
CA CYS A 82 1.66 0.39 0.85
C CYS A 82 1.24 1.64 0.11
N VAL A 83 1.63 1.73 -1.17
CA VAL A 83 1.29 2.88 -1.99
C VAL A 83 -0.09 2.73 -2.60
N ILE A 84 -0.43 1.52 -3.02
CA ILE A 84 -1.73 1.24 -3.61
C ILE A 84 -2.86 1.50 -2.63
N TRP A 85 -2.77 0.86 -1.47
CA TRP A 85 -3.78 1.01 -0.43
C TRP A 85 -4.04 2.49 -0.14
N CYS A 86 -2.97 3.27 -0.06
CA CYS A 86 -3.09 4.70 0.21
C CYS A 86 -4.02 5.37 -0.79
N ILE A 87 -3.69 5.24 -2.07
CA ILE A 87 -4.51 5.84 -3.13
C ILE A 87 -5.98 5.48 -2.95
N HIS A 88 -6.24 4.26 -2.50
CA HIS A 88 -7.60 3.78 -2.29
C HIS A 88 -8.20 4.40 -1.03
N ALA A 89 -7.40 4.71 -0.01
CA ALA A 89 -7.92 5.31 1.22
C ALA A 89 -8.00 6.82 1.11
N GLU A 90 -7.92 7.33 -0.13
CA GLU A 90 -7.99 8.77 -0.37
C GLU A 90 -6.74 9.46 0.18
N GLU A 91 -5.74 8.67 0.56
CA GLU A 91 -4.51 9.22 1.10
C GLU A 91 -3.55 9.61 -0.03
N LYS A 92 -2.76 10.65 0.21
CA LYS A 92 -1.81 11.14 -0.78
C LYS A 92 -0.41 11.25 -0.17
N VAL A 93 0.59 10.79 -0.92
CA VAL A 93 1.97 10.85 -0.45
C VAL A 93 2.91 11.24 -1.59
N LYS A 94 4.08 11.77 -1.23
CA LYS A 94 5.07 12.18 -2.22
C LYS A 94 6.07 11.05 -2.50
N ASP A 95 6.21 10.15 -1.53
CA ASP A 95 7.13 9.03 -1.67
C ASP A 95 6.49 7.74 -1.15
N THR A 96 7.27 6.66 -1.15
CA THR A 96 6.77 5.36 -0.69
C THR A 96 6.89 5.24 0.83
N GLU A 97 7.91 5.87 1.39
CA GLU A 97 8.14 5.84 2.83
C GLU A 97 6.98 6.51 3.58
N GLY A 98 6.54 7.64 3.05
CA GLY A 98 5.44 8.37 3.67
C GLY A 98 4.19 7.53 3.80
N ALA A 99 3.85 6.82 2.74
CA ALA A 99 2.66 5.97 2.73
C ALA A 99 2.81 4.80 3.71
N LYS A 100 3.99 4.21 3.74
CA LYS A 100 4.26 3.08 4.62
C LYS A 100 4.00 3.47 6.07
N GLN A 101 4.35 4.70 6.43
CA GLN A 101 4.15 5.20 7.79
C GLN A 101 2.66 5.33 8.11
N ILE A 102 1.91 5.89 7.16
CA ILE A 102 0.48 6.08 7.35
C ILE A 102 -0.22 4.76 7.66
N VAL A 103 0.12 3.72 6.89
CA VAL A 103 -0.46 2.41 7.08
C VAL A 103 -0.13 1.85 8.46
N ARG A 104 1.16 1.90 8.81
CA ARG A 104 1.61 1.40 10.11
C ARG A 104 0.82 2.04 11.24
N ARG A 105 0.79 3.36 11.26
CA ARG A 105 0.06 4.09 12.30
C ARG A 105 -1.41 3.69 12.32
N HIS A 106 -1.91 3.26 11.18
CA HIS A 106 -3.31 2.84 11.07
C HIS A 106 -3.50 1.43 11.62
N LEU A 107 -2.46 0.61 11.68
CA LEU A 107 -2.59 -0.75 12.20
C LEU A 107 -2.23 -0.82 13.67
N VAL A 108 -1.09 -0.24 14.02
CA VAL A 108 -0.62 -0.23 15.40
C VAL A 108 -1.71 0.30 16.33
N ALA A 109 -2.44 1.31 15.87
CA ALA A 109 -3.51 1.90 16.67
C ALA A 109 -4.50 0.84 17.12
N GLU A 110 -4.68 -0.20 16.31
CA GLU A 110 -5.60 -1.27 16.62
C GLU A 110 -4.96 -2.28 17.59
N THR A 111 -3.63 -2.39 17.51
CA THR A 111 -2.90 -3.32 18.37
C THR A 111 -3.13 -2.99 19.84
N GLY A 112 -3.40 -1.72 20.13
CA GLY A 112 -3.63 -1.32 21.51
C GLY A 112 -4.90 -1.92 22.09
N THR A 113 -5.86 -2.22 21.22
CA THR A 113 -7.12 -2.81 21.65
C THR A 113 -7.30 -4.21 21.09
N ALA A 114 -6.18 -4.90 20.88
CA ALA A 114 -6.22 -6.26 20.35
C ALA A 114 -4.88 -6.98 20.59
N GLU A 115 -4.33 -6.80 21.79
CA GLU A 115 -3.06 -7.43 22.14
C GLU A 115 -3.13 -8.93 21.93
N LYS A 116 -4.30 -9.51 22.14
CA LYS A 116 -4.50 -10.95 21.98
C LYS A 116 -4.10 -11.39 20.58
N MET A 117 -4.26 -10.50 19.60
CA MET A 117 -3.90 -10.80 18.22
C MET A 117 -4.67 -12.01 17.71
N PRO A 118 -5.97 -11.80 17.40
CA PRO A 118 -6.84 -12.87 16.89
C PRO A 118 -6.46 -13.30 15.49
N SER A 119 -5.60 -14.31 15.39
CA SER A 119 -5.16 -14.83 14.10
C SER A 119 -5.07 -16.35 14.13
N THR A 120 -4.75 -16.93 12.98
CA THR A 120 -4.62 -18.37 12.87
C THR A 120 -3.54 -18.77 11.87
N SER A 121 -2.84 -19.87 12.15
CA SER A 121 -1.78 -20.33 11.28
C SER A 121 -2.33 -20.77 9.93
N ARG A 122 -1.50 -20.69 8.89
CA ARG A 122 -1.91 -21.07 7.55
C ARG A 122 -1.02 -22.19 7.01
N PRO A 123 -1.63 -23.09 6.23
CA PRO A 123 -0.91 -24.23 5.63
C PRO A 123 0.06 -23.79 4.55
N THR A 124 0.74 -24.77 3.94
CA THR A 124 1.70 -24.48 2.89
C THR A 124 1.32 -25.20 1.59
N ALA A 125 1.36 -24.46 0.49
CA ALA A 125 1.02 -25.02 -0.81
C ALA A 125 2.18 -24.89 -1.79
N PRO A 126 2.23 -25.80 -2.77
CA PRO A 126 3.29 -25.81 -3.79
C PRO A 126 3.18 -24.64 -4.75
N SER A 127 4.33 -24.08 -5.14
CA SER A 127 4.37 -22.95 -6.05
C SER A 127 3.63 -23.27 -7.35
N SER A 128 2.88 -22.30 -7.85
CA SER A 128 2.13 -22.48 -9.08
C SER A 128 3.00 -22.21 -10.30
N GLU A 129 2.64 -22.82 -11.43
CA GLU A 129 3.39 -22.65 -12.66
C GLU A 129 3.34 -21.20 -13.14
N LYS A 130 3.91 -20.95 -14.31
CA LYS A 130 3.93 -19.61 -14.89
C LYS A 130 2.51 -19.10 -15.10
N GLY A 131 2.32 -17.79 -14.91
CA GLY A 131 1.01 -17.21 -15.10
C GLY A 131 0.75 -16.82 -16.54
N GLY A 132 0.03 -15.71 -16.74
CA GLY A 132 -0.28 -15.26 -18.08
C GLY A 132 -0.25 -13.74 -18.20
N ASN A 133 -1.33 -13.10 -17.79
CA ASN A 133 -1.42 -11.65 -17.85
C ASN A 133 -1.21 -11.14 -19.28
N TYR A 134 -1.63 -11.95 -20.24
CA TYR A 134 -1.49 -11.59 -21.65
C TYR A 134 -0.01 -11.36 -22.00
C1 MYR B . -5.49 -3.48 -18.31
O2 MYR B . -5.32 -2.42 -17.71
C2 MYR B . -5.94 -4.69 -17.50
C3 MYR B . -4.80 -5.57 -16.95
C4 MYR B . -4.21 -5.01 -15.64
C5 MYR B . -5.18 -5.18 -14.45
C6 MYR B . -4.50 -5.87 -13.25
C7 MYR B . -3.97 -4.85 -12.23
C8 MYR B . -5.09 -4.24 -11.38
C9 MYR B . -4.55 -3.50 -10.13
C10 MYR B . -3.71 -2.27 -10.50
C11 MYR B . -4.30 -0.94 -9.99
C12 MYR B . -3.76 0.32 -10.73
C13 MYR B . -3.64 1.53 -9.81
C14 MYR B . -2.18 1.77 -9.38
H21 MYR B . -6.58 -5.30 -18.17
H22 MYR B . -6.62 -4.37 -16.68
H31 MYR B . -3.99 -5.66 -17.70
H32 MYR B . -5.17 -6.60 -16.79
H41 MYR B . -3.97 -3.93 -15.77
H42 MYR B . -3.25 -5.50 -15.42
H51 MYR B . -6.06 -5.77 -14.77
H52 MYR B . -5.57 -4.20 -14.15
H61 MYR B . -3.66 -6.50 -13.61
H62 MYR B . -5.21 -6.56 -12.76
H71 MYR B . -3.42 -4.04 -12.76
H72 MYR B . -3.21 -5.33 -11.57
H81 MYR B . -5.80 -5.04 -11.06
H82 MYR B . -5.69 -3.54 -11.98
H91 MYR B . -3.94 -4.20 -9.52
H92 MYR B . -5.40 -3.21 -9.47
H101 MYR B . -3.62 -2.22 -11.60
H102 MYR B . -2.68 -2.39 -10.13
H111 MYR B . -4.12 -0.83 -8.90
H112 MYR B . -5.40 -0.97 -10.10
H121 MYR B . -4.44 0.55 -11.58
H122 MYR B . -2.79 0.09 -11.19
H131 MYR B . -4.27 1.39 -8.90
H132 MYR B . -4.02 2.44 -10.30
H141 MYR B . -1.46 1.22 -10.01
H142 MYR B . -1.90 2.83 -9.41
H143 MYR B . -2.01 1.43 -8.33
P1 PBU C . 14.48 -1.81 -10.06
P4 PBU C . 16.15 -0.08 -1.80
P5 PBU C . 14.38 -3.94 -2.81
C3' PBU C . 12.11 -2.60 -10.36
C2' PBU C . 11.93 -3.82 -9.43
O2' PBU C . 11.97 -3.38 -8.08
C1' PBU C . 13.03 -4.89 -9.65
O1' PBU C . 13.12 -5.18 -11.03
C1 PBU C . 14.27 -1.49 -7.15
O1 PBU C . 14.28 -2.28 -8.47
C2 PBU C . 15.12 -0.19 -7.14
O2 PBU C . 16.49 -0.41 -7.48
C3 PBU C . 15.06 0.50 -5.76
O3 PBU C . 15.87 1.69 -5.81
C4 PBU C . 15.52 -0.48 -4.61
O4 PBU C . 15.39 0.22 -3.27
C5 PBU C . 14.62 -1.78 -4.66
O5 PBU C . 15.10 -2.71 -3.64
C6 PBU C . 14.67 -2.48 -6.04
O6 PBU C . 13.77 -3.59 -6.12
C7 PBU C . 10.88 -2.62 -7.60
O7 PBU C . 11.03 -1.45 -7.32
C8 PBU C . 9.49 -3.28 -7.47
C9 PBU C . 8.74 -2.67 -6.27
C10 PBU C . 8.13 -1.31 -6.68
C11 PBU C . 14.20 -5.92 -11.56
O11 PBU C . 15.31 -5.47 -11.77
C12 PBU C . 13.88 -7.40 -11.92
C13 PBU C . 14.10 -8.38 -10.76
C14 PBU C . 13.41 -9.73 -11.04
O41 PBU C . 17.38 0.79 -2.01
O42 PBU C . 15.19 0.44 -0.76
O43 PBU C . 16.40 -1.57 -1.64
O51 PBU C . 15.39 -4.16 -1.70
O52 PBU C . 13.03 -3.37 -2.42
O53 PBU C . 14.33 -5.06 -3.82
OP1 PBU C . 13.43 -2.53 -10.86
OP2 PBU C . 14.30 -0.29 -10.01
OP3 PBU C . 15.86 -2.33 -10.41
H3'1 PBU C . 11.91 -1.73 -9.80
H3'2 PBU C . 11.43 -2.69 -11.15
H2' PBU C . 11.01 -4.29 -9.65
H1'1 PBU C . 13.97 -4.51 -9.34
H1'2 PBU C . 12.83 -5.75 -9.07
H1 PBU C . 13.25 -1.11 -6.99
H2 PBU C . 14.69 0.49 -7.89
H02 PBU C . 16.94 -1.07 -7.00
H3 PBU C . 14.03 0.78 -5.53
H03 PBU C . 16.79 1.45 -5.92
H4 PBU C . 16.56 -0.80 -4.71
H5 PBU C . 13.61 -1.44 -4.44
H6 PBU C . 15.67 -2.85 -6.20
H06 PBU C . 14.11 -4.36 -5.69
H81 PBU C . 9.61 -4.31 -7.32
H82 PBU C . 8.94 -3.10 -8.34
H91 PBU C . 9.40 -2.54 -5.47
H92 PBU C . 7.95 -3.31 -5.98
H11 PBU C . 7.48 -1.45 -7.49
H12 PBU C . 8.91 -0.65 -6.96
H13 PBU C . 7.61 -0.91 -5.87
H121 PBU C . 12.87 -7.45 -12.22
H122 PBU C . 14.50 -7.67 -12.72
H131 PBU C . 15.14 -8.54 -10.65
H132 PBU C . 13.72 -7.96 -9.87
H141 PBU C . 13.64 -10.39 -10.26
H142 PBU C . 13.77 -10.12 -11.94
H143 PBU C . 12.37 -9.61 -11.08
N GLY A 1 -2.68 -5.91 -17.29
CA GLY A 1 -1.87 -6.32 -18.42
C GLY A 1 -1.10 -5.15 -19.02
N ALA A 2 -1.64 -4.60 -20.11
CA ALA A 2 -1.00 -3.48 -20.79
C ALA A 2 -1.90 -2.25 -20.78
N ARG A 3 -2.32 -1.83 -19.59
CA ARG A 3 -3.18 -0.67 -19.45
C ARG A 3 -2.38 0.57 -19.03
N ASN A 4 -2.43 1.60 -19.87
CA ASN A 4 -1.70 2.84 -19.60
C ASN A 4 -2.05 3.37 -18.20
N SER A 5 -3.34 3.55 -17.95
CA SER A 5 -3.80 4.06 -16.66
C SER A 5 -5.05 3.31 -16.20
N VAL A 6 -4.91 2.54 -15.13
CA VAL A 6 -6.03 1.78 -14.58
C VAL A 6 -7.07 2.71 -13.97
N LEU A 7 -6.62 3.70 -13.22
CA LEU A 7 -7.51 4.65 -12.58
C LEU A 7 -7.66 5.91 -13.42
N ARG A 8 -8.41 6.88 -12.89
CA ARG A 8 -8.63 8.14 -13.61
C ARG A 8 -7.30 8.80 -13.95
N GLY A 9 -7.38 9.97 -14.59
CA GLY A 9 -6.18 10.69 -14.98
C GLY A 9 -5.46 11.27 -13.79
N LYS A 10 -6.19 11.98 -12.94
CA LYS A 10 -5.61 12.60 -11.75
C LYS A 10 -4.99 11.54 -10.84
N LYS A 11 -5.68 10.42 -10.68
CA LYS A 11 -5.22 9.32 -9.84
C LYS A 11 -3.97 8.69 -10.43
N ALA A 12 -4.08 8.24 -11.68
CA ALA A 12 -2.95 7.61 -12.37
C ALA A 12 -1.74 8.53 -12.39
N ASP A 13 -1.98 9.83 -12.38
CA ASP A 13 -0.90 10.81 -12.41
C ASP A 13 -0.02 10.69 -11.17
N GLU A 14 -0.64 10.78 -9.99
CA GLU A 14 0.09 10.67 -8.74
C GLU A 14 0.87 9.37 -8.68
N LEU A 15 0.27 8.30 -9.18
CA LEU A 15 0.91 6.98 -9.18
C LEU A 15 2.23 7.03 -9.95
N GLU A 16 2.21 7.63 -11.12
CA GLU A 16 3.41 7.74 -11.96
C GLU A 16 4.35 8.81 -11.41
N ARG A 17 3.89 9.54 -10.39
CA ARG A 17 4.69 10.59 -9.78
C ARG A 17 5.37 10.09 -8.51
N ILE A 18 4.68 9.23 -7.78
CA ILE A 18 5.22 8.69 -6.53
C ILE A 18 6.59 8.07 -6.76
N ARG A 19 7.54 8.44 -5.92
CA ARG A 19 8.91 7.92 -6.02
C ARG A 19 9.10 6.71 -5.11
N LEU A 20 9.80 5.71 -5.60
CA LEU A 20 10.06 4.50 -4.84
C LEU A 20 10.79 4.81 -3.55
N ARG A 21 11.48 5.96 -3.52
CA ARG A 21 12.22 6.37 -2.34
C ARG A 21 11.96 7.85 -2.04
N PRO A 22 12.11 8.22 -0.75
CA PRO A 22 11.90 9.61 -0.30
C PRO A 22 12.98 10.56 -0.81
N GLY A 23 14.21 10.04 -0.90
CA GLY A 23 15.32 10.86 -1.37
C GLY A 23 15.83 10.42 -2.72
N GLY A 24 15.26 9.33 -3.25
CA GLY A 24 15.68 8.81 -4.53
C GLY A 24 14.96 9.48 -5.69
N LYS A 25 15.41 9.19 -6.90
CA LYS A 25 14.80 9.77 -8.10
C LYS A 25 13.94 8.74 -8.83
N LYS A 26 14.08 7.48 -8.43
CA LYS A 26 13.30 6.40 -9.04
C LYS A 26 11.85 6.46 -8.62
N LYS A 27 10.94 6.21 -9.57
CA LYS A 27 9.51 6.24 -9.29
C LYS A 27 8.79 5.14 -10.07
N TYR A 28 7.50 4.98 -9.80
CA TYR A 28 6.70 3.98 -10.47
C TYR A 28 6.62 4.24 -11.97
N ARG A 29 6.66 3.17 -12.75
CA ARG A 29 6.60 3.29 -14.21
C ARG A 29 5.55 2.33 -14.80
N LEU A 30 4.60 1.93 -13.95
CA LEU A 30 3.55 1.02 -14.39
C LEU A 30 4.02 -0.43 -14.33
N LYS A 31 5.29 -0.64 -14.65
CA LYS A 31 5.88 -1.98 -14.64
C LYS A 31 5.93 -2.53 -13.22
N HIS A 32 6.03 -1.64 -12.24
CA HIS A 32 6.09 -2.04 -10.85
C HIS A 32 4.73 -2.56 -10.37
N ILE A 33 3.62 -2.02 -10.83
CA ILE A 33 2.31 -2.48 -10.40
C ILE A 33 2.03 -3.90 -10.92
N VAL A 34 2.45 -4.17 -12.15
CA VAL A 34 2.26 -5.47 -12.75
C VAL A 34 3.05 -6.55 -12.02
N TRP A 35 4.26 -6.20 -11.61
CA TRP A 35 5.13 -7.13 -10.89
C TRP A 35 4.61 -7.36 -9.48
N ALA A 36 3.82 -6.42 -8.98
CA ALA A 36 3.26 -6.54 -7.63
C ALA A 36 2.12 -7.56 -7.60
N ALA A 37 1.22 -7.45 -8.56
CA ALA A 37 0.07 -8.36 -8.64
C ALA A 37 0.54 -9.78 -8.98
N ASN A 38 1.48 -9.88 -9.92
CA ASN A 38 2.00 -11.18 -10.35
C ASN A 38 2.57 -11.95 -9.15
N LYS A 39 3.10 -11.20 -8.18
CA LYS A 39 3.67 -11.81 -6.99
C LYS A 39 2.59 -12.33 -6.06
N LEU A 40 1.45 -11.65 -6.05
CA LEU A 40 0.33 -12.04 -5.20
C LEU A 40 -0.17 -13.44 -5.56
N ASP A 41 -0.52 -13.63 -6.83
CA ASP A 41 -1.00 -14.92 -7.30
C ASP A 41 -0.04 -16.04 -6.89
N ARG A 42 1.24 -15.83 -7.15
CA ARG A 42 2.26 -16.82 -6.80
C ARG A 42 2.34 -17.03 -5.29
N PHE A 43 2.57 -15.94 -4.57
CA PHE A 43 2.67 -15.99 -3.11
C PHE A 43 1.48 -16.75 -2.52
N GLY A 44 0.29 -16.40 -2.97
CA GLY A 44 -0.91 -17.06 -2.46
C GLY A 44 -2.08 -16.11 -2.34
N LEU A 45 -1.83 -14.83 -2.55
CA LEU A 45 -2.88 -13.82 -2.46
C LEU A 45 -3.52 -13.57 -3.82
N ALA A 46 -4.68 -12.93 -3.81
CA ALA A 46 -5.40 -12.64 -5.05
C ALA A 46 -4.93 -11.33 -5.65
N GLU A 47 -5.36 -11.05 -6.88
CA GLU A 47 -4.98 -9.84 -7.58
C GLU A 47 -6.06 -8.77 -7.44
N SER A 48 -7.31 -9.21 -7.38
CA SER A 48 -8.45 -8.30 -7.27
C SER A 48 -8.34 -7.46 -6.00
N LEU A 49 -7.55 -7.94 -5.04
CA LEU A 49 -7.35 -7.23 -3.79
C LEU A 49 -6.70 -5.88 -4.02
N LEU A 50 -6.10 -5.71 -5.20
CA LEU A 50 -5.44 -4.46 -5.55
C LEU A 50 -6.43 -3.45 -6.07
N GLU A 51 -7.69 -3.87 -6.22
CA GLU A 51 -8.74 -2.98 -6.71
C GLU A 51 -9.74 -2.65 -5.60
N SER A 52 -9.24 -2.59 -4.36
CA SER A 52 -10.09 -2.29 -3.22
C SER A 52 -9.25 -2.07 -1.96
N LYS A 53 -9.51 -0.96 -1.27
CA LYS A 53 -8.77 -0.62 -0.06
C LYS A 53 -8.88 -1.76 0.96
N GLU A 54 -10.10 -2.23 1.19
CA GLU A 54 -10.33 -3.32 2.15
C GLU A 54 -9.47 -4.53 1.81
N GLY A 55 -9.33 -4.82 0.52
CA GLY A 55 -8.54 -5.95 0.07
C GLY A 55 -7.06 -5.71 0.23
N CYS A 56 -6.59 -4.57 -0.26
CA CYS A 56 -5.18 -4.22 -0.18
C CYS A 56 -4.69 -4.29 1.27
N GLN A 57 -5.53 -3.86 2.20
CA GLN A 57 -5.17 -3.87 3.61
C GLN A 57 -4.94 -5.29 4.11
N LYS A 58 -5.70 -6.24 3.56
CA LYS A 58 -5.59 -7.63 3.93
C LYS A 58 -4.28 -8.24 3.41
N ILE A 59 -3.67 -7.55 2.45
CA ILE A 59 -2.42 -8.01 1.85
C ILE A 59 -1.22 -7.57 2.71
N LEU A 60 -1.24 -6.33 3.15
CA LEU A 60 -0.15 -5.78 3.96
C LEU A 60 0.03 -6.62 5.23
N THR A 61 -1.06 -7.15 5.75
CA THR A 61 -1.02 -7.96 6.97
C THR A 61 -0.27 -9.26 6.72
N VAL A 62 -0.31 -9.75 5.48
CA VAL A 62 0.37 -10.98 5.12
C VAL A 62 1.84 -10.73 4.81
N LEU A 63 2.11 -9.62 4.12
CA LEU A 63 3.48 -9.26 3.75
C LEU A 63 4.23 -8.70 4.96
N ASP A 64 3.48 -8.21 5.94
CA ASP A 64 4.08 -7.64 7.14
C ASP A 64 5.06 -8.63 7.78
N PRO A 65 4.55 -9.80 8.16
CA PRO A 65 5.35 -10.85 8.79
C PRO A 65 6.34 -11.49 7.81
N MET A 66 6.20 -11.15 6.54
CA MET A 66 7.07 -11.68 5.49
C MET A 66 8.36 -10.86 5.40
N VAL A 67 8.31 -9.64 5.90
CA VAL A 67 9.47 -8.76 5.87
C VAL A 67 10.66 -9.38 6.59
N PRO A 68 10.47 -9.68 7.89
CA PRO A 68 11.51 -10.28 8.72
C PRO A 68 11.80 -11.74 8.32
N THR A 69 11.10 -12.21 7.31
CA THR A 69 11.29 -13.57 6.83
C THR A 69 11.21 -13.65 5.31
N GLY A 70 11.88 -12.70 4.65
CA GLY A 70 11.88 -12.67 3.20
C GLY A 70 13.10 -11.98 2.63
N SER A 71 13.10 -11.76 1.32
CA SER A 71 14.22 -11.10 0.65
C SER A 71 13.76 -9.85 -0.09
N GLU A 72 14.66 -9.26 -0.86
CA GLU A 72 14.35 -8.05 -1.62
C GLU A 72 13.17 -8.29 -2.55
N ASN A 73 13.17 -9.45 -3.20
CA ASN A 73 12.09 -9.80 -4.12
C ASN A 73 10.74 -9.77 -3.43
N LEU A 74 10.75 -9.94 -2.11
CA LEU A 74 9.52 -9.94 -1.33
C LEU A 74 9.26 -8.55 -0.73
N LYS A 75 10.24 -8.05 0.02
CA LYS A 75 10.13 -6.74 0.64
C LYS A 75 9.69 -5.69 -0.37
N SER A 76 10.08 -5.89 -1.62
CA SER A 76 9.74 -4.96 -2.70
C SER A 76 8.22 -4.81 -2.82
N LEU A 77 7.52 -5.94 -2.77
CA LEU A 77 6.07 -5.94 -2.89
C LEU A 77 5.44 -5.20 -1.71
N PHE A 78 6.05 -5.32 -0.54
CA PHE A 78 5.55 -4.67 0.66
C PHE A 78 5.56 -3.14 0.49
N ASN A 79 6.53 -2.65 -0.26
CA ASN A 79 6.65 -1.21 -0.50
C ASN A 79 5.67 -0.75 -1.59
N THR A 80 5.20 -1.71 -2.39
CA THR A 80 4.27 -1.41 -3.47
C THR A 80 2.83 -1.47 -2.98
N VAL A 81 2.56 -2.40 -2.07
CA VAL A 81 1.21 -2.56 -1.51
C VAL A 81 0.87 -1.40 -0.58
N CYS A 82 1.89 -0.83 0.04
CA CYS A 82 1.70 0.28 0.97
C CYS A 82 1.25 1.53 0.23
N VAL A 83 1.54 1.59 -1.07
CA VAL A 83 1.17 2.73 -1.89
C VAL A 83 -0.23 2.55 -2.47
N ILE A 84 -0.38 1.55 -3.34
CA ILE A 84 -1.66 1.27 -3.98
C ILE A 84 -2.81 1.46 -2.99
N TRP A 85 -2.61 1.02 -1.76
CA TRP A 85 -3.62 1.13 -0.72
C TRP A 85 -4.02 2.59 -0.51
N CYS A 86 -3.01 3.44 -0.31
CA CYS A 86 -3.24 4.86 -0.09
C CYS A 86 -4.20 5.43 -1.13
N ILE A 87 -3.88 5.21 -2.41
CA ILE A 87 -4.70 5.70 -3.50
C ILE A 87 -6.17 5.33 -3.29
N HIS A 88 -6.40 4.16 -2.69
CA HIS A 88 -7.76 3.70 -2.42
C HIS A 88 -8.33 4.37 -1.17
N ALA A 89 -7.51 4.72 -0.18
CA ALA A 89 -8.01 5.37 1.02
C ALA A 89 -8.08 6.88 0.85
N GLU A 90 -8.00 7.32 -0.40
CA GLU A 90 -8.05 8.75 -0.71
C GLU A 90 -6.94 9.50 0.01
N GLU A 91 -5.70 9.06 -0.19
CA GLU A 91 -4.55 9.68 0.43
C GLU A 91 -3.48 10.04 -0.60
N LYS A 92 -2.94 11.24 -0.51
CA LYS A 92 -1.91 11.70 -1.44
C LYS A 92 -0.52 11.52 -0.83
N VAL A 93 0.33 10.78 -1.53
CA VAL A 93 1.69 10.54 -1.07
C VAL A 93 2.71 10.93 -2.13
N LYS A 94 3.73 11.67 -1.73
CA LYS A 94 4.78 12.09 -2.64
C LYS A 94 5.73 10.95 -2.97
N ASP A 95 6.03 10.14 -1.96
CA ASP A 95 6.93 9.00 -2.14
C ASP A 95 6.34 7.74 -1.51
N THR A 96 6.93 6.59 -1.82
CA THR A 96 6.48 5.32 -1.28
C THR A 96 6.68 5.25 0.22
N GLU A 97 7.77 5.87 0.69
CA GLU A 97 8.08 5.87 2.13
C GLU A 97 6.95 6.52 2.92
N GLY A 98 6.53 7.70 2.48
CA GLY A 98 5.47 8.41 3.16
C GLY A 98 4.19 7.61 3.22
N ALA A 99 3.91 6.84 2.18
CA ALA A 99 2.71 6.02 2.11
C ALA A 99 2.72 4.95 3.20
N LYS A 100 3.86 4.25 3.32
CA LYS A 100 4.00 3.20 4.31
C LYS A 100 3.78 3.74 5.72
N GLN A 101 4.14 5.00 5.93
CA GLN A 101 3.99 5.65 7.23
C GLN A 101 2.52 5.87 7.55
N ILE A 102 1.73 6.22 6.53
CA ILE A 102 0.31 6.46 6.71
C ILE A 102 -0.43 5.17 7.07
N VAL A 103 -0.15 4.10 6.32
CA VAL A 103 -0.78 2.81 6.55
C VAL A 103 -0.44 2.28 7.94
N ARG A 104 0.84 2.23 8.26
CA ARG A 104 1.30 1.74 9.55
C ARG A 104 0.58 2.46 10.69
N ARG A 105 0.61 3.79 10.66
CA ARG A 105 -0.04 4.60 11.68
C ARG A 105 -1.52 4.26 11.78
N HIS A 106 -2.16 4.07 10.63
CA HIS A 106 -3.58 3.74 10.58
C HIS A 106 -3.85 2.37 11.21
N LEU A 107 -2.84 1.52 11.36
CA LEU A 107 -3.04 0.20 11.95
C LEU A 107 -2.78 0.24 13.45
N VAL A 108 -1.76 0.98 13.85
CA VAL A 108 -1.40 1.09 15.27
C VAL A 108 -2.42 1.95 16.01
N ALA A 109 -2.97 2.95 15.32
CA ALA A 109 -3.96 3.84 15.92
C ALA A 109 -5.18 3.07 16.40
N GLU A 110 -5.60 2.07 15.62
CA GLU A 110 -6.74 1.25 15.96
C GLU A 110 -6.45 0.38 17.18
N THR A 111 -5.25 -0.20 17.22
CA THR A 111 -4.86 -1.06 18.33
C THR A 111 -4.88 -0.29 19.64
N GLY A 112 -4.62 1.01 19.57
CA GLY A 112 -4.62 1.83 20.77
C GLY A 112 -6.01 2.01 21.35
N THR A 113 -7.02 1.96 20.49
CA THR A 113 -8.40 2.12 20.92
C THR A 113 -9.13 0.79 20.96
N ALA A 114 -8.39 -0.28 21.24
CA ALA A 114 -8.96 -1.61 21.30
C ALA A 114 -8.47 -2.36 22.54
N GLU A 115 -7.16 -2.29 22.78
CA GLU A 115 -6.57 -2.97 23.94
C GLU A 115 -7.16 -2.44 25.24
N LYS A 116 -7.00 -1.15 25.49
CA LYS A 116 -7.52 -0.53 26.70
C LYS A 116 -9.00 -0.19 26.53
N MET A 117 -9.37 0.28 25.35
CA MET A 117 -10.76 0.64 25.06
C MET A 117 -11.20 1.80 25.94
N PRO A 118 -12.26 2.50 25.51
CA PRO A 118 -12.82 3.64 26.24
C PRO A 118 -13.49 3.22 27.54
N SER A 119 -13.45 4.11 28.54
CA SER A 119 -14.06 3.83 29.83
C SER A 119 -15.56 4.12 29.80
N THR A 120 -15.94 5.14 29.05
CA THR A 120 -17.34 5.52 28.93
C THR A 120 -17.99 4.87 27.71
N SER A 121 -19.31 5.01 27.61
CA SER A 121 -20.05 4.43 26.49
C SER A 121 -20.32 5.48 25.41
N ARG A 122 -19.36 6.37 25.21
CA ARG A 122 -19.49 7.43 24.21
C ARG A 122 -18.33 7.40 23.23
N PRO A 123 -18.60 7.75 21.97
CA PRO A 123 -17.59 7.77 20.91
C PRO A 123 -16.59 8.89 21.10
N THR A 124 -15.30 8.56 20.95
CA THR A 124 -14.24 9.54 21.11
C THR A 124 -12.98 9.10 20.37
N ALA A 125 -12.64 9.83 19.30
CA ALA A 125 -11.45 9.51 18.52
C ALA A 125 -10.21 9.47 19.39
N PRO A 126 -9.21 8.69 18.96
CA PRO A 126 -7.94 8.54 19.69
C PRO A 126 -7.10 9.81 19.66
N SER A 127 -6.97 10.39 18.48
CA SER A 127 -6.19 11.62 18.32
C SER A 127 -7.07 12.78 17.85
N SER A 128 -6.75 13.98 18.30
CA SER A 128 -7.51 15.17 17.94
C SER A 128 -6.73 16.43 18.29
N GLU A 129 -5.45 16.46 17.95
CA GLU A 129 -4.60 17.60 18.22
C GLU A 129 -3.90 18.08 16.95
N LYS A 130 -3.71 19.39 16.84
CA LYS A 130 -3.06 19.97 15.67
C LYS A 130 -1.55 19.78 15.75
N GLY A 131 -1.02 19.75 16.97
CA GLY A 131 0.41 19.57 17.16
C GLY A 131 1.15 20.89 17.31
N GLY A 132 2.48 20.81 17.38
CA GLY A 132 3.28 22.02 17.53
C GLY A 132 3.66 22.62 16.19
N ASN A 133 4.95 22.72 15.94
CA ASN A 133 5.45 23.29 14.68
C ASN A 133 6.13 22.22 13.83
N TYR A 134 6.42 22.56 12.58
CA TYR A 134 7.06 21.64 11.66
C TYR A 134 8.47 22.11 11.31
C1 MYR B . -3.87 -6.45 -17.08
O2 MYR B . -4.36 -7.32 -17.81
C2 MYR B . -4.69 -5.99 -15.87
C3 MYR B . -4.31 -6.65 -14.53
C4 MYR B . -5.15 -6.12 -13.36
C5 MYR B . -4.84 -4.65 -13.04
C6 MYR B . -5.56 -4.18 -11.76
C7 MYR B . -4.58 -3.55 -10.74
C8 MYR B . -4.84 -2.04 -10.54
C9 MYR B . -6.00 -1.78 -9.56
C10 MYR B . -5.71 -0.58 -8.63
C11 MYR B . -5.67 0.79 -9.35
C12 MYR B . -4.41 1.62 -9.06
C13 MYR B . -3.39 1.53 -10.21
C14 MYR B . -1.96 1.89 -9.74
H21 MYR B . -5.75 -6.21 -16.10
H22 MYR B . -4.64 -4.89 -15.79
H31 MYR B . -3.23 -6.49 -14.33
H32 MYR B . -4.44 -7.75 -14.62
H41 MYR B . -4.98 -6.75 -12.45
H42 MYR B . -6.23 -6.24 -13.59
H51 MYR B . -5.14 -4.01 -13.89
H52 MYR B . -3.75 -4.52 -12.93
H61 MYR B . -6.09 -5.02 -11.29
H62 MYR B . -6.35 -3.44 -12.02
H71 MYR B . -3.54 -3.70 -11.08
H72 MYR B . -4.66 -4.07 -9.77
H81 MYR B . -5.06 -1.57 -11.51
H82 MYR B . -3.92 -1.55 -10.17
H91 MYR B . -6.19 -2.69 -8.95
H92 MYR B . -6.93 -1.60 -10.12
H101 MYR B . -4.73 -0.73 -8.14
H102 MYR B . -6.44 -0.54 -7.80
H111 MYR B . -6.58 1.38 -9.09
H112 MYR B . -5.75 0.61 -10.44
H121 MYR B . -3.94 1.28 -8.12
H122 MYR B . -4.67 2.68 -8.90
H131 MYR B . -3.67 2.21 -11.04
H132 MYR B . -3.38 0.51 -10.65
H141 MYR B . -1.97 2.63 -8.93
H142 MYR B . -1.42 1.00 -9.37
H143 MYR B . -1.36 2.31 -10.56
P1 PBU C . 13.13 -2.28 -9.20
P4 PBU C . 14.95 0.98 -1.38
P5 PBU C . 15.83 -3.30 -2.15
C3' PBU C . 13.01 -4.78 -8.94
C2' PBU C . 11.55 -5.29 -8.95
O2' PBU C . 11.07 -5.33 -7.62
C1' PBU C . 11.43 -6.70 -9.58
O1' PBU C . 12.33 -6.81 -10.66
C1 PBU C . 13.74 -1.68 -6.40
O1 PBU C . 13.98 -2.32 -7.77
C2 PBU C . 14.41 -0.27 -6.19
O2 PBU C . 15.82 -0.29 -6.40
C3 PBU C . 14.12 0.25 -4.76
O3 PBU C . 14.77 1.53 -4.63
C4 PBU C . 14.61 -0.77 -3.66
O4 PBU C . 14.27 -0.24 -2.28
C5 PBU C . 13.90 -2.17 -3.92
O5 PBU C . 14.40 -3.13 -2.94
C6 PBU C . 14.16 -2.71 -5.34
O6 PBU C . 13.43 -3.92 -5.61
C7 PBU C . 10.43 -4.18 -7.12
O7 PBU C . 10.95 -3.51 -6.25
C8 PBU C . 9.06 -3.76 -7.69
C9 PBU C . 8.14 -3.28 -6.55
C10 PBU C . 8.31 -1.76 -6.36
C11 PBU C . 13.30 -7.82 -10.73
O11 PBU C . 13.52 -8.63 -9.85
C12 PBU C . 14.17 -7.84 -12.02
C13 PBU C . 13.38 -7.41 -13.28
C14 PBU C . 14.33 -7.15 -14.47
O41 PBU C . 16.05 1.41 -2.36
O42 PBU C . 13.86 2.00 -1.19
O43 PBU C . 15.44 0.43 -0.05
O51 PBU C . 15.50 -4.47 -1.22
O52 PBU C . 16.83 -3.56 -3.26
O53 PBU C . 16.00 -1.98 -1.43
OP1 PBU C . 13.18 -3.67 -9.79
OP2 PBU C . 11.72 -1.87 -8.75
OP3 PBU C . 13.88 -1.32 -10.07
H3'1 PBU C . 13.65 -5.55 -9.25
H3'2 PBU C . 13.25 -4.51 -7.94
H2' PBU C . 10.97 -4.65 -9.55
H1'1 PBU C . 11.72 -7.43 -8.86
H1'2 PBU C . 10.44 -6.91 -9.86
H1 PBU C . 12.68 -1.45 -6.31
H2 PBU C . 13.96 0.40 -6.91
H02 PBU C . 16.30 -0.93 -5.94
H3 PBU C . 13.05 0.38 -4.62
H03 PBU C . 15.73 1.42 -4.66
H4 PBU C . 15.68 -0.95 -3.69
H5 PBU C . 12.84 -1.98 -3.78
H6 PBU C . 15.21 -2.94 -5.43
H06 PBU C . 13.83 -4.67 -5.22
H81 PBU C . 8.61 -4.59 -8.16
H82 PBU C . 9.20 -2.98 -8.37
H91 PBU C . 8.38 -3.79 -5.66
H92 PBU C . 7.13 -3.48 -6.80
H11 PBU C . 8.07 -1.26 -7.25
H12 PBU C . 9.30 -1.55 -6.10
H13 PBU C . 7.67 -1.43 -5.60
H121 PBU C . 14.97 -7.18 -11.90
H122 PBU C . 14.52 -8.82 -12.17
H131 PBU C . 12.72 -8.18 -13.55
H132 PBU C . 12.84 -6.54 -13.07
H141 PBU C . 13.76 -6.92 -15.32
H142 PBU C . 14.90 -8.01 -14.65
H143 PBU C . 14.96 -6.33 -14.26
N GLY A 1 -4.85 -7.91 -15.76
CA GLY A 1 -5.65 -8.56 -16.77
C GLY A 1 -6.50 -7.58 -17.57
N ALA A 2 -7.43 -8.11 -18.35
CA ALA A 2 -8.30 -7.26 -19.17
C ALA A 2 -9.60 -6.96 -18.43
N ARG A 3 -10.09 -7.94 -17.68
CA ARG A 3 -11.34 -7.76 -16.93
C ARG A 3 -11.26 -6.54 -16.01
N ASN A 4 -10.05 -6.20 -15.61
CA ASN A 4 -9.85 -5.05 -14.73
C ASN A 4 -9.43 -3.81 -15.54
N SER A 5 -9.96 -2.66 -15.15
CA SER A 5 -9.65 -1.41 -15.84
C SER A 5 -8.60 -0.62 -15.07
N VAL A 6 -7.34 -0.81 -15.42
CA VAL A 6 -6.24 -0.11 -14.77
C VAL A 6 -6.24 1.37 -15.13
N LEU A 7 -6.59 1.66 -16.37
CA LEU A 7 -6.63 3.04 -16.85
C LEU A 7 -5.25 3.69 -16.75
N ARG A 8 -5.15 4.94 -17.17
CA ARG A 8 -3.89 5.68 -17.12
C ARG A 8 -4.07 7.10 -17.65
N GLY A 9 -4.53 7.99 -16.78
CA GLY A 9 -4.74 9.38 -17.19
C GLY A 9 -4.81 10.32 -16.00
N LYS A 10 -5.92 10.24 -15.26
CA LYS A 10 -6.12 11.09 -14.09
C LYS A 10 -5.47 10.48 -12.85
N LYS A 11 -5.16 9.19 -12.93
CA LYS A 11 -4.54 8.48 -11.82
C LYS A 11 -3.03 8.54 -11.92
N ALA A 12 -2.51 8.46 -13.15
CA ALA A 12 -1.08 8.51 -13.40
C ALA A 12 -0.45 9.76 -12.79
N ASP A 13 -1.18 10.87 -12.87
CA ASP A 13 -0.70 12.14 -12.33
C ASP A 13 -0.52 12.05 -10.81
N GLU A 14 -1.09 11.02 -10.21
CA GLU A 14 -0.99 10.82 -8.77
C GLU A 14 -0.03 9.67 -8.45
N LEU A 15 -0.02 8.66 -9.31
CA LEU A 15 0.84 7.50 -9.12
C LEU A 15 2.28 7.82 -9.51
N GLU A 16 2.45 8.46 -10.67
CA GLU A 16 3.77 8.84 -11.15
C GLU A 16 4.42 9.85 -10.22
N ARG A 17 3.63 10.40 -9.31
CA ARG A 17 4.14 11.39 -8.36
C ARG A 17 4.85 10.72 -7.18
N ILE A 18 4.42 9.50 -6.86
CA ILE A 18 5.01 8.75 -5.77
C ILE A 18 6.34 8.12 -6.18
N ARG A 19 7.35 8.28 -5.35
CA ARG A 19 8.68 7.73 -5.62
C ARG A 19 8.91 6.45 -4.83
N LEU A 20 9.71 5.55 -5.39
CA LEU A 20 10.02 4.28 -4.73
C LEU A 20 10.73 4.51 -3.40
N ARG A 21 11.35 5.68 -3.27
CA ARG A 21 12.08 6.02 -2.05
C ARG A 21 12.25 7.53 -1.93
N PRO A 22 12.36 8.03 -0.69
CA PRO A 22 12.54 9.45 -0.42
C PRO A 22 13.91 9.96 -0.84
N GLY A 23 13.93 11.04 -1.62
CA GLY A 23 15.18 11.60 -2.08
C GLY A 23 15.81 10.78 -3.19
N GLY A 24 15.19 9.65 -3.51
CA GLY A 24 15.72 8.79 -4.55
C GLY A 24 15.48 9.35 -5.94
N LYS A 25 15.63 8.52 -6.96
CA LYS A 25 15.42 8.93 -8.34
C LYS A 25 14.64 7.88 -9.12
N LYS A 26 13.56 7.40 -8.52
CA LYS A 26 12.72 6.39 -9.16
C LYS A 26 11.25 6.62 -8.82
N LYS A 27 10.42 6.78 -9.86
CA LYS A 27 9.00 7.00 -9.68
C LYS A 27 8.21 5.75 -10.04
N TYR A 28 7.14 5.48 -9.28
CA TYR A 28 6.31 4.31 -9.52
C TYR A 28 5.73 4.35 -10.93
N ARG A 29 5.56 3.16 -11.52
CA ARG A 29 5.01 3.06 -12.87
C ARG A 29 4.28 1.73 -13.05
N LEU A 30 3.51 1.63 -14.13
CA LEU A 30 2.74 0.42 -14.42
C LEU A 30 3.62 -0.81 -14.26
N LYS A 31 4.91 -0.67 -14.55
CA LYS A 31 5.84 -1.78 -14.43
C LYS A 31 5.70 -2.48 -13.09
N HIS A 32 5.39 -1.70 -12.05
CA HIS A 32 5.21 -2.24 -10.71
C HIS A 32 3.80 -2.77 -10.51
N ILE A 33 2.76 -2.05 -10.92
CA ILE A 33 1.40 -2.52 -10.75
C ILE A 33 1.19 -3.86 -11.43
N VAL A 34 1.87 -4.06 -12.55
CA VAL A 34 1.76 -5.31 -13.30
C VAL A 34 2.56 -6.42 -12.63
N TRP A 35 3.72 -6.07 -12.08
CA TRP A 35 4.57 -7.04 -11.41
C TRP A 35 3.95 -7.48 -10.08
N ALA A 36 3.37 -6.53 -9.36
CA ALA A 36 2.74 -6.82 -8.08
C ALA A 36 1.65 -7.88 -8.23
N ALA A 37 0.78 -7.69 -9.21
CA ALA A 37 -0.31 -8.63 -9.46
C ALA A 37 0.22 -9.97 -9.96
N ASN A 38 1.30 -9.92 -10.75
CA ASN A 38 1.91 -11.12 -11.29
C ASN A 38 2.61 -11.92 -10.19
N LYS A 39 3.17 -11.21 -9.23
CA LYS A 39 3.87 -11.85 -8.11
C LYS A 39 2.88 -12.44 -7.12
N LEU A 40 1.76 -11.75 -6.92
CA LEU A 40 0.74 -12.22 -6.00
C LEU A 40 0.19 -13.58 -6.42
N ASP A 41 -0.41 -13.63 -7.60
CA ASP A 41 -0.97 -14.87 -8.12
C ASP A 41 0.04 -16.00 -8.04
N ARG A 42 1.31 -15.68 -8.27
CA ARG A 42 2.38 -16.66 -8.21
C ARG A 42 2.58 -17.19 -6.79
N PHE A 43 3.02 -16.30 -5.90
CA PHE A 43 3.24 -16.67 -4.52
C PHE A 43 2.04 -17.41 -3.94
N GLY A 44 0.85 -16.97 -4.33
CA GLY A 44 -0.37 -17.60 -3.85
C GLY A 44 -1.49 -16.60 -3.61
N LEU A 45 -1.12 -15.35 -3.40
CA LEU A 45 -2.10 -14.30 -3.17
C LEU A 45 -2.84 -13.94 -4.45
N ALA A 46 -4.06 -13.42 -4.31
CA ALA A 46 -4.87 -13.04 -5.46
C ALA A 46 -4.94 -11.53 -5.61
N GLU A 47 -5.35 -11.07 -6.79
CA GLU A 47 -5.46 -9.64 -7.06
C GLU A 47 -6.75 -9.07 -6.46
N SER A 48 -7.51 -9.94 -5.81
CA SER A 48 -8.78 -9.52 -5.20
C SER A 48 -8.56 -8.42 -4.17
N LEU A 49 -7.30 -8.25 -3.75
CA LEU A 49 -6.95 -7.24 -2.77
C LEU A 49 -6.24 -6.06 -3.44
N LEU A 50 -6.40 -5.96 -4.75
CA LEU A 50 -5.78 -4.87 -5.51
C LEU A 50 -6.82 -3.85 -5.94
N GLU A 51 -8.01 -4.31 -6.27
CA GLU A 51 -9.09 -3.43 -6.70
C GLU A 51 -10.01 -3.09 -5.54
N SER A 52 -9.49 -3.21 -4.32
CA SER A 52 -10.26 -2.92 -3.12
C SER A 52 -9.37 -2.33 -2.03
N LYS A 53 -9.59 -1.05 -1.72
CA LYS A 53 -8.81 -0.37 -0.70
C LYS A 53 -8.87 -1.11 0.62
N GLU A 54 -10.00 -1.77 0.88
CA GLU A 54 -10.17 -2.53 2.11
C GLU A 54 -9.46 -3.88 2.02
N GLY A 55 -9.25 -4.36 0.80
CA GLY A 55 -8.58 -5.63 0.61
C GLY A 55 -7.08 -5.51 0.70
N CYS A 56 -6.54 -4.42 0.16
CA CYS A 56 -5.10 -4.18 0.18
C CYS A 56 -4.56 -4.23 1.61
N GLN A 57 -5.42 -3.93 2.57
CA GLN A 57 -5.03 -3.93 3.97
C GLN A 57 -4.80 -5.35 4.47
N LYS A 58 -5.36 -6.33 3.76
CA LYS A 58 -5.22 -7.73 4.12
C LYS A 58 -3.88 -8.29 3.65
N ILE A 59 -3.22 -7.54 2.76
CA ILE A 59 -1.93 -7.96 2.23
C ILE A 59 -0.79 -7.49 3.13
N LEU A 60 -0.76 -6.19 3.40
CA LEU A 60 0.28 -5.61 4.25
C LEU A 60 0.32 -6.30 5.61
N THR A 61 -0.83 -6.78 6.05
CA THR A 61 -0.93 -7.47 7.35
C THR A 61 -0.18 -8.80 7.32
N VAL A 62 -0.03 -9.35 6.12
CA VAL A 62 0.66 -10.64 5.95
C VAL A 62 2.14 -10.41 5.66
N LEU A 63 2.44 -9.47 4.79
CA LEU A 63 3.82 -9.16 4.42
C LEU A 63 4.53 -8.44 5.55
N ASP A 64 3.77 -7.83 6.44
CA ASP A 64 4.32 -7.10 7.57
C ASP A 64 5.28 -7.98 8.37
N PRO A 65 4.74 -9.08 8.93
CA PRO A 65 5.53 -10.03 9.72
C PRO A 65 6.51 -10.83 8.86
N MET A 66 6.46 -10.59 7.56
CA MET A 66 7.35 -11.30 6.63
C MET A 66 8.43 -10.36 6.11
N VAL A 67 8.28 -9.08 6.38
CA VAL A 67 9.25 -8.08 5.94
C VAL A 67 10.67 -8.45 6.37
N PRO A 68 10.85 -8.62 7.69
CA PRO A 68 12.15 -8.97 8.26
C PRO A 68 12.55 -10.41 7.94
N THR A 69 11.61 -11.34 8.12
CA THR A 69 11.87 -12.75 7.84
C THR A 69 11.63 -13.07 6.37
N GLY A 70 11.81 -12.07 5.51
CA GLY A 70 11.61 -12.27 4.08
C GLY A 70 12.80 -11.82 3.26
N SER A 71 12.66 -11.87 1.94
CA SER A 71 13.74 -11.46 1.04
C SER A 71 13.33 -10.25 0.21
N GLU A 72 14.17 -9.90 -0.75
CA GLU A 72 13.91 -8.75 -1.61
C GLU A 72 12.61 -8.96 -2.39
N ASN A 73 12.43 -10.15 -2.94
CA ASN A 73 11.24 -10.47 -3.70
C ASN A 73 9.98 -10.32 -2.86
N LEU A 74 10.16 -10.31 -1.53
CA LEU A 74 9.04 -10.17 -0.61
C LEU A 74 8.89 -8.72 -0.17
N LYS A 75 10.00 -8.06 0.11
CA LYS A 75 9.99 -6.67 0.55
C LYS A 75 9.47 -5.76 -0.58
N SER A 76 9.80 -6.12 -1.82
CA SER A 76 9.37 -5.33 -2.97
C SER A 76 7.86 -5.20 -3.00
N LEU A 77 7.17 -6.34 -2.97
CA LEU A 77 5.71 -6.36 -2.98
C LEU A 77 5.13 -5.56 -1.82
N PHE A 78 5.82 -5.62 -0.68
CA PHE A 78 5.37 -4.91 0.50
C PHE A 78 5.26 -3.41 0.24
N ASN A 79 6.34 -2.82 -0.28
CA ASN A 79 6.37 -1.40 -0.59
C ASN A 79 5.41 -1.07 -1.74
N THR A 80 5.15 -2.06 -2.59
CA THR A 80 4.25 -1.88 -3.72
C THR A 80 2.79 -1.88 -3.28
N VAL A 81 2.49 -2.71 -2.28
CA VAL A 81 1.14 -2.80 -1.76
C VAL A 81 0.80 -1.62 -0.85
N CYS A 82 1.84 -1.05 -0.25
CA CYS A 82 1.66 0.09 0.65
C CYS A 82 1.48 1.38 -0.13
N VAL A 83 1.51 1.26 -1.46
CA VAL A 83 1.35 2.42 -2.34
C VAL A 83 0.00 2.40 -3.05
N ILE A 84 -0.41 1.21 -3.48
CA ILE A 84 -1.68 1.05 -4.16
C ILE A 84 -2.86 1.40 -3.26
N TRP A 85 -2.69 1.16 -1.97
CA TRP A 85 -3.73 1.45 -0.99
C TRP A 85 -3.97 2.95 -0.88
N CYS A 86 -2.88 3.72 -0.93
CA CYS A 86 -2.96 5.18 -0.84
C CYS A 86 -3.67 5.76 -2.05
N ILE A 87 -3.72 4.99 -3.13
CA ILE A 87 -4.37 5.43 -4.36
C ILE A 87 -5.89 5.27 -4.27
N HIS A 88 -6.32 4.19 -3.62
CA HIS A 88 -7.74 3.92 -3.47
C HIS A 88 -8.28 4.57 -2.19
N ALA A 89 -7.46 4.77 -1.16
CA ALA A 89 -7.93 5.39 0.08
C ALA A 89 -7.97 6.91 -0.05
N GLU A 90 -7.69 7.41 -1.25
CA GLU A 90 -7.69 8.84 -1.49
C GLU A 90 -6.56 9.53 -0.73
N GLU A 91 -5.53 8.77 -0.38
CA GLU A 91 -4.40 9.31 0.35
C GLU A 91 -3.32 9.82 -0.60
N LYS A 92 -2.71 10.94 -0.24
CA LYS A 92 -1.66 11.54 -1.06
C LYS A 92 -0.31 11.44 -0.36
N VAL A 93 0.71 11.01 -1.12
CA VAL A 93 2.05 10.88 -0.57
C VAL A 93 3.09 11.41 -1.55
N LYS A 94 4.36 11.37 -1.14
CA LYS A 94 5.45 11.84 -1.99
C LYS A 94 6.42 10.70 -2.31
N ASP A 95 6.53 9.75 -1.39
CA ASP A 95 7.41 8.60 -1.57
C ASP A 95 6.80 7.34 -1.00
N THR A 96 7.57 6.25 -1.02
CA THR A 96 7.09 4.98 -0.50
C THR A 96 7.02 4.99 1.03
N GLU A 97 8.11 5.43 1.66
CA GLU A 97 8.18 5.50 3.11
C GLU A 97 6.97 6.24 3.67
N GLY A 98 6.65 7.38 3.06
CA GLY A 98 5.51 8.17 3.52
C GLY A 98 4.21 7.42 3.42
N ALA A 99 3.98 6.79 2.27
CA ALA A 99 2.76 6.03 2.04
C ALA A 99 2.60 4.90 3.07
N LYS A 100 3.69 4.17 3.28
CA LYS A 100 3.68 3.07 4.24
C LYS A 100 3.36 3.56 5.65
N GLN A 101 3.97 4.68 6.03
CA GLN A 101 3.76 5.25 7.35
C GLN A 101 2.27 5.48 7.61
N ILE A 102 1.56 5.95 6.58
CA ILE A 102 0.14 6.21 6.69
C ILE A 102 -0.63 4.93 7.02
N VAL A 103 -0.32 3.86 6.30
CA VAL A 103 -0.97 2.58 6.51
C VAL A 103 -0.76 2.08 7.93
N ARG A 104 0.49 2.03 8.36
CA ARG A 104 0.83 1.56 9.70
C ARG A 104 0.28 2.53 10.75
N ARG A 105 0.13 3.79 10.37
CA ARG A 105 -0.38 4.81 11.28
C ARG A 105 -1.83 4.52 11.66
N HIS A 106 -2.57 3.93 10.71
CA HIS A 106 -3.97 3.60 10.95
C HIS A 106 -4.11 2.33 11.79
N LEU A 107 -3.14 1.43 11.76
CA LEU A 107 -3.23 0.20 12.56
C LEU A 107 -2.72 0.43 13.97
N VAL A 108 -1.55 1.05 14.08
CA VAL A 108 -0.96 1.34 15.39
C VAL A 108 -1.86 2.26 16.22
N ALA A 109 -2.68 3.04 15.53
CA ALA A 109 -3.61 3.95 16.20
C ALA A 109 -4.70 3.19 16.94
N GLU A 110 -5.00 1.98 16.46
CA GLU A 110 -6.03 1.15 17.06
C GLU A 110 -5.41 0.07 17.95
N THR A 111 -4.19 -0.34 17.60
CA THR A 111 -3.49 -1.37 18.36
C THR A 111 -2.80 -0.77 19.59
N GLY A 112 -2.44 0.51 19.49
CA GLY A 112 -1.78 1.18 20.60
C GLY A 112 -2.74 1.94 21.48
N THR A 113 -4.02 1.59 21.40
CA THR A 113 -5.05 2.24 22.20
C THR A 113 -5.93 1.23 22.93
N ALA A 114 -5.36 0.05 23.18
CA ALA A 114 -6.08 -1.02 23.87
C ALA A 114 -6.41 -0.62 25.30
N GLU A 115 -5.61 0.29 25.86
CA GLU A 115 -5.81 0.76 27.23
C GLU A 115 -6.60 2.05 27.24
N LYS A 116 -7.45 2.24 26.23
CA LYS A 116 -8.27 3.44 26.14
C LYS A 116 -9.65 3.12 25.57
N MET A 117 -10.12 1.89 25.81
CA MET A 117 -11.42 1.45 25.32
C MET A 117 -11.88 0.19 26.05
N PRO A 118 -13.19 -0.07 26.02
CA PRO A 118 -13.78 -1.24 26.67
C PRO A 118 -13.40 -2.54 25.97
N SER A 119 -13.89 -3.66 26.51
CA SER A 119 -13.61 -4.97 25.93
C SER A 119 -14.02 -5.03 24.47
N THR A 120 -13.29 -5.81 23.68
CA THR A 120 -13.58 -5.96 22.26
C THR A 120 -15.04 -6.35 22.04
N SER A 121 -15.58 -5.96 20.89
CA SER A 121 -16.96 -6.28 20.55
C SER A 121 -17.20 -6.15 19.05
N ARG A 122 -18.42 -6.48 18.62
CA ARG A 122 -18.77 -6.40 17.20
C ARG A 122 -17.93 -7.37 16.38
N PRO A 123 -18.03 -8.67 16.72
CA PRO A 123 -17.28 -9.72 16.03
C PRO A 123 -17.79 -9.95 14.61
N THR A 124 -19.00 -9.47 14.33
CA THR A 124 -19.60 -9.63 13.02
C THR A 124 -18.66 -9.14 11.92
N ALA A 125 -19.01 -9.44 10.67
CA ALA A 125 -18.21 -9.04 9.53
C ALA A 125 -18.45 -7.59 9.18
N PRO A 126 -17.49 -6.98 8.47
CA PRO A 126 -17.58 -5.57 8.04
C PRO A 126 -18.65 -5.35 6.97
N SER A 127 -18.68 -4.15 6.42
CA SER A 127 -19.66 -3.81 5.38
C SER A 127 -19.29 -4.49 4.06
N SER A 128 -20.00 -4.10 3.00
CA SER A 128 -19.77 -4.67 1.68
C SER A 128 -18.30 -4.55 1.28
N GLU A 129 -17.94 -5.16 0.17
CA GLU A 129 -16.56 -5.12 -0.32
C GLU A 129 -16.49 -4.48 -1.70
N LYS A 130 -15.32 -4.57 -2.33
CA LYS A 130 -15.12 -3.99 -3.66
C LYS A 130 -15.31 -2.48 -3.62
N GLY A 131 -14.21 -1.75 -3.45
CA GLY A 131 -14.27 -0.30 -3.41
C GLY A 131 -13.60 0.34 -4.61
N GLY A 132 -13.02 1.51 -4.40
CA GLY A 132 -12.35 2.21 -5.48
C GLY A 132 -12.80 3.66 -5.60
N ASN A 133 -11.84 4.56 -5.81
CA ASN A 133 -12.14 5.98 -5.93
C ASN A 133 -10.92 6.75 -6.42
N TYR A 134 -11.12 7.59 -7.43
CA TYR A 134 -10.05 8.39 -8.00
C TYR A 134 -8.91 7.49 -8.49
C1 MYR B . -3.54 -8.18 -15.65
O2 MYR B . -2.96 -8.97 -16.39
C2 MYR B . -2.74 -7.48 -14.56
C3 MYR B . -2.55 -5.95 -14.79
C4 MYR B . -2.94 -5.14 -13.54
C5 MYR B . -4.46 -5.18 -13.26
C6 MYR B . -4.82 -4.55 -11.90
C7 MYR B . -6.15 -3.78 -11.95
C8 MYR B . -5.95 -2.27 -11.74
C9 MYR B . -6.12 -1.86 -10.27
C10 MYR B . -5.84 -0.36 -10.04
C11 MYR B . -4.33 -0.01 -9.95
C12 MYR B . -4.03 1.51 -9.98
C13 MYR B . -2.71 1.82 -10.69
C14 MYR B . -1.67 2.43 -9.73
H21 MYR B . -1.75 -7.96 -14.53
H22 MYR B . -3.19 -7.67 -13.57
H31 MYR B . -3.15 -5.62 -15.65
H32 MYR B . -1.50 -5.75 -15.05
H41 MYR B . -2.63 -4.08 -13.67
H42 MYR B . -2.39 -5.50 -12.65
H51 MYR B . -4.80 -6.24 -13.29
H52 MYR B . -5.01 -4.67 -14.07
H61 MYR B . -4.00 -3.88 -11.58
H62 MYR B . -4.88 -5.34 -11.13
H71 MYR B . -6.85 -4.18 -11.19
H72 MYR B . -6.64 -3.95 -12.93
H81 MYR B . -6.67 -1.71 -12.37
H82 MYR B . -4.95 -1.97 -12.09
H91 MYR B . -5.45 -2.47 -9.64
H92 MYR B . -7.15 -2.10 -9.93
H101 MYR B . -6.32 -0.05 -9.09
H102 MYR B . -6.32 0.25 -10.82
H111 MYR B . -3.77 -0.53 -10.76
H112 MYR B . -3.93 -0.43 -9.01
H121 MYR B . -4.01 1.90 -8.95
H122 MYR B . -4.86 2.04 -10.49
H131 MYR B . -2.89 2.53 -11.53
H132 MYR B . -2.29 0.91 -11.15
H141 MYR B . -0.64 2.14 -10.00
H142 MYR B . -1.72 3.52 -9.71
H143 MYR B . -1.84 2.07 -8.70
P1 PBU C . 13.00 -2.77 -9.37
P4 PBU C . 14.56 -0.12 -1.19
P5 PBU C . 15.58 -3.87 -2.84
C3' PBU C . 12.64 -5.25 -9.15
C2' PBU C . 11.14 -5.55 -9.31
O2' PBU C . 10.56 -5.69 -8.03
C1' PBU C . 10.90 -6.86 -10.13
O1' PBU C . 11.06 -7.97 -9.27
C1 PBU C . 13.37 -2.05 -6.56
O1 PBU C . 13.61 -2.87 -7.83
C2 PBU C . 13.95 -0.59 -6.59
O2 PBU C . 15.34 -0.55 -6.86
C3 PBU C . 13.67 0.14 -5.25
O3 PBU C . 14.22 1.45 -5.34
C4 PBU C . 14.27 -0.67 -4.03
O4 PBU C . 13.94 0.04 -2.73
C5 PBU C . 13.66 -2.12 -4.04
O5 PBU C . 14.25 -2.90 -2.95
C6 PBU C . 13.91 -2.88 -5.38
O6 PBU C . 13.25 -4.15 -5.42
C7 PBU C . 10.21 -4.51 -7.34
O7 PBU C . 10.82 -4.19 -6.34
C8 PBU C . 9.07 -3.62 -7.86
C9 PBU C . 8.26 -3.05 -6.68
C10 PBU C . 8.82 -1.66 -6.30
C11 PBU C . 11.64 -9.17 -9.70
O11 PBU C . 11.58 -9.60 -10.83
C12 PBU C . 12.36 -9.99 -8.59
C13 PBU C . 12.70 -11.44 -9.02
C14 PBU C . 14.00 -11.48 -9.84
O41 PBU C . 16.00 0.30 -1.48
O42 PBU C . 13.78 0.84 -0.35
O43 PBU C . 14.37 -1.56 -0.73
O51 PBU C . 15.48 -4.31 -1.40
O52 PBU C . 15.33 -4.92 -3.91
O53 PBU C . 16.73 -2.93 -3.14
OP1 PBU C . 13.03 -4.15 -9.96
OP2 PBU C . 11.58 -2.23 -9.14
OP3 PBU C . 13.98 -1.87 -10.09
H3'1 PBU C . 13.19 -6.10 -9.43
H3'2 PBU C . 12.81 -5.02 -8.13
H2' PBU C . 10.68 -4.78 -9.87
H1'1 PBU C . 9.90 -6.88 -10.49
H1'2 PBU C . 11.54 -6.91 -10.95
H1 PBU C . 12.29 -1.87 -6.45
H2 PBU C . 13.43 -0.06 -7.39
H02 PBU C . 15.89 -1.06 -6.33
H3 PBU C . 12.59 0.21 -5.07
H03 PBU C . 15.18 1.42 -5.40
H4 PBU C . 15.34 -0.77 -4.08
H5 PBU C . 12.59 -2.00 -3.89
H6 PBU C . 14.97 -3.04 -5.48
H06 PBU C . 13.72 -4.81 -4.94
H81 PBU C . 8.44 -4.19 -8.47
H82 PBU C . 9.48 -2.83 -8.42
H91 PBU C . 8.33 -3.70 -5.86
H92 PBU C . 7.25 -2.93 -6.97
H11 PBU C . 8.77 -1.03 -7.13
H12 PBU C . 9.83 -1.77 -6.00
H13 PBU C . 8.26 -1.27 -5.50
H121 PBU C . 13.26 -9.50 -8.35
H122 PBU C . 11.73 -10.04 -7.76
H131 PBU C . 12.82 -12.03 -8.16
H132 PBU C . 11.91 -11.81 -9.61
H141 PBU C . 14.23 -12.48 -10.06
H142 PBU C . 14.78 -11.06 -9.27
H143 PBU C . 13.90 -10.95 -10.74
N GLY A 1 -8.64 -5.12 -17.90
CA GLY A 1 -8.81 -4.33 -19.11
C GLY A 1 -10.27 -3.97 -19.36
N ALA A 2 -10.64 -2.73 -19.05
CA ALA A 2 -12.00 -2.27 -19.23
C ALA A 2 -12.11 -1.39 -20.48
N ARG A 3 -11.03 -0.70 -20.81
CA ARG A 3 -11.01 0.16 -21.98
C ARG A 3 -9.84 -0.19 -22.91
N ASN A 4 -8.62 -0.05 -22.41
CA ASN A 4 -7.43 -0.35 -23.18
C ASN A 4 -6.18 -0.24 -22.32
N SER A 5 -6.17 0.74 -21.42
CA SER A 5 -5.02 0.95 -20.53
C SER A 5 -5.24 0.25 -19.20
N VAL A 6 -4.14 -0.04 -18.49
CA VAL A 6 -4.20 -0.71 -17.20
C VAL A 6 -4.37 0.30 -16.08
N LEU A 7 -3.58 1.37 -16.12
CA LEU A 7 -3.65 2.41 -15.09
C LEU A 7 -4.92 3.25 -15.25
N ARG A 8 -5.15 4.16 -14.31
CA ARG A 8 -6.31 5.02 -14.34
C ARG A 8 -5.98 6.36 -14.96
N GLY A 9 -6.92 7.31 -14.88
CA GLY A 9 -6.70 8.63 -15.43
C GLY A 9 -6.42 9.67 -14.37
N LYS A 10 -7.27 9.70 -13.35
CA LYS A 10 -7.10 10.67 -12.26
C LYS A 10 -6.25 10.08 -11.14
N LYS A 11 -6.27 8.75 -11.01
CA LYS A 11 -5.50 8.07 -9.98
C LYS A 11 -4.04 7.92 -10.41
N ALA A 12 -3.83 7.65 -11.69
CA ALA A 12 -2.49 7.49 -12.23
C ALA A 12 -1.61 8.69 -11.89
N ASP A 13 -2.20 9.87 -11.93
CA ASP A 13 -1.47 11.09 -11.62
C ASP A 13 -0.81 11.01 -10.25
N GLU A 14 -1.38 10.19 -9.38
CA GLU A 14 -0.84 10.02 -8.03
C GLU A 14 0.15 8.84 -7.99
N LEU A 15 -0.21 7.77 -8.67
CA LEU A 15 0.64 6.58 -8.71
C LEU A 15 1.98 6.88 -9.38
N GLU A 16 1.93 7.70 -10.42
CA GLU A 16 3.14 8.07 -11.16
C GLU A 16 3.89 9.20 -10.43
N ARG A 17 3.30 9.68 -9.34
CA ARG A 17 3.91 10.76 -8.57
C ARG A 17 4.67 10.20 -7.37
N ILE A 18 4.31 8.99 -6.96
CA ILE A 18 4.96 8.34 -5.83
C ILE A 18 6.29 7.72 -6.24
N ARG A 19 7.34 8.03 -5.48
CA ARG A 19 8.67 7.49 -5.77
C ARG A 19 8.99 6.32 -4.85
N LEU A 20 9.56 5.26 -5.43
CA LEU A 20 9.92 4.08 -4.66
C LEU A 20 10.93 4.41 -3.58
N ARG A 21 11.66 5.50 -3.77
CA ARG A 21 12.67 5.94 -2.80
C ARG A 21 12.22 7.21 -2.10
N PRO A 22 12.82 7.47 -0.93
CA PRO A 22 12.50 8.66 -0.12
C PRO A 22 12.99 9.95 -0.78
N GLY A 23 14.27 9.97 -1.15
CA GLY A 23 14.85 11.14 -1.78
C GLY A 23 15.21 10.90 -3.24
N GLY A 24 14.39 10.12 -3.94
CA GLY A 24 14.65 9.83 -5.33
C GLY A 24 13.68 10.50 -6.26
N LYS A 25 13.68 10.10 -7.53
CA LYS A 25 12.78 10.68 -8.53
C LYS A 25 12.20 9.60 -9.42
N LYS A 26 12.49 8.34 -9.10
CA LYS A 26 11.98 7.22 -9.88
C LYS A 26 10.61 6.78 -9.38
N LYS A 27 9.56 7.35 -9.97
CA LYS A 27 8.20 7.02 -9.58
C LYS A 27 7.82 5.63 -10.07
N TYR A 28 6.64 5.18 -9.69
CA TYR A 28 6.15 3.85 -10.09
C TYR A 28 5.82 3.83 -11.58
N ARG A 29 5.92 2.65 -12.18
CA ARG A 29 5.61 2.48 -13.60
C ARG A 29 4.82 1.20 -13.84
N LEU A 30 4.17 1.13 -15.00
CA LEU A 30 3.38 -0.04 -15.36
C LEU A 30 4.13 -1.32 -15.05
N LYS A 31 5.45 -1.27 -15.18
CA LYS A 31 6.29 -2.44 -14.92
C LYS A 31 6.12 -2.92 -13.48
N HIS A 32 6.13 -1.98 -12.54
CA HIS A 32 5.98 -2.31 -11.13
C HIS A 32 4.59 -2.88 -10.85
N ILE A 33 3.52 -2.34 -11.45
CA ILE A 33 2.18 -2.87 -11.22
C ILE A 33 2.06 -4.31 -11.68
N VAL A 34 2.68 -4.61 -12.82
CA VAL A 34 2.65 -5.96 -13.38
C VAL A 34 3.42 -6.93 -12.49
N TRP A 35 4.62 -6.53 -12.09
CA TRP A 35 5.46 -7.37 -11.23
C TRP A 35 4.77 -7.66 -9.91
N ALA A 36 3.81 -6.81 -9.54
CA ALA A 36 3.08 -6.97 -8.29
C ALA A 36 1.96 -8.00 -8.44
N ALA A 37 1.14 -7.82 -9.48
CA ALA A 37 0.04 -8.73 -9.75
C ALA A 37 0.54 -10.15 -10.03
N ASN A 38 1.59 -10.23 -10.84
CA ASN A 38 2.16 -11.52 -11.20
C ASN A 38 2.70 -12.24 -9.96
N LYS A 39 3.16 -11.46 -8.99
CA LYS A 39 3.69 -12.03 -7.75
C LYS A 39 2.58 -12.57 -6.87
N LEU A 40 1.44 -11.87 -6.86
CA LEU A 40 0.30 -12.28 -6.06
C LEU A 40 -0.24 -13.62 -6.52
N ASP A 41 -0.49 -13.73 -7.83
CA ASP A 41 -1.01 -14.97 -8.40
C ASP A 41 -0.17 -16.16 -7.97
N ARG A 42 1.14 -16.05 -8.13
CA ARG A 42 2.06 -17.13 -7.76
C ARG A 42 2.00 -17.39 -6.25
N PHE A 43 2.32 -16.36 -5.46
CA PHE A 43 2.31 -16.49 -4.02
C PHE A 43 1.02 -17.16 -3.53
N GLY A 44 -0.11 -16.70 -4.07
CA GLY A 44 -1.39 -17.27 -3.68
C GLY A 44 -2.47 -16.21 -3.54
N LEU A 45 -2.07 -14.94 -3.62
CA LEU A 45 -3.01 -13.84 -3.49
C LEU A 45 -3.65 -13.50 -4.84
N ALA A 46 -4.74 -12.75 -4.80
CA ALA A 46 -5.43 -12.35 -6.02
C ALA A 46 -5.07 -10.93 -6.44
N GLU A 47 -5.37 -10.58 -7.68
CA GLU A 47 -5.07 -9.25 -8.19
C GLU A 47 -6.23 -8.30 -7.96
N SER A 48 -7.39 -8.85 -7.61
CA SER A 48 -8.58 -8.06 -7.37
C SER A 48 -8.41 -7.20 -6.11
N LEU A 49 -7.37 -7.49 -5.33
CA LEU A 49 -7.09 -6.76 -4.11
C LEU A 49 -6.16 -5.58 -4.39
N LEU A 50 -6.03 -5.21 -5.66
CA LEU A 50 -5.18 -4.10 -6.06
C LEU A 50 -6.02 -2.90 -6.48
N GLU A 51 -7.31 -3.12 -6.67
CA GLU A 51 -8.22 -2.06 -7.08
C GLU A 51 -9.14 -1.65 -5.93
N SER A 52 -8.63 -1.79 -4.71
CA SER A 52 -9.41 -1.44 -3.52
C SER A 52 -8.49 -1.26 -2.32
N LYS A 53 -9.02 -0.61 -1.27
CA LYS A 53 -8.24 -0.38 -0.06
C LYS A 53 -8.43 -1.53 0.93
N GLU A 54 -9.67 -1.99 1.07
CA GLU A 54 -9.99 -3.07 1.99
C GLU A 54 -9.28 -4.37 1.56
N GLY A 55 -9.02 -4.49 0.26
CA GLY A 55 -8.35 -5.66 -0.25
C GLY A 55 -6.85 -5.62 -0.05
N CYS A 56 -6.25 -4.48 -0.36
CA CYS A 56 -4.80 -4.30 -0.20
C CYS A 56 -4.40 -4.34 1.27
N GLN A 57 -5.27 -3.81 2.13
CA GLN A 57 -5.01 -3.78 3.56
C GLN A 57 -4.83 -5.19 4.11
N LYS A 58 -5.54 -6.15 3.52
CA LYS A 58 -5.45 -7.54 3.95
C LYS A 58 -4.14 -8.18 3.48
N ILE A 59 -3.46 -7.51 2.56
CA ILE A 59 -2.20 -8.00 2.04
C ILE A 59 -1.02 -7.51 2.88
N LEU A 60 -1.07 -6.24 3.28
CA LEU A 60 -0.02 -5.65 4.09
C LEU A 60 0.08 -6.35 5.45
N THR A 61 -1.00 -7.00 5.85
CA THR A 61 -1.04 -7.71 7.13
C THR A 61 -0.29 -9.04 7.04
N VAL A 62 -0.29 -9.63 5.86
CA VAL A 62 0.38 -10.90 5.64
C VAL A 62 1.88 -10.70 5.41
N LEU A 63 2.23 -9.55 4.85
CA LEU A 63 3.63 -9.23 4.57
C LEU A 63 4.20 -8.31 5.64
N ASP A 64 3.34 -7.85 6.53
CA ASP A 64 3.75 -6.96 7.61
C ASP A 64 4.92 -7.56 8.38
N PRO A 65 4.68 -8.72 9.01
CA PRO A 65 5.71 -9.42 9.80
C PRO A 65 6.81 -10.00 8.92
N MET A 66 6.55 -10.07 7.61
CA MET A 66 7.53 -10.61 6.67
C MET A 66 8.57 -9.55 6.31
N VAL A 67 8.19 -8.29 6.43
CA VAL A 67 9.10 -7.19 6.12
C VAL A 67 10.36 -7.26 6.96
N PRO A 68 10.19 -7.25 8.28
CA PRO A 68 11.30 -7.31 9.24
C PRO A 68 11.98 -8.67 9.25
N THR A 69 11.51 -9.56 8.37
CA THR A 69 12.07 -10.91 8.27
C THR A 69 11.72 -11.56 6.94
N GLY A 70 12.18 -10.94 5.85
CA GLY A 70 11.89 -11.47 4.53
C GLY A 70 12.90 -11.00 3.50
N SER A 71 13.08 -11.80 2.45
CA SER A 71 14.02 -11.46 1.39
C SER A 71 13.57 -10.20 0.64
N GLU A 72 14.23 -9.92 -0.48
CA GLU A 72 13.90 -8.74 -1.28
C GLU A 72 12.71 -9.03 -2.20
N ASN A 73 12.55 -10.30 -2.57
CA ASN A 73 11.46 -10.70 -3.45
C ASN A 73 10.11 -10.46 -2.78
N LEU A 74 10.11 -10.43 -1.45
CA LEU A 74 8.88 -10.21 -0.69
C LEU A 74 8.72 -8.73 -0.35
N LYS A 75 9.73 -8.17 0.31
CA LYS A 75 9.69 -6.76 0.70
C LYS A 75 9.33 -5.87 -0.49
N SER A 76 9.79 -6.27 -1.67
CA SER A 76 9.51 -5.51 -2.89
C SER A 76 8.01 -5.30 -3.07
N LEU A 77 7.26 -6.39 -3.00
CA LEU A 77 5.81 -6.33 -3.15
C LEU A 77 5.18 -5.49 -2.05
N PHE A 78 5.69 -5.66 -0.83
CA PHE A 78 5.17 -4.91 0.31
C PHE A 78 5.26 -3.41 0.08
N ASN A 79 6.32 -2.99 -0.61
CA ASN A 79 6.54 -1.58 -0.90
C ASN A 79 5.45 -1.05 -1.85
N THR A 80 5.01 -1.91 -2.76
CA THR A 80 3.98 -1.54 -3.72
C THR A 80 2.59 -1.58 -3.09
N VAL A 81 2.33 -2.64 -2.33
CA VAL A 81 1.04 -2.80 -1.68
C VAL A 81 0.72 -1.61 -0.78
N CYS A 82 1.76 -1.06 -0.15
CA CYS A 82 1.59 0.10 0.73
C CYS A 82 1.13 1.32 -0.06
N VAL A 83 1.61 1.45 -1.28
CA VAL A 83 1.26 2.58 -2.14
C VAL A 83 -0.13 2.38 -2.74
N ILE A 84 -0.31 1.29 -3.49
CA ILE A 84 -1.59 0.99 -4.11
C ILE A 84 -2.74 1.22 -3.15
N TRP A 85 -2.52 0.90 -1.87
CA TRP A 85 -3.55 1.07 -0.85
C TRP A 85 -3.86 2.55 -0.65
N CYS A 86 -2.81 3.34 -0.44
CA CYS A 86 -2.99 4.78 -0.22
C CYS A 86 -3.86 5.40 -1.31
N ILE A 87 -3.54 5.08 -2.56
CA ILE A 87 -4.30 5.60 -3.69
C ILE A 87 -5.79 5.42 -3.48
N HIS A 88 -6.17 4.30 -2.88
CA HIS A 88 -7.57 4.00 -2.62
C HIS A 88 -8.05 4.70 -1.35
N ALA A 89 -7.22 4.84 -0.32
CA ALA A 89 -7.63 5.51 0.90
C ALA A 89 -7.46 7.02 0.79
N GLU A 90 -7.16 7.48 -0.41
CA GLU A 90 -6.97 8.92 -0.66
C GLU A 90 -5.82 9.46 0.19
N GLU A 91 -4.65 8.85 0.05
CA GLU A 91 -3.47 9.26 0.80
C GLU A 91 -2.34 9.67 -0.14
N LYS A 92 -1.91 10.92 -0.03
CA LYS A 92 -0.84 11.44 -0.88
C LYS A 92 0.51 11.23 -0.22
N VAL A 93 1.40 10.49 -0.90
CA VAL A 93 2.73 10.21 -0.38
C VAL A 93 3.80 10.54 -1.41
N LYS A 94 4.83 11.26 -0.98
CA LYS A 94 5.92 11.65 -1.86
C LYS A 94 6.78 10.44 -2.23
N ASP A 95 6.90 9.50 -1.29
CA ASP A 95 7.68 8.29 -1.52
C ASP A 95 6.97 7.07 -0.96
N THR A 96 7.66 5.93 -0.97
CA THR A 96 7.09 4.69 -0.46
C THR A 96 7.30 4.58 1.05
N GLU A 97 8.46 5.02 1.52
CA GLU A 97 8.78 4.96 2.95
C GLU A 97 7.73 5.71 3.77
N GLY A 98 7.09 6.69 3.14
CA GLY A 98 6.07 7.47 3.83
C GLY A 98 4.72 6.76 3.87
N ALA A 99 4.41 6.04 2.79
CA ALA A 99 3.15 5.31 2.71
C ALA A 99 3.14 4.11 3.65
N LYS A 100 4.32 3.54 3.89
CA LYS A 100 4.44 2.39 4.78
C LYS A 100 4.14 2.78 6.22
N GLN A 101 4.53 3.99 6.60
CA GLN A 101 4.30 4.48 7.95
C GLN A 101 2.84 4.85 8.15
N ILE A 102 2.26 5.52 7.16
CA ILE A 102 0.86 5.94 7.24
C ILE A 102 -0.05 4.73 7.41
N VAL A 103 0.21 3.67 6.66
CA VAL A 103 -0.59 2.46 6.75
C VAL A 103 -0.40 1.76 8.09
N ARG A 104 0.86 1.53 8.45
CA ARG A 104 1.18 0.87 9.72
C ARG A 104 0.50 1.58 10.88
N ARG A 105 0.67 2.90 10.96
CA ARG A 105 0.08 3.68 12.03
C ARG A 105 -1.44 3.56 12.01
N HIS A 106 -2.03 3.65 10.83
CA HIS A 106 -3.47 3.54 10.68
C HIS A 106 -3.99 2.22 11.25
N LEU A 107 -3.25 1.13 11.12
CA LEU A 107 -3.69 -0.15 11.65
C LEU A 107 -3.73 -0.14 13.17
N VAL A 108 -2.76 0.55 13.78
CA VAL A 108 -2.68 0.65 15.23
C VAL A 108 -3.81 1.50 15.78
N ALA A 109 -4.09 2.62 15.12
CA ALA A 109 -5.16 3.51 15.55
C ALA A 109 -6.52 2.85 15.42
N GLU A 110 -6.62 1.89 14.51
CA GLU A 110 -7.88 1.17 14.29
C GLU A 110 -8.04 0.03 15.30
N THR A 111 -6.91 -0.54 15.73
CA THR A 111 -6.93 -1.63 16.69
C THR A 111 -7.06 -1.11 18.11
N GLY A 112 -6.60 0.12 18.34
CA GLY A 112 -6.68 0.71 19.66
C GLY A 112 -7.89 1.62 19.83
N THR A 113 -8.96 1.30 19.10
CA THR A 113 -10.17 2.09 19.16
C THR A 113 -11.21 1.43 20.08
N ALA A 114 -11.19 0.10 20.12
CA ALA A 114 -12.12 -0.65 20.95
C ALA A 114 -11.47 -1.07 22.26
N GLU A 115 -10.55 -0.25 22.76
CA GLU A 115 -9.86 -0.54 24.01
C GLU A 115 -10.32 0.39 25.11
N LYS A 116 -10.49 1.67 24.77
CA LYS A 116 -10.92 2.67 25.74
C LYS A 116 -11.38 3.94 25.04
N MET A 117 -11.92 3.79 23.83
CA MET A 117 -12.40 4.93 23.06
C MET A 117 -13.80 4.67 22.50
N PRO A 118 -14.55 5.75 22.22
CA PRO A 118 -15.90 5.65 21.68
C PRO A 118 -15.92 5.15 20.24
N SER A 119 -17.10 4.79 19.75
CA SER A 119 -17.25 4.31 18.39
C SER A 119 -17.58 5.44 17.43
N THR A 120 -17.11 5.34 16.19
CA THR A 120 -17.35 6.36 15.19
C THR A 120 -18.05 5.77 13.97
N SER A 121 -18.42 6.63 13.02
CA SER A 121 -19.09 6.19 11.81
C SER A 121 -18.07 5.89 10.70
N ARG A 122 -18.55 5.26 9.63
CA ARG A 122 -17.69 4.91 8.51
C ARG A 122 -17.99 5.78 7.29
N PRO A 123 -16.94 6.14 6.55
CA PRO A 123 -17.06 6.97 5.35
C PRO A 123 -17.76 6.25 4.20
N THR A 124 -17.77 6.87 3.03
CA THR A 124 -18.40 6.28 1.86
C THR A 124 -17.41 6.16 0.70
N ALA A 125 -17.24 4.94 0.20
CA ALA A 125 -16.33 4.68 -0.90
C ALA A 125 -16.63 5.60 -2.08
N PRO A 126 -15.59 5.93 -2.86
CA PRO A 126 -15.71 6.80 -4.03
C PRO A 126 -16.47 6.12 -5.17
N SER A 127 -16.77 6.89 -6.21
CA SER A 127 -17.50 6.38 -7.36
C SER A 127 -16.72 6.61 -8.65
N SER A 128 -17.24 6.10 -9.75
CA SER A 128 -16.59 6.25 -11.06
C SER A 128 -16.63 7.70 -11.52
N GLU A 129 -15.60 8.11 -12.25
CA GLU A 129 -15.53 9.48 -12.76
C GLU A 129 -14.60 9.55 -13.96
N LYS A 130 -14.92 10.45 -14.89
CA LYS A 130 -14.11 10.63 -16.09
C LYS A 130 -12.92 11.55 -15.82
N GLY A 131 -11.81 11.30 -16.52
CA GLY A 131 -10.63 12.12 -16.34
C GLY A 131 -10.55 13.26 -17.33
N GLY A 132 -9.36 13.84 -17.48
CA GLY A 132 -9.17 14.94 -18.41
C GLY A 132 -7.74 15.05 -18.91
N ASN A 133 -7.43 14.31 -19.96
CA ASN A 133 -6.10 14.31 -20.54
C ASN A 133 -5.67 15.73 -20.92
N TYR A 134 -4.38 15.91 -21.18
CA TYR A 134 -3.86 17.21 -21.56
C TYR A 134 -2.47 17.08 -22.17
C1 MYR B . -8.93 -4.62 -16.72
O2 MYR B . -9.36 -3.47 -16.55
C2 MYR B . -8.71 -5.49 -15.48
C3 MYR B . -7.35 -5.27 -14.76
C4 MYR B . -6.49 -6.54 -14.77
C5 MYR B . -5.99 -6.90 -13.36
C6 MYR B . -4.75 -6.08 -12.94
C7 MYR B . -5.12 -4.89 -12.04
C8 MYR B . -4.56 -3.56 -12.57
C9 MYR B . -5.07 -2.35 -11.74
C10 MYR B . -4.25 -1.08 -12.02
C11 MYR B . -4.60 0.11 -11.09
C12 MYR B . -3.84 1.41 -11.43
C13 MYR B . -3.74 2.36 -10.21
C14 MYR B . -2.30 2.44 -9.69
H21 MYR B . -8.79 -6.53 -15.80
H22 MYR B . -9.54 -5.34 -14.76
H31 MYR B . -7.51 -4.93 -13.72
H32 MYR B . -6.80 -4.44 -15.26
H41 MYR B . -5.62 -6.41 -15.44
H42 MYR B . -7.07 -7.39 -15.18
H51 MYR B . -5.74 -7.99 -13.31
H52 MYR B . -6.79 -6.75 -12.62
H61 MYR B . -4.23 -5.70 -13.86
H62 MYR B . -4.02 -6.73 -12.44
H71 MYR B . -4.73 -5.07 -11.01
H72 MYR B . -6.22 -4.82 -11.93
H81 MYR B . -4.84 -3.44 -13.63
H82 MYR B . -3.45 -3.58 -12.54
H91 MYR B . -5.04 -2.59 -10.67
H92 MYR B . -6.14 -2.16 -11.99
H101 MYR B . -4.42 -0.76 -13.07
H102 MYR B . -3.17 -1.29 -11.96
H111 MYR B . -4.42 -0.17 -10.04
H112 MYR B . -5.69 0.29 -11.16
H121 MYR B . -4.36 1.94 -12.26
H122 MYR B . -2.83 1.19 -11.81
H131 MYR B . -4.40 2.00 -9.40
H132 MYR B . -4.10 3.37 -10.48
H141 MYR B . -1.61 1.80 -10.26
H142 MYR B . -1.90 3.48 -9.76
H143 MYR B . -2.24 2.14 -8.63
P1 PBU C . 13.52 -1.28 -10.06
P4 PBU C . 15.72 1.19 -2.23
P5 PBU C . 12.57 -2.05 -2.62
C3' PBU C . 11.63 -2.86 -10.54
C2' PBU C . 11.48 -3.98 -9.48
O2' PBU C . 11.37 -3.38 -8.20
C1' PBU C . 12.71 -4.93 -9.47
O1' PBU C . 12.51 -5.92 -8.49
C1 PBU C . 13.19 -0.36 -7.29
O1 PBU C . 12.93 -1.28 -8.50
C2 PBU C . 14.42 0.60 -7.44
O2 PBU C . 15.64 -0.09 -7.70
C3 PBU C . 14.60 1.44 -6.15
O3 PBU C . 15.74 2.28 -6.34
C4 PBU C . 14.74 0.53 -4.87
O4 PBU C . 14.86 1.40 -3.63
C5 PBU C . 13.47 -0.41 -4.77
O5 PBU C . 13.63 -1.30 -3.63
C6 PBU C . 13.27 -1.26 -6.06
O6 PBU C . 12.05 -2.03 -6.01
C7 PBU C . 10.51 -4.00 -7.26
O7 PBU C . 10.95 -4.46 -6.24
C8 PBU C . 9.00 -4.07 -7.55
C9 PBU C . 8.19 -3.69 -6.29
C10 PBU C . 8.66 -2.31 -5.79
C11 PBU C . 12.69 -7.30 -8.76
O11 PBU C . 11.86 -8.15 -8.55
C12 PBU C . 14.10 -7.69 -9.32
C13 PBU C . 14.02 -8.55 -10.58
C14 PBU C . 14.17 -7.69 -11.85
O41 PBU C . 17.11 1.50 -2.77
O42 PBU C . 15.18 2.22 -1.27
O43 PBU C . 15.51 -0.21 -1.70
O51 PBU C . 13.51 -2.50 -1.52
O52 PBU C . 11.56 -0.96 -2.28
O53 PBU C . 12.02 -3.18 -3.46
OP1 PBU C . 12.98 -2.50 -10.74
OP2 PBU C . 12.97 0.03 -10.64
OP3 PBU C . 15.01 -1.38 -9.89
H3'1 PBU C . 11.09 -2.02 -10.21
H3'2 PBU C . 11.22 -3.22 -11.44
H2' PBU C . 10.65 -4.57 -9.71
H1'1 PBU C . 12.78 -5.44 -10.40
H1'2 PBU C . 13.60 -4.40 -9.34
H1 PBU C . 12.35 0.34 -7.21
H2 PBU C . 14.21 1.26 -8.28
H02 PBU C . 15.86 -0.79 -7.12
H3 PBU C . 13.71 2.06 -5.99
H03 PBU C . 16.54 1.76 -6.38
H4 PBU C . 15.61 -0.11 -4.91
H5 PBU C . 12.62 0.26 -4.65
H6 PBU C . 14.09 -1.96 -6.14
H06 PBU C . 12.13 -2.80 -5.48
H81 PBU C . 8.75 -5.06 -7.83
H82 PBU C . 8.77 -3.41 -8.33
H91 PBU C . 8.35 -4.41 -5.54
H92 PBU C . 7.17 -3.64 -6.52
H11 PBU C . 8.51 -1.59 -6.55
H12 PBU C . 9.68 -2.35 -5.54
H13 PBU C . 8.11 -2.03 -4.95
H121 PBU C . 14.62 -6.81 -9.53
H122 PBU C . 14.59 -8.23 -8.56
H131 PBU C . 14.81 -9.26 -10.56
H132 PBU C . 13.10 -9.05 -10.62
H141 PBU C . 14.18 -8.32 -12.70
H142 PBU C . 15.08 -7.16 -11.81
H143 PBU C . 13.38 -7.02 -11.95
N GLY A 1 -6.57 -3.81 -18.14
CA GLY A 1 -7.21 -2.97 -19.13
C GLY A 1 -7.09 -3.53 -20.53
N ALA A 2 -6.11 -3.05 -21.28
CA ALA A 2 -5.90 -3.51 -22.65
C ALA A 2 -4.50 -3.14 -23.15
N ARG A 3 -4.19 -1.84 -23.10
CA ARG A 3 -2.90 -1.35 -23.55
C ARG A 3 -2.66 0.07 -23.06
N ASN A 4 -2.89 0.29 -21.76
CA ASN A 4 -2.70 1.60 -21.16
C ASN A 4 -2.87 1.54 -19.64
N SER A 5 -2.93 2.70 -19.01
CA SER A 5 -3.08 2.77 -17.56
C SER A 5 -4.39 2.13 -17.12
N VAL A 6 -4.43 1.66 -15.88
CA VAL A 6 -5.61 1.01 -15.34
C VAL A 6 -6.58 2.04 -14.76
N LEU A 7 -6.04 3.03 -14.07
CA LEU A 7 -6.85 4.08 -13.47
C LEU A 7 -7.05 5.24 -14.43
N ARG A 8 -7.80 6.24 -13.99
CA ARG A 8 -8.06 7.42 -14.82
C ARG A 8 -6.83 8.32 -14.89
N GLY A 9 -6.99 9.50 -15.49
CA GLY A 9 -5.89 10.42 -15.60
C GLY A 9 -5.56 11.11 -14.29
N LYS A 10 -6.58 11.65 -13.63
CA LYS A 10 -6.40 12.33 -12.36
C LYS A 10 -5.62 11.46 -11.38
N LYS A 11 -5.89 10.16 -11.41
CA LYS A 11 -5.21 9.21 -10.53
C LYS A 11 -3.86 8.82 -11.09
N ALA A 12 -3.82 8.53 -12.38
CA ALA A 12 -2.57 8.15 -13.04
C ALA A 12 -1.48 9.18 -12.78
N ASP A 13 -1.85 10.45 -12.75
CA ASP A 13 -0.90 11.53 -12.52
C ASP A 13 -0.21 11.36 -11.17
N GLU A 14 -1.00 11.32 -10.11
CA GLU A 14 -0.45 11.16 -8.76
C GLU A 14 0.35 9.87 -8.65
N LEU A 15 -0.10 8.83 -9.33
CA LEU A 15 0.57 7.54 -9.31
C LEU A 15 1.96 7.64 -9.92
N GLU A 16 2.05 8.31 -11.07
CA GLU A 16 3.32 8.49 -11.76
C GLU A 16 4.18 9.55 -11.07
N ARG A 17 3.57 10.25 -10.12
CA ARG A 17 4.28 11.30 -9.38
C ARG A 17 5.02 10.72 -8.19
N ILE A 18 4.36 9.80 -7.47
CA ILE A 18 4.96 9.18 -6.30
C ILE A 18 6.33 8.61 -6.64
N ARG A 19 7.27 8.76 -5.70
CA ARG A 19 8.62 8.26 -5.89
C ARG A 19 8.89 7.05 -5.01
N LEU A 20 9.88 6.24 -5.39
CA LEU A 20 10.23 5.04 -4.64
C LEU A 20 11.13 5.38 -3.47
N ARG A 21 11.88 6.48 -3.60
CA ARG A 21 12.78 6.92 -2.55
C ARG A 21 12.53 8.38 -2.19
N PRO A 22 13.03 8.80 -1.01
CA PRO A 22 12.87 10.17 -0.52
C PRO A 22 13.69 11.17 -1.33
N GLY A 23 14.83 10.73 -1.83
CA GLY A 23 15.68 11.60 -2.61
C GLY A 23 16.20 10.93 -3.88
N GLY A 24 15.44 9.95 -4.37
CA GLY A 24 15.83 9.24 -5.58
C GLY A 24 15.20 9.83 -6.83
N LYS A 25 15.32 9.12 -7.93
CA LYS A 25 14.75 9.57 -9.21
C LYS A 25 13.95 8.45 -9.87
N LYS A 26 13.14 7.76 -9.08
CA LYS A 26 12.32 6.67 -9.60
C LYS A 26 10.86 6.83 -9.16
N LYS A 27 9.96 6.95 -10.12
CA LYS A 27 8.54 7.10 -9.83
C LYS A 27 7.78 5.83 -10.17
N TYR A 28 6.77 5.53 -9.37
CA TYR A 28 5.96 4.33 -9.59
C TYR A 28 5.34 4.34 -10.98
N ARG A 29 5.21 3.16 -11.57
CA ARG A 29 4.63 3.03 -12.90
C ARG A 29 4.03 1.64 -13.10
N LEU A 30 3.29 1.48 -14.19
CA LEU A 30 2.65 0.20 -14.49
C LEU A 30 3.62 -0.96 -14.30
N LYS A 31 4.89 -0.71 -14.60
CA LYS A 31 5.93 -1.72 -14.45
C LYS A 31 5.87 -2.37 -13.07
N HIS A 32 5.68 -1.55 -12.05
CA HIS A 32 5.60 -2.05 -10.68
C HIS A 32 4.23 -2.69 -10.41
N ILE A 33 3.14 -2.15 -10.95
CA ILE A 33 1.82 -2.72 -10.72
C ILE A 33 1.72 -4.12 -11.33
N VAL A 34 2.39 -4.33 -12.46
CA VAL A 34 2.37 -5.61 -13.14
C VAL A 34 3.22 -6.64 -12.39
N TRP A 35 4.42 -6.22 -12.00
CA TRP A 35 5.33 -7.11 -11.28
C TRP A 35 4.73 -7.54 -9.95
N ALA A 36 3.79 -6.74 -9.44
CA ALA A 36 3.13 -7.04 -8.18
C ALA A 36 2.09 -8.15 -8.34
N ALA A 37 1.12 -7.91 -9.23
CA ALA A 37 0.07 -8.88 -9.49
C ALA A 37 0.65 -10.19 -10.00
N ASN A 38 1.67 -10.09 -10.86
CA ASN A 38 2.31 -11.27 -11.42
C ASN A 38 2.88 -12.16 -10.33
N LYS A 39 3.39 -11.53 -9.27
CA LYS A 39 3.98 -12.27 -8.15
C LYS A 39 2.88 -12.88 -7.28
N LEU A 40 1.77 -12.16 -7.13
CA LEU A 40 0.66 -12.63 -6.33
C LEU A 40 0.01 -13.88 -6.95
N ASP A 41 -0.38 -13.76 -8.21
CA ASP A 41 -1.01 -14.86 -8.92
C ASP A 41 -0.26 -16.17 -8.66
N ARG A 42 1.07 -16.09 -8.63
CA ARG A 42 1.90 -17.26 -8.38
C ARG A 42 2.04 -17.53 -6.89
N PHE A 43 2.20 -16.46 -6.11
CA PHE A 43 2.34 -16.59 -4.66
C PHE A 43 1.13 -17.30 -4.05
N GLY A 44 -0.06 -16.78 -4.34
CA GLY A 44 -1.28 -17.37 -3.82
C GLY A 44 -2.45 -16.42 -3.88
N LEU A 45 -2.16 -15.13 -4.00
CA LEU A 45 -3.21 -14.11 -4.06
C LEU A 45 -3.72 -13.94 -5.50
N ALA A 46 -5.00 -13.64 -5.64
CA ALA A 46 -5.60 -13.45 -6.95
C ALA A 46 -5.89 -11.97 -7.21
N GLU A 47 -5.03 -11.10 -6.66
CA GLU A 47 -5.20 -9.67 -6.84
C GLU A 47 -6.56 -9.21 -6.35
N SER A 48 -7.34 -10.14 -5.78
CA SER A 48 -8.67 -9.83 -5.28
C SER A 48 -8.62 -8.68 -4.29
N LEU A 49 -7.43 -8.44 -3.72
CA LEU A 49 -7.25 -7.37 -2.75
C LEU A 49 -6.38 -6.26 -3.32
N LEU A 50 -5.24 -6.64 -3.89
CA LEU A 50 -4.31 -5.69 -4.48
C LEU A 50 -5.06 -4.62 -5.26
N GLU A 51 -6.11 -5.03 -5.96
CA GLU A 51 -6.92 -4.10 -6.75
C GLU A 51 -8.10 -3.57 -5.95
N SER A 52 -7.89 -3.42 -4.64
CA SER A 52 -8.94 -2.93 -3.75
C SER A 52 -8.34 -2.23 -2.53
N LYS A 53 -8.99 -1.18 -2.08
CA LYS A 53 -8.54 -0.43 -0.92
C LYS A 53 -8.66 -1.25 0.35
N GLU A 54 -9.90 -1.48 0.79
CA GLU A 54 -10.16 -2.25 2.00
C GLU A 54 -9.41 -3.58 1.96
N GLY A 55 -9.29 -4.15 0.76
CA GLY A 55 -8.60 -5.42 0.61
C GLY A 55 -7.11 -5.30 0.81
N CYS A 56 -6.55 -4.17 0.36
CA CYS A 56 -5.12 -3.93 0.49
C CYS A 56 -4.67 -4.08 1.93
N GLN A 57 -5.59 -3.86 2.86
CA GLN A 57 -5.28 -3.97 4.28
C GLN A 57 -5.06 -5.42 4.68
N LYS A 58 -5.67 -6.34 3.94
CA LYS A 58 -5.54 -7.76 4.21
C LYS A 58 -4.23 -8.31 3.64
N ILE A 59 -3.58 -7.51 2.80
CA ILE A 59 -2.31 -7.91 2.19
C ILE A 59 -1.14 -7.50 3.06
N LEU A 60 -1.11 -6.23 3.46
CA LEU A 60 -0.04 -5.72 4.31
C LEU A 60 0.05 -6.49 5.61
N THR A 61 -1.08 -7.03 6.06
CA THR A 61 -1.13 -7.79 7.30
C THR A 61 -0.36 -9.09 7.17
N VAL A 62 -0.28 -9.61 5.94
CA VAL A 62 0.43 -10.86 5.68
C VAL A 62 1.91 -10.60 5.38
N LEU A 63 2.17 -9.56 4.60
CA LEU A 63 3.53 -9.20 4.24
C LEU A 63 4.25 -8.54 5.41
N ASP A 64 3.49 -8.02 6.35
CA ASP A 64 4.04 -7.36 7.53
C ASP A 64 5.03 -8.29 8.24
N PRO A 65 4.52 -9.43 8.72
CA PRO A 65 5.34 -10.42 9.42
C PRO A 65 6.33 -11.13 8.50
N MET A 66 6.19 -10.90 7.20
CA MET A 66 7.06 -11.51 6.21
C MET A 66 8.28 -10.63 5.95
N VAL A 67 8.20 -9.38 6.37
CA VAL A 67 9.30 -8.44 6.18
C VAL A 67 10.50 -8.81 7.05
N PRO A 68 10.28 -8.85 8.38
CA PRO A 68 11.33 -9.18 9.35
C PRO A 68 11.73 -10.65 9.27
N THR A 69 11.11 -11.38 8.35
CA THR A 69 11.41 -12.80 8.18
C THR A 69 11.23 -13.23 6.72
N GLY A 70 11.71 -12.39 5.81
CA GLY A 70 11.60 -12.70 4.39
C GLY A 70 12.74 -12.11 3.58
N SER A 71 12.71 -12.33 2.27
CA SER A 71 13.74 -11.83 1.38
C SER A 71 13.29 -10.55 0.68
N GLU A 72 14.14 -10.04 -0.21
CA GLU A 72 13.83 -8.82 -0.94
C GLU A 72 12.67 -9.05 -1.92
N ASN A 73 12.62 -10.26 -2.47
CA ASN A 73 11.57 -10.61 -3.43
C ASN A 73 10.19 -10.36 -2.83
N LEU A 74 10.11 -10.41 -1.50
CA LEU A 74 8.85 -10.20 -0.80
C LEU A 74 8.75 -8.77 -0.30
N LYS A 75 9.78 -8.32 0.41
CA LYS A 75 9.81 -6.96 0.95
C LYS A 75 9.48 -5.94 -0.13
N SER A 76 9.83 -6.25 -1.37
CA SER A 76 9.56 -5.35 -2.49
C SER A 76 8.07 -5.15 -2.68
N LEU A 77 7.33 -6.25 -2.81
CA LEU A 77 5.89 -6.20 -2.99
C LEU A 77 5.21 -5.53 -1.79
N PHE A 78 5.82 -5.68 -0.62
CA PHE A 78 5.28 -5.09 0.61
C PHE A 78 5.27 -3.57 0.53
N ASN A 79 6.34 -3.02 -0.03
CA ASN A 79 6.46 -1.56 -0.17
C ASN A 79 5.43 -1.03 -1.16
N THR A 80 5.15 -1.81 -2.20
CA THR A 80 4.18 -1.40 -3.22
C THR A 80 2.76 -1.45 -2.67
N VAL A 81 2.43 -2.54 -1.98
CA VAL A 81 1.10 -2.70 -1.41
C VAL A 81 0.73 -1.51 -0.53
N CYS A 82 1.74 -0.86 0.03
CA CYS A 82 1.52 0.31 0.88
C CYS A 82 1.03 1.49 0.07
N VAL A 83 1.69 1.76 -1.05
CA VAL A 83 1.32 2.87 -1.91
C VAL A 83 -0.02 2.62 -2.59
N ILE A 84 -0.25 1.37 -2.99
CA ILE A 84 -1.49 1.00 -3.65
C ILE A 84 -2.70 1.35 -2.78
N TRP A 85 -2.59 1.12 -1.48
CA TRP A 85 -3.67 1.43 -0.55
C TRP A 85 -3.85 2.93 -0.41
N CYS A 86 -2.75 3.67 -0.45
CA CYS A 86 -2.79 5.12 -0.32
C CYS A 86 -3.47 5.76 -1.53
N ILE A 87 -3.45 5.04 -2.65
CA ILE A 87 -4.07 5.53 -3.87
C ILE A 87 -5.58 5.35 -3.85
N HIS A 88 -6.01 4.15 -3.46
CA HIS A 88 -7.43 3.84 -3.39
C HIS A 88 -8.06 4.44 -2.14
N ALA A 89 -7.29 4.73 -1.09
CA ALA A 89 -7.84 5.32 0.12
C ALA A 89 -7.91 6.84 0.02
N GLU A 90 -7.66 7.36 -1.17
CA GLU A 90 -7.70 8.80 -1.40
C GLU A 90 -6.59 9.50 -0.64
N GLU A 91 -5.57 8.74 -0.26
CA GLU A 91 -4.44 9.29 0.48
C GLU A 91 -3.39 9.85 -0.47
N LYS A 92 -2.72 10.93 -0.04
CA LYS A 92 -1.69 11.56 -0.86
C LYS A 92 -0.32 11.42 -0.20
N VAL A 93 0.66 11.02 -0.99
CA VAL A 93 2.02 10.85 -0.48
C VAL A 93 3.05 11.38 -1.48
N LYS A 94 4.23 11.72 -0.98
CA LYS A 94 5.29 12.25 -1.82
C LYS A 94 6.24 11.13 -2.25
N ASP A 95 6.49 10.18 -1.35
CA ASP A 95 7.38 9.07 -1.64
C ASP A 95 6.85 7.78 -1.01
N THR A 96 7.66 6.72 -1.07
CA THR A 96 7.28 5.44 -0.51
C THR A 96 7.42 5.44 1.01
N GLU A 97 8.55 5.93 1.50
CA GLU A 97 8.81 5.99 2.93
C GLU A 97 7.63 6.64 3.67
N GLY A 98 7.06 7.66 3.06
CA GLY A 98 5.94 8.35 3.67
C GLY A 98 4.68 7.51 3.68
N ALA A 99 4.40 6.84 2.56
CA ALA A 99 3.22 5.99 2.45
C ALA A 99 3.21 4.92 3.53
N LYS A 100 4.37 4.30 3.76
CA LYS A 100 4.49 3.26 4.76
C LYS A 100 4.11 3.78 6.15
N GLN A 101 4.56 4.99 6.46
CA GLN A 101 4.26 5.61 7.74
C GLN A 101 2.76 5.76 7.95
N ILE A 102 2.10 6.34 6.96
CA ILE A 102 0.65 6.55 7.03
C ILE A 102 -0.09 5.22 7.11
N VAL A 103 0.35 4.25 6.31
CA VAL A 103 -0.27 2.93 6.29
C VAL A 103 -0.11 2.23 7.65
N ARG A 104 1.11 2.28 8.19
CA ARG A 104 1.39 1.66 9.47
C ARG A 104 0.47 2.19 10.56
N ARG A 105 0.51 3.51 10.75
CA ARG A 105 -0.33 4.15 11.76
C ARG A 105 -1.79 3.74 11.61
N HIS A 106 -2.19 3.45 10.39
CA HIS A 106 -3.55 3.03 10.10
C HIS A 106 -3.78 1.59 10.52
N LEU A 107 -2.78 0.73 10.50
CA LEU A 107 -2.94 -0.67 10.89
C LEU A 107 -2.94 -0.81 12.41
N VAL A 108 -1.98 -0.15 13.05
CA VAL A 108 -1.86 -0.21 14.51
C VAL A 108 -3.18 0.18 15.18
N ALA A 109 -3.87 1.14 14.59
CA ALA A 109 -5.15 1.61 15.12
C ALA A 109 -6.17 0.47 15.16
N GLU A 110 -6.06 -0.45 14.21
CA GLU A 110 -6.97 -1.58 14.13
C GLU A 110 -6.45 -2.76 14.93
N THR A 111 -5.22 -3.18 14.63
CA THR A 111 -4.60 -4.30 15.32
C THR A 111 -4.56 -4.07 16.82
N GLY A 112 -4.56 -2.80 17.22
CA GLY A 112 -4.53 -2.47 18.64
C GLY A 112 -5.67 -3.12 19.40
N THR A 113 -6.75 -3.43 18.70
CA THR A 113 -7.91 -4.04 19.33
C THR A 113 -7.55 -5.38 19.98
N ALA A 114 -6.57 -6.05 19.41
CA ALA A 114 -6.12 -7.34 19.93
C ALA A 114 -4.69 -7.25 20.45
N GLU A 115 -4.36 -6.13 21.10
CA GLU A 115 -3.02 -5.94 21.64
C GLU A 115 -2.64 -7.06 22.60
N LYS A 116 -3.64 -7.66 23.23
CA LYS A 116 -3.42 -8.75 24.17
C LYS A 116 -4.52 -9.80 24.07
N MET A 117 -5.74 -9.41 24.44
CA MET A 117 -6.88 -10.32 24.38
C MET A 117 -8.02 -9.71 23.57
N PRO A 118 -8.85 -10.58 22.99
CA PRO A 118 -10.00 -10.15 22.18
C PRO A 118 -11.10 -9.50 23.00
N SER A 119 -11.09 -9.77 24.31
CA SER A 119 -12.08 -9.21 25.21
C SER A 119 -11.77 -7.75 25.53
N THR A 120 -12.82 -6.97 25.78
CA THR A 120 -12.66 -5.55 26.08
C THR A 120 -11.87 -5.36 27.37
N SER A 121 -10.71 -4.72 27.26
CA SER A 121 -9.86 -4.47 28.42
C SER A 121 -9.20 -3.10 28.32
N ARG A 122 -9.30 -2.33 29.39
CA ARG A 122 -8.71 -0.99 29.43
C ARG A 122 -7.19 -1.06 29.48
N PRO A 123 -6.52 -0.09 28.84
CA PRO A 123 -5.06 -0.03 28.80
C PRO A 123 -4.46 0.32 30.15
N THR A 124 -3.13 0.21 30.25
CA THR A 124 -2.44 0.51 31.50
C THR A 124 -2.32 2.01 31.72
N ALA A 125 -1.99 2.41 32.94
CA ALA A 125 -1.85 3.81 33.28
C ALA A 125 -0.44 4.32 32.96
N PRO A 126 -0.32 5.63 32.72
CA PRO A 126 0.96 6.27 32.41
C PRO A 126 1.91 6.29 33.60
N SER A 127 3.19 6.01 33.34
CA SER A 127 4.20 5.99 34.39
C SER A 127 5.29 7.01 34.11
N SER A 128 6.37 6.95 34.90
CA SER A 128 7.48 7.87 34.73
C SER A 128 8.07 7.76 33.32
N GLU A 129 8.52 8.89 32.79
CA GLU A 129 9.10 8.94 31.46
C GLU A 129 10.36 9.80 31.43
N LYS A 130 11.30 9.45 30.57
CA LYS A 130 12.54 10.20 30.44
C LYS A 130 13.17 9.97 29.07
N GLY A 131 13.45 11.06 28.36
CA GLY A 131 14.05 10.95 27.05
C GLY A 131 14.35 12.31 26.44
N GLY A 132 15.55 12.47 25.88
CA GLY A 132 15.93 13.72 25.27
C GLY A 132 16.05 13.62 23.76
N ASN A 133 15.39 12.63 23.18
CA ASN A 133 15.43 12.44 21.73
C ASN A 133 16.87 12.36 21.24
N TYR A 134 17.03 12.39 19.92
CA TYR A 134 18.36 12.32 19.31
C TYR A 134 18.39 13.08 17.99
C1 MYR B . -7.21 -4.85 -17.61
O2 MYR B . -8.37 -5.15 -17.92
C2 MYR B . -6.50 -5.70 -16.56
C3 MYR B . -7.34 -6.02 -15.30
C4 MYR B . -6.48 -6.47 -14.12
C5 MYR B . -6.79 -5.66 -12.84
C6 MYR B . -6.01 -4.34 -12.78
C7 MYR B . -4.77 -4.43 -11.86
C8 MYR B . -4.38 -3.04 -11.29
C9 MYR B . -4.57 -2.97 -9.76
C10 MYR B . -4.80 -1.53 -9.27
C11 MYR B . -3.67 -0.54 -9.63
C12 MYR B . -3.86 0.88 -9.06
C13 MYR B . -3.03 1.92 -9.83
C14 MYR B . -1.85 2.42 -9.00
H21 MYR B . -5.59 -5.15 -16.26
H22 MYR B . -6.12 -6.63 -17.03
H31 MYR B . -8.09 -6.80 -15.54
H32 MYR B . -7.94 -5.12 -15.03
H41 MYR B . -5.40 -6.35 -14.38
H42 MYR B . -6.63 -7.55 -13.93
H51 MYR B . -6.54 -6.28 -11.95
H52 MYR B . -7.87 -5.47 -12.78
H61 MYR B . -6.68 -3.53 -12.43
H62 MYR B . -5.69 -4.04 -13.80
H71 MYR B . -3.92 -4.85 -12.43
H72 MYR B . -4.97 -5.13 -11.03
H81 MYR B . -4.98 -2.26 -11.78
H82 MYR B . -3.33 -2.82 -11.55
H91 MYR B . -3.68 -3.40 -9.26
H92 MYR B . -5.42 -3.61 -9.45
H101 MYR B . -4.92 -1.54 -8.17
H102 MYR B . -5.77 -1.15 -9.65
H111 MYR B . -3.54 -0.51 -10.73
H112 MYR B . -2.72 -0.95 -9.26
H121 MYR B . -3.58 0.89 -7.99
H122 MYR B . -4.93 1.15 -9.10
H131 MYR B . -3.67 2.79 -10.11
H132 MYR B . -2.67 1.50 -10.78
H141 MYR B . -0.88 2.10 -9.42
H142 MYR B . -1.82 3.53 -8.93
H143 MYR B . -1.88 2.05 -7.96
P1 PBU C . 14.24 -1.71 -9.40
P4 PBU C . 15.63 0.53 -1.35
P5 PBU C . 13.53 -3.85 -2.16
C3' PBU C . 12.02 -2.53 -10.22
C2' PBU C . 11.62 -3.77 -9.38
O2' PBU C . 11.40 -3.36 -8.04
C1' PBU C . 12.72 -4.86 -9.41
O1' PBU C . 12.16 -6.09 -9.00
C1 PBU C . 13.60 -1.39 -6.55
O1 PBU C . 13.68 -2.14 -7.89
C2 PBU C . 14.44 -0.07 -6.47
O2 PBU C . 15.82 -0.28 -6.77
C3 PBU C . 14.31 0.58 -5.08
O3 PBU C . 15.11 1.77 -5.07
C4 PBU C . 14.74 -0.43 -3.94
O4 PBU C . 14.55 0.24 -2.59
C5 PBU C . 13.86 -1.73 -4.05
O5 PBU C . 14.30 -2.69 -3.03
C6 PBU C . 13.96 -2.40 -5.45
O6 PBU C . 13.07 -3.52 -5.59
C7 PBU C . 10.37 -4.00 -7.32
O7 PBU C . 10.62 -4.71 -6.37
C8 PBU C . 8.90 -3.79 -7.74
C9 PBU C . 8.02 -3.56 -6.50
C10 PBU C . 8.52 -2.32 -5.74
C11 PBU C . 12.80 -7.32 -9.26
O11 PBU C . 12.70 -7.94 -10.30
C12 PBU C . 13.63 -7.91 -8.08
C13 PBU C . 14.96 -8.53 -8.53
C14 PBU C . 16.14 -7.90 -7.76
O41 PBU C . 15.47 2.04 -1.25
O42 PBU C . 15.12 -0.23 -0.16
O43 PBU C . 17.03 0.05 -1.75
O51 PBU C . 14.28 -3.74 -0.84
O52 PBU C . 12.08 -3.40 -2.18
O53 PBU C . 13.82 -5.11 -2.93
OP1 PBU C . 13.42 -2.45 -10.40
OP2 PBU C . 14.04 -0.20 -9.43
OP3 PBU C . 15.67 -2.22 -9.40
H3'1 PBU C . 11.69 -1.66 -9.71
H3'2 PBU C . 11.53 -2.61 -11.16
H2' PBU C . 10.76 -4.21 -9.80
H1'1 PBU C . 13.08 -4.99 -10.38
H1'2 PBU C . 13.53 -4.57 -8.80
H1 PBU C . 12.58 -1.02 -6.42
H2 PBU C . 14.03 0.61 -7.23
H02 PBU C . 16.25 -0.94 -6.28
H3 PBU C . 13.28 0.84 -4.89
H03 PBU C . 16.05 1.55 -5.16
H4 PBU C . 15.79 -0.72 -4.01
H5 PBU C . 12.84 -1.41 -3.87
H6 PBU C . 14.98 -2.76 -5.58
H06 PBU C . 13.41 -4.29 -5.16
H81 PBU C . 8.55 -4.64 -8.25
H82 PBU C . 8.84 -2.95 -8.37
H91 PBU C . 8.07 -4.39 -5.87
H92 PBU C . 7.03 -3.40 -6.79
H11 PBU C . 8.48 -1.48 -6.36
H12 PBU C . 9.51 -2.48 -5.43
H13 PBU C . 7.91 -2.15 -4.89
H121 PBU C . 13.83 -7.13 -7.41
H122 PBU C . 13.04 -8.65 -7.62
H131 PBU C . 14.93 -9.56 -8.33
H132 PBU C . 15.09 -8.37 -9.55
H141 PBU C . 17.03 -8.39 -8.04
H142 PBU C . 15.98 -8.03 -6.72
H143 PBU C . 16.24 -6.89 -7.98
N GLY A 1 -7.52 -4.51 -18.61
CA GLY A 1 -7.84 -3.21 -19.20
C GLY A 1 -6.84 -2.80 -20.26
N ALA A 2 -6.20 -1.65 -20.05
CA ALA A 2 -5.22 -1.13 -21.00
C ALA A 2 -3.81 -1.26 -20.44
N ARG A 3 -2.82 -0.93 -21.26
CA ARG A 3 -1.42 -1.00 -20.84
C ARG A 3 -0.75 0.36 -20.96
N ASN A 4 -1.42 1.39 -20.45
CA ASN A 4 -0.89 2.74 -20.49
C ASN A 4 -1.31 3.54 -19.26
N SER A 5 -2.62 3.68 -19.08
CA SER A 5 -3.15 4.43 -17.94
C SER A 5 -4.46 3.80 -17.45
N VAL A 6 -4.35 2.90 -16.49
CA VAL A 6 -5.53 2.22 -15.94
C VAL A 6 -6.35 3.18 -15.09
N LEU A 7 -5.69 3.86 -14.16
CA LEU A 7 -6.36 4.81 -13.27
C LEU A 7 -6.77 6.06 -14.03
N ARG A 8 -7.50 6.94 -13.36
CA ARG A 8 -7.96 8.19 -13.97
C ARG A 8 -6.79 9.16 -14.14
N GLY A 9 -7.08 10.33 -14.70
CA GLY A 9 -6.05 11.34 -14.92
C GLY A 9 -5.40 11.78 -13.63
N LYS A 10 -6.22 12.15 -12.65
CA LYS A 10 -5.71 12.60 -11.36
C LYS A 10 -5.20 11.42 -10.54
N LYS A 11 -5.95 10.32 -10.55
CA LYS A 11 -5.57 9.13 -9.81
C LYS A 11 -4.23 8.59 -10.29
N ALA A 12 -4.17 8.22 -11.56
CA ALA A 12 -2.94 7.69 -12.14
C ALA A 12 -1.75 8.59 -11.81
N ASP A 13 -1.95 9.89 -11.94
CA ASP A 13 -0.88 10.86 -11.66
C ASP A 13 -0.25 10.58 -10.30
N GLU A 14 -1.10 10.46 -9.28
CA GLU A 14 -0.61 10.20 -7.93
C GLU A 14 0.27 8.96 -7.89
N LEU A 15 -0.08 7.97 -8.70
CA LEU A 15 0.68 6.73 -8.76
C LEU A 15 2.05 6.95 -9.40
N GLU A 16 2.07 7.71 -10.49
CA GLU A 16 3.31 8.01 -11.20
C GLU A 16 4.08 9.12 -10.51
N ARG A 17 3.51 9.65 -9.43
CA ARG A 17 4.13 10.72 -8.67
C ARG A 17 4.89 10.17 -7.47
N ILE A 18 4.45 9.02 -6.97
CA ILE A 18 5.08 8.38 -5.83
C ILE A 18 6.39 7.71 -6.23
N ARG A 19 7.44 7.97 -5.46
CA ARG A 19 8.76 7.39 -5.74
C ARG A 19 9.04 6.22 -4.80
N LEU A 20 9.60 5.15 -5.37
CA LEU A 20 9.93 3.96 -4.57
C LEU A 20 10.89 4.30 -3.45
N ARG A 21 11.60 5.42 -3.60
CA ARG A 21 12.56 5.85 -2.58
C ARG A 21 12.11 7.16 -1.94
N PRO A 22 12.65 7.46 -0.75
CA PRO A 22 12.32 8.69 -0.02
C PRO A 22 12.87 9.94 -0.69
N GLY A 23 14.16 9.90 -1.03
CA GLY A 23 14.79 11.04 -1.68
C GLY A 23 15.19 10.74 -3.11
N GLY A 24 14.38 9.94 -3.80
CA GLY A 24 14.67 9.58 -5.17
C GLY A 24 13.75 10.28 -6.16
N LYS A 25 13.80 9.86 -7.41
CA LYS A 25 12.97 10.46 -8.45
C LYS A 25 12.37 9.38 -9.35
N LYS A 26 12.66 8.12 -9.03
CA LYS A 26 12.15 6.99 -9.80
C LYS A 26 10.74 6.61 -9.33
N LYS A 27 9.73 7.25 -9.93
CA LYS A 27 8.35 6.97 -9.58
C LYS A 27 7.92 5.58 -10.05
N TYR A 28 6.74 5.15 -9.65
CA TYR A 28 6.22 3.85 -10.05
C TYR A 28 5.87 3.83 -11.53
N ARG A 29 5.93 2.64 -12.13
CA ARG A 29 5.63 2.48 -13.54
C ARG A 29 4.86 1.18 -13.78
N LEU A 30 4.23 1.07 -14.96
CA LEU A 30 3.47 -0.11 -15.32
C LEU A 30 4.29 -1.37 -15.05
N LYS A 31 5.60 -1.26 -15.17
CA LYS A 31 6.49 -2.40 -14.95
C LYS A 31 6.35 -2.93 -13.52
N HIS A 32 6.08 -2.03 -12.58
CA HIS A 32 5.91 -2.41 -11.18
C HIS A 32 4.53 -3.00 -10.94
N ILE A 33 3.47 -2.48 -11.56
CA ILE A 33 2.13 -3.02 -11.36
C ILE A 33 2.03 -4.45 -11.87
N VAL A 34 2.59 -4.70 -13.04
CA VAL A 34 2.57 -6.03 -13.63
C VAL A 34 3.36 -7.03 -12.77
N TRP A 35 4.52 -6.58 -12.28
CA TRP A 35 5.36 -7.42 -11.44
C TRP A 35 4.73 -7.64 -10.07
N ALA A 36 3.86 -6.72 -9.67
CA ALA A 36 3.19 -6.82 -8.38
C ALA A 36 2.07 -7.86 -8.42
N ALA A 37 1.25 -7.79 -9.46
CA ALA A 37 0.14 -8.73 -9.61
C ALA A 37 0.66 -10.14 -9.89
N ASN A 38 1.70 -10.24 -10.70
CA ASN A 38 2.29 -11.53 -11.04
C ASN A 38 2.75 -12.27 -9.78
N LYS A 39 3.35 -11.53 -8.85
CA LYS A 39 3.84 -12.11 -7.62
C LYS A 39 2.69 -12.59 -6.74
N LEU A 40 1.58 -11.86 -6.79
CA LEU A 40 0.40 -12.21 -6.01
C LEU A 40 -0.11 -13.61 -6.39
N ASP A 41 -0.41 -13.79 -7.67
CA ASP A 41 -0.90 -15.07 -8.17
C ASP A 41 0.01 -16.20 -7.72
N ARG A 42 1.31 -16.02 -7.91
CA ARG A 42 2.29 -17.03 -7.52
C ARG A 42 2.27 -17.27 -6.03
N PHE A 43 2.55 -16.22 -5.27
CA PHE A 43 2.57 -16.31 -3.81
C PHE A 43 1.32 -17.00 -3.28
N GLY A 44 0.17 -16.59 -3.81
CA GLY A 44 -1.09 -17.19 -3.39
C GLY A 44 -2.20 -16.16 -3.28
N LEU A 45 -1.85 -14.89 -3.39
CA LEU A 45 -2.82 -13.80 -3.29
C LEU A 45 -3.43 -13.51 -4.66
N ALA A 46 -4.53 -12.77 -4.67
CA ALA A 46 -5.21 -12.41 -5.90
C ALA A 46 -4.90 -10.97 -6.31
N GLU A 47 -5.14 -10.65 -7.57
CA GLU A 47 -4.88 -9.31 -8.08
C GLU A 47 -6.09 -8.40 -7.84
N SER A 48 -7.22 -8.99 -7.48
CA SER A 48 -8.44 -8.24 -7.23
C SER A 48 -8.31 -7.40 -5.96
N LEU A 49 -7.26 -7.66 -5.19
CA LEU A 49 -7.02 -6.94 -3.95
C LEU A 49 -6.19 -5.68 -4.21
N LEU A 50 -5.76 -5.51 -5.46
CA LEU A 50 -4.96 -4.35 -5.84
C LEU A 50 -5.85 -3.18 -6.24
N GLU A 51 -7.13 -3.46 -6.42
CA GLU A 51 -8.09 -2.43 -6.81
C GLU A 51 -9.14 -2.23 -5.72
N SER A 52 -8.78 -2.59 -4.49
CA SER A 52 -9.70 -2.46 -3.37
C SER A 52 -8.94 -2.09 -2.09
N LYS A 53 -9.27 -0.94 -1.52
CA LYS A 53 -8.62 -0.47 -0.30
C LYS A 53 -8.67 -1.54 0.78
N GLU A 54 -9.81 -2.21 0.90
CA GLU A 54 -9.98 -3.26 1.90
C GLU A 54 -9.11 -4.47 1.56
N GLY A 55 -8.94 -4.73 0.26
CA GLY A 55 -8.13 -5.86 -0.16
C GLY A 55 -6.66 -5.64 0.08
N CYS A 56 -6.14 -4.54 -0.44
CA CYS A 56 -4.72 -4.21 -0.29
C CYS A 56 -4.33 -4.18 1.19
N GLN A 57 -5.30 -3.88 2.05
CA GLN A 57 -5.06 -3.82 3.48
C GLN A 57 -4.84 -5.21 4.06
N LYS A 58 -5.51 -6.19 3.48
CA LYS A 58 -5.40 -7.58 3.94
C LYS A 58 -4.06 -8.18 3.52
N ILE A 59 -3.38 -7.51 2.59
CA ILE A 59 -2.08 -7.97 2.10
C ILE A 59 -0.95 -7.42 2.95
N LEU A 60 -1.03 -6.15 3.29
CA LEU A 60 -0.01 -5.51 4.10
C LEU A 60 0.08 -6.15 5.48
N THR A 61 -1.03 -6.72 5.94
CA THR A 61 -1.08 -7.37 7.24
C THR A 61 -0.24 -8.65 7.24
N VAL A 62 -0.17 -9.31 6.09
CA VAL A 62 0.59 -10.54 5.96
C VAL A 62 2.05 -10.25 5.58
N LEU A 63 2.25 -9.23 4.76
CA LEU A 63 3.58 -8.84 4.32
C LEU A 63 4.29 -8.03 5.39
N ASP A 64 3.52 -7.47 6.31
CA ASP A 64 4.07 -6.67 7.40
C ASP A 64 5.13 -7.46 8.17
N PRO A 65 4.70 -8.57 8.77
CA PRO A 65 5.60 -9.44 9.55
C PRO A 65 6.61 -10.18 8.67
N MET A 66 6.44 -10.05 7.36
CA MET A 66 7.33 -10.71 6.42
C MET A 66 8.49 -9.79 6.03
N VAL A 67 8.30 -8.49 6.25
CA VAL A 67 9.33 -7.50 5.94
C VAL A 67 10.57 -7.72 6.79
N PRO A 68 10.40 -7.66 8.12
CA PRO A 68 11.49 -7.85 9.07
C PRO A 68 12.01 -9.28 9.10
N THR A 69 11.43 -10.12 8.25
CA THR A 69 11.83 -11.52 8.18
C THR A 69 11.44 -12.14 6.84
N GLY A 70 11.91 -11.53 5.75
CA GLY A 70 11.60 -12.04 4.43
C GLY A 70 12.68 -11.71 3.41
N SER A 71 12.51 -12.19 2.18
CA SER A 71 13.48 -11.94 1.12
C SER A 71 13.16 -10.65 0.39
N GLU A 72 13.99 -10.33 -0.61
CA GLU A 72 13.80 -9.10 -1.39
C GLU A 72 12.59 -9.23 -2.31
N ASN A 73 12.31 -10.46 -2.74
CA ASN A 73 11.18 -10.71 -3.63
C ASN A 73 9.86 -10.43 -2.94
N LEU A 74 9.91 -10.33 -1.61
CA LEU A 74 8.71 -10.05 -0.82
C LEU A 74 8.62 -8.57 -0.46
N LYS A 75 9.72 -8.03 0.06
CA LYS A 75 9.76 -6.62 0.43
C LYS A 75 9.29 -5.74 -0.71
N SER A 76 9.76 -6.03 -1.92
CA SER A 76 9.39 -5.25 -3.10
C SER A 76 7.86 -5.23 -3.27
N LEU A 77 7.24 -6.39 -3.14
CA LEU A 77 5.80 -6.50 -3.28
C LEU A 77 5.09 -5.73 -2.18
N PHE A 78 5.67 -5.73 -0.98
CA PHE A 78 5.09 -5.04 0.15
C PHE A 78 5.12 -3.53 -0.06
N ASN A 79 6.30 -3.00 -0.32
CA ASN A 79 6.47 -1.57 -0.54
C ASN A 79 5.47 -1.06 -1.59
N THR A 80 5.12 -1.93 -2.53
CA THR A 80 4.19 -1.57 -3.59
C THR A 80 2.75 -1.54 -3.06
N VAL A 81 2.39 -2.56 -2.29
CA VAL A 81 1.05 -2.65 -1.72
C VAL A 81 0.74 -1.43 -0.86
N CYS A 82 1.77 -0.89 -0.22
CA CYS A 82 1.60 0.28 0.64
C CYS A 82 1.13 1.48 -0.17
N VAL A 83 1.59 1.58 -1.40
CA VAL A 83 1.21 2.69 -2.28
C VAL A 83 -0.19 2.48 -2.84
N ILE A 84 -0.35 1.40 -3.59
CA ILE A 84 -1.65 1.08 -4.20
C ILE A 84 -2.79 1.31 -3.21
N TRP A 85 -2.55 0.96 -1.95
CA TRP A 85 -3.54 1.13 -0.90
C TRP A 85 -3.88 2.60 -0.69
N CYS A 86 -2.85 3.41 -0.51
CA CYS A 86 -3.03 4.84 -0.29
C CYS A 86 -3.93 5.44 -1.37
N ILE A 87 -3.62 5.15 -2.63
CA ILE A 87 -4.39 5.66 -3.75
C ILE A 87 -5.89 5.48 -3.50
N HIS A 88 -6.25 4.42 -2.81
CA HIS A 88 -7.65 4.14 -2.49
C HIS A 88 -8.07 4.86 -1.21
N ALA A 89 -7.21 4.98 -0.21
CA ALA A 89 -7.57 5.66 1.03
C ALA A 89 -7.47 7.17 0.88
N GLU A 90 -7.04 7.62 -0.30
CA GLU A 90 -6.91 9.04 -0.56
C GLU A 90 -5.83 9.67 0.32
N GLU A 91 -4.64 9.09 0.28
CA GLU A 91 -3.53 9.59 1.09
C GLU A 91 -2.40 10.09 0.20
N LYS A 92 -2.11 11.39 0.27
CA LYS A 92 -1.06 12.00 -0.52
C LYS A 92 0.31 11.57 -0.02
N VAL A 93 1.06 10.88 -0.88
CA VAL A 93 2.39 10.41 -0.52
C VAL A 93 3.39 10.69 -1.63
N LYS A 94 4.51 11.32 -1.28
CA LYS A 94 5.55 11.65 -2.25
C LYS A 94 6.41 10.44 -2.56
N ASP A 95 6.73 9.66 -1.53
CA ASP A 95 7.55 8.47 -1.70
C ASP A 95 6.85 7.25 -1.09
N THR A 96 7.55 6.11 -1.10
CA THR A 96 7.01 4.88 -0.56
C THR A 96 7.17 4.82 0.96
N GLU A 97 8.17 5.53 1.47
CA GLU A 97 8.43 5.56 2.90
C GLU A 97 7.29 6.22 3.66
N GLY A 98 6.57 7.12 2.96
CA GLY A 98 5.45 7.81 3.59
C GLY A 98 4.19 6.97 3.59
N ALA A 99 3.99 6.20 2.53
CA ALA A 99 2.81 5.35 2.40
C ALA A 99 2.91 4.13 3.33
N LYS A 100 4.12 3.62 3.50
CA LYS A 100 4.36 2.47 4.35
C LYS A 100 4.13 2.82 5.82
N GLN A 101 4.50 4.04 6.20
CA GLN A 101 4.34 4.49 7.57
C GLN A 101 2.86 4.72 7.89
N ILE A 102 2.21 5.54 7.09
CA ILE A 102 0.80 5.85 7.28
C ILE A 102 -0.02 4.58 7.47
N VAL A 103 0.33 3.54 6.70
CA VAL A 103 -0.37 2.27 6.79
C VAL A 103 -0.04 1.54 8.08
N ARG A 104 1.24 1.51 8.44
CA ARG A 104 1.69 0.85 9.66
C ARG A 104 1.17 1.58 10.90
N ARG A 105 0.66 2.79 10.69
CA ARG A 105 0.14 3.59 11.79
C ARG A 105 -1.39 3.47 11.87
N HIS A 106 -2.05 3.63 10.73
CA HIS A 106 -3.50 3.54 10.68
C HIS A 106 -3.98 2.16 11.12
N LEU A 107 -3.21 1.10 10.91
CA LEU A 107 -3.62 -0.24 11.31
C LEU A 107 -3.59 -0.38 12.83
N VAL A 108 -2.42 -0.13 13.43
CA VAL A 108 -2.26 -0.23 14.87
C VAL A 108 -3.28 0.64 15.60
N ALA A 109 -3.65 1.75 14.96
CA ALA A 109 -4.62 2.68 15.55
C ALA A 109 -6.00 2.02 15.66
N GLU A 110 -6.26 1.06 14.79
CA GLU A 110 -7.54 0.36 14.78
C GLU A 110 -7.44 -0.95 15.54
N THR A 111 -6.23 -1.53 15.55
CA THR A 111 -6.01 -2.80 16.24
C THR A 111 -6.47 -2.74 17.69
N GLY A 112 -6.42 -1.54 18.27
CA GLY A 112 -6.83 -1.37 19.65
C GLY A 112 -8.23 -1.90 19.90
N THR A 113 -9.07 -1.87 18.87
CA THR A 113 -10.44 -2.34 18.98
C THR A 113 -10.61 -3.68 18.29
N ALA A 114 -9.55 -4.49 18.27
CA ALA A 114 -9.59 -5.80 17.63
C ALA A 114 -8.30 -6.58 17.89
N GLU A 115 -7.86 -6.56 19.14
CA GLU A 115 -6.64 -7.27 19.52
C GLU A 115 -6.69 -8.72 19.07
N LYS A 116 -7.89 -9.29 19.03
CA LYS A 116 -8.06 -10.67 18.61
C LYS A 116 -7.46 -10.91 17.23
N MET A 117 -7.84 -10.08 16.27
CA MET A 117 -7.33 -10.19 14.91
C MET A 117 -7.53 -11.60 14.37
N PRO A 118 -8.80 -11.97 14.10
CA PRO A 118 -9.16 -13.29 13.59
C PRO A 118 -8.70 -13.49 12.15
N SER A 119 -7.52 -14.09 11.98
CA SER A 119 -6.98 -14.33 10.66
C SER A 119 -6.68 -15.82 10.45
N THR A 120 -6.39 -16.20 9.21
CA THR A 120 -6.10 -17.58 8.89
C THR A 120 -4.75 -17.71 8.19
N SER A 121 -4.41 -18.93 7.77
CA SER A 121 -3.15 -19.18 7.09
C SER A 121 -3.32 -20.24 6.00
N ARG A 122 -2.33 -20.33 5.12
CA ARG A 122 -2.37 -21.31 4.04
C ARG A 122 -1.09 -22.12 3.98
N PRO A 123 -1.21 -23.41 3.62
CA PRO A 123 -0.06 -24.32 3.53
C PRO A 123 0.85 -23.98 2.36
N THR A 124 2.16 -24.11 2.58
CA THR A 124 3.14 -23.81 1.55
C THR A 124 4.35 -24.74 1.65
N ALA A 125 5.05 -24.92 0.53
CA ALA A 125 6.22 -25.78 0.50
C ALA A 125 7.31 -25.20 -0.38
N PRO A 126 8.57 -25.46 -0.04
CA PRO A 126 9.73 -24.97 -0.79
C PRO A 126 9.86 -25.65 -2.16
N SER A 127 9.18 -25.08 -3.15
CA SER A 127 9.22 -25.63 -4.51
C SER A 127 9.08 -24.52 -5.55
N SER A 128 10.18 -24.20 -6.22
CA SER A 128 10.17 -23.16 -7.24
C SER A 128 11.36 -23.31 -8.18
N GLU A 129 11.29 -22.66 -9.33
CA GLU A 129 12.36 -22.72 -10.32
C GLU A 129 12.98 -21.35 -10.54
N LYS A 130 13.96 -21.29 -11.45
CA LYS A 130 14.63 -20.03 -11.75
C LYS A 130 14.83 -19.87 -13.26
N GLY A 131 15.04 -18.64 -13.70
CA GLY A 131 15.24 -18.38 -15.11
C GLY A 131 15.07 -16.92 -15.47
N GLY A 132 15.92 -16.07 -14.89
CA GLY A 132 15.83 -14.64 -15.16
C GLY A 132 16.95 -14.16 -16.06
N ASN A 133 16.68 -13.11 -16.83
CA ASN A 133 17.66 -12.55 -17.74
C ASN A 133 18.72 -11.76 -16.98
N TYR A 134 19.81 -12.44 -16.61
CA TYR A 134 20.89 -11.81 -15.87
C TYR A 134 22.18 -12.60 -16.00
C1 MYR B . -8.22 -4.97 -17.59
O2 MYR B . -9.16 -4.36 -17.07
C2 MYR B . -7.84 -6.33 -17.00
C3 MYR B . -6.55 -6.33 -16.14
C4 MYR B . -6.83 -6.69 -14.67
C5 MYR B . -5.60 -6.48 -13.78
C6 MYR B . -5.09 -5.02 -13.81
C7 MYR B . -5.02 -4.40 -12.40
C8 MYR B . -4.96 -2.85 -12.45
C9 MYR B . -6.19 -2.21 -11.80
C10 MYR B . -5.83 -1.49 -10.46
C11 MYR B . -5.45 -0.01 -10.62
C12 MYR B . -3.96 0.30 -10.43
C13 MYR B . -3.68 1.80 -10.27
C14 MYR B . -2.29 2.08 -9.70
H21 MYR B . -7.71 -7.03 -17.85
H22 MYR B . -8.69 -6.74 -16.43
H31 MYR B . -6.06 -5.33 -16.20
H32 MYR B . -5.82 -7.05 -16.56
H41 MYR B . -7.17 -7.73 -14.60
H42 MYR B . -7.68 -6.07 -14.29
H51 MYR B . -4.79 -7.16 -14.09
H52 MYR B . -5.83 -6.76 -12.73
H61 MYR B . -5.75 -4.41 -14.46
H62 MYR B . -4.08 -4.99 -14.29
H71 MYR B . -4.13 -4.79 -11.86
H72 MYR B . -5.89 -4.72 -11.81
H81 MYR B . -4.88 -2.52 -13.51
H82 MYR B . -4.04 -2.50 -11.96
H91 MYR B . -6.97 -2.98 -11.60
H92 MYR B . -6.66 -1.48 -12.49
H101 MYR B . -4.97 -2.02 -10.00
H102 MYR B . -6.66 -1.60 -9.74
H111 MYR B . -6.07 0.61 -9.95
H112 MYR B . -5.75 0.32 -11.65
H121 MYR B . -3.38 -0.10 -11.28
H122 MYR B . -3.57 -0.24 -9.54
H131 MYR B . -4.45 2.26 -9.62
H132 MYR B . -3.78 2.31 -11.26
H141 MYR B . -1.51 1.47 -10.21
H142 MYR B . -2.00 3.14 -9.79
H143 MYR B . -2.23 1.83 -8.63
P1 PBU C . 13.56 -1.55 -10.08
P4 PBU C . 17.04 0.88 -2.80
P5 PBU C . 14.43 -2.10 -2.09
C3' PBU C . 11.58 -3.04 -10.48
C2' PBU C . 11.53 -4.28 -9.54
O2' PBU C . 11.59 -3.83 -8.19
C1' PBU C . 12.70 -5.25 -9.79
O1' PBU C . 13.63 -5.15 -8.74
C1 PBU C . 13.56 -0.89 -7.22
O1 PBU C . 13.18 -1.71 -8.46
C2 PBU C . 14.74 0.12 -7.41
O2 PBU C . 15.93 -0.52 -7.89
C3 PBU C . 15.06 0.85 -6.10
O3 PBU C . 16.16 1.75 -6.34
C4 PBU C . 15.38 -0.16 -4.93
O4 PBU C . 15.63 0.59 -3.65
C5 PBU C . 14.15 -1.15 -4.77
O5 PBU C . 14.47 -2.14 -3.73
C6 PBU C . 13.81 -1.89 -6.09
O6 PBU C . 12.63 -2.69 -5.96
C7 PBU C . 10.48 -3.09 -7.70
O7 PBU C . 10.60 -1.93 -7.40
C8 PBU C . 9.11 -3.79 -7.56
C9 PBU C . 8.32 -3.17 -6.39
C10 PBU C . 7.67 -1.85 -6.85
C11 PBU C . 15.02 -5.14 -8.96
O11 PBU C . 15.55 -4.91 -10.03
C12 PBU C . 15.90 -5.50 -7.72
C13 PBU C . 17.07 -6.44 -8.06
C14 PBU C . 18.34 -5.64 -8.40
O41 PBU C . 17.48 2.16 -3.51
O42 PBU C . 16.62 1.07 -1.37
O43 PBU C . 17.98 -0.31 -2.94
O51 PBU C . 13.94 -3.51 -1.80
O52 PBU C . 15.86 -1.76 -1.70
O53 PBU C . 13.41 -1.02 -1.79
OP1 PBU C . 12.91 -2.70 -10.79
OP2 PBU C . 13.00 -0.18 -10.45
OP3 PBU C . 15.06 -1.71 -10.10
H3'1 PBU C . 11.13 -2.23 -9.98
H3'2 PBU C . 11.05 -3.27 -11.35
H2' PBU C . 10.64 -4.81 -9.73
H1'1 PBU C . 12.35 -6.24 -9.81
H1'2 PBU C . 13.14 -5.06 -10.73
H1 PBU C . 12.73 -0.22 -6.97
H2 PBU C . 14.42 0.84 -8.16
H02 PBU C . 16.24 -1.25 -7.41
H3 PBU C . 14.19 1.43 -5.77
H03 PBU C . 16.95 1.25 -6.53
H4 PBU C . 16.26 -0.77 -5.13
H5 PBU C . 13.32 -0.52 -4.48
H6 PBU C . 14.64 -2.55 -6.32
H06 PBU C . 12.79 -3.51 -5.52
H81 PBU C . 9.26 -4.81 -7.39
H82 PBU C . 8.57 -3.65 -8.45
H91 PBU C . 8.98 -2.98 -5.58
H92 PBU C . 7.57 -3.83 -6.08
H11 PBU C . 7.02 -2.05 -7.65
H12 PBU C . 8.41 -1.17 -7.14
H13 PBU C . 7.12 -1.44 -6.05
H121 PBU C . 16.28 -4.62 -7.32
H122 PBU C . 15.28 -5.98 -7.02
H131 PBU C . 17.26 -7.05 -7.22
H132 PBU C . 16.81 -7.03 -8.89
H141 PBU C . 19.14 -6.32 -8.57
H142 PBU C . 18.58 -5.01 -7.59
H143 PBU C . 18.21 -5.06 -9.26
N GLY A 1 -1.72 -5.64 -19.05
CA GLY A 1 -1.10 -4.77 -20.03
C GLY A 1 -2.03 -4.47 -21.20
N ALA A 2 -2.70 -3.32 -21.15
CA ALA A 2 -3.61 -2.92 -22.20
C ALA A 2 -2.90 -2.10 -23.27
N ARG A 3 -2.46 -0.90 -22.88
CA ARG A 3 -1.75 -0.01 -23.80
C ARG A 3 -0.65 0.76 -23.08
N ASN A 4 -1.04 1.53 -22.07
CA ASN A 4 -0.08 2.32 -21.30
C ASN A 4 -0.61 2.61 -19.90
N SER A 5 -1.83 3.12 -19.83
CA SER A 5 -2.45 3.44 -18.55
C SER A 5 -3.73 2.63 -18.35
N VAL A 6 -4.13 2.47 -17.08
CA VAL A 6 -5.33 1.71 -16.75
C VAL A 6 -6.35 2.59 -16.03
N LEU A 7 -5.91 3.17 -14.92
CA LEU A 7 -6.79 4.04 -14.12
C LEU A 7 -7.05 5.35 -14.84
N ARG A 8 -7.87 6.21 -14.23
CA ARG A 8 -8.20 7.50 -14.81
C ARG A 8 -6.99 8.45 -14.76
N GLY A 9 -7.19 9.67 -15.22
CA GLY A 9 -6.12 10.65 -15.22
C GLY A 9 -5.75 11.10 -13.82
N LYS A 10 -6.74 11.55 -13.05
CA LYS A 10 -6.51 12.02 -11.69
C LYS A 10 -5.85 10.93 -10.86
N LYS A 11 -6.26 9.68 -11.07
CA LYS A 11 -5.70 8.55 -10.34
C LYS A 11 -4.26 8.31 -10.75
N ALA A 12 -4.03 8.06 -12.03
CA ALA A 12 -2.69 7.81 -12.55
C ALA A 12 -1.74 8.93 -12.15
N ASP A 13 -2.23 10.16 -12.13
CA ASP A 13 -1.43 11.31 -11.76
C ASP A 13 -0.87 11.15 -10.35
N GLU A 14 -1.48 10.26 -9.57
CA GLU A 14 -1.05 10.01 -8.20
C GLU A 14 -0.01 8.90 -8.14
N LEU A 15 -0.23 7.86 -8.94
CA LEU A 15 0.69 6.72 -8.99
C LEU A 15 2.03 7.13 -9.59
N GLU A 16 1.98 7.83 -10.72
CA GLU A 16 3.19 8.27 -11.39
C GLU A 16 3.90 9.36 -10.58
N ARG A 17 3.22 9.86 -9.55
CA ARG A 17 3.78 10.91 -8.71
C ARG A 17 4.56 10.29 -7.54
N ILE A 18 4.00 9.26 -6.95
CA ILE A 18 4.65 8.58 -5.82
C ILE A 18 5.97 7.96 -6.25
N ARG A 19 7.00 8.14 -5.42
CA ARG A 19 8.32 7.61 -5.71
C ARG A 19 8.52 6.26 -5.02
N LEU A 20 9.56 5.55 -5.42
CA LEU A 20 9.85 4.24 -4.85
C LEU A 20 10.60 4.38 -3.52
N ARG A 21 11.44 5.42 -3.43
CA ARG A 21 12.21 5.67 -2.22
C ARG A 21 12.48 7.15 -2.05
N PRO A 22 12.58 7.60 -0.78
CA PRO A 22 12.84 9.00 -0.46
C PRO A 22 14.26 9.43 -0.83
N GLY A 23 15.19 8.48 -0.79
CA GLY A 23 16.57 8.77 -1.12
C GLY A 23 16.76 9.09 -2.59
N GLY A 24 15.81 8.65 -3.42
CA GLY A 24 15.90 8.90 -4.84
C GLY A 24 14.74 9.72 -5.36
N LYS A 25 14.54 9.70 -6.68
CA LYS A 25 13.46 10.45 -7.30
C LYS A 25 12.85 9.67 -8.45
N LYS A 26 12.97 8.35 -8.39
CA LYS A 26 12.43 7.48 -9.42
C LYS A 26 10.97 7.12 -9.13
N LYS A 27 10.05 7.84 -9.75
CA LYS A 27 8.62 7.60 -9.56
C LYS A 27 8.25 6.17 -9.96
N TYR A 28 7.09 5.72 -9.51
CA TYR A 28 6.62 4.38 -9.83
C TYR A 28 6.40 4.22 -11.33
N ARG A 29 6.74 3.05 -11.84
CA ARG A 29 6.57 2.76 -13.27
C ARG A 29 5.42 1.79 -13.51
N LEU A 30 5.51 1.03 -14.59
CA LEU A 30 4.47 0.06 -14.93
C LEU A 30 4.89 -1.35 -14.51
N LYS A 31 6.19 -1.61 -14.56
CA LYS A 31 6.72 -2.92 -14.18
C LYS A 31 6.34 -3.27 -12.75
N HIS A 32 6.37 -2.28 -11.87
CA HIS A 32 6.03 -2.49 -10.47
C HIS A 32 4.59 -2.97 -10.33
N ILE A 33 3.63 -2.38 -11.03
CA ILE A 33 2.24 -2.81 -10.94
C ILE A 33 2.06 -4.22 -11.49
N VAL A 34 2.54 -4.45 -12.71
CA VAL A 34 2.44 -5.75 -13.33
C VAL A 34 3.15 -6.83 -12.52
N TRP A 35 4.29 -6.46 -11.95
CA TRP A 35 5.08 -7.38 -11.14
C TRP A 35 4.37 -7.69 -9.82
N ALA A 36 3.57 -6.74 -9.36
CA ALA A 36 2.84 -6.91 -8.11
C ALA A 36 1.72 -7.93 -8.27
N ALA A 37 0.93 -7.77 -9.32
CA ALA A 37 -0.18 -8.69 -9.58
C ALA A 37 0.32 -10.10 -9.85
N ASN A 38 1.42 -10.21 -10.59
CA ASN A 38 2.01 -11.51 -10.91
C ASN A 38 2.62 -12.16 -9.68
N LYS A 39 3.15 -11.33 -8.78
CA LYS A 39 3.75 -11.82 -7.55
C LYS A 39 2.70 -12.40 -6.61
N LEU A 40 1.52 -11.79 -6.59
CA LEU A 40 0.43 -12.24 -5.75
C LEU A 40 -0.02 -13.65 -6.15
N ASP A 41 -0.35 -13.82 -7.42
CA ASP A 41 -0.79 -15.11 -7.94
C ASP A 41 0.17 -16.22 -7.51
N ARG A 42 1.46 -15.94 -7.66
CA ARG A 42 2.48 -16.93 -7.30
C ARG A 42 2.42 -17.25 -5.80
N PHE A 43 2.66 -16.25 -4.98
CA PHE A 43 2.62 -16.42 -3.53
C PHE A 43 1.36 -17.16 -3.10
N GLY A 44 0.23 -16.73 -3.64
CA GLY A 44 -1.04 -17.36 -3.30
C GLY A 44 -2.19 -16.36 -3.25
N LEU A 45 -1.85 -15.08 -3.34
CA LEU A 45 -2.86 -14.03 -3.31
C LEU A 45 -3.39 -13.73 -4.70
N ALA A 46 -4.55 -13.09 -4.77
CA ALA A 46 -5.16 -12.74 -6.06
C ALA A 46 -4.94 -11.27 -6.38
N GLU A 47 -5.20 -10.90 -7.63
CA GLU A 47 -5.03 -9.52 -8.06
C GLU A 47 -6.29 -8.69 -7.78
N SER A 48 -7.37 -9.39 -7.43
CA SER A 48 -8.63 -8.73 -7.13
C SER A 48 -8.54 -7.89 -5.86
N LEU A 49 -7.45 -8.09 -5.12
CA LEU A 49 -7.22 -7.36 -3.87
C LEU A 49 -6.38 -6.10 -4.13
N LEU A 50 -6.27 -5.72 -5.39
CA LEU A 50 -5.51 -4.54 -5.76
C LEU A 50 -6.41 -3.38 -6.14
N GLU A 51 -7.68 -3.69 -6.39
CA GLU A 51 -8.67 -2.68 -6.76
C GLU A 51 -9.62 -2.40 -5.60
N SER A 52 -9.13 -2.62 -4.38
CA SER A 52 -9.95 -2.40 -3.20
C SER A 52 -9.06 -2.13 -1.97
N LYS A 53 -9.29 -0.99 -1.32
CA LYS A 53 -8.52 -0.63 -0.14
C LYS A 53 -8.65 -1.69 0.95
N GLU A 54 -9.85 -2.25 1.08
CA GLU A 54 -10.11 -3.28 2.08
C GLU A 54 -9.31 -4.54 1.80
N GLY A 55 -9.11 -4.83 0.51
CA GLY A 55 -8.36 -6.02 0.12
C GLY A 55 -6.87 -5.85 0.34
N CYS A 56 -6.32 -4.73 -0.14
CA CYS A 56 -4.90 -4.46 0.00
C CYS A 56 -4.48 -4.46 1.47
N GLN A 57 -5.44 -4.19 2.36
CA GLN A 57 -5.18 -4.16 3.78
C GLN A 57 -4.88 -5.55 4.31
N LYS A 58 -5.50 -6.55 3.71
CA LYS A 58 -5.29 -7.94 4.11
C LYS A 58 -3.93 -8.45 3.64
N ILE A 59 -3.35 -7.76 2.67
CA ILE A 59 -2.04 -8.15 2.14
C ILE A 59 -0.92 -7.51 2.94
N LEU A 60 -1.05 -6.21 3.21
CA LEU A 60 -0.04 -5.48 3.97
C LEU A 60 0.11 -6.06 5.37
N THR A 61 -0.99 -6.61 5.90
CA THR A 61 -0.98 -7.19 7.23
C THR A 61 -0.08 -8.43 7.29
N VAL A 62 0.07 -9.10 6.14
CA VAL A 62 0.90 -10.28 6.05
C VAL A 62 2.33 -9.93 5.62
N LEU A 63 2.44 -8.97 4.72
CA LEU A 63 3.74 -8.54 4.22
C LEU A 63 4.47 -7.69 5.26
N ASP A 64 3.69 -7.06 6.14
CA ASP A 64 4.26 -6.21 7.18
C ASP A 64 5.24 -7.00 8.05
N PRO A 65 4.73 -8.02 8.73
CA PRO A 65 5.55 -8.88 9.61
C PRO A 65 6.52 -9.75 8.82
N MET A 66 6.39 -9.73 7.50
CA MET A 66 7.26 -10.52 6.63
C MET A 66 8.33 -9.63 5.98
N VAL A 67 8.16 -8.33 6.12
CA VAL A 67 9.10 -7.37 5.55
C VAL A 67 10.54 -7.76 5.86
N PRO A 68 10.86 -7.85 7.16
CA PRO A 68 12.20 -8.22 7.62
C PRO A 68 12.53 -9.69 7.33
N THR A 69 11.55 -10.56 7.54
CA THR A 69 11.74 -11.99 7.30
C THR A 69 11.39 -12.36 5.86
N GLY A 70 11.61 -11.42 4.94
CA GLY A 70 11.29 -11.67 3.55
C GLY A 70 12.31 -11.03 2.61
N SER A 71 12.80 -11.83 1.66
CA SER A 71 13.79 -11.33 0.71
C SER A 71 13.21 -10.18 -0.12
N GLU A 72 14.06 -9.59 -0.96
CA GLU A 72 13.63 -8.48 -1.81
C GLU A 72 12.43 -8.86 -2.66
N ASN A 73 12.29 -10.16 -2.91
CA ASN A 73 11.18 -10.66 -3.72
C ASN A 73 9.84 -10.43 -3.02
N LEU A 74 9.87 -10.41 -1.69
CA LEU A 74 8.68 -10.20 -0.89
C LEU A 74 8.54 -8.73 -0.51
N LYS A 75 9.58 -8.18 0.10
CA LYS A 75 9.58 -6.79 0.53
C LYS A 75 9.17 -5.86 -0.62
N SER A 76 9.50 -6.27 -1.84
CA SER A 76 9.17 -5.49 -3.03
C SER A 76 7.66 -5.30 -3.14
N LEU A 77 6.91 -6.38 -2.96
CA LEU A 77 5.46 -6.33 -3.05
C LEU A 77 4.88 -5.43 -1.96
N PHE A 78 5.47 -5.49 -0.77
CA PHE A 78 5.01 -4.67 0.35
C PHE A 78 5.08 -3.19 0.00
N ASN A 79 6.16 -2.78 -0.64
CA ASN A 79 6.35 -1.39 -1.04
C ASN A 79 5.30 -0.97 -2.05
N THR A 80 4.92 -1.89 -2.93
CA THR A 80 3.92 -1.61 -3.95
C THR A 80 2.51 -1.56 -3.35
N VAL A 81 2.18 -2.57 -2.56
CA VAL A 81 0.87 -2.64 -1.92
C VAL A 81 0.63 -1.43 -1.03
N CYS A 82 1.69 -0.92 -0.44
CA CYS A 82 1.61 0.24 0.44
C CYS A 82 1.15 1.47 -0.33
N VAL A 83 1.63 1.60 -1.57
CA VAL A 83 1.28 2.74 -2.41
C VAL A 83 -0.08 2.54 -3.05
N ILE A 84 -0.40 1.29 -3.39
CA ILE A 84 -1.67 0.96 -4.01
C ILE A 84 -2.83 1.22 -3.06
N TRP A 85 -2.59 1.05 -1.77
CA TRP A 85 -3.61 1.27 -0.76
C TRP A 85 -3.91 2.75 -0.61
N CYS A 86 -2.86 3.56 -0.54
CA CYS A 86 -3.01 5.00 -0.39
C CYS A 86 -3.90 5.57 -1.49
N ILE A 87 -3.52 5.33 -2.74
CA ILE A 87 -4.28 5.83 -3.88
C ILE A 87 -5.76 5.55 -3.71
N HIS A 88 -6.08 4.44 -3.05
CA HIS A 88 -7.48 4.06 -2.83
C HIS A 88 -8.02 4.75 -1.57
N ALA A 89 -7.22 4.97 -0.53
CA ALA A 89 -7.68 5.62 0.68
C ALA A 89 -7.59 7.14 0.56
N GLU A 90 -7.35 7.62 -0.66
CA GLU A 90 -7.23 9.05 -0.90
C GLU A 90 -5.99 9.62 -0.23
N GLU A 91 -5.10 8.73 0.21
CA GLU A 91 -3.88 9.15 0.88
C GLU A 91 -2.84 9.62 -0.13
N LYS A 92 -2.30 10.82 0.10
CA LYS A 92 -1.29 11.39 -0.79
C LYS A 92 0.10 11.25 -0.18
N VAL A 93 1.05 10.78 -0.99
CA VAL A 93 2.43 10.62 -0.54
C VAL A 93 3.42 10.95 -1.65
N LYS A 94 4.56 11.52 -1.27
CA LYS A 94 5.58 11.88 -2.24
C LYS A 94 6.48 10.70 -2.54
N ASP A 95 6.63 9.81 -1.57
CA ASP A 95 7.47 8.63 -1.73
C ASP A 95 6.77 7.38 -1.18
N THR A 96 7.49 6.27 -1.15
CA THR A 96 6.94 5.02 -0.64
C THR A 96 7.07 4.93 0.88
N GLU A 97 8.13 5.52 1.41
CA GLU A 97 8.37 5.50 2.85
C GLU A 97 7.23 6.20 3.59
N GLY A 98 6.64 7.20 2.94
CA GLY A 98 5.56 7.95 3.56
C GLY A 98 4.27 7.15 3.63
N ALA A 99 4.01 6.36 2.59
CA ALA A 99 2.80 5.55 2.54
C ALA A 99 2.93 4.33 3.45
N LYS A 100 4.16 3.86 3.63
CA LYS A 100 4.41 2.70 4.49
C LYS A 100 4.04 3.00 5.94
N GLN A 101 4.36 4.21 6.39
CA GLN A 101 4.06 4.61 7.76
C GLN A 101 2.55 4.81 7.95
N ILE A 102 1.95 5.60 7.06
CA ILE A 102 0.52 5.87 7.12
C ILE A 102 -0.28 4.58 7.20
N VAL A 103 0.13 3.58 6.41
CA VAL A 103 -0.55 2.29 6.40
C VAL A 103 -0.31 1.52 7.69
N ARG A 104 0.96 1.43 8.08
CA ARG A 104 1.33 0.72 9.29
C ARG A 104 0.52 1.21 10.48
N ARG A 105 0.45 2.52 10.65
CA ARG A 105 -0.29 3.12 11.74
C ARG A 105 -1.77 2.74 11.67
N HIS A 106 -2.36 2.91 10.48
CA HIS A 106 -3.76 2.60 10.28
C HIS A 106 -4.05 1.14 10.64
N LEU A 107 -3.15 0.21 10.38
CA LEU A 107 -3.37 -1.19 10.71
C LEU A 107 -3.40 -1.40 12.23
N VAL A 108 -2.55 -0.67 12.93
CA VAL A 108 -2.49 -0.76 14.39
C VAL A 108 -3.65 -0.03 15.04
N ALA A 109 -4.09 1.06 14.41
CA ALA A 109 -5.19 1.85 14.94
C ALA A 109 -6.48 1.04 14.96
N GLU A 110 -6.72 0.27 13.90
CA GLU A 110 -7.92 -0.56 13.80
C GLU A 110 -7.88 -1.69 14.83
N THR A 111 -6.67 -2.14 15.17
CA THR A 111 -6.49 -3.22 16.13
C THR A 111 -6.05 -2.68 17.49
N GLY A 112 -6.48 -1.46 17.80
CA GLY A 112 -6.12 -0.84 19.06
C GLY A 112 -7.19 0.09 19.58
N THR A 113 -8.45 -0.24 19.32
CA THR A 113 -9.58 0.56 19.76
C THR A 113 -10.78 -0.30 20.12
N ALA A 114 -10.51 -1.50 20.61
CA ALA A 114 -11.57 -2.43 20.99
C ALA A 114 -11.28 -3.05 22.35
N GLU A 115 -10.04 -3.44 22.57
CA GLU A 115 -9.65 -4.05 23.84
C GLU A 115 -8.56 -3.22 24.53
N LYS A 116 -8.66 -1.90 24.38
CA LYS A 116 -7.70 -0.99 24.99
C LYS A 116 -7.67 -1.16 26.51
N MET A 117 -8.80 -1.58 27.07
CA MET A 117 -8.91 -1.78 28.51
C MET A 117 -8.71 -0.48 29.27
N PRO A 118 -9.18 -0.43 30.52
CA PRO A 118 -9.07 0.75 31.37
C PRO A 118 -7.64 1.03 31.80
N SER A 119 -7.13 2.21 31.46
CA SER A 119 -5.77 2.59 31.81
C SER A 119 -5.60 4.10 31.76
N THR A 120 -5.32 4.70 32.92
CA THR A 120 -5.13 6.15 33.01
C THR A 120 -3.98 6.61 32.12
N SER A 121 -4.25 7.60 31.27
CA SER A 121 -3.24 8.12 30.36
C SER A 121 -3.54 9.57 29.98
N ARG A 122 -2.69 10.15 29.16
CA ARG A 122 -2.87 11.53 28.72
C ARG A 122 -2.55 11.68 27.24
N PRO A 123 -3.43 11.16 26.38
CA PRO A 123 -3.26 11.21 24.93
C PRO A 123 -3.43 12.63 24.38
N THR A 124 -3.16 12.80 23.10
CA THR A 124 -3.29 14.10 22.45
C THR A 124 -4.52 14.15 21.56
N ALA A 125 -4.97 15.37 21.26
CA ALA A 125 -6.15 15.55 20.41
C ALA A 125 -5.76 15.51 18.93
N PRO A 126 -6.75 15.21 18.07
CA PRO A 126 -6.54 15.14 16.62
C PRO A 126 -6.27 16.50 15.99
N SER A 127 -5.10 16.63 15.37
CA SER A 127 -4.71 17.89 14.73
C SER A 127 -5.40 18.04 13.37
N SER A 128 -6.31 19.00 13.28
CA SER A 128 -7.04 19.25 12.04
C SER A 128 -6.40 20.39 11.26
N GLU A 129 -5.07 20.46 11.32
CA GLU A 129 -4.33 21.50 10.60
C GLU A 129 -3.37 20.88 9.60
N LYS A 130 -3.55 21.22 8.33
CA LYS A 130 -2.70 20.70 7.27
C LYS A 130 -2.38 21.78 6.24
N GLY A 131 -1.15 21.80 5.76
CA GLY A 131 -0.75 22.79 4.77
C GLY A 131 0.58 23.42 5.10
N GLY A 132 1.51 23.36 4.15
CA GLY A 132 2.83 23.94 4.36
C GLY A 132 3.69 23.09 5.26
N ASN A 133 3.57 21.77 5.12
CA ASN A 133 4.35 20.84 5.94
C ASN A 133 5.34 20.07 5.07
N TYR A 134 4.97 19.81 3.83
CA TYR A 134 5.82 19.09 2.90
C TYR A 134 6.20 19.95 1.70
C1 MYR B . -1.26 -5.69 -17.80
O2 MYR B . -0.30 -5.03 -17.43
C2 MYR B . -1.94 -6.63 -16.80
C3 MYR B . -3.05 -5.98 -15.96
C4 MYR B . -2.78 -6.09 -14.45
C5 MYR B . -4.06 -6.38 -13.65
C6 MYR B . -5.09 -5.24 -13.75
C7 MYR B . -5.41 -4.62 -12.38
C8 MYR B . -4.43 -3.47 -12.03
C9 MYR B . -4.54 -2.29 -13.01
C10 MYR B . -4.81 -0.95 -12.28
C11 MYR B . -3.54 -0.20 -11.85
C12 MYR B . -3.51 0.18 -10.35
C13 MYR B . -3.32 1.70 -10.14
C14 MYR B . -1.97 2.02 -9.49
H21 MYR B . -1.14 -7.01 -16.13
H22 MYR B . -2.31 -7.53 -17.33
H31 MYR B . -4.03 -6.44 -16.20
H32 MYR B . -3.15 -4.91 -16.24
H41 MYR B . -2.32 -5.14 -14.08
H42 MYR B . -2.03 -6.88 -14.26
H51 MYR B . -3.81 -6.56 -12.58
H52 MYR B . -4.51 -7.32 -14.00
H61 MYR B . -6.03 -5.62 -14.21
H62 MYR B . -4.71 -4.46 -14.44
H71 MYR B . -5.36 -5.39 -11.59
H72 MYR B . -6.45 -4.23 -12.37
H81 MYR B . -3.39 -3.85 -12.03
H82 MYR B . -4.62 -3.12 -11.00
H91 MYR B . -5.36 -2.49 -13.74
H92 MYR B . -3.62 -2.21 -13.61
H101 MYR B . -5.43 -1.14 -11.39
H102 MYR B . -5.44 -0.29 -12.92
H111 MYR B . -3.39 0.70 -12.48
H112 MYR B . -2.66 -0.84 -12.06
H121 MYR B . -2.70 -0.37 -9.84
H122 MYR B . -4.45 -0.13 -9.87
H131 MYR B . -4.13 2.11 -9.53
H132 MYR B . -3.39 2.23 -11.12
H141 MYR B . -1.13 1.48 -9.98
H142 MYR B . -1.74 3.10 -9.52
H143 MYR B . -1.96 1.72 -8.43
P1 PBU C . 12.96 -1.52 -10.65
P4 PBU C . 15.93 2.25 -3.93
P5 PBU C . 13.95 -1.50 -2.71
C3' PBU C . 11.12 -3.18 -11.04
C2' PBU C . 11.07 -4.21 -9.88
O2' PBU C . 10.84 -3.52 -8.67
C1' PBU C . 12.38 -5.02 -9.77
O1' PBU C . 13.29 -4.32 -8.94
C1 PBU C . 12.75 -0.64 -7.86
O1 PBU C . 12.47 -1.56 -9.06
C2 PBU C . 13.81 0.49 -8.12
O2 PBU C . 15.05 0.01 -8.61
C3 PBU C . 14.05 1.31 -6.84
O3 PBU C . 15.02 2.32 -7.14
C4 PBU C . 14.52 0.39 -5.65
O4 PBU C . 14.70 1.22 -4.40
C5 PBU C . 13.43 -0.73 -5.42
O5 PBU C . 13.89 -1.62 -4.36
C6 PBU C . 13.16 -1.57 -6.69
O6 PBU C . 12.08 -2.51 -6.51
C7 PBU C . 10.00 -4.14 -7.71
O7 PBU C . 10.44 -4.51 -6.65
C8 PBU C . 8.50 -4.31 -8.02
C9 PBU C . 7.66 -3.91 -6.79
C10 PBU C . 8.06 -2.51 -6.33
C11 PBU C . 14.58 -4.81 -8.66
O11 PBU C . 15.60 -4.40 -9.19
C12 PBU C . 14.65 -5.98 -7.65
C13 PBU C . 15.95 -6.01 -6.82
C14 PBU C . 15.74 -5.37 -5.43
O41 PBU C . 15.93 1.94 -2.43
O42 PBU C . 17.15 1.76 -4.66
O43 PBU C . 15.59 3.68 -4.30
O51 PBU C . 13.77 -2.95 -2.32
O52 PBU C . 15.31 -0.87 -2.45
O53 PBU C . 12.77 -0.62 -2.39
OP1 PBU C . 12.43 -2.76 -11.31
OP2 PBU C . 12.33 -0.23 -11.19
OP3 PBU C . 14.47 -1.56 -10.56
H3'1 PBU C . 10.54 -2.34 -10.75
H3'2 PBU C . 10.70 -3.63 -11.89
H2' PBU C . 10.31 -4.91 -10.08
H1'1 PBU C . 12.19 -5.95 -9.31
H1'2 PBU C . 12.79 -5.21 -10.72
H1 PBU C . 11.85 -0.08 -7.61
H2 PBU C . 13.37 1.14 -8.89
H02 PBU C . 15.46 -0.67 -8.10
H3 PBU C . 13.12 1.79 -6.52
H03 PBU C . 15.87 1.93 -7.34
H4 PBU C . 15.46 -0.10 -5.84
H5 PBU C . 12.52 -0.21 -5.12
H6 PBU C . 14.05 -2.12 -6.93
H06 PBU C . 12.37 -3.27 -6.04
H81 PBU C . 8.31 -5.32 -8.26
H82 PBU C . 8.25 -3.69 -8.83
H91 PBU C . 7.83 -4.61 -6.01
H92 PBU C . 6.63 -3.91 -7.04
H11 PBU C . 7.91 -1.82 -7.10
H12 PBU C . 9.07 -2.50 -6.05
H13 PBU C . 7.47 -2.23 -5.50
H121 PBU C . 13.83 -5.90 -6.99
H122 PBU C . 14.58 -6.88 -8.18
H131 PBU C . 16.26 -7.00 -6.70
H132 PBU C . 16.69 -5.47 -7.33
H141 PBU C . 16.63 -5.46 -4.87
H142 PBU C . 14.96 -5.88 -4.93
H143 PBU C . 15.50 -4.36 -5.52
N GLY A 1 -6.68 -7.05 -19.63
CA GLY A 1 -7.03 -7.85 -20.79
C GLY A 1 -7.85 -7.07 -21.80
N ALA A 2 -9.12 -6.83 -21.47
CA ALA A 2 -10.01 -6.09 -22.35
C ALA A 2 -9.47 -4.70 -22.64
N ARG A 3 -9.34 -3.89 -21.60
CA ARG A 3 -8.82 -2.53 -21.74
C ARG A 3 -7.32 -2.49 -21.51
N ASN A 4 -6.58 -2.12 -22.54
CA ASN A 4 -5.12 -2.04 -22.45
C ASN A 4 -4.70 -1.06 -21.35
N SER A 5 -5.25 0.14 -21.40
CA SER A 5 -4.94 1.17 -20.41
C SER A 5 -5.70 0.93 -19.12
N VAL A 6 -5.09 0.20 -18.20
CA VAL A 6 -5.71 -0.10 -16.91
C VAL A 6 -5.63 1.11 -15.97
N LEU A 7 -4.49 1.78 -15.97
CA LEU A 7 -4.29 2.95 -15.13
C LEU A 7 -5.30 4.04 -15.46
N ARG A 8 -5.85 4.67 -14.42
CA ARG A 8 -6.83 5.74 -14.61
C ARG A 8 -6.14 7.06 -14.92
N GLY A 9 -6.91 8.14 -14.95
CA GLY A 9 -6.35 9.45 -15.23
C GLY A 9 -5.86 10.15 -13.98
N LYS A 10 -6.75 10.34 -13.02
CA LYS A 10 -6.40 11.01 -11.77
C LYS A 10 -5.62 10.09 -10.86
N LYS A 11 -6.05 8.82 -10.78
CA LYS A 11 -5.39 7.83 -9.94
C LYS A 11 -3.93 7.66 -10.36
N ALA A 12 -3.71 7.46 -11.66
CA ALA A 12 -2.37 7.28 -12.19
C ALA A 12 -1.48 8.46 -11.83
N ASP A 13 -2.06 9.66 -11.86
CA ASP A 13 -1.31 10.88 -11.54
C ASP A 13 -0.68 10.78 -10.16
N GLU A 14 -1.27 9.95 -9.31
CA GLU A 14 -0.78 9.76 -7.95
C GLU A 14 0.21 8.60 -7.87
N LEU A 15 -0.08 7.54 -8.64
CA LEU A 15 0.77 6.36 -8.65
C LEU A 15 2.13 6.68 -9.30
N GLU A 16 2.10 7.53 -10.33
CA GLU A 16 3.33 7.90 -11.01
C GLU A 16 4.02 9.06 -10.30
N ARG A 17 3.36 9.61 -9.30
CA ARG A 17 3.90 10.72 -8.53
C ARG A 17 4.73 10.21 -7.35
N ILE A 18 4.32 9.08 -6.79
CA ILE A 18 5.02 8.49 -5.66
C ILE A 18 6.35 7.87 -6.10
N ARG A 19 7.38 8.08 -5.30
CA ARG A 19 8.70 7.55 -5.60
C ARG A 19 9.05 6.39 -4.66
N LEU A 20 9.73 5.38 -5.19
CA LEU A 20 10.11 4.22 -4.40
C LEU A 20 11.07 4.62 -3.28
N ARG A 21 11.80 5.71 -3.50
CA ARG A 21 12.75 6.20 -2.50
C ARG A 21 12.32 7.55 -1.95
N PRO A 22 12.82 7.89 -0.76
CA PRO A 22 12.50 9.17 -0.10
C PRO A 22 13.12 10.36 -0.82
N GLY A 23 14.41 10.26 -1.13
CA GLY A 23 15.09 11.35 -1.81
C GLY A 23 15.48 10.99 -3.23
N GLY A 24 14.58 10.30 -3.94
CA GLY A 24 14.86 9.90 -5.30
C GLY A 24 13.93 10.57 -6.30
N LYS A 25 13.93 10.07 -7.53
CA LYS A 25 13.09 10.63 -8.57
C LYS A 25 12.52 9.52 -9.46
N LYS A 26 12.65 8.28 -9.01
CA LYS A 26 12.14 7.13 -9.75
C LYS A 26 10.81 6.66 -9.18
N LYS A 27 9.72 7.15 -9.76
CA LYS A 27 8.38 6.77 -9.32
C LYS A 27 8.01 5.39 -9.83
N TYR A 28 6.79 4.95 -9.52
CA TYR A 28 6.32 3.64 -9.95
C TYR A 28 5.99 3.65 -11.44
N ARG A 29 6.03 2.46 -12.05
CA ARG A 29 5.74 2.34 -13.48
C ARG A 29 4.95 1.05 -13.76
N LEU A 30 4.36 0.97 -14.94
CA LEU A 30 3.57 -0.20 -15.32
C LEU A 30 4.33 -1.48 -14.97
N LYS A 31 5.64 -1.46 -15.13
CA LYS A 31 6.47 -2.63 -14.83
C LYS A 31 6.23 -3.11 -13.41
N HIS A 32 6.27 -2.18 -12.46
CA HIS A 32 6.05 -2.51 -11.05
C HIS A 32 4.63 -3.04 -10.83
N ILE A 33 3.61 -2.45 -11.43
CA ILE A 33 2.25 -2.92 -11.25
C ILE A 33 2.08 -4.35 -11.76
N VAL A 34 2.76 -4.66 -12.85
CA VAL A 34 2.70 -6.00 -13.43
C VAL A 34 3.45 -7.01 -12.57
N TRP A 35 4.61 -6.61 -12.07
CA TRP A 35 5.43 -7.48 -11.23
C TRP A 35 4.77 -7.69 -9.86
N ALA A 36 3.97 -6.73 -9.44
CA ALA A 36 3.27 -6.81 -8.16
C ALA A 36 2.20 -7.91 -8.19
N ALA A 37 1.39 -7.90 -9.23
CA ALA A 37 0.33 -8.89 -9.38
C ALA A 37 0.91 -10.29 -9.59
N ASN A 38 2.03 -10.35 -10.30
CA ASN A 38 2.68 -11.63 -10.57
C ASN A 38 3.04 -12.35 -9.28
N LYS A 39 3.46 -11.58 -8.28
CA LYS A 39 3.83 -12.15 -6.99
C LYS A 39 2.60 -12.69 -6.25
N LEU A 40 1.48 -11.98 -6.39
CA LEU A 40 0.23 -12.38 -5.75
C LEU A 40 -0.20 -13.77 -6.23
N ASP A 41 -0.31 -13.92 -7.55
CA ASP A 41 -0.71 -15.18 -8.14
C ASP A 41 0.14 -16.34 -7.61
N ARG A 42 1.46 -16.16 -7.66
CA ARG A 42 2.38 -17.18 -7.18
C ARG A 42 2.21 -17.42 -5.69
N PHE A 43 2.39 -16.36 -4.90
CA PHE A 43 2.25 -16.45 -3.45
C PHE A 43 0.95 -17.18 -3.08
N GLY A 44 -0.15 -16.77 -3.69
CA GLY A 44 -1.43 -17.39 -3.42
C GLY A 44 -2.56 -16.39 -3.36
N LEU A 45 -2.21 -15.11 -3.43
CA LEU A 45 -3.21 -14.03 -3.40
C LEU A 45 -3.69 -13.69 -4.80
N ALA A 46 -4.77 -12.92 -4.88
CA ALA A 46 -5.32 -12.52 -6.17
C ALA A 46 -4.92 -11.08 -6.50
N GLU A 47 -5.02 -10.74 -7.79
CA GLU A 47 -4.67 -9.39 -8.24
C GLU A 47 -5.87 -8.44 -8.10
N SER A 48 -7.04 -9.02 -7.88
CA SER A 48 -8.26 -8.22 -7.72
C SER A 48 -8.23 -7.43 -6.41
N LEU A 49 -7.27 -7.76 -5.55
CA LEU A 49 -7.15 -7.09 -4.26
C LEU A 49 -6.32 -5.82 -4.39
N LEU A 50 -5.76 -5.60 -5.58
CA LEU A 50 -4.94 -4.42 -5.83
C LEU A 50 -5.80 -3.23 -6.22
N GLU A 51 -7.10 -3.48 -6.43
CA GLU A 51 -8.04 -2.43 -6.80
C GLU A 51 -9.07 -2.21 -5.71
N SER A 52 -8.72 -2.59 -4.48
CA SER A 52 -9.62 -2.44 -3.35
C SER A 52 -8.85 -2.04 -2.09
N LYS A 53 -9.24 -0.92 -1.50
CA LYS A 53 -8.60 -0.42 -0.29
C LYS A 53 -8.70 -1.44 0.84
N GLU A 54 -9.91 -1.95 1.05
CA GLU A 54 -10.15 -2.93 2.11
C GLU A 54 -9.33 -4.20 1.87
N GLY A 55 -9.22 -4.59 0.60
CA GLY A 55 -8.45 -5.78 0.26
C GLY A 55 -6.97 -5.59 0.45
N CYS A 56 -6.42 -4.51 -0.11
CA CYS A 56 -5.00 -4.23 0.00
C CYS A 56 -4.56 -4.22 1.46
N GLN A 57 -5.46 -3.79 2.34
CA GLN A 57 -5.16 -3.72 3.76
C GLN A 57 -4.85 -5.11 4.31
N LYS A 58 -5.47 -6.13 3.73
CA LYS A 58 -5.26 -7.50 4.16
C LYS A 58 -3.92 -8.03 3.66
N ILE A 59 -3.44 -7.46 2.56
CA ILE A 59 -2.17 -7.88 1.98
C ILE A 59 -0.99 -7.28 2.75
N LEU A 60 -1.20 -6.09 3.30
CA LEU A 60 -0.16 -5.42 4.07
C LEU A 60 0.03 -6.07 5.43
N THR A 61 -1.04 -6.63 5.97
CA THR A 61 -1.00 -7.29 7.27
C THR A 61 -0.35 -8.67 7.15
N VAL A 62 -0.35 -9.22 5.95
CA VAL A 62 0.24 -10.54 5.71
C VAL A 62 1.73 -10.43 5.41
N LEU A 63 2.12 -9.33 4.77
CA LEU A 63 3.51 -9.09 4.43
C LEU A 63 4.20 -8.22 5.48
N ASP A 64 3.40 -7.57 6.31
CA ASP A 64 3.93 -6.71 7.36
C ASP A 64 5.01 -7.43 8.16
N PRO A 65 4.63 -8.52 8.83
CA PRO A 65 5.55 -9.32 9.64
C PRO A 65 6.56 -10.08 8.79
N MET A 66 6.38 -10.04 7.48
CA MET A 66 7.28 -10.72 6.56
C MET A 66 8.36 -9.76 6.04
N VAL A 67 8.05 -8.48 6.08
CA VAL A 67 9.00 -7.46 5.61
C VAL A 67 10.42 -7.80 6.04
N PRO A 68 10.63 -7.96 7.36
CA PRO A 68 11.94 -8.29 7.91
C PRO A 68 12.37 -9.72 7.59
N THR A 69 11.40 -10.62 7.55
CA THR A 69 11.68 -12.02 7.24
C THR A 69 11.22 -12.37 5.83
N GLY A 70 11.55 -11.51 4.88
CA GLY A 70 11.19 -11.74 3.49
C GLY A 70 12.26 -11.31 2.52
N SER A 71 12.51 -12.13 1.51
CA SER A 71 13.53 -11.83 0.50
C SER A 71 13.23 -10.50 -0.17
N GLU A 72 14.21 -9.99 -0.91
CA GLU A 72 14.05 -8.72 -1.62
C GLU A 72 12.85 -8.75 -2.56
N ASN A 73 12.53 -9.95 -3.04
CA ASN A 73 11.40 -10.12 -3.96
C ASN A 73 10.08 -9.98 -3.20
N LEU A 74 10.13 -10.12 -1.89
CA LEU A 74 8.93 -10.01 -1.05
C LEU A 74 8.72 -8.56 -0.60
N LYS A 75 9.77 -7.95 -0.05
CA LYS A 75 9.68 -6.58 0.42
C LYS A 75 9.20 -5.66 -0.69
N SER A 76 9.61 -5.94 -1.92
CA SER A 76 9.22 -5.14 -3.07
C SER A 76 7.70 -5.05 -3.18
N LEU A 77 7.04 -6.20 -3.09
CA LEU A 77 5.59 -6.26 -3.18
C LEU A 77 4.94 -5.48 -2.04
N PHE A 78 5.38 -5.75 -0.82
CA PHE A 78 4.85 -5.07 0.36
C PHE A 78 4.86 -3.56 0.16
N ASN A 79 6.03 -3.01 -0.18
CA ASN A 79 6.18 -1.59 -0.39
C ASN A 79 5.13 -1.07 -1.38
N THR A 80 4.98 -1.79 -2.50
CA THR A 80 4.01 -1.40 -3.52
C THR A 80 2.59 -1.40 -2.97
N VAL A 81 2.23 -2.47 -2.27
CA VAL A 81 0.90 -2.58 -1.67
C VAL A 81 0.56 -1.34 -0.86
N CYS A 82 1.56 -0.80 -0.18
CA CYS A 82 1.36 0.39 0.65
C CYS A 82 0.92 1.58 -0.20
N VAL A 83 1.55 1.73 -1.36
CA VAL A 83 1.23 2.83 -2.27
C VAL A 83 -0.16 2.65 -2.88
N ILE A 84 -0.36 1.52 -3.53
CA ILE A 84 -1.65 1.22 -4.17
C ILE A 84 -2.80 1.51 -3.21
N TRP A 85 -2.64 1.12 -1.95
CA TRP A 85 -3.67 1.33 -0.94
C TRP A 85 -3.91 2.81 -0.72
N CYS A 86 -2.82 3.56 -0.48
CA CYS A 86 -2.92 5.00 -0.25
C CYS A 86 -3.75 5.67 -1.34
N ILE A 87 -3.44 5.35 -2.59
CA ILE A 87 -4.15 5.92 -3.73
C ILE A 87 -5.66 5.73 -3.58
N HIS A 88 -6.05 4.59 -3.02
CA HIS A 88 -7.47 4.28 -2.82
C HIS A 88 -8.02 5.02 -1.60
N ALA A 89 -7.26 5.16 -0.52
CA ALA A 89 -7.74 5.86 0.66
C ALA A 89 -7.57 7.37 0.52
N GLU A 90 -7.22 7.81 -0.69
CA GLU A 90 -7.02 9.22 -0.96
C GLU A 90 -5.78 9.75 -0.24
N GLU A 91 -4.99 8.83 0.30
CA GLU A 91 -3.76 9.20 1.01
C GLU A 91 -2.70 9.69 0.04
N LYS A 92 -2.22 10.90 0.25
CA LYS A 92 -1.19 11.48 -0.60
C LYS A 92 0.19 11.34 0.04
N VAL A 93 1.14 10.84 -0.74
CA VAL A 93 2.51 10.66 -0.27
C VAL A 93 3.53 11.02 -1.34
N LYS A 94 4.74 11.35 -0.91
CA LYS A 94 5.81 11.71 -1.84
C LYS A 94 6.63 10.48 -2.22
N ASP A 95 6.92 9.64 -1.24
CA ASP A 95 7.70 8.42 -1.48
C ASP A 95 6.99 7.21 -0.91
N THR A 96 7.65 6.05 -0.98
CA THR A 96 7.08 4.82 -0.48
C THR A 96 7.28 4.68 1.03
N GLU A 97 8.28 5.39 1.55
CA GLU A 97 8.58 5.34 2.98
C GLU A 97 7.52 6.09 3.78
N GLY A 98 6.88 7.07 3.14
CA GLY A 98 5.84 7.84 3.80
C GLY A 98 4.49 7.17 3.75
N ALA A 99 4.23 6.45 2.66
CA ALA A 99 2.96 5.75 2.50
C ALA A 99 2.90 4.50 3.37
N LYS A 100 4.04 3.82 3.49
CA LYS A 100 4.13 2.61 4.30
C LYS A 100 3.87 2.91 5.78
N GLN A 101 4.27 4.10 6.21
CA GLN A 101 4.07 4.52 7.58
C GLN A 101 2.60 4.81 7.87
N ILE A 102 2.02 5.71 7.08
CA ILE A 102 0.62 6.07 7.24
C ILE A 102 -0.27 4.84 7.30
N VAL A 103 0.10 3.82 6.53
CA VAL A 103 -0.67 2.58 6.49
C VAL A 103 -0.50 1.78 7.78
N ARG A 104 0.75 1.58 8.18
CA ARG A 104 1.05 0.84 9.40
C ARG A 104 0.30 1.41 10.59
N ARG A 105 0.36 2.73 10.73
CA ARG A 105 -0.33 3.41 11.83
C ARG A 105 -1.84 3.19 11.76
N HIS A 106 -2.37 3.22 10.54
CA HIS A 106 -3.80 3.02 10.32
C HIS A 106 -4.24 1.66 10.83
N LEU A 107 -3.43 0.61 10.71
CA LEU A 107 -3.81 -0.71 11.19
C LEU A 107 -3.80 -0.77 12.71
N VAL A 108 -2.82 -0.10 13.32
CA VAL A 108 -2.69 -0.08 14.77
C VAL A 108 -3.84 0.72 15.40
N ALA A 109 -4.14 1.87 14.80
CA ALA A 109 -5.21 2.73 15.31
C ALA A 109 -6.51 1.94 15.46
N GLU A 110 -6.76 1.04 14.51
CA GLU A 110 -7.98 0.23 14.54
C GLU A 110 -7.87 -0.88 15.59
N THR A 111 -6.65 -1.34 15.83
CA THR A 111 -6.41 -2.40 16.81
C THR A 111 -5.99 -1.82 18.16
N GLY A 112 -6.42 -0.60 18.42
CA GLY A 112 -6.07 0.05 19.68
C GLY A 112 -7.15 1.01 20.15
N THR A 113 -8.37 0.81 19.67
CA THR A 113 -9.50 1.66 20.04
C THR A 113 -10.76 0.83 20.24
N ALA A 114 -10.60 -0.38 20.75
CA ALA A 114 -11.74 -1.27 20.99
C ALA A 114 -12.74 -0.62 21.94
N GLU A 115 -12.26 0.25 22.80
CA GLU A 115 -13.11 0.94 23.76
C GLU A 115 -13.51 2.33 23.26
N LYS A 116 -13.54 2.48 21.93
CA LYS A 116 -13.89 3.76 21.33
C LYS A 116 -14.01 3.62 19.81
N MET A 117 -14.44 2.44 19.36
CA MET A 117 -14.59 2.18 17.94
C MET A 117 -15.48 3.24 17.29
N PRO A 118 -15.15 3.60 16.04
CA PRO A 118 -15.91 4.61 15.28
C PRO A 118 -17.29 4.12 14.88
N SER A 119 -18.01 4.93 14.11
CA SER A 119 -19.35 4.58 13.66
C SER A 119 -19.30 3.98 12.25
N THR A 120 -20.46 3.52 11.78
CA THR A 120 -20.56 2.93 10.46
C THR A 120 -20.56 4.00 9.37
N SER A 121 -19.68 3.83 8.38
CA SER A 121 -19.58 4.79 7.29
C SER A 121 -19.75 4.10 5.94
N ARG A 122 -20.68 4.60 5.13
CA ARG A 122 -20.95 4.03 3.82
C ARG A 122 -19.89 4.47 2.81
N PRO A 123 -19.68 3.64 1.78
CA PRO A 123 -18.70 3.92 0.72
C PRO A 123 -19.11 5.08 -0.16
N THR A 124 -18.12 5.82 -0.66
CA THR A 124 -18.39 6.96 -1.52
C THR A 124 -19.02 6.52 -2.84
N ALA A 125 -20.10 7.20 -3.23
CA ALA A 125 -20.79 6.89 -4.46
C ALA A 125 -19.86 7.02 -5.66
N PRO A 126 -20.07 6.16 -6.67
CA PRO A 126 -19.26 6.16 -7.89
C PRO A 126 -19.52 7.38 -8.76
N SER A 127 -20.69 7.98 -8.59
CA SER A 127 -21.07 9.16 -9.36
C SER A 127 -20.00 10.24 -9.27
N SER A 128 -19.33 10.30 -8.12
CA SER A 128 -18.28 11.29 -7.89
C SER A 128 -17.10 11.05 -8.83
N GLU A 129 -17.12 11.70 -9.98
CA GLU A 129 -16.05 11.56 -10.96
C GLU A 129 -15.37 12.90 -11.23
N LYS A 130 -14.04 12.89 -11.21
CA LYS A 130 -13.26 14.10 -11.46
C LYS A 130 -13.55 15.15 -10.38
N GLY A 131 -12.76 16.22 -10.38
CA GLY A 131 -12.95 17.27 -9.41
C GLY A 131 -11.82 18.28 -9.42
N GLY A 132 -11.92 19.31 -8.58
CA GLY A 132 -10.90 20.33 -8.52
C GLY A 132 -9.53 19.76 -8.22
N ASN A 133 -8.51 20.30 -8.88
CA ASN A 133 -7.14 19.85 -8.69
C ASN A 133 -6.57 20.38 -7.37
N TYR A 134 -5.79 19.54 -6.70
CA TYR A 134 -5.17 19.92 -5.43
C TYR A 134 -3.71 20.29 -5.61
C1 MYR B . -6.44 -7.62 -18.44
O2 MYR B . -6.52 -8.84 -18.27
C2 MYR B . -6.07 -6.73 -17.26
C3 MYR B . -5.44 -7.48 -16.07
C4 MYR B . -5.55 -6.69 -14.76
C5 MYR B . -4.38 -5.69 -14.58
C6 MYR B . -3.93 -5.57 -13.12
C7 MYR B . -4.61 -4.41 -12.39
C8 MYR B . -3.61 -3.40 -11.81
C9 MYR B . -4.23 -2.02 -11.58
C10 MYR B . -3.25 -0.87 -11.89
C11 MYR B . -3.88 0.53 -11.91
C12 MYR B . -4.23 1.09 -10.53
C13 MYR B . -3.63 2.49 -10.29
C14 MYR B . -2.21 2.42 -9.72
H21 MYR B . -7.01 -6.23 -16.92
H22 MYR B . -5.42 -5.91 -17.59
H31 MYR B . -4.38 -7.71 -16.28
H32 MYR B . -5.93 -8.47 -15.94
H41 MYR B . -5.57 -7.38 -13.89
H42 MYR B . -6.51 -6.14 -14.72
H51 MYR B . -4.69 -4.69 -14.96
H52 MYR B . -3.53 -6.00 -15.22
H61 MYR B . -2.83 -5.43 -13.08
H62 MYR B . -4.13 -6.52 -12.59
H71 MYR B . -5.26 -4.81 -11.58
H72 MYR B . -5.30 -3.89 -13.07
H81 MYR B . -2.74 -3.32 -12.48
H82 MYR B . -3.21 -3.79 -10.84
H91 MYR B . -4.58 -1.93 -10.52
H92 MYR B . -5.13 -1.90 -12.20
H101 MYR B . -2.78 -1.06 -12.88
H102 MYR B . -2.39 -0.89 -11.18
H111 MYR B . -4.77 0.53 -12.56
H112 MYR B . -3.17 1.23 -12.41
H121 MYR B . -3.86 0.40 -9.74
H122 MYR B . -5.33 1.14 -10.39
H131 MYR B . -4.28 3.08 -9.60
H132 MYR B . -3.62 3.06 -11.24
H141 MYR B . -1.56 1.72 -10.29
H142 MYR B . -1.70 3.41 -9.72
H143 MYR B . -2.22 2.06 -8.66
P1 PBU C . 13.73 -1.42 -10.10
P4 PBU C . 15.39 0.76 -2.13
P5 PBU C . 13.70 -2.92 -2.92
C3' PBU C . 11.90 -3.05 -10.67
C2' PBU C . 11.81 -4.28 -9.73
O2' PBU C . 11.86 -3.82 -8.39
C1' PBU C . 12.97 -5.28 -9.97
O1' PBU C . 13.12 -5.48 -11.35
C1 PBU C . 13.34 -0.68 -7.29
O1 PBU C . 13.16 -1.56 -8.54
C2 PBU C . 14.30 0.54 -7.48
O2 PBU C . 15.60 0.17 -7.91
C3 PBU C . 14.43 1.33 -6.15
O3 PBU C . 15.34 2.43 -6.38
C4 PBU C . 14.92 0.40 -4.97
O4 PBU C . 14.98 1.21 -3.68
C5 PBU C . 13.91 -0.81 -4.83
O5 PBU C . 14.40 -1.70 -3.77
C6 PBU C . 13.76 -1.61 -6.15
O6 PBU C . 12.75 -2.63 -6.05
C7 PBU C . 10.72 -3.15 -7.88
O7 PBU C . 10.78 -1.96 -7.61
C8 PBU C . 9.41 -3.92 -7.68
C9 PBU C . 8.66 -3.39 -6.44
C10 PBU C . 7.93 -2.09 -6.80
C11 PBU C . 14.19 -6.25 -11.89
O11 PBU C . 14.56 -7.31 -11.44
C12 PBU C . 14.93 -5.61 -13.09
C13 PBU C . 16.44 -5.86 -13.08
C14 PBU C . 17.22 -4.64 -13.58
O41 PBU C . 15.90 2.10 -1.63
O42 PBU C . 14.10 0.30 -1.49
O43 PBU C . 16.41 -0.37 -2.17
O51 PBU C . 14.31 -2.68 -1.55
O52 PBU C . 12.21 -2.66 -3.07
O53 PBU C . 14.19 -4.17 -3.62
OP1 PBU C . 13.24 -2.63 -10.86
OP2 PBU C . 13.13 -0.10 -10.59
OP3 PBU C . 15.22 -1.48 -9.94
H3'1 PBU C . 11.34 -2.26 -10.25
H3'2 PBU C . 11.48 -3.33 -11.60
H2' PBU C . 10.92 -4.80 -9.93
H1'1 PBU C . 13.87 -4.87 -9.61
H1'2 PBU C . 12.80 -6.17 -9.45
H1 PBU C . 12.39 -0.19 -7.07
H2 PBU C . 13.86 1.18 -8.23
H02 PBU C . 16.04 -0.49 -7.42
H3 PBU C . 13.46 1.73 -5.85
H03 PBU C . 16.23 2.11 -6.55
H4 PBU C . 15.91 -0.02 -5.14
H5 PBU C . 12.95 -0.36 -4.56
H6 PBU C . 14.70 -2.08 -6.36
H06 PBU C . 13.06 -3.40 -5.59
H81 PBU C . 9.62 -4.95 -7.54
H82 PBU C . 8.81 -3.80 -8.52
H91 PBU C . 9.35 -3.20 -5.67
H92 PBU C . 7.96 -4.10 -6.12
H11 PBU C . 7.25 -2.27 -7.59
H12 PBU C . 8.63 -1.37 -7.12
H13 PBU C . 7.41 -1.73 -5.98
H121 PBU C . 14.52 -6.01 -13.98
H122 PBU C . 14.77 -4.57 -13.06
H131 PBU C . 16.74 -6.08 -12.10
H132 PBU C . 16.66 -6.68 -13.70
H141 PBU C . 18.26 -4.82 -13.50
H142 PBU C . 16.98 -3.81 -12.98
H143 PBU C . 16.99 -4.43 -14.58
N GLY A 1 -4.48 -6.29 -18.04
CA GLY A 1 -4.14 -5.33 -19.08
C GLY A 1 -4.22 -5.93 -20.47
N ALA A 2 -5.44 -6.00 -21.00
CA ALA A 2 -5.66 -6.54 -22.33
C ALA A 2 -6.83 -5.86 -23.03
N ARG A 3 -7.92 -5.69 -22.30
CA ARG A 3 -9.11 -5.04 -22.84
C ARG A 3 -8.89 -3.54 -23.00
N ASN A 4 -8.17 -2.95 -22.04
CA ASN A 4 -7.89 -1.52 -22.07
C ASN A 4 -6.99 -1.12 -20.91
N SER A 5 -6.66 0.17 -20.83
CA SER A 5 -5.81 0.67 -19.78
C SER A 5 -6.55 0.73 -18.44
N VAL A 6 -6.03 0.01 -17.45
CA VAL A 6 -6.65 -0.02 -16.13
C VAL A 6 -6.43 1.28 -15.38
N LEU A 7 -5.18 1.76 -15.40
CA LEU A 7 -4.83 3.01 -14.72
C LEU A 7 -5.77 4.14 -15.14
N ARG A 8 -6.19 4.95 -14.17
CA ARG A 8 -7.08 6.06 -14.44
C ARG A 8 -6.30 7.31 -14.84
N GLY A 9 -6.99 8.44 -14.95
CA GLY A 9 -6.35 9.67 -15.33
C GLY A 9 -5.92 10.49 -14.13
N LYS A 10 -6.86 10.83 -13.26
CA LYS A 10 -6.58 11.62 -12.08
C LYS A 10 -5.76 10.81 -11.07
N LYS A 11 -5.90 9.49 -11.13
CA LYS A 11 -5.17 8.61 -10.24
C LYS A 11 -3.71 8.45 -10.69
N ALA A 12 -3.52 8.27 -11.99
CA ALA A 12 -2.18 8.12 -12.54
C ALA A 12 -1.34 9.37 -12.31
N ASP A 13 -1.97 10.53 -12.41
CA ASP A 13 -1.28 11.80 -12.21
C ASP A 13 -0.64 11.85 -10.83
N GLU A 14 -1.15 11.04 -9.91
CA GLU A 14 -0.62 11.00 -8.55
C GLU A 14 0.32 9.80 -8.37
N LEU A 15 -0.02 8.70 -9.03
CA LEU A 15 0.78 7.48 -8.94
C LEU A 15 2.12 7.66 -9.65
N GLU A 16 2.11 8.46 -10.70
CA GLU A 16 3.33 8.71 -11.48
C GLU A 16 4.25 9.68 -10.74
N ARG A 17 3.77 10.21 -9.62
CA ARG A 17 4.55 11.14 -8.81
C ARG A 17 5.20 10.44 -7.62
N ILE A 18 4.65 9.29 -7.25
CA ILE A 18 5.17 8.52 -6.13
C ILE A 18 6.52 7.91 -6.46
N ARG A 19 7.55 8.29 -5.69
CA ARG A 19 8.89 7.77 -5.90
C ARG A 19 9.12 6.49 -5.10
N LEU A 20 9.54 5.44 -5.79
CA LEU A 20 9.81 4.16 -5.15
C LEU A 20 10.69 4.32 -3.92
N ARG A 21 11.48 5.40 -3.92
CA ARG A 21 12.39 5.68 -2.80
C ARG A 21 11.95 6.94 -2.06
N PRO A 22 12.59 7.18 -0.90
CA PRO A 22 12.29 8.36 -0.07
C PRO A 22 12.74 9.66 -0.72
N GLY A 23 13.94 9.64 -1.30
CA GLY A 23 14.46 10.83 -1.95
C GLY A 23 14.94 10.56 -3.35
N GLY A 24 14.26 9.66 -4.05
CA GLY A 24 14.64 9.32 -5.42
C GLY A 24 13.84 10.09 -6.45
N LYS A 25 14.09 9.80 -7.72
CA LYS A 25 13.40 10.47 -8.81
C LYS A 25 12.68 9.47 -9.71
N LYS A 26 12.89 8.18 -9.43
CA LYS A 26 12.27 7.12 -10.21
C LYS A 26 10.87 6.82 -9.69
N LYS A 27 9.88 7.53 -10.20
CA LYS A 27 8.50 7.34 -9.79
C LYS A 27 8.00 5.96 -10.20
N TYR A 28 6.85 5.56 -9.65
CA TYR A 28 6.27 4.27 -9.97
C TYR A 28 5.84 4.19 -11.43
N ARG A 29 5.92 2.99 -11.99
CA ARG A 29 5.56 2.78 -13.39
C ARG A 29 4.75 1.49 -13.55
N LEU A 30 4.02 1.39 -14.66
CA LEU A 30 3.20 0.22 -14.93
C LEU A 30 4.00 -1.06 -14.73
N LYS A 31 5.28 -1.02 -15.10
CA LYS A 31 6.16 -2.17 -14.95
C LYS A 31 6.11 -2.72 -13.52
N HIS A 32 6.03 -1.81 -12.55
CA HIS A 32 5.96 -2.21 -11.14
C HIS A 32 4.61 -2.82 -10.81
N ILE A 33 3.51 -2.32 -11.36
CA ILE A 33 2.19 -2.88 -11.08
C ILE A 33 2.09 -4.33 -11.54
N VAL A 34 2.69 -4.61 -12.69
CA VAL A 34 2.67 -5.96 -13.25
C VAL A 34 3.45 -6.93 -12.37
N TRP A 35 4.65 -6.54 -11.98
CA TRP A 35 5.50 -7.37 -11.14
C TRP A 35 4.83 -7.64 -9.79
N ALA A 36 3.93 -6.75 -9.40
CA ALA A 36 3.21 -6.89 -8.13
C ALA A 36 2.11 -7.94 -8.25
N ALA A 37 1.27 -7.80 -9.27
CA ALA A 37 0.18 -8.74 -9.49
C ALA A 37 0.70 -10.14 -9.78
N ASN A 38 1.71 -10.21 -10.65
CA ASN A 38 2.30 -11.49 -11.04
C ASN A 38 2.69 -12.30 -9.80
N LYS A 39 3.14 -11.60 -8.76
CA LYS A 39 3.55 -12.24 -7.52
C LYS A 39 2.33 -12.74 -6.75
N LEU A 40 1.25 -11.96 -6.76
CA LEU A 40 0.03 -12.33 -6.06
C LEU A 40 -0.52 -13.66 -6.57
N ASP A 41 -0.69 -13.76 -7.89
CA ASP A 41 -1.19 -14.98 -8.50
C ASP A 41 -0.39 -16.20 -8.04
N ARG A 42 0.93 -16.10 -8.16
CA ARG A 42 1.81 -17.19 -7.75
C ARG A 42 1.70 -17.46 -6.26
N PHE A 43 2.00 -16.45 -5.45
CA PHE A 43 1.92 -16.57 -4.00
C PHE A 43 0.61 -17.22 -3.57
N GLY A 44 -0.50 -16.72 -4.13
CA GLY A 44 -1.80 -17.27 -3.79
C GLY A 44 -2.85 -16.19 -3.65
N LEU A 45 -2.43 -14.94 -3.71
CA LEU A 45 -3.35 -13.81 -3.58
C LEU A 45 -3.96 -13.45 -4.93
N ALA A 46 -5.11 -12.78 -4.89
CA ALA A 46 -5.80 -12.38 -6.11
C ALA A 46 -5.40 -10.97 -6.52
N GLU A 47 -5.28 -10.74 -7.83
CA GLU A 47 -4.90 -9.43 -8.34
C GLU A 47 -6.00 -8.41 -8.06
N SER A 48 -7.24 -8.87 -7.99
CA SER A 48 -8.37 -8.00 -7.74
C SER A 48 -8.19 -7.25 -6.41
N LEU A 49 -7.37 -7.81 -5.53
CA LEU A 49 -7.11 -7.20 -4.23
C LEU A 49 -6.43 -5.84 -4.39
N LEU A 50 -5.82 -5.63 -5.56
CA LEU A 50 -5.13 -4.37 -5.83
C LEU A 50 -6.13 -3.30 -6.27
N GLU A 51 -7.38 -3.70 -6.45
CA GLU A 51 -8.42 -2.77 -6.87
C GLU A 51 -9.36 -2.46 -5.72
N SER A 52 -8.87 -2.60 -4.50
CA SER A 52 -9.68 -2.34 -3.31
C SER A 52 -8.79 -2.14 -2.08
N LYS A 53 -9.06 -1.08 -1.34
CA LYS A 53 -8.28 -0.77 -0.14
C LYS A 53 -8.43 -1.87 0.90
N GLU A 54 -9.65 -2.36 1.06
CA GLU A 54 -9.92 -3.42 2.03
C GLU A 54 -9.08 -4.67 1.73
N GLY A 55 -8.99 -5.01 0.45
CA GLY A 55 -8.22 -6.17 0.04
C GLY A 55 -6.72 -5.96 0.21
N CYS A 56 -6.23 -4.81 -0.24
CA CYS A 56 -4.81 -4.49 -0.14
C CYS A 56 -4.35 -4.54 1.32
N GLN A 57 -5.17 -3.98 2.21
CA GLN A 57 -4.83 -3.95 3.63
C GLN A 57 -4.64 -5.37 4.17
N LYS A 58 -5.40 -6.32 3.63
CA LYS A 58 -5.30 -7.71 4.06
C LYS A 58 -4.00 -8.33 3.59
N ILE A 59 -3.30 -7.65 2.68
CA ILE A 59 -2.03 -8.13 2.16
C ILE A 59 -0.86 -7.64 3.02
N LEU A 60 -0.94 -6.39 3.45
CA LEU A 60 0.10 -5.80 4.27
C LEU A 60 0.19 -6.50 5.63
N THR A 61 -0.90 -7.16 6.02
CA THR A 61 -0.94 -7.88 7.28
C THR A 61 -0.17 -9.19 7.20
N VAL A 62 -0.15 -9.78 6.02
CA VAL A 62 0.56 -11.04 5.80
C VAL A 62 2.04 -10.81 5.53
N LEU A 63 2.36 -9.66 4.94
CA LEU A 63 3.73 -9.32 4.63
C LEU A 63 4.35 -8.44 5.72
N ASP A 64 3.49 -7.95 6.62
CA ASP A 64 3.94 -7.10 7.71
C ASP A 64 5.11 -7.75 8.45
N PRO A 65 4.86 -8.92 9.06
CA PRO A 65 5.87 -9.66 9.81
C PRO A 65 6.95 -10.25 8.90
N MET A 66 6.69 -10.25 7.60
CA MET A 66 7.64 -10.78 6.63
C MET A 66 8.72 -9.75 6.32
N VAL A 67 8.39 -8.47 6.48
CA VAL A 67 9.33 -7.40 6.21
C VAL A 67 10.57 -7.52 7.10
N PRO A 68 10.36 -7.53 8.42
CA PRO A 68 11.45 -7.64 9.40
C PRO A 68 12.08 -9.03 9.39
N THR A 69 11.60 -9.90 8.51
CA THR A 69 12.11 -11.26 8.40
C THR A 69 11.71 -11.89 7.08
N GLY A 70 12.25 -11.36 5.99
CA GLY A 70 11.95 -11.89 4.68
C GLY A 70 12.98 -11.52 3.64
N SER A 71 12.87 -12.10 2.45
CA SER A 71 13.80 -11.81 1.37
C SER A 71 13.48 -10.50 0.68
N GLU A 72 14.23 -10.17 -0.37
CA GLU A 72 14.00 -8.93 -1.11
C GLU A 72 12.78 -9.06 -2.01
N ASN A 73 12.59 -10.23 -2.60
CA ASN A 73 11.45 -10.47 -3.48
C ASN A 73 10.13 -10.22 -2.75
N LEU A 74 10.18 -10.29 -1.43
CA LEU A 74 8.99 -10.06 -0.62
C LEU A 74 8.82 -8.60 -0.27
N LYS A 75 9.86 -8.02 0.33
CA LYS A 75 9.84 -6.60 0.71
C LYS A 75 9.43 -5.73 -0.47
N SER A 76 9.84 -6.12 -1.67
CA SER A 76 9.50 -5.38 -2.88
C SER A 76 8.00 -5.19 -3.01
N LEU A 77 7.27 -6.30 -2.93
CA LEU A 77 5.81 -6.26 -3.04
C LEU A 77 5.20 -5.47 -1.88
N PHE A 78 5.69 -5.72 -0.68
CA PHE A 78 5.19 -5.03 0.51
C PHE A 78 5.18 -3.52 0.29
N ASN A 79 6.29 -2.98 -0.21
CA ASN A 79 6.40 -1.56 -0.46
C ASN A 79 5.31 -1.08 -1.41
N THR A 80 5.13 -1.81 -2.50
CA THR A 80 4.11 -1.46 -3.49
C THR A 80 2.71 -1.54 -2.90
N VAL A 81 2.45 -2.60 -2.16
CA VAL A 81 1.15 -2.79 -1.52
C VAL A 81 0.78 -1.58 -0.66
N CYS A 82 1.77 -1.01 0.01
CA CYS A 82 1.55 0.15 0.86
C CYS A 82 1.13 1.36 0.04
N VAL A 83 1.59 1.41 -1.20
CA VAL A 83 1.26 2.52 -2.10
C VAL A 83 -0.14 2.34 -2.69
N ILE A 84 -0.34 1.24 -3.40
CA ILE A 84 -1.63 0.97 -4.02
C ILE A 84 -2.77 1.23 -3.05
N TRP A 85 -2.60 0.81 -1.79
CA TRP A 85 -3.62 1.01 -0.77
C TRP A 85 -3.84 2.49 -0.51
N CYS A 86 -2.76 3.24 -0.37
CA CYS A 86 -2.84 4.67 -0.11
C CYS A 86 -3.68 5.36 -1.17
N ILE A 87 -3.40 5.06 -2.44
CA ILE A 87 -4.13 5.65 -3.55
C ILE A 87 -5.63 5.43 -3.41
N HIS A 88 -6.00 4.27 -2.88
CA HIS A 88 -7.41 3.93 -2.68
C HIS A 88 -7.96 4.62 -1.44
N ALA A 89 -7.19 4.77 -0.37
CA ALA A 89 -7.68 5.43 0.84
C ALA A 89 -7.60 6.95 0.71
N GLU A 90 -7.18 7.41 -0.46
CA GLU A 90 -7.06 8.83 -0.71
C GLU A 90 -6.01 9.46 0.21
N GLU A 91 -4.79 8.91 0.17
CA GLU A 91 -3.71 9.42 0.99
C GLU A 91 -2.57 9.97 0.12
N LYS A 92 -2.33 11.27 0.22
CA LYS A 92 -1.28 11.92 -0.55
C LYS A 92 0.09 11.45 -0.09
N VAL A 93 0.83 10.80 -1.00
CA VAL A 93 2.16 10.31 -0.69
C VAL A 93 3.15 10.66 -1.80
N LYS A 94 4.35 11.07 -1.40
CA LYS A 94 5.38 11.44 -2.36
C LYS A 94 6.32 10.26 -2.61
N ASP A 95 6.56 9.47 -1.58
CA ASP A 95 7.44 8.31 -1.70
C ASP A 95 6.79 7.07 -1.09
N THR A 96 7.53 5.97 -1.05
CA THR A 96 7.04 4.72 -0.49
C THR A 96 7.10 4.73 1.03
N GLU A 97 8.20 5.25 1.57
CA GLU A 97 8.39 5.31 3.01
C GLU A 97 7.24 6.08 3.67
N GLY A 98 6.88 7.21 3.08
CA GLY A 98 5.81 8.02 3.61
C GLY A 98 4.49 7.29 3.66
N ALA A 99 4.20 6.52 2.60
CA ALA A 99 2.96 5.76 2.52
C ALA A 99 2.94 4.64 3.57
N LYS A 100 4.08 4.01 3.78
CA LYS A 100 4.20 2.93 4.75
C LYS A 100 3.82 3.40 6.15
N GLN A 101 4.13 4.66 6.44
CA GLN A 101 3.82 5.24 7.75
C GLN A 101 2.32 5.51 7.88
N ILE A 102 1.72 6.06 6.84
CA ILE A 102 0.30 6.36 6.85
C ILE A 102 -0.52 5.10 7.09
N VAL A 103 -0.22 4.05 6.35
CA VAL A 103 -0.93 2.78 6.49
C VAL A 103 -0.77 2.21 7.90
N ARG A 104 0.48 2.12 8.34
CA ARG A 104 0.78 1.60 9.67
C ARG A 104 0.02 2.37 10.75
N ARG A 105 0.17 3.69 10.74
CA ARG A 105 -0.50 4.53 11.72
C ARG A 105 -2.01 4.32 11.68
N HIS A 106 -2.52 3.95 10.52
CA HIS A 106 -3.94 3.71 10.35
C HIS A 106 -4.35 2.38 10.97
N LEU A 107 -3.55 1.32 10.86
CA LEU A 107 -3.90 0.04 11.44
C LEU A 107 -3.83 0.09 12.97
N VAL A 108 -2.83 0.79 13.48
CA VAL A 108 -2.65 0.92 14.92
C VAL A 108 -3.86 1.58 15.57
N ALA A 109 -4.41 2.60 14.88
CA ALA A 109 -5.57 3.31 15.38
C ALA A 109 -6.81 2.42 15.39
N GLU A 110 -6.83 1.44 14.49
CA GLU A 110 -7.95 0.53 14.39
C GLU A 110 -7.63 -0.81 15.06
N THR A 111 -6.74 -0.77 16.05
CA THR A 111 -6.35 -1.98 16.76
C THR A 111 -7.05 -2.07 18.12
N GLY A 112 -7.41 -0.91 18.66
CA GLY A 112 -8.09 -0.88 19.95
C GLY A 112 -9.60 -0.84 19.81
N THR A 113 -10.10 -1.32 18.68
CA THR A 113 -11.54 -1.33 18.43
C THR A 113 -12.07 -2.75 18.34
N ALA A 114 -11.40 -3.67 19.03
CA ALA A 114 -11.82 -5.07 19.04
C ALA A 114 -12.15 -5.53 20.45
N GLU A 115 -12.52 -4.59 21.31
CA GLU A 115 -12.86 -4.91 22.70
C GLU A 115 -14.37 -4.79 22.92
N LYS A 116 -15.15 -5.13 21.90
CA LYS A 116 -16.59 -5.07 21.99
C LYS A 116 -17.06 -3.64 22.28
N MET A 117 -16.73 -2.73 21.38
CA MET A 117 -17.12 -1.33 21.54
C MET A 117 -17.78 -0.80 20.27
N PRO A 118 -18.77 0.10 20.44
CA PRO A 118 -19.49 0.70 19.31
C PRO A 118 -18.62 1.65 18.49
N SER A 119 -18.97 1.82 17.23
CA SER A 119 -18.22 2.70 16.34
C SER A 119 -19.10 3.18 15.19
N THR A 120 -19.51 2.26 14.32
CA THR A 120 -20.35 2.61 13.19
C THR A 120 -19.66 3.61 12.27
N SER A 121 -19.02 3.10 11.22
CA SER A 121 -18.31 3.94 10.27
C SER A 121 -18.50 3.42 8.85
N ARG A 122 -19.76 3.31 8.43
CA ARG A 122 -20.07 2.83 7.09
C ARG A 122 -21.29 3.55 6.52
N PRO A 123 -21.14 4.86 6.29
CA PRO A 123 -22.21 5.70 5.75
C PRO A 123 -22.52 5.37 4.29
N THR A 124 -23.72 4.87 4.04
CA THR A 124 -24.14 4.52 2.69
C THR A 124 -24.43 5.76 1.86
N ALA A 125 -23.38 6.34 1.28
CA ALA A 125 -23.53 7.54 0.46
C ALA A 125 -23.12 7.27 -0.98
N PRO A 126 -23.70 8.04 -1.92
CA PRO A 126 -23.40 7.90 -3.35
C PRO A 126 -21.99 8.36 -3.69
N SER A 127 -21.27 7.53 -4.44
CA SER A 127 -19.91 7.85 -4.85
C SER A 127 -19.89 8.52 -6.22
N SER A 128 -18.75 9.12 -6.56
CA SER A 128 -18.60 9.80 -7.85
C SER A 128 -18.21 8.81 -8.94
N GLU A 129 -19.17 8.47 -9.79
CA GLU A 129 -18.93 7.53 -10.89
C GLU A 129 -18.48 8.27 -12.14
N LYS A 130 -17.33 8.93 -12.06
CA LYS A 130 -16.78 9.67 -13.19
C LYS A 130 -15.40 9.14 -13.58
N GLY A 131 -14.91 9.59 -14.73
CA GLY A 131 -13.60 9.15 -15.19
C GLY A 131 -13.44 9.32 -16.69
N GLY A 132 -13.06 10.51 -17.11
CA GLY A 132 -12.88 10.78 -18.53
C GLY A 132 -11.89 11.90 -18.79
N ASN A 133 -10.62 11.54 -18.91
CA ASN A 133 -9.56 12.51 -19.15
C ASN A 133 -8.55 11.98 -20.16
N TYR A 134 -7.88 12.89 -20.87
CA TYR A 134 -6.89 12.51 -21.85
C TYR A 134 -5.49 12.97 -21.44
C1 MYR B . -3.62 -7.24 -17.67
O2 MYR B . -2.51 -7.36 -18.18
C2 MYR B . -4.04 -8.23 -16.58
C3 MYR B . -3.39 -7.97 -15.20
C4 MYR B . -4.33 -7.18 -14.26
C5 MYR B . -3.74 -7.02 -12.85
C6 MYR B . -3.10 -5.63 -12.65
C7 MYR B . -4.14 -4.49 -12.76
C8 MYR B . -3.81 -3.33 -11.80
C9 MYR B . -3.84 -1.96 -12.52
C10 MYR B . -4.60 -0.89 -11.71
C11 MYR B . -3.74 -0.15 -10.67
C12 MYR B . -3.30 1.27 -11.09
C13 MYR B . -3.12 2.20 -9.88
C14 MYR B . -1.67 2.18 -9.35
H21 MYR B . -3.76 -9.24 -16.93
H22 MYR B . -5.15 -8.25 -16.50
H31 MYR B . -2.44 -7.42 -15.32
H32 MYR B . -3.13 -8.94 -14.73
H41 MYR B . -5.31 -7.70 -14.20
H42 MYR B . -4.55 -6.19 -14.69
H51 MYR B . -2.98 -7.80 -12.66
H52 MYR B . -4.52 -7.18 -12.09
H61 MYR B . -2.29 -5.47 -13.39
H62 MYR B . -2.60 -5.59 -11.66
H71 MYR B . -5.15 -4.89 -12.53
H72 MYR B . -4.18 -4.12 -13.80
H81 MYR B . -2.82 -3.49 -11.33
H82 MYR B . -4.54 -3.32 -10.96
H91 MYR B . -4.30 -2.08 -13.52
H92 MYR B . -2.80 -1.62 -12.70
H101 MYR B . -5.45 -1.37 -11.19
H102 MYR B . -5.07 -0.16 -12.40
H111 MYR B . -2.84 -0.76 -10.41
H112 MYR B . -4.31 -0.08 -9.73
H121 MYR B . -4.06 1.70 -11.78
H122 MYR B . -2.37 1.23 -11.67
H131 MYR B . -3.82 1.92 -9.07
H132 MYR B . -3.39 3.24 -10.15
H141 MYR B . -1.54 2.84 -8.49
H142 MYR B . -1.37 1.15 -9.04
H143 MYR B . -0.96 2.50 -10.13
P1 PBU C . 12.93 -2.24 -9.83
P4 PBU C . 14.89 1.05 -1.94
P5 PBU C . 13.17 -3.02 -2.55
C3' PBU C . 12.72 -4.71 -9.46
C2' PBU C . 11.32 -5.29 -9.76
O2' PBU C . 10.77 -5.78 -8.55
C1' PBU C . 11.38 -6.44 -10.79
O1' PBU C . 12.45 -6.21 -11.69
C1 PBU C . 13.48 -1.21 -7.13
O1 PBU C . 13.60 -2.21 -8.29
C2 PBU C . 14.37 0.07 -7.25
O2 PBU C . 15.76 -0.24 -7.42
C3 PBU C . 14.20 0.98 -6.02
O3 PBU C . 15.05 2.12 -6.18
C4 PBU C . 14.52 0.19 -4.69
O4 PBU C . 14.29 1.11 -3.50
C5 PBU C . 13.59 -1.08 -4.60
O5 PBU C . 13.94 -1.84 -3.39
C6 PBU C . 13.74 -2.00 -5.84
O6 PBU C . 12.81 -3.10 -5.81
C7 PBU C . 10.36 -4.84 -7.58
O7 PBU C . 10.95 -4.75 -6.52
C8 PBU C . 9.19 -3.89 -7.88
C9 PBU C . 8.41 -3.59 -6.59
C10 PBU C . 8.25 -2.07 -6.43
C11 PBU C . 13.01 -7.24 -12.47
O11 PBU C . 12.95 -8.42 -12.19
C12 PBU C . 13.77 -6.77 -13.74
C13 PBU C . 12.86 -6.54 -14.96
C14 PBU C . 12.40 -7.87 -15.58
O41 PBU C . 16.21 1.80 -2.18
O42 PBU C . 13.89 1.80 -1.09
O43 PBU C . 15.03 -0.39 -1.48
O51 PBU C . 13.98 -3.01 -1.27
O52 PBU C . 11.73 -2.53 -2.47
O53 PBU C . 13.37 -4.25 -3.40
OP1 PBU C . 13.05 -3.64 -10.33
OP2 PBU C . 11.50 -1.77 -9.61
OP3 PBU C . 13.84 -1.33 -10.61
H3'1 PBU C . 13.44 -5.47 -9.57
H3'2 PBU C . 12.73 -4.37 -8.46
H2' PBU C . 10.72 -4.54 -10.18
H1'1 PBU C . 11.58 -7.35 -10.30
H1'2 PBU C . 10.46 -6.54 -11.30
H1 PBU C . 12.47 -0.79 -7.13
H2 PBU C . 14.03 0.60 -8.14
H02 PBU C . 16.13 -0.81 -6.79
H3 PBU C . 13.16 1.31 -5.94
H03 PBU C . 15.98 1.86 -6.16
H4 PBU C . 15.55 -0.15 -4.63
H5 PBU C . 12.57 -0.69 -4.55
H6 PBU C . 14.74 -2.42 -5.83
H06 PBU C . 13.08 -3.78 -5.24
H81 PBU C . 8.55 -4.34 -8.58
H82 PBU C . 9.56 -2.99 -8.28
H91 PBU C . 8.93 -3.97 -5.77
H92 PBU C . 7.46 -4.02 -6.64
H11 PBU C . 7.74 -1.68 -7.26
H12 PBU C . 9.20 -1.62 -6.36
H13 PBU C . 7.70 -1.85 -5.56
H121 PBU C . 14.27 -5.88 -13.52
H122 PBU C . 14.47 -7.52 -13.99
H131 PBU C . 12.00 -6.00 -14.65
H132 PBU C . 13.38 -5.98 -15.68
H141 PBU C . 11.73 -7.68 -16.36
H142 PBU C . 11.91 -8.45 -14.84
H143 PBU C . 13.22 -8.41 -15.95
N GLY A 1 -7.19 -9.10 -16.31
CA GLY A 1 -6.15 -9.42 -17.24
C GLY A 1 -4.78 -9.46 -16.59
N ALA A 2 -3.84 -10.15 -17.23
CA ALA A 2 -2.48 -10.26 -16.71
C ALA A 2 -1.51 -10.75 -17.78
N ARG A 3 -1.11 -9.84 -18.67
CA ARG A 3 -0.19 -10.19 -19.75
C ARG A 3 0.63 -8.97 -20.17
N ASN A 4 -0.05 -7.97 -20.71
CA ASN A 4 0.60 -6.75 -21.17
C ASN A 4 -0.11 -5.51 -20.62
N SER A 5 0.23 -5.15 -19.38
CA SER A 5 -0.38 -3.99 -18.75
C SER A 5 -1.89 -4.18 -18.59
N VAL A 6 -2.50 -3.35 -17.73
CA VAL A 6 -3.93 -3.43 -17.48
C VAL A 6 -4.59 -2.08 -17.68
N LEU A 7 -4.42 -1.19 -16.71
CA LEU A 7 -5.00 0.14 -16.78
C LEU A 7 -3.96 1.17 -17.19
N ARG A 8 -4.40 2.40 -17.39
CA ARG A 8 -3.51 3.49 -17.80
C ARG A 8 -4.29 4.74 -18.16
N GLY A 9 -4.22 5.76 -17.32
CA GLY A 9 -4.93 7.00 -17.58
C GLY A 9 -5.32 7.72 -16.31
N LYS A 10 -6.14 7.07 -15.49
CA LYS A 10 -6.60 7.66 -14.24
C LYS A 10 -5.60 7.37 -13.12
N LYS A 11 -5.50 6.11 -12.71
CA LYS A 11 -4.60 5.71 -11.65
C LYS A 11 -3.18 6.19 -11.94
N ALA A 12 -2.83 6.28 -13.22
CA ALA A 12 -1.51 6.72 -13.63
C ALA A 12 -1.25 8.15 -13.16
N ASP A 13 -2.30 8.96 -13.12
CA ASP A 13 -2.18 10.35 -12.69
C ASP A 13 -1.78 10.43 -11.22
N GLU A 14 -2.05 9.36 -10.48
CA GLU A 14 -1.71 9.31 -9.06
C GLU A 14 -0.45 8.48 -8.84
N LEU A 15 -0.26 7.46 -9.66
CA LEU A 15 0.91 6.60 -9.55
C LEU A 15 2.16 7.29 -10.08
N GLU A 16 2.01 8.01 -11.19
CA GLU A 16 3.12 8.72 -11.79
C GLU A 16 3.59 9.87 -10.90
N ARG A 17 2.78 10.19 -9.89
CA ARG A 17 3.10 11.27 -8.96
C ARG A 17 3.93 10.75 -7.80
N ILE A 18 3.63 9.52 -7.36
CA ILE A 18 4.35 8.92 -6.25
C ILE A 18 5.71 8.40 -6.70
N ARG A 19 6.71 8.58 -5.84
CA ARG A 19 8.07 8.12 -6.16
C ARG A 19 8.49 6.98 -5.22
N LEU A 20 9.48 6.21 -5.65
CA LEU A 20 9.97 5.09 -4.86
C LEU A 20 10.86 5.58 -3.72
N ARG A 21 11.54 6.70 -3.94
CA ARG A 21 12.42 7.27 -2.92
C ARG A 21 11.93 8.66 -2.51
N PRO A 22 12.39 9.12 -1.33
CA PRO A 22 12.02 10.43 -0.79
C PRO A 22 12.63 11.58 -1.59
N GLY A 23 13.83 11.35 -2.13
CA GLY A 23 14.50 12.37 -2.90
C GLY A 23 15.12 11.82 -4.17
N GLY A 24 14.52 10.77 -4.72
CA GLY A 24 15.04 10.16 -5.93
C GLY A 24 14.25 10.56 -7.16
N LYS A 25 14.64 10.03 -8.31
CA LYS A 25 13.96 10.33 -9.57
C LYS A 25 13.26 9.09 -10.11
N LYS A 26 12.78 8.24 -9.22
CA LYS A 26 12.09 7.02 -9.61
C LYS A 26 10.60 7.12 -9.28
N LYS A 27 9.77 7.14 -10.32
CA LYS A 27 8.32 7.22 -10.14
C LYS A 27 7.66 5.89 -10.46
N TYR A 28 6.70 5.50 -9.64
CA TYR A 28 5.99 4.24 -9.83
C TYR A 28 5.46 4.13 -11.26
N ARG A 29 5.50 2.92 -11.81
CA ARG A 29 5.03 2.68 -13.16
C ARG A 29 4.42 1.28 -13.29
N LEU A 30 3.58 1.09 -14.31
CA LEU A 30 2.93 -0.19 -14.53
C LEU A 30 3.91 -1.34 -14.35
N LYS A 31 5.17 -1.11 -14.73
CA LYS A 31 6.21 -2.12 -14.59
C LYS A 31 6.21 -2.73 -13.20
N HIS A 32 6.04 -1.88 -12.18
CA HIS A 32 6.01 -2.33 -10.80
C HIS A 32 4.69 -3.03 -10.48
N ILE A 33 3.56 -2.56 -11.00
CA ILE A 33 2.28 -3.20 -10.72
C ILE A 33 2.25 -4.63 -11.24
N VAL A 34 2.90 -4.86 -12.38
CA VAL A 34 2.96 -6.18 -12.98
C VAL A 34 3.82 -7.13 -12.14
N TRP A 35 4.90 -6.60 -11.59
CA TRP A 35 5.81 -7.38 -10.77
C TRP A 35 5.16 -7.79 -9.46
N ALA A 36 4.34 -6.89 -8.92
CA ALA A 36 3.64 -7.16 -7.66
C ALA A 36 2.56 -8.22 -7.85
N ALA A 37 1.65 -7.98 -8.79
CA ALA A 37 0.57 -8.92 -9.07
C ALA A 37 1.11 -10.32 -9.32
N ASN A 38 2.33 -10.39 -9.85
CA ASN A 38 2.97 -11.68 -10.15
C ASN A 38 3.19 -12.48 -8.87
N LYS A 39 3.34 -11.78 -7.75
CA LYS A 39 3.57 -12.42 -6.47
C LYS A 39 2.24 -12.90 -5.87
N LEU A 40 1.25 -12.02 -5.84
CA LEU A 40 -0.06 -12.36 -5.30
C LEU A 40 -0.67 -13.55 -6.03
N ASP A 41 -0.29 -13.72 -7.30
CA ASP A 41 -0.79 -14.82 -8.10
C ASP A 41 -0.25 -16.15 -7.60
N ARG A 42 1.07 -16.28 -7.58
CA ARG A 42 1.71 -17.50 -7.13
C ARG A 42 1.16 -17.94 -5.77
N PHE A 43 1.04 -16.97 -4.85
CA PHE A 43 0.52 -17.25 -3.52
C PHE A 43 -0.97 -17.54 -3.56
N GLY A 44 -1.73 -16.63 -4.17
CA GLY A 44 -3.17 -16.80 -4.26
C GLY A 44 -3.90 -15.49 -4.42
N LEU A 45 -3.63 -14.54 -3.52
CA LEU A 45 -4.27 -13.24 -3.56
C LEU A 45 -4.41 -12.75 -5.00
N ALA A 46 -5.64 -12.37 -5.37
CA ALA A 46 -5.91 -11.88 -6.71
C ALA A 46 -5.31 -10.50 -6.93
N GLU A 47 -4.97 -10.19 -8.18
CA GLU A 47 -4.38 -8.90 -8.51
C GLU A 47 -5.44 -7.80 -8.53
N SER A 48 -6.68 -8.19 -8.79
CA SER A 48 -7.79 -7.25 -8.83
C SER A 48 -7.99 -6.58 -7.49
N LEU A 49 -7.35 -7.13 -6.46
CA LEU A 49 -7.45 -6.58 -5.10
C LEU A 49 -6.46 -5.44 -4.90
N LEU A 50 -5.78 -5.04 -5.98
CA LEU A 50 -4.81 -3.96 -5.91
C LEU A 50 -5.45 -2.63 -6.27
N GLU A 51 -6.74 -2.66 -6.60
CA GLU A 51 -7.47 -1.45 -6.95
C GLU A 51 -8.33 -0.96 -5.78
N SER A 52 -8.53 -1.84 -4.80
CA SER A 52 -9.34 -1.50 -3.64
C SER A 52 -8.48 -1.52 -2.37
N LYS A 53 -8.69 -0.52 -1.52
CA LYS A 53 -7.95 -0.42 -0.27
C LYS A 53 -8.12 -1.68 0.58
N GLU A 54 -9.37 -2.14 0.69
CA GLU A 54 -9.67 -3.33 1.47
C GLU A 54 -8.80 -4.50 1.02
N GLY A 55 -8.77 -4.74 -0.28
CA GLY A 55 -7.97 -5.83 -0.81
C GLY A 55 -6.50 -5.70 -0.48
N CYS A 56 -6.00 -4.46 -0.50
CA CYS A 56 -4.60 -4.20 -0.20
C CYS A 56 -4.32 -4.33 1.29
N GLN A 57 -5.36 -4.11 2.09
CA GLN A 57 -5.23 -4.20 3.55
C GLN A 57 -4.94 -5.64 3.98
N LYS A 58 -5.56 -6.60 3.30
CA LYS A 58 -5.36 -8.01 3.61
C LYS A 58 -4.03 -8.51 3.05
N ILE A 59 -3.36 -7.66 2.28
CA ILE A 59 -2.08 -8.01 1.70
C ILE A 59 -0.92 -7.59 2.60
N LEU A 60 -1.02 -6.39 3.14
CA LEU A 60 0.02 -5.86 4.04
C LEU A 60 0.11 -6.69 5.31
N THR A 61 -0.98 -7.36 5.66
CA THR A 61 -1.01 -8.20 6.85
C THR A 61 -0.18 -9.46 6.66
N VAL A 62 -0.16 -9.98 5.43
CA VAL A 62 0.59 -11.18 5.12
C VAL A 62 2.07 -10.86 4.89
N LEU A 63 2.33 -9.65 4.42
CA LEU A 63 3.70 -9.22 4.15
C LEU A 63 4.32 -8.57 5.39
N ASP A 64 3.47 -8.10 6.30
CA ASP A 64 3.93 -7.47 7.52
C ASP A 64 4.89 -8.38 8.28
N PRO A 65 4.41 -9.56 8.70
CA PRO A 65 5.20 -10.54 9.44
C PRO A 65 6.26 -11.19 8.57
N MET A 66 6.16 -10.97 7.26
CA MET A 66 7.12 -11.55 6.31
C MET A 66 8.29 -10.60 6.09
N VAL A 67 8.13 -9.34 6.51
CA VAL A 67 9.18 -8.35 6.36
C VAL A 67 10.41 -8.72 7.17
N PRO A 68 10.24 -8.87 8.49
CA PRO A 68 11.33 -9.22 9.40
C PRO A 68 11.79 -10.66 9.21
N THR A 69 11.14 -11.38 8.30
CA THR A 69 11.48 -12.76 8.02
C THR A 69 11.14 -13.13 6.58
N GLY A 70 11.70 -12.39 5.64
CA GLY A 70 11.45 -12.66 4.23
C GLY A 70 12.59 -12.21 3.34
N SER A 71 12.57 -12.67 2.09
CA SER A 71 13.62 -12.31 1.14
C SER A 71 13.36 -10.93 0.54
N GLU A 72 14.32 -10.45 -0.25
CA GLU A 72 14.19 -9.14 -0.89
C GLU A 72 13.04 -9.13 -1.88
N ASN A 73 12.86 -10.25 -2.59
CA ASN A 73 11.79 -10.37 -3.57
C ASN A 73 10.43 -10.17 -2.92
N LEU A 74 10.38 -10.32 -1.60
CA LEU A 74 9.14 -10.14 -0.86
C LEU A 74 9.01 -8.72 -0.32
N LYS A 75 10.09 -8.21 0.25
CA LYS A 75 10.10 -6.87 0.81
C LYS A 75 9.64 -5.85 -0.23
N SER A 76 10.05 -6.06 -1.49
CA SER A 76 9.68 -5.16 -2.58
C SER A 76 8.16 -5.02 -2.67
N LEU A 77 7.46 -6.14 -2.57
CA LEU A 77 6.01 -6.14 -2.65
C LEU A 77 5.41 -5.36 -1.49
N PHE A 78 5.96 -5.55 -0.29
CA PHE A 78 5.49 -4.87 0.89
C PHE A 78 5.57 -3.36 0.72
N ASN A 79 6.65 -2.90 0.09
CA ASN A 79 6.86 -1.47 -0.14
C ASN A 79 5.81 -0.92 -1.10
N THR A 80 5.50 -1.70 -2.14
CA THR A 80 4.53 -1.28 -3.13
C THR A 80 3.12 -1.30 -2.58
N VAL A 81 2.74 -2.42 -1.97
CA VAL A 81 1.41 -2.57 -1.38
C VAL A 81 1.11 -1.41 -0.42
N CYS A 82 2.16 -0.86 0.16
CA CYS A 82 2.01 0.26 1.10
C CYS A 82 1.55 1.51 0.39
N VAL A 83 2.03 1.70 -0.84
CA VAL A 83 1.66 2.87 -1.63
C VAL A 83 0.29 2.69 -2.28
N ILE A 84 0.03 1.48 -2.76
CA ILE A 84 -1.24 1.18 -3.40
C ILE A 84 -2.40 1.37 -2.44
N TRP A 85 -2.23 0.89 -1.21
CA TRP A 85 -3.27 1.02 -0.19
C TRP A 85 -3.55 2.48 0.14
N CYS A 86 -2.49 3.29 0.14
CA CYS A 86 -2.61 4.71 0.42
C CYS A 86 -3.52 5.40 -0.59
N ILE A 87 -3.12 5.37 -1.86
CA ILE A 87 -3.89 5.98 -2.92
C ILE A 87 -5.37 5.66 -2.79
N HIS A 88 -5.67 4.43 -2.36
CA HIS A 88 -7.05 3.99 -2.19
C HIS A 88 -7.60 4.47 -0.84
N ALA A 89 -6.79 4.58 0.20
CA ALA A 89 -7.27 5.02 1.50
C ALA A 89 -7.48 6.54 1.51
N GLU A 90 -7.17 7.18 0.40
CA GLU A 90 -7.32 8.63 0.29
C GLU A 90 -6.36 9.36 1.22
N GLU A 91 -5.07 9.07 1.08
CA GLU A 91 -4.05 9.70 1.90
C GLU A 91 -3.00 10.42 1.05
N LYS A 92 -2.63 11.62 1.48
CA LYS A 92 -1.64 12.41 0.75
C LYS A 92 -0.23 11.96 1.09
N VAL A 93 0.51 11.51 0.08
CA VAL A 93 1.88 11.06 0.28
C VAL A 93 2.83 11.74 -0.70
N LYS A 94 4.09 11.29 -0.72
CA LYS A 94 5.09 11.84 -1.61
C LYS A 94 5.97 10.75 -2.20
N ASP A 95 6.34 9.78 -1.38
CA ASP A 95 7.18 8.67 -1.82
C ASP A 95 6.75 7.38 -1.15
N THR A 96 7.54 6.32 -1.36
CA THR A 96 7.25 5.01 -0.77
C THR A 96 7.48 5.03 0.72
N GLU A 97 8.65 5.51 1.15
CA GLU A 97 8.98 5.57 2.57
C GLU A 97 7.95 6.40 3.33
N GLY A 98 7.51 7.49 2.72
CA GLY A 98 6.53 8.35 3.36
C GLY A 98 5.20 7.65 3.58
N ALA A 99 4.68 7.06 2.52
CA ALA A 99 3.40 6.36 2.60
C ALA A 99 3.51 5.10 3.46
N LYS A 100 4.73 4.57 3.57
CA LYS A 100 4.98 3.37 4.36
C LYS A 100 4.75 3.64 5.84
N GLN A 101 5.14 4.83 6.29
CA GLN A 101 4.98 5.22 7.68
C GLN A 101 3.51 5.49 8.00
N ILE A 102 2.81 6.09 7.06
CA ILE A 102 1.40 6.42 7.24
C ILE A 102 0.56 5.15 7.39
N VAL A 103 0.84 4.15 6.55
CA VAL A 103 0.12 2.89 6.59
C VAL A 103 0.35 2.16 7.92
N ARG A 104 1.61 2.05 8.30
CA ARG A 104 1.97 1.38 9.55
C ARG A 104 1.17 1.95 10.72
N ARG A 105 1.25 3.26 10.90
CA ARG A 105 0.53 3.94 11.97
C ARG A 105 -0.93 3.50 12.02
N HIS A 106 -1.49 3.22 10.85
CA HIS A 106 -2.88 2.79 10.75
C HIS A 106 -3.01 1.29 11.05
N LEU A 107 -2.19 0.44 10.45
CA LEU A 107 -2.28 -1.00 10.71
C LEU A 107 -2.07 -1.30 12.18
N VAL A 108 -1.19 -0.54 12.81
CA VAL A 108 -0.89 -0.72 14.23
C VAL A 108 -2.06 -0.28 15.11
N ALA A 109 -2.81 0.71 14.62
CA ALA A 109 -3.96 1.21 15.36
C ALA A 109 -5.16 0.29 15.20
N GLU A 110 -5.28 -0.33 14.03
CA GLU A 110 -6.39 -1.24 13.76
C GLU A 110 -6.14 -2.60 14.39
N THR A 111 -4.87 -3.00 14.46
CA THR A 111 -4.50 -4.28 15.05
C THR A 111 -4.07 -4.13 16.50
N GLY A 112 -4.57 -3.07 17.15
CA GLY A 112 -4.23 -2.83 18.54
C GLY A 112 -5.37 -3.15 19.48
N THR A 113 -6.60 -3.01 18.99
CA THR A 113 -7.78 -3.28 19.80
C THR A 113 -7.79 -4.73 20.28
N ALA A 114 -7.23 -5.62 19.48
CA ALA A 114 -7.17 -7.03 19.83
C ALA A 114 -6.33 -7.26 21.08
N GLU A 115 -5.39 -6.35 21.32
CA GLU A 115 -4.51 -6.44 22.48
C GLU A 115 -4.92 -5.44 23.56
N LYS A 116 -6.21 -5.11 23.59
CA LYS A 116 -6.73 -4.16 24.57
C LYS A 116 -7.33 -4.89 25.77
N MET A 117 -7.83 -6.09 25.54
CA MET A 117 -8.43 -6.89 26.61
C MET A 117 -9.59 -6.15 27.25
N PRO A 118 -10.64 -5.91 26.45
CA PRO A 118 -11.84 -5.21 26.92
C PRO A 118 -12.67 -6.06 27.90
N SER A 119 -13.85 -5.58 28.24
CA SER A 119 -14.73 -6.28 29.16
C SER A 119 -15.20 -7.60 28.55
N THR A 120 -16.06 -8.31 29.29
CA THR A 120 -16.59 -9.59 28.83
C THR A 120 -17.22 -9.44 27.45
N SER A 121 -17.26 -10.54 26.71
CA SER A 121 -17.85 -10.54 25.37
C SER A 121 -19.36 -10.41 25.43
N ARG A 122 -19.91 -9.48 24.65
CA ARG A 122 -21.35 -9.25 24.63
C ARG A 122 -21.85 -9.11 23.20
N PRO A 123 -23.07 -9.62 22.94
CA PRO A 123 -23.69 -9.57 21.62
C PRO A 123 -24.09 -8.16 21.23
N THR A 124 -23.78 -7.78 19.99
CA THR A 124 -24.12 -6.45 19.49
C THR A 124 -23.92 -6.36 17.99
N ALA A 125 -24.76 -5.57 17.33
CA ALA A 125 -24.69 -5.40 15.88
C ALA A 125 -23.49 -4.53 15.50
N PRO A 126 -22.90 -4.84 14.33
CA PRO A 126 -21.73 -4.09 13.82
C PRO A 126 -22.10 -2.68 13.38
N SER A 127 -21.15 -2.01 12.74
CA SER A 127 -21.37 -0.64 12.27
C SER A 127 -20.29 -0.23 11.28
N SER A 128 -20.51 0.90 10.61
CA SER A 128 -19.56 1.40 9.63
C SER A 128 -19.00 2.75 10.06
N GLU A 129 -18.21 3.37 9.17
CA GLU A 129 -17.62 4.68 9.46
C GLU A 129 -17.28 5.41 8.17
N LYS A 130 -17.06 6.71 8.28
CA LYS A 130 -16.72 7.53 7.12
C LYS A 130 -15.26 7.98 7.17
N GLY A 131 -14.85 8.76 6.18
CA GLY A 131 -13.48 9.24 6.13
C GLY A 131 -13.39 10.69 5.69
N GLY A 132 -12.17 11.15 5.44
CA GLY A 132 -11.97 12.53 5.01
C GLY A 132 -10.51 12.86 4.80
N ASN A 133 -9.85 13.31 5.86
CA ASN A 133 -8.44 13.67 5.77
C ASN A 133 -8.21 14.76 4.72
N TYR A 134 -6.94 15.02 4.42
CA TYR A 134 -6.59 16.03 3.44
C TYR A 134 -6.02 15.38 2.17
C1 MYR B . -7.73 -7.87 -16.28
O2 MYR B . -7.36 -6.97 -17.03
C2 MYR B . -8.83 -7.58 -15.26
C3 MYR B . -8.38 -7.66 -13.78
C4 MYR B . -7.93 -6.30 -13.22
C5 MYR B . -6.41 -6.21 -13.04
C6 MYR B . -6.00 -6.08 -11.58
C7 MYR B . -4.49 -5.79 -11.41
C8 MYR B . -4.12 -4.38 -11.92
C9 MYR B . -4.66 -3.27 -11.00
C10 MYR B . -3.60 -2.18 -10.71
C11 MYR B . -4.11 -1.03 -9.83
C12 MYR B . -3.53 0.36 -10.20
C13 MYR B . -3.61 1.36 -9.03
C14 MYR B . -2.23 1.60 -8.41
H21 MYR B . -9.64 -8.29 -15.44
H22 MYR B . -9.27 -6.58 -15.47
H31 MYR B . -7.55 -8.40 -13.68
H32 MYR B . -9.21 -8.07 -13.16
H41 MYR B . -8.43 -6.11 -12.24
H42 MYR B . -8.28 -5.49 -13.89
H51 MYR B . -6.02 -5.36 -13.63
H52 MYR B . -5.93 -7.11 -13.49
H61 MYR B . -6.26 -7.01 -11.03
H62 MYR B . -6.59 -5.28 -11.09
H71 MYR B . -3.90 -6.55 -11.95
H72 MYR B . -4.20 -5.88 -10.35
H81 MYR B . -4.50 -4.24 -12.95
H82 MYR B . -3.01 -4.29 -12.00
H91 MYR B . -5.02 -3.71 -10.05
H92 MYR B . -5.55 -2.80 -11.47
H101 MYR B . -3.25 -1.76 -11.67
H102 MYR B . -2.70 -2.64 -10.25
H111 MYR B . -3.90 -1.25 -8.76
H112 MYR B . -5.21 -0.98 -9.91
H121 MYR B . -4.08 0.76 -11.08
H122 MYR B . -2.49 0.25 -10.53
H131 MYR B . -4.30 0.99 -8.26
H132 MYR B . -4.02 2.33 -9.38
H141 MYR B . -2.30 2.18 -7.47
H142 MYR B . -1.70 0.65 -8.17
H143 MYR B . -1.56 2.16 -9.09
P1 PBU C . 13.58 -1.92 -8.53
P4 PBU C . 13.83 1.78 -0.58
P5 PBU C . 15.26 -2.60 -1.57
C3' PBU C . 13.49 -4.41 -8.24
C2' PBU C . 12.05 -4.89 -8.55
O2' PBU C . 11.36 -5.06 -7.32
C1' PBU C . 12.04 -6.23 -9.32
O1' PBU C . 13.14 -6.27 -10.20
C1 PBU C . 13.47 -1.13 -5.70
O1 PBU C . 14.01 -1.91 -6.91
C2 PBU C . 13.89 0.38 -5.63
O2 PBU C . 15.30 0.57 -5.65
C3 PBU C . 13.32 1.03 -4.36
O3 PBU C . 13.74 2.41 -4.34
C4 PBU C . 13.77 0.27 -3.05
O4 PBU C . 13.15 0.92 -1.83
C5 PBU C . 13.32 -1.25 -3.18
O5 PBU C . 13.80 -1.97 -2.00
C6 PBU C . 13.87 -1.93 -4.45
O6 PBU C . 13.37 -3.26 -4.62
C7 PBU C . 10.68 -3.93 -6.80
O7 PBU C . 11.05 -3.39 -5.78
C8 PBU C . 9.43 -3.39 -7.53
C9 PBU C . 8.35 -2.99 -6.52
C10 PBU C . 8.64 -1.58 -5.98
C11 PBU C . 13.91 -7.44 -10.38
O11 PBU C . 13.53 -8.57 -10.10
C12 PBU C . 15.36 -7.22 -10.91
C13 PBU C . 16.35 -8.28 -10.43
C14 PBU C . 17.41 -8.58 -11.51
O41 PBU C . 15.01 2.40 -1.34
O42 PBU C . 12.78 2.77 -0.15
O43 PBU C . 14.20 0.84 0.55
O51 PBU C . 14.89 -3.28 -0.27
O52 PBU C . 15.62 -3.49 -2.75
O53 PBU C . 16.13 -1.38 -1.41
OP1 PBU C . 13.85 -3.31 -9.04
OP2 PBU C . 12.10 -1.56 -8.49
OP3 PBU C . 14.52 -0.94 -9.17
H3'1 PBU C . 14.15 -5.20 -8.44
H3'2 PBU C . 13.53 -4.16 -7.23
H2' PBU C . 11.57 -4.18 -9.16
H1'1 PBU C . 12.15 -7.04 -8.64
H1'2 PBU C . 11.12 -6.36 -9.82
H1 PBU C . 12.38 -1.07 -5.78
H2 PBU C . 13.46 0.87 -6.50
H02 PBU C . 15.80 0.09 -5.03
H3 PBU C . 12.23 1.00 -4.37
H03 PBU C . 14.70 2.46 -4.23
H4 PBU C . 14.84 0.28 -2.91
H5 PBU C . 12.23 -1.22 -3.22
H6 PBU C . 14.96 -1.98 -4.37
H06 PBU C . 13.81 -3.88 -4.07
H81 PBU C . 9.05 -4.13 -8.18
H82 PBU C . 9.71 -2.54 -8.09
H91 PBU C . 8.33 -3.68 -5.73
H92 PBU C . 7.41 -2.98 -6.99
H11 PBU C . 8.66 -0.90 -6.78
H12 PBU C . 9.57 -1.58 -5.50
H13 PBU C . 7.89 -1.31 -5.30
H121 PBU C . 15.32 -7.23 -11.96
H122 PBU C . 15.68 -6.27 -10.58
H131 PBU C . 16.84 -7.92 -9.57
H132 PBU C . 15.83 -9.17 -10.20
H141 PBU C . 18.11 -9.26 -11.12
H142 PBU C . 17.89 -7.69 -11.77
H143 PBU C . 16.96 -9.00 -12.36
N GLY A 1 -11.82 -6.60 -14.81
CA GLY A 1 -12.96 -5.83 -15.27
C GLY A 1 -13.76 -5.23 -14.13
N ALA A 2 -13.07 -4.86 -13.06
CA ALA A 2 -13.72 -4.27 -11.90
C ALA A 2 -13.56 -2.75 -11.89
N ARG A 3 -14.67 -2.04 -12.00
CA ARG A 3 -14.66 -0.59 -12.02
C ARG A 3 -13.77 -0.05 -13.14
N ASN A 4 -13.59 -0.87 -14.18
CA ASN A 4 -12.76 -0.49 -15.31
C ASN A 4 -11.38 -0.05 -14.85
N SER A 5 -10.53 -1.03 -14.57
CA SER A 5 -9.16 -0.74 -14.11
C SER A 5 -9.19 0.11 -12.86
N VAL A 6 -8.01 0.61 -12.47
CA VAL A 6 -7.88 1.44 -11.28
C VAL A 6 -7.71 2.91 -11.65
N LEU A 7 -6.80 3.18 -12.59
CA LEU A 7 -6.53 4.53 -13.04
C LEU A 7 -7.35 4.87 -14.27
N ARG A 8 -7.20 6.09 -14.76
CA ARG A 8 -7.92 6.54 -15.95
C ARG A 8 -7.45 7.93 -16.39
N GLY A 9 -6.14 8.16 -16.28
CA GLY A 9 -5.58 9.44 -16.68
C GLY A 9 -5.54 10.43 -15.52
N LYS A 10 -6.55 10.38 -14.67
CA LYS A 10 -6.62 11.28 -13.52
C LYS A 10 -5.93 10.65 -12.30
N LYS A 11 -5.94 9.33 -12.23
CA LYS A 11 -5.32 8.62 -11.12
C LYS A 11 -3.89 8.23 -11.47
N ALA A 12 -3.72 7.58 -12.63
CA ALA A 12 -2.39 7.16 -13.07
C ALA A 12 -1.39 8.30 -12.97
N ASP A 13 -1.87 9.52 -13.17
CA ASP A 13 -1.00 10.70 -13.09
C ASP A 13 -0.30 10.78 -11.74
N GLU A 14 -1.09 10.81 -10.67
CA GLU A 14 -0.55 10.89 -9.32
C GLU A 14 0.35 9.70 -9.02
N LEU A 15 -0.10 8.52 -9.42
CA LEU A 15 0.68 7.29 -9.20
C LEU A 15 2.02 7.36 -9.90
N GLU A 16 2.03 7.96 -11.10
CA GLU A 16 3.26 8.09 -11.87
C GLU A 16 4.15 9.20 -11.30
N ARG A 17 3.62 9.90 -10.30
CA ARG A 17 4.37 10.99 -9.67
C ARG A 17 5.13 10.48 -8.45
N ILE A 18 4.49 9.63 -7.67
CA ILE A 18 5.10 9.07 -6.47
C ILE A 18 6.45 8.46 -6.79
N ARG A 19 7.41 8.65 -5.88
CA ARG A 19 8.76 8.11 -6.07
C ARG A 19 9.00 6.92 -5.15
N LEU A 20 9.84 5.99 -5.59
CA LEU A 20 10.15 4.81 -4.80
C LEU A 20 10.90 5.18 -3.53
N ARG A 21 11.49 6.37 -3.52
CA ARG A 21 12.24 6.84 -2.36
C ARG A 21 12.09 8.35 -2.20
N PRO A 22 12.38 8.85 -0.99
CA PRO A 22 12.28 10.28 -0.67
C PRO A 22 13.36 11.10 -1.38
N GLY A 23 14.53 10.49 -1.55
CA GLY A 23 15.63 11.18 -2.22
C GLY A 23 15.98 10.56 -3.55
N GLY A 24 15.19 9.59 -3.98
CA GLY A 24 15.44 8.93 -5.25
C GLY A 24 14.74 9.61 -6.41
N LYS A 25 14.92 9.07 -7.61
CA LYS A 25 14.31 9.64 -8.81
C LYS A 25 13.34 8.64 -9.43
N LYS A 26 13.45 7.38 -9.03
CA LYS A 26 12.58 6.33 -9.57
C LYS A 26 11.13 6.61 -9.21
N LYS A 27 10.27 6.63 -10.23
CA LYS A 27 8.85 6.87 -10.03
C LYS A 27 8.03 5.61 -10.30
N TYR A 28 6.98 5.42 -9.53
CA TYR A 28 6.11 4.26 -9.70
C TYR A 28 5.49 4.22 -11.09
N ARG A 29 5.47 3.04 -11.70
CA ARG A 29 4.90 2.88 -13.03
C ARG A 29 4.19 1.53 -13.16
N LEU A 30 3.37 1.40 -14.19
CA LEU A 30 2.62 0.16 -14.42
C LEU A 30 3.51 -1.05 -14.21
N LYS A 31 4.78 -0.93 -14.59
CA LYS A 31 5.74 -2.02 -14.44
C LYS A 31 5.73 -2.55 -13.01
N HIS A 32 5.79 -1.65 -12.04
CA HIS A 32 5.80 -2.03 -10.64
C HIS A 32 4.45 -2.62 -10.23
N ILE A 33 3.33 -2.16 -10.78
CA ILE A 33 2.03 -2.70 -10.44
C ILE A 33 1.92 -4.17 -10.85
N VAL A 34 2.51 -4.51 -11.98
CA VAL A 34 2.48 -5.88 -12.47
C VAL A 34 3.41 -6.78 -11.66
N TRP A 35 4.60 -6.27 -11.35
CA TRP A 35 5.57 -7.03 -10.56
C TRP A 35 5.00 -7.42 -9.21
N ALA A 36 4.03 -6.66 -8.74
CA ALA A 36 3.40 -6.92 -7.45
C ALA A 36 2.36 -8.03 -7.57
N ALA A 37 1.54 -7.96 -8.61
CA ALA A 37 0.50 -8.96 -8.83
C ALA A 37 1.11 -10.35 -8.97
N ASN A 38 2.27 -10.44 -9.60
CA ASN A 38 2.95 -11.71 -9.80
C ASN A 38 3.19 -12.40 -8.46
N LYS A 39 3.48 -11.61 -7.43
CA LYS A 39 3.72 -12.15 -6.09
C LYS A 39 2.44 -12.67 -5.47
N LEU A 40 1.37 -11.90 -5.61
CA LEU A 40 0.07 -12.29 -5.07
C LEU A 40 -0.30 -13.71 -5.48
N ASP A 41 0.19 -14.13 -6.64
CA ASP A 41 -0.09 -15.47 -7.14
C ASP A 41 0.71 -16.51 -6.36
N ARG A 42 2.00 -16.28 -6.23
CA ARG A 42 2.87 -17.21 -5.51
C ARG A 42 2.30 -17.55 -4.14
N PHE A 43 1.47 -16.65 -3.61
CA PHE A 43 0.85 -16.84 -2.31
C PHE A 43 -0.58 -17.35 -2.47
N GLY A 44 -1.33 -16.74 -3.38
CA GLY A 44 -2.70 -17.13 -3.61
C GLY A 44 -3.63 -15.95 -3.78
N LEU A 45 -3.46 -14.94 -2.93
CA LEU A 45 -4.29 -13.74 -2.98
C LEU A 45 -4.52 -13.31 -4.43
N ALA A 46 -5.73 -12.85 -4.71
CA ALA A 46 -6.08 -12.40 -6.05
C ALA A 46 -5.39 -11.07 -6.39
N GLU A 47 -5.07 -10.88 -7.66
CA GLU A 47 -4.41 -9.66 -8.11
C GLU A 47 -5.42 -8.53 -8.29
N SER A 48 -6.69 -8.90 -8.50
CA SER A 48 -7.74 -7.92 -8.70
C SER A 48 -8.02 -7.15 -7.42
N LEU A 49 -7.42 -7.60 -6.32
CA LEU A 49 -7.60 -6.96 -5.02
C LEU A 49 -6.74 -5.70 -4.92
N LEU A 50 -5.99 -5.42 -5.97
CA LEU A 50 -5.12 -4.23 -5.99
C LEU A 50 -5.91 -3.00 -6.39
N GLU A 51 -7.21 -3.18 -6.64
CA GLU A 51 -8.07 -2.07 -7.03
C GLU A 51 -9.06 -1.73 -5.92
N SER A 52 -8.70 -2.11 -4.69
CA SER A 52 -9.56 -1.85 -3.53
C SER A 52 -8.73 -1.78 -2.25
N LYS A 53 -9.02 -0.79 -1.42
CA LYS A 53 -8.31 -0.61 -0.17
C LYS A 53 -8.40 -1.87 0.69
N GLU A 54 -9.62 -2.39 0.85
CA GLU A 54 -9.84 -3.58 1.65
C GLU A 54 -8.93 -4.72 1.20
N GLY A 55 -8.87 -4.95 -0.11
CA GLY A 55 -8.04 -6.00 -0.65
C GLY A 55 -6.57 -5.81 -0.32
N CYS A 56 -6.11 -4.55 -0.42
CA CYS A 56 -4.72 -4.23 -0.13
C CYS A 56 -4.42 -4.41 1.36
N GLN A 57 -5.43 -4.20 2.20
CA GLN A 57 -5.26 -4.34 3.63
C GLN A 57 -4.92 -5.78 4.01
N LYS A 58 -5.60 -6.73 3.37
CA LYS A 58 -5.37 -8.14 3.63
C LYS A 58 -3.99 -8.58 3.12
N ILE A 59 -3.43 -7.78 2.23
CA ILE A 59 -2.12 -8.08 1.66
C ILE A 59 -1.00 -7.68 2.62
N LEU A 60 -1.14 -6.51 3.22
CA LEU A 60 -0.14 -6.02 4.17
C LEU A 60 0.05 -6.99 5.33
N THR A 61 -1.05 -7.58 5.78
CA THR A 61 -1.01 -8.54 6.88
C THR A 61 -0.25 -9.80 6.48
N VAL A 62 -0.28 -10.12 5.19
CA VAL A 62 0.40 -11.30 4.68
C VAL A 62 1.90 -11.04 4.50
N LEU A 63 2.23 -9.83 4.04
CA LEU A 63 3.62 -9.46 3.82
C LEU A 63 4.29 -9.07 5.13
N ASP A 64 3.48 -8.68 6.12
CA ASP A 64 4.00 -8.29 7.42
C ASP A 64 4.96 -9.34 7.96
N PRO A 65 4.46 -10.57 8.17
CA PRO A 65 5.26 -11.68 8.69
C PRO A 65 6.29 -12.17 7.67
N MET A 66 6.12 -11.76 6.42
CA MET A 66 7.04 -12.16 5.35
C MET A 66 8.29 -11.28 5.35
N VAL A 67 8.17 -10.09 5.94
CA VAL A 67 9.29 -9.17 6.00
C VAL A 67 10.49 -9.81 6.70
N PRO A 68 10.29 -10.24 7.94
CA PRO A 68 11.35 -10.89 8.74
C PRO A 68 11.72 -12.27 8.21
N THR A 69 11.06 -12.67 7.12
CA THR A 69 11.32 -13.97 6.52
C THR A 69 11.34 -13.88 5.00
N GLY A 70 11.87 -12.78 4.48
CA GLY A 70 11.92 -12.58 3.04
C GLY A 70 13.10 -11.73 2.61
N SER A 71 13.24 -11.55 1.31
CA SER A 71 14.35 -10.75 0.77
C SER A 71 13.82 -9.52 0.04
N GLU A 72 14.70 -8.83 -0.66
CA GLU A 72 14.33 -7.63 -1.41
C GLU A 72 13.15 -7.91 -2.34
N ASN A 73 13.19 -9.06 -3.00
CA ASN A 73 12.13 -9.45 -3.92
C ASN A 73 10.77 -9.46 -3.21
N LEU A 74 10.80 -9.62 -1.90
CA LEU A 74 9.58 -9.66 -1.10
C LEU A 74 9.30 -8.29 -0.48
N LYS A 75 10.30 -7.75 0.21
CA LYS A 75 10.17 -6.45 0.85
C LYS A 75 9.64 -5.40 -0.13
N SER A 76 10.05 -5.51 -1.39
CA SER A 76 9.62 -4.59 -2.42
C SER A 76 8.10 -4.53 -2.49
N LEU A 77 7.46 -5.67 -2.33
CA LEU A 77 6.00 -5.75 -2.38
C LEU A 77 5.39 -5.08 -1.16
N PHE A 78 6.01 -5.27 0.00
CA PHE A 78 5.52 -4.67 1.24
C PHE A 78 5.47 -3.16 1.13
N ASN A 79 6.45 -2.59 0.44
CA ASN A 79 6.52 -1.14 0.26
C ASN A 79 5.54 -0.66 -0.80
N THR A 80 5.32 -1.51 -1.80
CA THR A 80 4.39 -1.17 -2.88
C THR A 80 2.95 -1.15 -2.40
N VAL A 81 2.56 -2.20 -1.68
CA VAL A 81 1.21 -2.31 -1.15
C VAL A 81 0.87 -1.11 -0.28
N CYS A 82 1.89 -0.47 0.26
CA CYS A 82 1.69 0.71 1.12
C CYS A 82 1.25 1.91 0.29
N VAL A 83 1.75 2.00 -0.94
CA VAL A 83 1.41 3.11 -1.82
C VAL A 83 0.03 2.91 -2.43
N ILE A 84 -0.24 1.69 -2.89
CA ILE A 84 -1.52 1.37 -3.50
C ILE A 84 -2.67 1.60 -2.51
N TRP A 85 -2.56 0.99 -1.34
CA TRP A 85 -3.59 1.13 -0.31
C TRP A 85 -3.88 2.59 -0.03
N CYS A 86 -2.83 3.41 -0.01
CA CYS A 86 -2.99 4.85 0.25
C CYS A 86 -3.92 5.48 -0.77
N ILE A 87 -3.59 5.34 -2.05
CA ILE A 87 -4.40 5.91 -3.12
C ILE A 87 -5.87 5.56 -2.93
N HIS A 88 -6.14 4.35 -2.44
CA HIS A 88 -7.51 3.90 -2.20
C HIS A 88 -8.07 4.51 -0.92
N ALA A 89 -7.24 4.80 0.08
CA ALA A 89 -7.74 5.38 1.33
C ALA A 89 -7.80 6.90 1.23
N GLU A 90 -7.59 7.42 0.03
CA GLU A 90 -7.61 8.86 -0.20
C GLU A 90 -6.49 9.56 0.57
N GLU A 91 -5.26 9.11 0.34
CA GLU A 91 -4.10 9.69 1.01
C GLU A 91 -3.08 10.20 -0.01
N LYS A 92 -2.70 11.47 0.13
CA LYS A 92 -1.74 12.07 -0.78
C LYS A 92 -0.31 11.76 -0.34
N VAL A 93 0.46 11.15 -1.23
CA VAL A 93 1.84 10.80 -0.93
C VAL A 93 2.77 11.17 -2.08
N LYS A 94 3.94 11.70 -1.75
CA LYS A 94 4.91 12.10 -2.75
C LYS A 94 5.92 10.98 -3.02
N ASP A 95 6.15 10.14 -2.00
CA ASP A 95 7.08 9.04 -2.12
C ASP A 95 6.57 7.81 -1.38
N THR A 96 7.37 6.75 -1.36
CA THR A 96 7.01 5.52 -0.68
C THR A 96 7.16 5.65 0.83
N GLU A 97 8.25 6.30 1.26
CA GLU A 97 8.52 6.49 2.68
C GLU A 97 7.32 7.13 3.37
N GLY A 98 6.57 7.93 2.62
CA GLY A 98 5.40 8.60 3.20
C GLY A 98 4.21 7.66 3.30
N ALA A 99 3.97 6.89 2.25
CA ALA A 99 2.85 5.95 2.23
C ALA A 99 2.96 4.94 3.36
N LYS A 100 4.19 4.58 3.71
CA LYS A 100 4.43 3.61 4.78
C LYS A 100 4.19 4.25 6.14
N GLN A 101 4.49 5.54 6.25
CA GLN A 101 4.31 6.27 7.50
C GLN A 101 2.83 6.50 7.79
N ILE A 102 2.08 6.86 6.76
CA ILE A 102 0.65 7.11 6.89
C ILE A 102 -0.08 5.86 7.38
N VAL A 103 0.12 4.75 6.67
CA VAL A 103 -0.51 3.48 7.03
C VAL A 103 -0.20 3.11 8.48
N ARG A 104 1.05 3.31 8.88
CA ARG A 104 1.48 2.99 10.24
C ARG A 104 0.83 3.93 11.25
N ARG A 105 1.01 5.22 11.03
CA ARG A 105 0.45 6.23 11.92
C ARG A 105 -1.06 6.05 12.07
N HIS A 106 -1.68 5.45 11.05
CA HIS A 106 -3.12 5.21 11.08
C HIS A 106 -3.47 4.05 12.00
N LEU A 107 -2.54 3.12 12.25
CA LEU A 107 -2.83 1.99 13.13
C LEU A 107 -2.31 2.24 14.53
N VAL A 108 -1.09 2.75 14.63
CA VAL A 108 -0.48 3.03 15.92
C VAL A 108 -1.39 3.90 16.78
N ALA A 109 -2.08 4.83 16.14
CA ALA A 109 -2.99 5.73 16.84
C ALA A 109 -4.06 4.94 17.60
N GLU A 110 -4.31 3.72 17.15
CA GLU A 110 -5.31 2.86 17.79
C GLU A 110 -4.67 1.58 18.32
N THR A 111 -4.38 0.65 17.42
CA THR A 111 -3.77 -0.61 17.81
C THR A 111 -4.77 -1.52 18.53
N GLY A 112 -5.96 -0.98 18.79
CA GLY A 112 -6.98 -1.75 19.46
C GLY A 112 -8.31 -1.72 18.73
N THR A 113 -8.28 -1.34 17.46
CA THR A 113 -9.49 -1.25 16.65
C THR A 113 -9.37 -2.12 15.40
N ALA A 114 -8.52 -3.12 15.45
CA ALA A 114 -8.31 -4.03 14.33
C ALA A 114 -7.31 -5.12 14.68
N GLU A 115 -7.65 -5.95 15.66
CA GLU A 115 -6.78 -7.04 16.09
C GLU A 115 -7.18 -8.35 15.41
N LYS A 116 -7.77 -8.23 14.23
CA LYS A 116 -8.20 -9.41 13.49
C LYS A 116 -7.01 -10.28 13.10
N MET A 117 -5.83 -9.66 12.99
CA MET A 117 -4.62 -10.37 12.63
C MET A 117 -3.41 -9.78 13.35
N PRO A 118 -2.33 -10.58 13.46
CA PRO A 118 -1.10 -10.15 14.12
C PRO A 118 -0.35 -9.10 13.31
N SER A 119 0.29 -8.17 14.02
CA SER A 119 1.04 -7.09 13.37
C SER A 119 2.25 -6.70 14.20
N THR A 120 3.22 -6.04 13.56
CA THR A 120 4.44 -5.61 14.24
C THR A 120 5.35 -4.84 13.29
N SER A 121 5.57 -3.57 13.61
CA SER A 121 6.42 -2.72 12.79
C SER A 121 6.70 -1.39 13.48
N ARG A 122 7.81 -0.76 13.11
CA ARG A 122 8.20 0.52 13.70
C ARG A 122 9.00 1.36 12.71
N PRO A 123 8.33 1.78 11.62
CA PRO A 123 8.97 2.60 10.58
C PRO A 123 9.29 4.01 11.06
N THR A 124 9.75 4.86 10.13
CA THR A 124 10.10 6.23 10.47
C THR A 124 10.06 7.11 9.22
N ALA A 125 9.96 8.42 9.45
CA ALA A 125 9.91 9.37 8.35
C ALA A 125 10.10 10.80 8.86
N PRO A 126 10.72 11.66 8.02
CA PRO A 126 10.97 13.06 8.36
C PRO A 126 9.69 13.88 8.40
N SER A 127 8.78 13.60 7.48
CA SER A 127 7.51 14.32 7.41
C SER A 127 6.55 13.62 6.45
N SER A 128 5.38 14.22 6.26
CA SER A 128 4.36 13.66 5.38
C SER A 128 3.57 14.76 4.70
N GLU A 129 3.11 15.73 5.49
CA GLU A 129 2.34 16.85 4.96
C GLU A 129 1.03 16.36 4.34
N LYS A 130 -0.06 16.45 5.10
CA LYS A 130 -1.37 16.02 4.63
C LYS A 130 -1.73 16.73 3.33
N GLY A 131 -1.38 18.01 3.24
CA GLY A 131 -1.69 18.79 2.06
C GLY A 131 -2.21 20.17 2.38
N GLY A 132 -3.53 20.33 2.38
CA GLY A 132 -4.13 21.62 2.68
C GLY A 132 -3.95 22.62 1.55
N ASN A 133 -2.95 23.48 1.68
CA ASN A 133 -2.67 24.49 0.67
C ASN A 133 -1.25 24.35 0.13
N TYR A 134 -0.82 25.33 -0.65
CA TYR A 134 0.52 25.32 -1.23
C TYR A 134 0.72 24.08 -2.09
C1 MYR B . -10.63 -6.47 -15.40
O2 MYR B . -10.43 -5.71 -16.35
C2 MYR B . -9.47 -7.30 -14.88
C3 MYR B . -8.25 -6.47 -14.40
C4 MYR B . -7.66 -5.60 -15.53
C5 MYR B . -6.19 -5.22 -15.25
C6 MYR B . -6.01 -4.50 -13.90
C7 MYR B . -5.31 -3.13 -14.06
C8 MYR B . -5.21 -2.38 -12.72
C9 MYR B . -4.20 -3.04 -11.75
C10 MYR B . -4.05 -2.25 -10.44
C11 MYR B . -3.68 -0.77 -10.63
C12 MYR B . -3.56 0.03 -9.32
C13 MYR B . -3.14 1.50 -9.56
C14 MYR B . -1.69 1.75 -9.11
H21 MYR B . -9.15 -7.97 -15.70
H22 MYR B . -9.81 -7.98 -14.08
H31 MYR B . -7.46 -7.15 -14.00
H32 MYR B . -8.54 -5.84 -13.55
H41 MYR B . -8.27 -4.69 -15.64
H42 MYR B . -7.73 -6.14 -16.49
H51 MYR B . -5.82 -4.58 -16.07
H52 MYR B . -5.56 -6.13 -15.28
H61 MYR B . -5.44 -5.14 -13.21
H62 MYR B . -7.00 -4.35 -13.42
H71 MYR B . -5.86 -2.52 -14.80
H72 MYR B . -4.30 -3.29 -14.49
H81 MYR B . -6.20 -2.32 -12.24
H82 MYR B . -4.90 -1.33 -12.91
H91 MYR B . -3.22 -3.13 -12.26
H92 MYR B . -4.52 -4.08 -11.54
H101 MYR B . -3.26 -2.74 -9.83
H102 MYR B . -4.97 -2.33 -9.84
H111 MYR B . -4.41 -0.28 -11.32
H112 MYR B . -2.71 -0.71 -11.17
H121 MYR B . -2.83 -0.47 -8.64
H122 MYR B . -4.53 0.01 -8.78
H131 MYR B . -3.83 2.18 -9.02
H132 MYR B . -3.24 1.75 -10.63
H141 MYR B . -1.65 2.45 -8.25
H142 MYR B . -1.18 0.81 -8.81
H143 MYR B . -1.10 2.20 -9.92
P1 PBU C . 15.05 -1.48 -9.03
P4 PBU C . 13.02 0.77 -1.52
P5 PBU C . 15.43 -2.91 -1.67
C3' PBU C . 12.81 -2.25 -9.85
C2' PBU C . 12.41 -3.55 -9.10
O2' PBU C . 12.25 -3.25 -7.73
C1' PBU C . 13.48 -4.66 -9.26
O1' PBU C . 13.77 -4.84 -10.64
C1 PBU C . 14.22 -1.20 -6.23
O1 PBU C . 14.51 -1.98 -7.53
C2 PBU C . 15.13 0.06 -5.99
O2 PBU C . 16.51 -0.24 -6.02
C3 PBU C . 14.78 0.72 -4.63
O3 PBU C . 15.64 1.85 -4.47
C4 PBU C . 14.91 -0.30 -3.44
O4 PBU C . 14.52 0.38 -2.14
C5 PBU C . 13.99 -1.55 -3.73
O5 PBU C . 14.16 -2.52 -2.65
C6 PBU C . 14.31 -2.23 -5.08
O6 PBU C . 13.38 -3.29 -5.39
C7 PBU C . 11.05 -2.61 -7.33
O7 PBU C . 11.08 -1.46 -6.93
C8 PBU C . 9.72 -3.36 -7.43
C9 PBU C . 8.80 -2.99 -6.25
C10 PBU C . 8.14 -1.63 -6.53
C11 PBU C . 14.05 -6.10 -11.19
O11 PBU C . 14.11 -7.14 -10.54
C12 PBU C . 14.36 -6.12 -12.70
C13 PBU C . 13.10 -6.19 -13.58
C14 PBU C . 12.83 -7.64 -14.05
O41 PBU C . 12.63 1.84 -2.55
O42 PBU C . 12.22 -0.50 -1.60
O43 PBU C . 13.16 1.25 -0.09
O51 PBU C . 14.78 -3.93 -0.76
O52 PBU C . 16.49 -3.41 -2.63
O53 PBU C . 15.76 -1.60 -1.00
OP1 PBU C . 14.20 -2.18 -10.05
OP2 PBU C . 14.86 0.04 -8.99
OP3 PBU C . 16.47 -2.00 -9.09
H3'1 PBU C . 12.50 -1.43 -9.27
H3'2 PBU C . 12.30 -2.25 -10.78
H2' PBU C . 11.52 -3.93 -9.52
H1'1 PBU C . 14.38 -4.36 -8.79
H1'2 PBU C . 13.17 -5.55 -8.81
H1 PBU C . 13.22 -0.77 -6.28
H2 PBU C . 14.91 0.76 -6.80
H02 PBU C . 16.80 -0.93 -5.46
H3 PBU C . 13.73 1.05 -4.65
H03 PBU C . 16.55 1.58 -4.38
H4 PBU C . 15.93 -0.67 -3.32
H5 PBU C . 12.97 -1.16 -3.74
H6 PBU C . 15.30 -2.66 -5.02
H06 PBU C . 13.59 -4.07 -4.92
H81 PBU C . 9.89 -4.40 -7.41
H82 PBU C . 9.24 -3.10 -8.33
H91 PBU C . 9.38 -2.92 -5.37
H92 PBU C . 8.06 -3.72 -6.12
H11 PBU C . 7.57 -1.70 -7.42
H12 PBU C . 8.87 -0.89 -6.64
H13 PBU C . 7.51 -1.38 -5.73
H121 PBU C . 14.88 -5.24 -12.94
H122 PBU C . 14.96 -6.96 -12.90
H131 PBU C . 12.27 -5.87 -13.02
H132 PBU C . 13.22 -5.58 -14.42
H141 PBU C . 11.93 -7.67 -14.59
H142 PBU C . 12.75 -8.27 -13.21
H143 PBU C . 13.61 -7.98 -14.67
#